data_8DH1
#
_entry.id   8DH1
#
_cell.length_a   78.866
_cell.length_b   86.156
_cell.length_c   201.676
_cell.angle_alpha   89.85
_cell.angle_beta   85.09
_cell.angle_gamma   69.56
#
_symmetry.space_group_name_H-M   'P 1'
#
loop_
_entity.id
_entity.type
_entity.pdbx_description
1 polymer 'T7 RNA polymerase'
2 polymer 'Template strand DNA'
3 polymer RNA
4 polymer 'Non-template strand DNA'
5 non-polymer GLYCEROL
6 non-polymer 1-{5-O-[(S)-hydroxy{[(R)-hydroxy(phosphonooxy)phosphoryl]oxy}phosphoryl]-beta-D-ribofuranosyl}-1H-pyrrole-2-carbaldehyde
7 non-polymer 'MAGNESIUM ION'
8 water water
#
loop_
_entity_poly.entity_id
_entity_poly.type
_entity_poly.pdbx_seq_one_letter_code
_entity_poly.pdbx_strand_id
1 'polypeptide(L)'
;MNTINIAKNDFSDIELAAIPFNTLADHYGERLAREQLALEHESYEMGEARFRKMFERQLKAGEVADNAAAKPLITTLLPK
MIARINDWFEEVKAKRGKRPTAFQFLQEIKPEAVAYITIKTTLACLTSADNTTVQAVASAIGRAIEDEARFGRIRDLEAK
HFKKNVEEQLNKRVGHVYKKAFMQVVEADMLSKGLLGGEAWSSWHKEDSIHVGVRCIEMLIESTGMVSLHRQNAGVVGQD
SETIELAPEYAEAIATRAGALAGISPMFQPCVVPPKPWTGITGGGYWANGRRPLALVRTHSKKALMRYEDVYMPEVYKAI
NIAQNTAWKINKKVLAVANVITKWKHCPVEDIPAIEREELPMKPEDIDMNPEALTAWKRAAAAVYRKDKARKSRRISLEF
MLEQANKFANHKAIWFPYNMDWRGRVYAVSMFNPQGNDMTKGLLTLAKGKPIGKEGYYWLKIHGANCAGVDKVPFPERIK
FIEENHENIMACAKSPLENTWWAEQDSPFCFLAFCFEYAGVQHHGLSYNCSLPLAFDGSCSGIQHFSAMLRDEVGGRAVN
LLPSETVQDIYGIVAKKVNEILQADAINGTDNEVVTVTDENTGEISEKVKLGTKALAGQWLAYGVTRSVTKRSVMTLAYG
SKEFGFRQQVLEDTIQPAIDSGKGLMFTQPNQAAGYMAKLIWESVSVTVVAAVEAMNWLKSAAKLLAAEVKDKKTGEILR
KRCAVHWVTPDGFPVWQEYKKPIQTRLNLMFLGQFRLQPTINTNKDSEIDAHKQESGIAPNFVHSQDGSHLRKTVVWAHE
KYGIESFALIHDSFGTIPADAANLFKAVRETMVDTYESCDVLADFYDQFADQLHESQLDKMPALPAKGNLNLRDILESDF
AFA
;
B,E,I,L
2 'polydeoxyribonucleotide' (DG)(DG)(DG)(DA)(DA)(DT)(DC)(DG)(DA)(91N)(DA)(DT)(DC)(DG)(DC)(DC)(DG)(DC) A,F,J,M
3 'polyribonucleotide' AACUGCGGCGAU C,G,K,N
4 'polydeoxyribonucleotide' (DT)(DC)(DG)(DA)(DT)(DT)(DC)(DC)(DC) D,H,O
#
# COMPACT_ATOMS: atom_id res chain seq x y z
N ASN A 2 0.20 -7.31 -48.46
CA ASN A 2 1.63 -7.42 -48.70
C ASN A 2 2.31 -8.32 -47.65
N THR A 3 1.80 -9.54 -47.47
CA THR A 3 2.34 -10.43 -46.45
C THR A 3 2.13 -11.88 -46.87
N ILE A 4 2.98 -12.76 -46.34
CA ILE A 4 3.04 -14.17 -46.72
C ILE A 4 2.62 -15.01 -45.53
N ASN A 5 1.68 -15.92 -45.74
CA ASN A 5 1.17 -16.75 -44.65
C ASN A 5 2.18 -17.85 -44.33
N ILE A 6 2.87 -17.67 -43.21
CA ILE A 6 3.80 -18.67 -42.68
C ILE A 6 3.04 -19.92 -42.24
N ALA A 7 1.76 -19.76 -41.87
CA ALA A 7 1.05 -20.77 -41.11
C ALA A 7 0.84 -22.07 -41.88
N LYS A 8 0.73 -21.99 -43.22
CA LYS A 8 0.29 -23.15 -44.01
C LYS A 8 1.28 -24.31 -43.92
N ASN A 9 2.58 -24.02 -43.97
CA ASN A 9 3.61 -25.05 -43.96
C ASN A 9 4.41 -25.07 -42.67
N ASP A 10 4.90 -23.91 -42.23
CA ASP A 10 5.80 -23.86 -41.07
C ASP A 10 5.11 -24.33 -39.80
N PHE A 11 3.89 -23.86 -39.55
CA PHE A 11 3.19 -24.25 -38.35
C PHE A 11 2.68 -25.68 -38.41
N SER A 12 2.50 -26.22 -39.63
CA SER A 12 2.05 -27.60 -39.77
C SER A 12 3.09 -28.60 -39.34
N ASP A 13 4.38 -28.25 -39.44
CA ASP A 13 5.46 -29.16 -39.05
C ASP A 13 5.43 -29.47 -37.56
N ILE A 14 4.85 -28.59 -36.75
CA ILE A 14 4.92 -28.72 -35.30
C ILE A 14 4.17 -29.97 -34.84
N GLU A 15 2.99 -30.20 -35.41
CA GLU A 15 2.23 -31.41 -35.10
C GLU A 15 2.79 -32.62 -35.84
N LEU A 16 3.34 -32.43 -37.04
CA LEU A 16 3.70 -33.53 -37.92
C LEU A 16 4.97 -34.25 -37.50
N ALA A 17 5.97 -33.51 -37.00
CA ALA A 17 7.30 -34.06 -36.81
C ALA A 17 7.30 -35.21 -35.80
N ALA A 18 8.09 -36.25 -36.09
CA ALA A 18 7.99 -37.50 -35.35
C ALA A 18 8.86 -37.50 -34.10
N ILE A 19 10.07 -36.96 -34.19
CA ILE A 19 10.96 -36.92 -33.02
C ILE A 19 10.39 -36.10 -31.87
N PRO A 20 9.80 -34.90 -32.09
CA PRO A 20 9.10 -34.26 -30.95
C PRO A 20 7.90 -35.04 -30.45
N PHE A 21 7.11 -35.64 -31.35
CA PHE A 21 5.92 -36.38 -30.93
C PHE A 21 6.30 -37.61 -30.12
N ASN A 22 7.27 -38.39 -30.60
CA ASN A 22 7.62 -39.64 -29.93
C ASN A 22 8.21 -39.40 -28.55
N THR A 23 9.07 -38.38 -28.40
CA THR A 23 9.66 -38.08 -27.10
C THR A 23 8.61 -37.61 -26.11
N LEU A 24 7.57 -36.92 -26.58
CA LEU A 24 6.44 -36.58 -25.73
C LEU A 24 5.55 -37.80 -25.48
N ALA A 25 5.28 -38.59 -26.52
CA ALA A 25 4.37 -39.72 -26.36
C ALA A 25 4.99 -40.85 -25.54
N ASP A 26 6.31 -40.95 -25.49
CA ASP A 26 6.95 -41.96 -24.65
C ASP A 26 6.75 -41.68 -23.17
N HIS A 27 6.44 -40.44 -22.79
CA HIS A 27 6.24 -40.09 -21.39
C HIS A 27 4.76 -40.03 -21.00
N TYR A 28 3.89 -39.54 -21.88
CA TYR A 28 2.50 -39.25 -21.52
C TYR A 28 1.49 -39.80 -22.52
N GLY A 29 1.92 -40.54 -23.53
CA GLY A 29 1.01 -41.16 -24.47
C GLY A 29 0.70 -40.27 -25.65
N GLU A 30 0.06 -40.88 -26.66
CA GLU A 30 -0.20 -40.19 -27.91
C GLU A 30 -1.32 -39.17 -27.81
N ARG A 31 -2.35 -39.45 -27.00
CA ARG A 31 -3.51 -38.55 -26.95
C ARG A 31 -3.14 -37.21 -26.34
N LEU A 32 -2.43 -37.22 -25.22
CA LEU A 32 -1.97 -35.98 -24.61
C LEU A 32 -0.89 -35.32 -25.46
N ALA A 33 -0.12 -36.11 -26.20
CA ALA A 33 0.90 -35.54 -27.07
C ALA A 33 0.26 -34.70 -28.18
N ARG A 34 -0.82 -35.21 -28.78
CA ARG A 34 -1.53 -34.47 -29.81
C ARG A 34 -2.16 -33.21 -29.25
N GLU A 35 -2.70 -33.28 -28.03
CA GLU A 35 -3.29 -32.10 -27.42
C GLU A 35 -2.25 -31.03 -27.14
N GLN A 36 -1.08 -31.42 -26.61
CA GLN A 36 -0.04 -30.47 -26.29
C GLN A 36 0.52 -29.81 -27.55
N LEU A 37 0.76 -30.61 -28.60
CA LEU A 37 1.29 -30.05 -29.85
C LEU A 37 0.27 -29.14 -30.52
N ALA A 38 -1.01 -29.49 -30.44
CA ALA A 38 -2.05 -28.62 -31.01
C ALA A 38 -2.14 -27.31 -30.24
N LEU A 39 -1.97 -27.36 -28.92
CA LEU A 39 -1.95 -26.15 -28.12
C LEU A 39 -0.76 -25.26 -28.49
N GLU A 40 0.42 -25.86 -28.65
CA GLU A 40 1.60 -25.10 -29.06
C GLU A 40 1.43 -24.60 -30.49
N HIS A 41 0.77 -25.39 -31.34
CA HIS A 41 0.47 -24.92 -32.69
C HIS A 41 -0.48 -23.72 -32.65
N GLU A 42 -1.49 -23.77 -31.79
CA GLU A 42 -2.42 -22.64 -31.66
C GLU A 42 -1.70 -21.41 -31.13
N SER A 43 -0.71 -21.59 -30.25
CA SER A 43 0.04 -20.47 -29.70
C SER A 43 0.81 -19.74 -30.80
N TYR A 44 1.45 -20.48 -31.70
CA TYR A 44 2.13 -19.85 -32.83
C TYR A 44 1.13 -19.19 -33.77
N GLU A 45 -0.01 -19.84 -34.01
CA GLU A 45 -1.03 -19.27 -34.87
C GLU A 45 -1.61 -17.98 -34.27
N MET A 46 -1.86 -17.97 -32.97
CA MET A 46 -2.35 -16.76 -32.32
C MET A 46 -1.31 -15.65 -32.41
N GLY A 47 -0.04 -15.99 -32.26
CA GLY A 47 1.02 -14.99 -32.35
C GLY A 47 1.17 -14.41 -33.75
N GLU A 48 1.03 -15.26 -34.78
CA GLU A 48 1.04 -14.74 -36.15
C GLU A 48 -0.14 -13.81 -36.38
N ALA A 49 -1.31 -14.18 -35.88
CA ALA A 49 -2.49 -13.32 -36.02
C ALA A 49 -2.28 -11.99 -35.30
N ARG A 50 -1.59 -12.03 -34.16
CA ARG A 50 -1.33 -10.81 -33.40
C ARG A 50 -0.43 -9.84 -34.19
N PHE A 51 0.62 -10.37 -34.82
CA PHE A 51 1.51 -9.52 -35.61
C PHE A 51 0.76 -8.90 -36.78
N ARG A 52 -0.06 -9.68 -37.47
CA ARG A 52 -0.73 -9.22 -38.68
C ARG A 52 -1.74 -8.12 -38.39
N LYS A 53 -2.46 -8.24 -37.26
CA LYS A 53 -3.41 -7.20 -36.89
C LYS A 53 -2.67 -5.90 -36.57
N MET A 54 -1.51 -6.00 -35.90
CA MET A 54 -0.71 -4.83 -35.61
C MET A 54 -0.09 -4.25 -36.87
N PHE A 55 0.35 -5.12 -37.80
CA PHE A 55 0.92 -4.65 -39.05
C PHE A 55 -0.11 -3.90 -39.88
N GLU A 56 -1.34 -4.41 -39.95
CA GLU A 56 -2.38 -3.76 -40.75
C GLU A 56 -2.85 -2.47 -40.09
N ARG A 57 -2.90 -2.43 -38.76
CA ARG A 57 -3.26 -1.19 -38.09
C ARG A 57 -2.19 -0.13 -38.26
N GLN A 58 -0.91 -0.54 -38.24
CA GLN A 58 0.18 0.38 -38.56
C GLN A 58 0.18 0.75 -40.04
N LEU A 59 -0.25 -0.16 -40.90
CA LEU A 59 -0.42 0.18 -42.32
C LEU A 59 -1.47 1.25 -42.49
N LYS A 60 -2.63 1.07 -41.84
CA LYS A 60 -3.74 2.00 -42.02
C LYS A 60 -3.42 3.37 -41.43
N ALA A 61 -2.62 3.42 -40.37
CA ALA A 61 -2.31 4.66 -39.69
C ALA A 61 -1.07 5.36 -40.25
N GLY A 62 -0.46 4.82 -41.30
CA GLY A 62 0.73 5.44 -41.86
C GLY A 62 1.96 5.32 -41.00
N GLU A 63 2.04 4.32 -40.13
CA GLU A 63 3.18 4.10 -39.25
C GLU A 63 3.96 2.85 -39.63
N VAL A 64 4.07 2.58 -40.93
CA VAL A 64 4.73 1.37 -41.41
C VAL A 64 6.23 1.40 -41.16
N ALA A 65 6.82 2.59 -41.04
CA ALA A 65 8.24 2.71 -40.70
C ALA A 65 8.51 2.42 -39.23
N ASP A 66 7.48 2.46 -38.38
CA ASP A 66 7.63 2.08 -36.99
C ASP A 66 7.70 0.57 -36.80
N ASN A 67 7.23 -0.20 -37.77
CA ASN A 67 7.22 -1.65 -37.66
C ASN A 67 8.63 -2.22 -37.81
N ALA A 68 8.88 -3.31 -37.09
CA ALA A 68 10.21 -3.93 -37.10
C ALA A 68 10.57 -4.52 -38.46
N ALA A 69 9.60 -4.77 -39.32
CA ALA A 69 9.90 -5.32 -40.64
C ALA A 69 10.48 -4.29 -41.60
N ALA A 70 10.32 -3.00 -41.31
CA ALA A 70 10.82 -1.96 -42.19
C ALA A 70 12.13 -1.35 -41.71
N LYS A 71 12.49 -1.55 -40.44
CA LYS A 71 13.72 -0.99 -39.91
C LYS A 71 14.99 -1.49 -40.59
N PRO A 72 15.18 -2.79 -40.87
CA PRO A 72 16.40 -3.19 -41.62
C PRO A 72 16.50 -2.54 -42.99
N LEU A 73 15.38 -2.26 -43.65
CA LEU A 73 15.43 -1.52 -44.90
C LEU A 73 15.95 -0.11 -44.65
N ILE A 74 15.34 0.61 -43.71
CA ILE A 74 15.62 2.02 -43.47
C ILE A 74 17.08 2.23 -43.07
N THR A 75 17.67 1.26 -42.36
CA THR A 75 19.03 1.45 -41.86
C THR A 75 20.08 1.39 -42.97
N THR A 76 19.81 0.72 -44.11
CA THR A 76 20.77 0.76 -45.21
C THR A 76 20.48 1.85 -46.23
N LEU A 77 19.24 2.34 -46.31
CA LEU A 77 18.90 3.45 -47.19
C LEU A 77 19.25 4.82 -46.60
N LEU A 78 19.26 4.97 -45.27
CA LEU A 78 19.51 6.28 -44.68
C LEU A 78 20.90 6.86 -44.97
N PRO A 79 22.02 6.13 -44.83
CA PRO A 79 23.33 6.75 -45.14
C PRO A 79 23.47 7.22 -46.58
N LYS A 80 22.87 6.53 -47.55
CA LYS A 80 22.91 7.01 -48.93
C LYS A 80 22.10 8.28 -49.10
N MET A 81 20.95 8.36 -48.41
CA MET A 81 20.13 9.57 -48.47
C MET A 81 20.86 10.77 -47.88
N ILE A 82 21.51 10.58 -46.72
CA ILE A 82 22.20 11.68 -46.05
C ILE A 82 23.37 12.17 -46.89
N ALA A 83 24.11 11.25 -47.52
CA ALA A 83 25.20 11.65 -48.41
C ALA A 83 24.67 12.43 -49.61
N ARG A 84 23.53 12.01 -50.15
CA ARG A 84 22.93 12.76 -51.25
C ARG A 84 22.23 14.03 -50.76
N ILE A 85 21.64 14.00 -49.56
CA ILE A 85 21.09 15.22 -48.98
C ILE A 85 22.19 16.26 -48.82
N ASN A 86 23.35 15.83 -48.31
CA ASN A 86 24.50 16.72 -48.23
C ASN A 86 24.92 17.19 -49.62
N ASP A 87 25.25 16.25 -50.51
CA ASP A 87 25.94 16.55 -51.76
C ASP A 87 25.19 17.52 -52.66
N TRP A 88 23.87 17.64 -52.51
CA TRP A 88 23.15 18.68 -53.24
C TRP A 88 23.60 20.06 -52.81
N PHE A 89 23.77 20.27 -51.50
CA PHE A 89 23.94 21.60 -50.94
C PHE A 89 25.19 22.30 -51.49
N GLU A 90 26.25 21.54 -51.76
CA GLU A 90 27.45 22.14 -52.36
C GLU A 90 27.27 22.42 -53.85
N GLU A 91 26.44 21.62 -54.53
CA GLU A 91 26.25 21.81 -55.97
C GLU A 91 25.55 23.12 -56.28
N VAL A 92 24.44 23.40 -55.58
CA VAL A 92 23.74 24.67 -55.80
C VAL A 92 24.56 25.84 -55.28
N LYS A 93 25.32 25.64 -54.20
CA LYS A 93 26.19 26.70 -53.70
C LYS A 93 27.32 26.99 -54.66
N ALA A 94 27.75 26.01 -55.45
CA ALA A 94 28.77 26.22 -56.47
C ALA A 94 28.18 26.57 -57.83
N LYS A 95 26.85 26.52 -57.99
CA LYS A 95 26.19 26.94 -59.22
C LYS A 95 25.67 28.36 -59.02
N ARG A 96 26.19 29.30 -59.79
CA ARG A 96 25.77 30.69 -59.63
C ARG A 96 24.38 30.89 -60.21
N GLY A 97 23.78 32.01 -59.84
CA GLY A 97 22.36 32.26 -60.06
C GLY A 97 21.56 32.11 -58.79
N LYS A 98 20.28 32.49 -58.89
CA LYS A 98 19.41 32.43 -57.73
C LYS A 98 19.05 30.98 -57.39
N ARG A 99 18.98 30.71 -56.09
CA ARG A 99 18.77 29.36 -55.59
C ARG A 99 17.35 28.87 -55.88
N PRO A 100 17.15 27.55 -55.97
CA PRO A 100 15.79 27.01 -56.10
C PRO A 100 14.96 27.29 -54.86
N THR A 101 13.64 27.20 -55.03
CA THR A 101 12.70 27.60 -53.97
C THR A 101 12.92 26.78 -52.71
N ALA A 102 13.29 25.51 -52.87
CA ALA A 102 13.34 24.57 -51.76
C ALA A 102 14.70 24.50 -51.07
N PHE A 103 15.71 25.23 -51.56
CA PHE A 103 17.06 25.05 -51.01
C PHE A 103 17.17 25.62 -49.60
N GLN A 104 16.60 26.80 -49.35
CA GLN A 104 16.78 27.43 -48.05
C GLN A 104 16.03 26.70 -46.94
N PHE A 105 14.85 26.16 -47.23
CA PHE A 105 14.07 25.47 -46.21
C PHE A 105 14.80 24.23 -45.70
N LEU A 106 15.48 23.50 -46.59
CA LEU A 106 16.14 22.25 -46.22
C LEU A 106 17.41 22.45 -45.40
N GLN A 107 17.89 23.68 -45.27
CA GLN A 107 19.01 23.97 -44.38
C GLN A 107 18.55 24.18 -42.95
N GLU A 108 17.25 24.44 -42.73
CA GLU A 108 16.74 24.68 -41.38
C GLU A 108 16.68 23.40 -40.57
N ILE A 109 16.77 22.25 -41.22
CA ILE A 109 16.71 20.94 -40.59
C ILE A 109 17.93 20.16 -41.04
N LYS A 110 18.62 19.53 -40.09
CA LYS A 110 19.88 18.86 -40.38
C LYS A 110 19.68 17.65 -41.30
N PRO A 111 20.73 17.24 -42.02
CA PRO A 111 20.59 16.18 -43.03
C PRO A 111 20.04 14.86 -42.51
N GLU A 112 20.31 14.50 -41.25
CA GLU A 112 19.79 13.24 -40.73
C GLU A 112 18.27 13.26 -40.62
N ALA A 113 17.71 14.37 -40.12
CA ALA A 113 16.27 14.42 -39.84
C ALA A 113 15.45 14.47 -41.12
N VAL A 114 15.95 15.17 -42.15
CA VAL A 114 15.23 15.19 -43.42
C VAL A 114 15.25 13.80 -44.06
N ALA A 115 16.35 13.05 -43.88
CA ALA A 115 16.42 11.72 -44.50
C ALA A 115 15.35 10.78 -43.96
N TYR A 116 15.13 10.81 -42.64
CA TYR A 116 14.09 9.93 -42.09
C TYR A 116 12.69 10.45 -42.36
N ILE A 117 12.49 11.77 -42.29
CA ILE A 117 11.15 12.34 -42.43
C ILE A 117 10.60 12.05 -43.82
N THR A 118 11.47 12.15 -44.85
CA THR A 118 11.06 11.83 -46.22
C THR A 118 10.68 10.36 -46.35
N ILE A 119 11.57 9.46 -45.90
CA ILE A 119 11.36 8.03 -46.10
C ILE A 119 10.10 7.55 -45.40
N LYS A 120 9.89 7.99 -44.16
CA LYS A 120 8.70 7.58 -43.41
C LYS A 120 7.43 8.11 -44.06
N THR A 121 7.45 9.36 -44.53
CA THR A 121 6.24 9.95 -45.08
C THR A 121 5.89 9.37 -46.45
N THR A 122 6.90 9.03 -47.28
CA THR A 122 6.54 8.41 -48.56
C THR A 122 6.12 6.95 -48.35
N LEU A 123 6.70 6.28 -47.35
CA LEU A 123 6.20 4.95 -46.99
C LEU A 123 4.79 5.02 -46.43
N ALA A 124 4.49 6.08 -45.66
CA ALA A 124 3.14 6.25 -45.12
C ALA A 124 2.15 6.56 -46.22
N CYS A 125 2.53 7.44 -47.17
CA CYS A 125 1.59 7.86 -48.19
C CYS A 125 1.32 6.75 -49.20
N LEU A 126 2.33 5.95 -49.51
CA LEU A 126 2.15 4.90 -50.52
C LEU A 126 1.35 3.72 -49.97
N THR A 127 1.57 3.35 -48.70
CA THR A 127 0.86 2.21 -48.13
C THR A 127 -0.54 2.59 -47.64
N SER A 128 -0.70 3.75 -47.05
CA SER A 128 -1.98 4.16 -46.49
C SER A 128 -2.75 5.07 -47.45
N ASN A 131 -3.46 7.81 -52.45
CA ASN A 131 -3.08 8.86 -53.38
C ASN A 131 -1.59 8.81 -53.68
N THR A 132 -1.25 8.46 -54.91
CA THR A 132 0.15 8.28 -55.31
C THR A 132 0.71 9.48 -56.06
N THR A 133 0.01 10.60 -56.09
CA THR A 133 0.50 11.78 -56.80
C THR A 133 1.73 12.36 -56.10
N VAL A 134 2.67 12.86 -56.89
CA VAL A 134 3.87 13.45 -56.31
C VAL A 134 3.54 14.74 -55.56
N GLN A 135 2.50 15.46 -56.00
CA GLN A 135 2.13 16.72 -55.35
C GLN A 135 1.71 16.51 -53.89
N ALA A 136 0.81 15.55 -53.65
CA ALA A 136 0.29 15.36 -52.29
C ALA A 136 1.34 14.75 -51.37
N VAL A 137 2.18 13.85 -51.92
CA VAL A 137 3.22 13.28 -51.07
C VAL A 137 4.33 14.30 -50.84
N ALA A 138 4.53 15.25 -51.76
CA ALA A 138 5.48 16.33 -51.50
C ALA A 138 5.00 17.22 -50.36
N SER A 139 3.71 17.57 -50.36
CA SER A 139 3.16 18.39 -49.30
C SER A 139 3.17 17.66 -47.97
N ALA A 140 3.05 16.33 -47.98
CA ALA A 140 3.13 15.56 -46.75
C ALA A 140 4.50 15.70 -46.10
N ILE A 141 5.56 15.60 -46.90
CA ILE A 141 6.90 15.87 -46.38
C ILE A 141 7.05 17.35 -46.06
N GLY A 142 6.45 18.22 -46.88
CA GLY A 142 6.61 19.64 -46.67
C GLY A 142 6.04 20.13 -45.36
N ARG A 143 4.86 19.63 -44.99
CA ARG A 143 4.30 19.99 -43.68
C ARG A 143 5.06 19.30 -42.55
N ALA A 144 5.64 18.12 -42.83
CA ALA A 144 6.39 17.41 -41.81
C ALA A 144 7.76 18.03 -41.59
N ILE A 145 8.41 18.51 -42.65
CA ILE A 145 9.68 19.20 -42.50
C ILE A 145 9.50 20.49 -41.70
N GLU A 146 8.46 21.26 -42.02
CA GLU A 146 8.20 22.54 -41.35
C GLU A 146 7.89 22.34 -39.88
N ASP A 147 7.18 21.26 -39.53
CA ASP A 147 6.86 21.02 -38.12
C ASP A 147 8.12 20.77 -37.32
N GLU A 148 9.04 19.95 -37.86
CA GLU A 148 10.32 19.72 -37.19
C GLU A 148 11.19 20.97 -37.19
N ALA A 149 11.07 21.80 -38.23
CA ALA A 149 11.82 23.05 -38.28
C ALA A 149 11.29 24.04 -37.24
N ARG A 150 9.97 24.22 -37.18
CA ARG A 150 9.40 25.25 -36.32
C ARG A 150 9.51 24.88 -34.85
N PHE A 151 9.14 23.64 -34.51
CA PHE A 151 9.06 23.25 -33.11
C PHE A 151 10.34 22.62 -32.59
N GLY A 152 11.18 22.07 -33.47
CA GLY A 152 12.50 21.66 -33.03
C GLY A 152 13.39 22.81 -32.65
N ARG A 153 13.05 24.03 -33.10
CA ARG A 153 13.70 25.25 -32.63
C ARG A 153 13.65 25.36 -31.11
N ILE A 154 12.52 24.95 -30.52
CA ILE A 154 12.36 24.95 -29.07
C ILE A 154 13.36 24.01 -28.43
N ARG A 155 13.48 22.79 -28.97
CA ARG A 155 14.35 21.78 -28.37
C ARG A 155 15.82 22.11 -28.58
N ASP A 156 16.19 22.50 -29.81
CA ASP A 156 17.60 22.46 -30.20
C ASP A 156 18.41 23.59 -29.58
N LEU A 157 17.93 24.83 -29.68
CA LEU A 157 18.77 25.97 -29.36
C LEU A 157 18.32 26.72 -28.10
N GLU A 158 17.10 27.21 -28.06
CA GLU A 158 16.77 28.23 -27.07
C GLU A 158 16.48 27.67 -25.69
N ALA A 159 16.12 26.39 -25.61
CA ALA A 159 15.64 25.87 -24.35
C ALA A 159 16.19 24.49 -24.08
N LYS A 160 17.44 24.23 -24.48
CA LYS A 160 18.02 22.91 -24.25
C LYS A 160 18.08 22.55 -22.76
N HIS A 161 18.04 23.55 -21.87
CA HIS A 161 17.80 23.33 -20.46
C HIS A 161 16.31 23.37 -20.12
N PHE A 162 15.56 24.29 -20.74
CA PHE A 162 14.14 24.47 -20.43
C PHE A 162 13.24 23.51 -21.20
N LYS A 163 13.74 22.84 -22.25
CA LYS A 163 12.97 21.78 -22.92
C LYS A 163 12.65 20.65 -21.95
N LYS A 164 13.57 20.37 -21.01
CA LYS A 164 13.36 19.29 -20.04
C LYS A 164 12.10 19.51 -19.21
N ASN A 165 11.70 20.76 -19.00
CA ASN A 165 10.46 21.09 -18.31
C ASN A 165 9.23 21.00 -19.21
N VAL A 166 9.41 20.81 -20.51
CA VAL A 166 8.30 20.49 -21.41
C VAL A 166 8.50 19.17 -22.16
N GLU A 167 9.65 18.51 -21.99
CA GLU A 167 9.90 17.25 -22.70
C GLU A 167 9.02 16.13 -22.17
N GLU A 168 8.92 16.00 -20.86
CA GLU A 168 8.13 14.92 -20.26
C GLU A 168 6.64 15.09 -20.57
N GLN A 169 6.14 16.33 -20.49
CA GLN A 169 4.72 16.55 -20.76
C GLN A 169 4.41 16.44 -22.26
N LEU A 170 5.42 16.67 -23.11
CA LEU A 170 5.26 16.34 -24.52
C LEU A 170 5.14 14.83 -24.72
N ASN A 171 5.93 14.05 -23.96
CA ASN A 171 5.85 12.60 -24.09
C ASN A 171 4.56 12.05 -23.51
N LYS A 172 3.97 12.74 -22.52
CA LYS A 172 2.73 12.27 -21.93
C LYS A 172 1.57 12.41 -22.90
N ARG A 173 1.65 13.32 -23.85
CA ARG A 173 0.64 13.42 -24.89
C ARG A 173 0.79 12.26 -25.88
N VAL A 174 -0.34 11.72 -26.33
CA VAL A 174 -0.37 10.68 -27.35
C VAL A 174 -1.14 11.21 -28.54
N GLY A 175 -0.59 11.04 -29.73
CA GLY A 175 -1.21 11.54 -30.94
C GLY A 175 -0.43 12.74 -31.47
N HIS A 176 -0.32 12.82 -32.80
CA HIS A 176 0.38 13.94 -33.41
C HIS A 176 -0.37 15.25 -33.16
N VAL A 177 -1.70 15.21 -33.20
CA VAL A 177 -2.51 16.41 -32.99
C VAL A 177 -2.30 16.93 -31.58
N TYR A 178 -2.33 16.05 -30.58
CA TYR A 178 -2.16 16.48 -29.19
C TYR A 178 -0.73 16.95 -28.93
N LYS A 179 0.25 16.30 -29.55
CA LYS A 179 1.64 16.68 -29.32
C LYS A 179 1.94 18.03 -29.96
N LYS A 180 1.43 18.27 -31.17
CA LYS A 180 1.67 19.56 -31.82
C LYS A 180 0.93 20.69 -31.11
N ALA A 181 -0.31 20.42 -30.67
CA ALA A 181 -1.08 21.45 -29.98
C ALA A 181 -0.42 21.85 -28.67
N PHE A 182 0.15 20.88 -27.96
CA PHE A 182 0.91 21.20 -26.75
C PHE A 182 2.15 22.01 -27.09
N MET A 183 2.81 21.70 -28.20
CA MET A 183 3.98 22.47 -28.60
C MET A 183 3.59 23.88 -29.03
N GLN A 184 2.39 24.06 -29.58
CA GLN A 184 1.90 25.40 -29.90
C GLN A 184 1.72 26.25 -28.65
N VAL A 185 1.24 25.64 -27.55
CA VAL A 185 1.10 26.36 -26.30
C VAL A 185 2.47 26.69 -25.71
N VAL A 186 3.41 25.75 -25.81
CA VAL A 186 4.75 25.97 -25.28
C VAL A 186 5.45 27.10 -26.02
N GLU A 187 5.33 27.11 -27.36
CA GLU A 187 5.98 28.15 -28.16
C GLU A 187 5.44 29.53 -27.84
N ALA A 188 4.11 29.65 -27.67
CA ALA A 188 3.53 30.95 -27.35
C ALA A 188 3.92 31.41 -25.96
N ASP A 189 3.99 30.48 -25.00
CA ASP A 189 4.42 30.84 -23.64
C ASP A 189 5.86 31.32 -23.64
N MET A 190 6.73 30.68 -24.44
CA MET A 190 8.13 31.11 -24.49
C MET A 190 8.26 32.50 -25.09
N LEU A 191 7.51 32.79 -26.16
CA LEU A 191 7.61 34.08 -26.81
C LEU A 191 7.09 35.21 -25.92
N SER A 192 6.16 34.90 -25.03
CA SER A 192 5.71 35.87 -24.05
C SER A 192 6.80 36.24 -23.07
N LYS A 193 7.82 35.39 -22.92
CA LYS A 193 8.96 35.69 -22.07
C LYS A 193 10.22 36.06 -22.86
N GLY A 194 10.13 36.16 -24.18
CA GLY A 194 11.28 36.46 -25.02
C GLY A 194 12.36 35.41 -24.96
N LEU A 195 11.98 34.13 -25.08
CA LEU A 195 12.93 33.04 -24.92
C LEU A 195 13.51 32.53 -26.23
N LEU A 196 12.75 32.57 -27.32
CA LEU A 196 13.21 32.07 -28.62
C LEU A 196 13.81 33.16 -29.48
N GLY A 197 14.42 34.18 -28.87
CA GLY A 197 14.86 35.34 -29.59
C GLY A 197 13.76 36.31 -29.94
N GLY A 198 12.55 36.10 -29.44
CA GLY A 198 11.42 36.94 -29.80
C GLY A 198 10.92 36.78 -31.22
N GLU A 199 11.37 35.74 -31.92
CA GLU A 199 11.06 35.56 -33.33
C GLU A 199 9.90 34.58 -33.45
N ALA A 200 8.72 35.10 -33.78
CA ALA A 200 7.59 34.25 -34.10
C ALA A 200 7.80 33.60 -35.46
N TRP A 201 7.35 32.35 -35.58
CA TRP A 201 7.54 31.59 -36.81
C TRP A 201 6.70 32.19 -37.93
N SER A 202 7.30 32.33 -39.11
CA SER A 202 6.57 32.70 -40.33
C SER A 202 6.26 31.41 -41.07
N SER A 203 5.01 30.96 -40.97
CA SER A 203 4.61 29.66 -41.51
C SER A 203 4.76 29.61 -43.02
N TRP A 204 5.21 28.46 -43.52
CA TRP A 204 5.48 28.31 -44.95
C TRP A 204 4.18 28.35 -45.75
N HIS A 205 4.24 28.95 -46.93
CA HIS A 205 3.09 28.93 -47.82
C HIS A 205 2.95 27.55 -48.44
N LYS A 206 1.74 27.28 -48.95
CA LYS A 206 1.46 25.98 -49.56
C LYS A 206 2.29 25.77 -50.82
N GLU A 207 2.61 26.84 -51.54
CA GLU A 207 3.52 26.73 -52.68
C GLU A 207 4.92 26.31 -52.24
N ASP A 208 5.37 26.78 -51.07
CA ASP A 208 6.67 26.37 -50.56
C ASP A 208 6.68 24.92 -50.11
N SER A 209 5.55 24.44 -49.58
CA SER A 209 5.50 23.09 -49.02
C SER A 209 5.55 22.01 -50.09
N ILE A 210 4.94 22.24 -51.25
CA ILE A 210 5.02 21.26 -52.33
C ILE A 210 6.42 21.25 -52.95
N HIS A 211 7.04 22.42 -53.07
CA HIS A 211 8.35 22.49 -53.73
C HIS A 211 9.45 21.87 -52.89
N VAL A 212 9.34 21.93 -51.56
CA VAL A 212 10.34 21.29 -50.72
C VAL A 212 10.21 19.78 -50.78
N GLY A 213 8.99 19.27 -50.98
CA GLY A 213 8.79 17.83 -51.05
C GLY A 213 9.33 17.20 -52.32
N VAL A 214 9.08 17.82 -53.48
CA VAL A 214 9.54 17.21 -54.73
C VAL A 214 11.06 17.22 -54.80
N ARG A 215 11.70 18.18 -54.12
CA ARG A 215 13.15 18.15 -53.99
C ARG A 215 13.60 16.94 -53.21
N CYS A 216 12.84 16.57 -52.18
CA CYS A 216 13.16 15.45 -51.33
C CYS A 216 12.87 14.10 -52.00
N ILE A 217 11.78 14.02 -52.77
CA ILE A 217 11.47 12.80 -53.51
C ILE A 217 12.52 12.54 -54.58
N GLU A 218 12.91 13.59 -55.31
CA GLU A 218 13.91 13.44 -56.37
C GLU A 218 15.25 13.02 -55.79
N MET A 219 15.60 13.51 -54.61
CA MET A 219 16.87 13.17 -54.01
C MET A 219 16.88 11.74 -53.47
N LEU A 220 15.71 11.18 -53.18
CA LEU A 220 15.65 9.79 -52.74
C LEU A 220 15.83 8.83 -53.90
N ILE A 221 15.31 9.19 -55.08
CA ILE A 221 15.48 8.36 -56.27
C ILE A 221 16.95 8.32 -56.68
N GLU A 222 17.67 9.43 -56.52
CA GLU A 222 19.09 9.47 -56.87
C GLU A 222 19.91 8.60 -55.92
N SER A 223 19.67 8.73 -54.62
CA SER A 223 20.51 8.04 -53.63
C SER A 223 20.17 6.55 -53.56
N THR A 224 18.88 6.23 -53.53
CA THR A 224 18.39 4.87 -53.32
C THR A 224 17.45 4.48 -54.44
N GLY A 225 17.10 3.19 -54.48
CA GLY A 225 16.15 2.70 -55.44
C GLY A 225 14.84 2.31 -54.80
N MET A 226 14.44 3.06 -53.76
CA MET A 226 13.24 2.71 -53.01
C MET A 226 11.97 3.05 -53.78
N VAL A 227 12.03 4.05 -54.64
CA VAL A 227 10.84 4.67 -55.21
C VAL A 227 11.13 5.02 -56.67
N SER A 228 10.18 4.73 -57.55
CA SER A 228 10.31 5.05 -58.97
C SER A 228 9.29 6.12 -59.34
N LEU A 229 9.67 6.96 -60.30
CA LEU A 229 8.82 8.03 -60.80
C LEU A 229 8.12 7.60 -62.09
N HIS A 230 6.87 8.03 -62.24
CA HIS A 230 6.05 7.66 -63.39
C HIS A 230 5.17 8.84 -63.78
N ARG A 231 5.17 9.16 -65.06
CA ARG A 231 4.38 10.26 -65.62
C ARG A 231 3.19 9.70 -66.37
N GLN A 232 2.05 10.38 -66.26
CA GLN A 232 0.82 9.95 -66.90
C GLN A 232 0.29 11.06 -67.79
N ASN A 233 -0.18 10.67 -68.99
CA ASN A 233 -0.72 11.59 -69.98
C ASN A 233 0.25 12.72 -70.27
N ALA A 234 1.48 12.35 -70.61
CA ALA A 234 2.54 13.32 -70.84
C ALA A 234 2.23 14.18 -72.07
N GLY A 235 2.47 15.49 -71.92
CA GLY A 235 2.21 16.43 -72.99
C GLY A 235 0.78 16.92 -73.08
N VAL A 236 -0.12 16.40 -72.25
CA VAL A 236 -1.52 16.83 -72.22
C VAL A 236 -1.68 17.77 -71.04
N VAL A 237 -2.11 19.01 -71.33
CA VAL A 237 -2.12 20.07 -70.32
C VAL A 237 -3.04 19.72 -69.16
N GLY A 238 -4.24 19.22 -69.47
CA GLY A 238 -5.21 18.93 -68.42
C GLY A 238 -4.82 17.77 -67.52
N GLN A 239 -4.29 16.69 -68.11
CA GLN A 239 -4.13 15.45 -67.37
C GLN A 239 -2.67 15.07 -67.13
N ASP A 240 -1.73 16.01 -67.32
CA ASP A 240 -0.33 15.73 -67.02
C ASP A 240 -0.15 15.58 -65.51
N SER A 241 0.14 14.37 -65.06
CA SER A 241 0.36 14.09 -63.66
C SER A 241 1.54 13.15 -63.51
N GLU A 242 2.19 13.21 -62.37
CA GLU A 242 3.26 12.29 -62.00
C GLU A 242 2.80 11.46 -60.80
N THR A 243 2.86 10.14 -60.95
CA THR A 243 2.43 9.21 -59.91
C THR A 243 3.66 8.50 -59.35
N ILE A 244 3.78 8.50 -58.05
CA ILE A 244 4.91 7.89 -57.37
C ILE A 244 4.58 6.45 -57.05
N GLU A 245 5.60 5.60 -57.04
CA GLU A 245 5.40 4.17 -56.81
C GLU A 245 6.51 3.63 -55.93
N LEU A 246 6.14 2.82 -54.93
CA LEU A 246 7.12 2.06 -54.17
C LEU A 246 7.69 0.95 -55.04
N ALA A 247 9.00 0.76 -54.96
CA ALA A 247 9.64 -0.28 -55.75
C ALA A 247 9.23 -1.65 -55.23
N PRO A 248 8.70 -2.54 -56.10
CA PRO A 248 8.25 -3.86 -55.61
C PRO A 248 9.35 -4.69 -55.00
N GLU A 249 10.61 -4.52 -55.45
CA GLU A 249 11.71 -5.29 -54.89
C GLU A 249 11.95 -4.95 -53.42
N TYR A 250 11.64 -3.73 -53.00
CA TYR A 250 11.75 -3.36 -51.59
C TYR A 250 10.45 -3.62 -50.82
N ALA A 251 9.31 -3.65 -51.50
CA ALA A 251 8.07 -4.06 -50.85
C ALA A 251 8.13 -5.54 -50.49
N GLU A 252 8.72 -6.37 -51.36
CA GLU A 252 8.93 -7.78 -51.04
C GLU A 252 9.91 -7.97 -49.89
N ALA A 253 10.76 -6.99 -49.62
CA ALA A 253 11.68 -7.10 -48.48
C ALA A 253 10.94 -6.93 -47.15
N ILE A 254 10.03 -5.94 -47.06
CA ILE A 254 9.27 -5.80 -45.82
C ILE A 254 8.23 -6.90 -45.71
N ALA A 255 7.71 -7.40 -46.84
CA ALA A 255 6.74 -8.48 -46.82
C ALA A 255 7.35 -9.76 -46.27
N THR A 256 8.55 -10.12 -46.76
CA THR A 256 9.24 -11.30 -46.27
C THR A 256 9.63 -11.14 -44.80
N ARG A 257 10.08 -9.94 -44.43
CA ARG A 257 10.45 -9.71 -43.04
C ARG A 257 9.22 -9.73 -42.13
N ALA A 258 8.08 -9.25 -42.62
CA ALA A 258 6.85 -9.31 -41.82
C ALA A 258 6.43 -10.75 -41.57
N GLY A 259 6.48 -11.59 -42.61
CA GLY A 259 6.15 -12.99 -42.43
C GLY A 259 7.14 -13.71 -41.53
N ALA A 260 8.44 -13.42 -41.70
CA ALA A 260 9.45 -14.06 -40.88
C ALA A 260 9.30 -13.67 -39.41
N LEU A 261 8.98 -12.41 -39.15
CA LEU A 261 8.79 -11.96 -37.76
C LEU A 261 7.47 -12.46 -37.18
N ALA A 262 6.45 -12.66 -38.02
CA ALA A 262 5.16 -13.15 -37.53
C ALA A 262 5.26 -14.58 -37.01
N GLY A 263 6.18 -15.39 -37.55
CA GLY A 263 6.31 -16.76 -37.09
C GLY A 263 7.00 -16.90 -35.75
N ILE A 264 7.85 -15.95 -35.38
CA ILE A 264 8.70 -16.11 -34.20
C ILE A 264 8.18 -15.28 -33.02
N SER A 265 6.89 -14.98 -32.99
CA SER A 265 6.30 -14.20 -31.90
C SER A 265 5.05 -14.89 -31.36
N PRO A 266 5.20 -16.07 -30.76
CA PRO A 266 4.03 -16.83 -30.30
C PRO A 266 3.46 -16.30 -28.99
N MET A 267 2.18 -16.63 -28.76
CA MET A 267 1.49 -16.31 -27.51
C MET A 267 1.54 -17.55 -26.63
N PHE A 268 2.55 -17.63 -25.77
CA PHE A 268 2.78 -18.80 -24.94
C PHE A 268 1.63 -19.05 -23.99
N GLN A 269 1.22 -20.32 -23.90
CA GLN A 269 0.07 -20.77 -23.14
C GLN A 269 0.51 -21.83 -22.15
N PRO A 270 -0.32 -22.14 -21.16
CA PRO A 270 -0.01 -23.27 -20.27
C PRO A 270 0.02 -24.59 -21.01
N CYS A 271 0.70 -25.56 -20.40
CA CYS A 271 0.82 -26.90 -20.97
C CYS A 271 -0.19 -27.84 -20.32
N VAL A 272 -0.78 -28.71 -21.14
CA VAL A 272 -1.68 -29.76 -20.62
C VAL A 272 -0.94 -31.01 -20.18
N VAL A 273 0.35 -31.11 -20.49
CA VAL A 273 1.23 -32.15 -19.97
C VAL A 273 2.33 -31.44 -19.20
N PRO A 274 3.07 -32.15 -18.35
CA PRO A 274 4.23 -31.52 -17.70
C PRO A 274 5.23 -31.00 -18.72
N PRO A 275 5.87 -29.87 -18.44
CA PRO A 275 6.74 -29.25 -19.44
C PRO A 275 7.99 -30.07 -19.65
N LYS A 276 8.63 -29.86 -20.80
CA LYS A 276 9.82 -30.61 -21.16
C LYS A 276 10.97 -30.26 -20.22
N PRO A 277 11.59 -31.23 -19.55
CA PRO A 277 12.70 -30.92 -18.65
C PRO A 277 13.87 -30.29 -19.39
N TRP A 278 14.51 -29.33 -18.74
CA TRP A 278 15.65 -28.66 -19.33
C TRP A 278 16.87 -29.56 -19.22
N THR A 279 17.47 -29.89 -20.37
CA THR A 279 18.75 -30.60 -20.37
C THR A 279 19.89 -29.73 -20.86
N GLY A 280 19.60 -28.60 -21.48
CA GLY A 280 20.64 -27.74 -22.02
C GLY A 280 20.17 -26.32 -22.18
N ILE A 281 20.81 -25.60 -23.12
CA ILE A 281 20.60 -24.17 -23.29
C ILE A 281 19.20 -23.87 -23.81
N THR A 282 18.76 -24.64 -24.81
CA THR A 282 17.54 -24.33 -25.53
C THR A 282 16.65 -25.58 -25.59
N GLY A 283 15.45 -25.40 -26.12
CA GLY A 283 14.57 -26.52 -26.40
C GLY A 283 13.82 -27.07 -25.21
N GLY A 284 14.03 -26.52 -24.02
CA GLY A 284 13.28 -26.93 -22.86
C GLY A 284 11.92 -26.26 -22.79
N GLY A 285 11.13 -26.68 -21.81
CA GLY A 285 9.85 -26.05 -21.59
C GLY A 285 8.75 -26.64 -22.44
N TYR A 286 8.50 -26.03 -23.59
CA TYR A 286 7.58 -26.61 -24.57
C TYR A 286 8.24 -27.78 -25.28
N TRP A 287 7.40 -28.65 -25.87
CA TRP A 287 7.88 -29.95 -26.34
C TRP A 287 8.32 -29.94 -27.80
N ALA A 288 7.60 -29.23 -28.65
CA ALA A 288 7.94 -29.17 -30.06
C ALA A 288 9.16 -28.30 -30.28
N ASN A 289 9.89 -28.55 -31.37
CA ASN A 289 10.78 -27.53 -31.86
C ASN A 289 9.93 -26.38 -32.40
N GLY A 290 10.48 -25.17 -32.36
CA GLY A 290 9.70 -24.00 -32.70
C GLY A 290 10.51 -23.04 -33.53
N ARG A 291 9.77 -22.17 -34.22
CA ARG A 291 10.40 -21.02 -34.86
C ARG A 291 11.07 -20.13 -33.82
N ARG A 292 10.44 -20.00 -32.64
CA ARG A 292 11.07 -19.38 -31.48
C ARG A 292 11.26 -20.45 -30.42
N PRO A 293 12.45 -21.02 -30.29
CA PRO A 293 12.70 -21.97 -29.20
C PRO A 293 13.00 -21.24 -27.89
N LEU A 294 12.58 -21.88 -26.79
CA LEU A 294 12.78 -21.31 -25.47
C LEU A 294 14.24 -21.33 -25.09
N ALA A 295 14.67 -20.31 -24.36
CA ALA A 295 16.02 -20.21 -23.84
C ALA A 295 16.00 -20.39 -22.33
N LEU A 296 17.05 -21.01 -21.80
CA LEU A 296 17.15 -21.16 -20.36
C LEU A 296 17.35 -19.81 -19.68
N VAL A 297 18.15 -18.93 -20.28
CA VAL A 297 18.45 -17.60 -19.77
C VAL A 297 18.02 -16.57 -20.82
N ARG A 298 17.22 -15.59 -20.41
CA ARG A 298 16.74 -14.57 -21.35
C ARG A 298 17.81 -13.49 -21.48
N THR A 299 18.56 -13.53 -22.56
CA THR A 299 19.65 -12.60 -22.81
C THR A 299 19.29 -11.67 -23.95
N HIS A 300 19.92 -10.48 -23.95
CA HIS A 300 19.67 -9.52 -25.02
C HIS A 300 20.48 -9.82 -26.27
N SER A 301 21.42 -10.74 -26.21
CA SER A 301 22.20 -11.13 -27.39
C SER A 301 22.41 -12.64 -27.38
N LYS A 302 22.48 -13.23 -28.57
CA LYS A 302 22.74 -14.65 -28.71
C LYS A 302 24.13 -15.03 -28.22
N LYS A 303 25.08 -14.09 -28.23
CA LYS A 303 26.41 -14.36 -27.70
C LYS A 303 26.35 -14.58 -26.19
N ALA A 304 25.53 -13.81 -25.47
CA ALA A 304 25.45 -13.96 -24.02
C ALA A 304 24.80 -15.28 -23.61
N LEU A 305 23.81 -15.75 -24.38
CA LEU A 305 23.21 -17.06 -24.12
C LEU A 305 24.21 -18.19 -24.34
N MET A 306 25.10 -18.06 -25.34
CA MET A 306 26.07 -19.12 -25.62
C MET A 306 27.14 -19.25 -24.55
N ARG A 307 27.23 -18.29 -23.62
CA ARG A 307 28.20 -18.38 -22.54
C ARG A 307 27.88 -19.49 -21.54
N TYR A 308 26.65 -19.99 -21.52
CA TYR A 308 26.23 -21.00 -20.56
C TYR A 308 26.27 -22.41 -21.14
N GLU A 309 26.89 -22.59 -22.32
CA GLU A 309 26.77 -23.84 -23.04
C GLU A 309 27.40 -25.00 -22.27
N ASP A 310 28.69 -24.88 -21.95
CA ASP A 310 29.39 -25.92 -21.20
C ASP A 310 29.49 -25.60 -19.71
N VAL A 311 28.71 -24.64 -19.23
CA VAL A 311 28.68 -24.33 -17.80
C VAL A 311 28.01 -25.48 -17.07
N TYR A 312 28.72 -26.06 -16.10
CA TYR A 312 28.18 -27.14 -15.30
C TYR A 312 27.45 -26.55 -14.10
N MET A 313 26.12 -26.52 -14.16
CA MET A 313 25.30 -26.01 -13.07
C MET A 313 24.16 -26.98 -12.77
N PRO A 314 24.47 -28.20 -12.29
CA PRO A 314 23.41 -29.21 -12.09
C PRO A 314 22.34 -28.79 -11.09
N GLU A 315 22.72 -28.11 -10.01
CA GLU A 315 21.71 -27.69 -9.03
C GLU A 315 20.75 -26.65 -9.62
N VAL A 316 21.24 -25.84 -10.57
CA VAL A 316 20.39 -24.87 -11.24
C VAL A 316 19.37 -25.57 -12.13
N TYR A 317 19.80 -26.60 -12.88
CA TYR A 317 18.88 -27.34 -13.76
C TYR A 317 17.82 -28.09 -12.95
N LYS A 318 18.20 -28.69 -11.82
CA LYS A 318 17.22 -29.40 -11.00
C LYS A 318 16.15 -28.45 -10.48
N ALA A 319 16.56 -27.25 -10.06
CA ALA A 319 15.60 -26.30 -9.48
C ALA A 319 14.57 -25.86 -10.50
N ILE A 320 14.99 -25.56 -11.73
CA ILE A 320 14.04 -25.14 -12.78
C ILE A 320 13.09 -26.28 -13.14
N ASN A 321 13.62 -27.50 -13.27
CA ASN A 321 12.80 -28.64 -13.69
C ASN A 321 11.78 -29.03 -12.62
N ILE A 322 12.17 -28.96 -11.35
CA ILE A 322 11.22 -29.23 -10.26
C ILE A 322 10.07 -28.23 -10.29
N ALA A 323 10.39 -26.94 -10.48
CA ALA A 323 9.34 -25.94 -10.51
C ALA A 323 8.41 -26.13 -11.70
N GLN A 324 8.95 -26.52 -12.86
CA GLN A 324 8.12 -26.81 -14.02
C GLN A 324 7.13 -27.92 -13.73
N ASN A 325 7.55 -28.92 -12.94
CA ASN A 325 6.72 -30.09 -12.72
C ASN A 325 5.55 -29.84 -11.77
N THR A 326 5.47 -28.67 -11.14
CA THR A 326 4.35 -28.39 -10.26
C THR A 326 3.06 -28.32 -11.06
N ALA A 327 2.07 -29.12 -10.64
CA ALA A 327 0.79 -29.21 -11.31
C ALA A 327 -0.16 -28.15 -10.76
N TRP A 328 -0.74 -27.35 -11.66
CA TRP A 328 -1.70 -26.33 -11.27
C TRP A 328 -3.07 -26.66 -11.85
N LYS A 329 -4.09 -25.96 -11.35
CA LYS A 329 -5.41 -26.03 -11.95
C LYS A 329 -6.15 -24.73 -11.65
N ILE A 330 -7.13 -24.43 -12.48
CA ILE A 330 -7.93 -23.22 -12.30
C ILE A 330 -8.87 -23.41 -11.12
N ASN A 331 -8.89 -22.43 -10.22
CA ASN A 331 -9.83 -22.39 -9.10
C ASN A 331 -11.21 -22.08 -9.65
N LYS A 332 -12.05 -23.11 -9.77
CA LYS A 332 -13.35 -22.92 -10.41
C LYS A 332 -14.29 -22.07 -9.54
N LYS A 333 -14.19 -22.21 -8.22
CA LYS A 333 -15.06 -21.45 -7.33
C LYS A 333 -14.78 -19.96 -7.43
N VAL A 334 -13.49 -19.58 -7.46
CA VAL A 334 -13.14 -18.18 -7.66
C VAL A 334 -13.54 -17.73 -9.05
N LEU A 335 -13.28 -18.57 -10.06
CA LEU A 335 -13.58 -18.21 -11.44
C LEU A 335 -15.07 -17.98 -11.65
N ALA A 336 -15.90 -18.78 -10.98
CA ALA A 336 -17.35 -18.57 -11.05
C ALA A 336 -17.74 -17.19 -10.53
N VAL A 337 -17.09 -16.75 -9.44
CA VAL A 337 -17.37 -15.42 -8.91
C VAL A 337 -16.86 -14.33 -9.84
N ALA A 338 -15.64 -14.51 -10.36
CA ALA A 338 -15.06 -13.46 -11.21
C ALA A 338 -15.78 -13.36 -12.55
N ASN A 339 -16.42 -14.44 -13.00
CA ASN A 339 -17.17 -14.40 -14.24
C ASN A 339 -18.43 -13.56 -14.13
N VAL A 340 -18.86 -13.23 -12.92
CA VAL A 340 -20.06 -12.44 -12.72
C VAL A 340 -19.75 -10.98 -12.46
N ILE A 341 -18.87 -10.69 -11.50
CA ILE A 341 -18.68 -9.29 -11.11
C ILE A 341 -17.90 -8.49 -12.15
N THR A 342 -17.07 -9.14 -12.98
CA THR A 342 -16.41 -8.41 -14.07
C THR A 342 -17.41 -7.97 -15.13
N LYS A 343 -18.59 -8.58 -15.19
CA LYS A 343 -19.61 -8.12 -16.11
C LYS A 343 -20.28 -6.84 -15.62
N TRP A 344 -20.13 -6.49 -14.34
CA TRP A 344 -20.81 -5.34 -13.77
C TRP A 344 -19.88 -4.17 -13.49
N LYS A 345 -18.65 -4.43 -13.07
CA LYS A 345 -17.68 -3.38 -12.81
C LYS A 345 -16.49 -3.54 -13.75
N HIS A 346 -15.89 -2.41 -14.15
CA HIS A 346 -14.67 -2.48 -14.94
C HIS A 346 -13.54 -3.13 -14.15
N CYS A 347 -13.43 -2.79 -12.87
CA CYS A 347 -12.57 -3.52 -11.95
C CYS A 347 -13.47 -4.03 -10.82
N PRO A 348 -13.49 -5.34 -10.54
CA PRO A 348 -14.48 -5.88 -9.60
C PRO A 348 -14.34 -5.36 -8.18
N VAL A 349 -13.14 -4.95 -7.76
CA VAL A 349 -12.96 -4.55 -6.37
C VAL A 349 -12.56 -3.08 -6.28
N GLU A 350 -12.97 -2.28 -7.28
CA GLU A 350 -12.49 -0.90 -7.38
C GLU A 350 -13.26 0.05 -6.45
N ASP A 351 -14.56 0.20 -6.68
CA ASP A 351 -15.37 1.18 -5.94
C ASP A 351 -16.56 0.49 -5.30
N ILE A 352 -16.34 -0.10 -4.13
CA ILE A 352 -17.38 -0.80 -3.37
C ILE A 352 -18.00 0.20 -2.41
N PRO A 353 -19.33 0.39 -2.45
CA PRO A 353 -19.98 1.25 -1.44
C PRO A 353 -19.75 0.74 -0.04
N ALA A 354 -19.47 1.67 0.88
CA ALA A 354 -19.18 1.33 2.26
C ALA A 354 -19.42 2.55 3.12
N ILE A 355 -19.59 2.31 4.41
CA ILE A 355 -19.83 3.39 5.37
C ILE A 355 -18.51 4.01 5.79
N GLU A 372 -0.64 29.16 -6.90
CA GLU A 372 -0.26 28.00 -7.70
C GLU A 372 -1.46 27.39 -8.39
N ALA A 373 -2.54 28.19 -8.49
CA ALA A 373 -3.84 27.67 -8.91
C ALA A 373 -3.80 27.09 -10.32
N LEU A 374 -3.10 27.74 -11.24
CA LEU A 374 -2.96 27.20 -12.58
C LEU A 374 -2.12 25.93 -12.58
N THR A 375 -0.97 25.95 -11.88
CA THR A 375 -0.05 24.82 -11.89
C THR A 375 -0.49 23.68 -10.98
N ALA A 376 -1.45 23.90 -10.08
CA ALA A 376 -1.95 22.82 -9.24
C ALA A 376 -3.13 22.10 -9.88
N TRP A 377 -4.04 22.83 -10.52
CA TRP A 377 -5.15 22.20 -11.22
C TRP A 377 -4.77 21.72 -12.62
N LYS A 378 -3.62 22.14 -13.13
CA LYS A 378 -3.06 21.47 -14.30
C LYS A 378 -2.74 20.02 -13.99
N ARG A 379 -2.20 19.75 -12.79
CA ARG A 379 -1.91 18.39 -12.39
C ARG A 379 -3.18 17.56 -12.21
N ALA A 380 -4.27 18.20 -11.77
CA ALA A 380 -5.54 17.50 -11.66
C ALA A 380 -6.06 17.07 -13.01
N ALA A 381 -5.92 17.94 -14.03
CA ALA A 381 -6.32 17.56 -15.38
C ALA A 381 -5.45 16.41 -15.90
N ALA A 382 -4.15 16.45 -15.61
CA ALA A 382 -3.26 15.37 -16.02
C ALA A 382 -3.57 14.08 -15.26
N ALA A 383 -4.13 14.19 -14.06
CA ALA A 383 -4.48 13.01 -13.29
C ALA A 383 -5.63 12.24 -13.92
N VAL A 384 -6.65 12.96 -14.41
CA VAL A 384 -7.75 12.30 -15.11
C VAL A 384 -7.27 11.69 -16.42
N TYR A 385 -6.37 12.40 -17.12
CA TYR A 385 -5.78 11.88 -18.35
C TYR A 385 -4.99 10.60 -18.09
N ARG A 386 -4.24 10.56 -17.00
CA ARG A 386 -3.51 9.34 -16.65
C ARG A 386 -4.46 8.26 -16.20
N LYS A 387 -5.52 8.63 -15.46
CA LYS A 387 -6.47 7.64 -14.95
C LYS A 387 -7.27 6.99 -16.07
N ASP A 388 -7.62 7.77 -17.11
CA ASP A 388 -8.32 7.20 -18.24
C ASP A 388 -7.46 6.17 -18.96
N LYS A 389 -6.15 6.44 -19.08
CA LYS A 389 -5.22 5.44 -19.60
C LYS A 389 -5.18 4.21 -18.69
N ALA A 390 -5.12 4.43 -17.37
CA ALA A 390 -4.97 3.33 -16.43
C ALA A 390 -6.21 2.43 -16.41
N ARG A 391 -7.40 3.03 -16.48
CA ARG A 391 -8.63 2.25 -16.47
C ARG A 391 -8.72 1.35 -17.70
N LYS A 392 -8.36 1.86 -18.87
CA LYS A 392 -8.41 1.04 -20.08
C LYS A 392 -7.31 -0.02 -20.09
N SER A 393 -6.15 0.29 -19.49
CA SER A 393 -5.06 -0.66 -19.48
C SER A 393 -5.33 -1.85 -18.56
N ARG A 394 -5.89 -1.58 -17.37
CA ARG A 394 -6.17 -2.66 -16.43
C ARG A 394 -7.26 -3.59 -16.94
N ARG A 395 -8.25 -3.04 -17.66
CA ARG A 395 -9.32 -3.88 -18.20
C ARG A 395 -8.81 -4.80 -19.30
N ILE A 396 -7.81 -4.35 -20.07
CA ILE A 396 -7.28 -5.17 -21.15
C ILE A 396 -6.67 -6.45 -20.60
N SER A 397 -5.83 -6.33 -19.57
CA SER A 397 -5.20 -7.52 -19.01
C SER A 397 -6.20 -8.40 -18.28
N LEU A 398 -7.22 -7.78 -17.65
CA LEU A 398 -8.21 -8.57 -16.92
C LEU A 398 -8.99 -9.48 -17.86
N GLU A 399 -9.41 -8.97 -19.01
CA GLU A 399 -10.20 -9.78 -19.93
C GLU A 399 -9.38 -10.90 -20.54
N PHE A 400 -8.06 -10.69 -20.69
CA PHE A 400 -7.22 -11.75 -21.23
C PHE A 400 -7.00 -12.86 -20.21
N MET A 401 -6.74 -12.49 -18.95
CA MET A 401 -6.51 -13.49 -17.91
C MET A 401 -7.76 -14.35 -17.69
N LEU A 402 -8.93 -13.71 -17.70
CA LEU A 402 -10.17 -14.45 -17.50
C LEU A 402 -10.44 -15.40 -18.67
N GLU A 403 -10.10 -14.97 -19.90
CA GLU A 403 -10.28 -15.85 -21.04
C GLU A 403 -9.37 -17.07 -20.95
N GLN A 404 -8.12 -16.88 -20.56
CA GLN A 404 -7.21 -18.01 -20.40
C GLN A 404 -7.66 -18.93 -19.26
N ALA A 405 -8.13 -18.35 -18.16
CA ALA A 405 -8.59 -19.15 -17.03
C ALA A 405 -9.80 -19.99 -17.40
N ASN A 406 -10.75 -19.42 -18.16
CA ASN A 406 -11.90 -20.18 -18.58
C ASN A 406 -11.54 -21.23 -19.62
N LYS A 407 -10.52 -20.97 -20.44
CA LYS A 407 -10.11 -21.93 -21.45
C LYS A 407 -9.56 -23.20 -20.82
N PHE A 408 -8.81 -23.07 -19.73
CA PHE A 408 -8.19 -24.21 -19.07
C PHE A 408 -8.96 -24.64 -17.81
N ALA A 409 -10.18 -24.13 -17.64
CA ALA A 409 -10.92 -24.35 -16.40
C ALA A 409 -11.26 -25.83 -16.19
N ASN A 410 -11.63 -26.53 -17.24
CA ASN A 410 -12.09 -27.92 -17.12
C ASN A 410 -10.97 -28.94 -17.24
N HIS A 411 -9.72 -28.50 -17.29
CA HIS A 411 -8.59 -29.42 -17.36
C HIS A 411 -8.25 -29.95 -15.98
N LYS A 412 -7.84 -31.22 -15.93
CA LYS A 412 -7.48 -31.85 -14.66
C LYS A 412 -6.26 -31.19 -14.04
N ALA A 413 -5.26 -30.88 -14.84
CA ALA A 413 -4.08 -30.17 -14.35
C ALA A 413 -3.44 -29.44 -15.52
N ILE A 414 -2.81 -28.31 -15.21
CA ILE A 414 -2.03 -27.57 -16.18
C ILE A 414 -0.67 -27.29 -15.58
N TRP A 415 0.30 -27.00 -16.45
CA TRP A 415 1.68 -26.78 -16.05
C TRP A 415 2.21 -25.52 -16.71
N PHE A 416 3.23 -24.92 -16.10
CA PHE A 416 3.89 -23.75 -16.65
C PHE A 416 5.37 -24.03 -16.85
N PRO A 417 5.92 -23.77 -18.04
CA PRO A 417 7.38 -23.82 -18.20
C PRO A 417 8.04 -22.63 -17.55
N TYR A 418 9.29 -22.80 -17.16
CA TYR A 418 10.04 -21.76 -16.47
C TYR A 418 11.40 -21.56 -17.10
N ASN A 419 11.89 -20.31 -17.04
CA ASN A 419 13.27 -19.99 -17.39
C ASN A 419 13.73 -18.88 -16.45
N MET A 420 14.85 -18.25 -16.82
CA MET A 420 15.48 -17.26 -15.96
C MET A 420 15.84 -16.01 -16.74
N ASP A 421 15.90 -14.86 -16.04
CA ASP A 421 16.50 -13.68 -16.62
C ASP A 421 18.01 -13.77 -16.51
N TRP A 422 18.73 -12.80 -17.08
CA TRP A 422 20.19 -12.89 -17.09
C TRP A 422 20.81 -12.81 -15.70
N ARG A 423 20.04 -12.43 -14.68
CA ARG A 423 20.53 -12.50 -13.30
C ARG A 423 20.18 -13.82 -12.61
N GLY A 424 19.32 -14.64 -13.20
CA GLY A 424 18.96 -15.91 -12.61
C GLY A 424 17.64 -15.97 -11.87
N ARG A 425 16.88 -14.88 -11.82
CA ARG A 425 15.55 -14.93 -11.24
C ARG A 425 14.65 -15.80 -12.11
N VAL A 426 13.75 -16.55 -11.46
CA VAL A 426 12.95 -17.58 -12.12
C VAL A 426 11.60 -16.98 -12.52
N TYR A 427 11.27 -17.09 -13.81
CA TYR A 427 10.03 -16.56 -14.36
C TYR A 427 9.27 -17.66 -15.09
N ALA A 428 7.96 -17.65 -14.94
CA ALA A 428 7.12 -18.52 -15.76
C ALA A 428 7.04 -17.98 -17.18
N VAL A 429 6.79 -18.87 -18.13
CA VAL A 429 6.91 -18.48 -19.54
C VAL A 429 5.59 -18.04 -20.15
N SER A 430 4.50 -18.73 -19.82
CA SER A 430 3.19 -18.39 -20.40
C SER A 430 2.70 -17.02 -19.91
N MET A 431 1.86 -16.38 -20.73
CA MET A 431 1.30 -15.09 -20.37
C MET A 431 0.39 -15.18 -19.16
N PHE A 432 -0.45 -16.21 -19.10
CA PHE A 432 -1.22 -16.54 -17.92
C PHE A 432 -0.36 -17.44 -17.04
N ASN A 433 -0.03 -17.00 -15.84
CA ASN A 433 0.91 -17.72 -15.00
C ASN A 433 0.75 -17.24 -13.56
N PRO A 434 1.18 -18.04 -12.56
CA PRO A 434 0.90 -17.70 -11.16
C PRO A 434 1.74 -16.56 -10.59
N GLN A 435 2.51 -15.87 -11.41
CA GLN A 435 3.29 -14.72 -10.93
C GLN A 435 2.60 -13.39 -11.22
N GLY A 436 1.31 -13.42 -11.55
CA GLY A 436 0.56 -12.24 -11.90
C GLY A 436 -0.06 -11.54 -10.71
N ASN A 437 -1.14 -10.80 -10.98
CA ASN A 437 -1.75 -9.94 -9.98
C ASN A 437 -2.66 -10.76 -9.08
N ASP A 438 -3.45 -10.07 -8.26
CA ASP A 438 -4.25 -10.74 -7.23
C ASP A 438 -5.34 -11.64 -7.85
N MET A 439 -5.99 -11.18 -8.92
CA MET A 439 -6.99 -12.02 -9.57
C MET A 439 -6.38 -13.24 -10.22
N THR A 440 -5.24 -13.07 -10.91
CA THR A 440 -4.60 -14.19 -11.58
C THR A 440 -4.13 -15.24 -10.56
N LYS A 441 -3.55 -14.78 -9.45
CA LYS A 441 -3.18 -15.70 -8.39
C LYS A 441 -4.41 -16.34 -7.75
N GLY A 442 -5.53 -15.60 -7.69
CA GLY A 442 -6.73 -16.13 -7.08
C GLY A 442 -7.40 -17.17 -7.95
N LEU A 443 -7.20 -17.09 -9.27
CA LEU A 443 -7.77 -18.04 -10.21
C LEU A 443 -6.96 -19.33 -10.33
N LEU A 444 -5.74 -19.37 -9.78
CA LEU A 444 -4.86 -20.52 -9.92
C LEU A 444 -4.67 -21.18 -8.55
N THR A 445 -4.87 -22.50 -8.51
CA THR A 445 -4.55 -23.26 -7.32
C THR A 445 -3.78 -24.51 -7.72
N LEU A 446 -3.02 -25.04 -6.76
CA LEU A 446 -2.28 -26.27 -7.00
C LEU A 446 -3.25 -27.44 -7.17
N ALA A 447 -2.82 -28.44 -7.94
CA ALA A 447 -3.70 -29.55 -8.30
C ALA A 447 -3.57 -30.75 -7.37
N LYS A 448 -2.38 -31.01 -6.85
CA LYS A 448 -2.12 -32.21 -6.06
C LYS A 448 -2.08 -31.81 -4.58
N GLY A 449 -3.23 -31.94 -3.91
CA GLY A 449 -3.35 -31.65 -2.51
C GLY A 449 -3.21 -32.90 -1.63
N LYS A 450 -3.18 -32.64 -0.34
CA LYS A 450 -3.03 -33.62 0.72
C LYS A 450 -4.05 -33.29 1.80
N PRO A 451 -4.40 -34.25 2.67
CA PRO A 451 -5.22 -33.91 3.84
C PRO A 451 -4.54 -32.81 4.64
N ILE A 452 -5.35 -31.84 5.07
CA ILE A 452 -4.80 -30.58 5.58
C ILE A 452 -4.11 -30.78 6.92
N GLY A 453 -4.74 -31.52 7.83
CA GLY A 453 -4.16 -31.75 9.14
C GLY A 453 -4.22 -30.52 10.03
N LYS A 454 -3.78 -30.73 11.29
CA LYS A 454 -3.77 -29.64 12.26
C LYS A 454 -2.77 -28.55 11.86
N GLU A 455 -1.55 -28.93 11.48
CA GLU A 455 -0.55 -27.93 11.12
C GLU A 455 -0.93 -27.20 9.84
N GLY A 456 -1.49 -27.90 8.86
CA GLY A 456 -1.88 -27.25 7.62
C GLY A 456 -3.01 -26.26 7.83
N TYR A 457 -3.97 -26.60 8.71
CA TYR A 457 -5.07 -25.70 9.01
C TYR A 457 -4.56 -24.42 9.65
N TYR A 458 -3.61 -24.55 10.58
CA TYR A 458 -3.04 -23.38 11.25
C TYR A 458 -2.39 -22.44 10.23
N TRP A 459 -1.60 -22.98 9.30
CA TRP A 459 -0.98 -22.14 8.29
C TRP A 459 -1.98 -21.66 7.24
N LEU A 460 -3.10 -22.36 7.06
CA LEU A 460 -4.15 -21.86 6.17
C LEU A 460 -4.75 -20.57 6.73
N LYS A 461 -4.93 -20.50 8.04
CA LYS A 461 -5.48 -19.29 8.63
C LYS A 461 -4.46 -18.15 8.58
N ILE A 462 -3.18 -18.46 8.82
CA ILE A 462 -2.13 -17.45 8.69
C ILE A 462 -2.09 -16.90 7.28
N HIS A 463 -2.23 -17.77 6.28
CA HIS A 463 -2.26 -17.30 4.90
C HIS A 463 -3.50 -16.48 4.62
N GLY A 464 -4.64 -16.85 5.22
CA GLY A 464 -5.84 -16.04 5.06
C GLY A 464 -5.72 -14.68 5.73
N ALA A 465 -5.07 -14.62 6.88
CA ALA A 465 -4.85 -13.36 7.55
C ALA A 465 -3.96 -12.44 6.73
N ASN A 466 -2.96 -12.99 6.03
CA ASN A 466 -2.09 -12.14 5.23
C ASN A 466 -2.80 -11.60 4.00
N CYS A 467 -3.80 -12.32 3.48
CA CYS A 467 -4.54 -11.83 2.32
C CYS A 467 -5.42 -10.65 2.69
N ALA A 468 -5.85 -10.56 3.95
CA ALA A 468 -6.63 -9.43 4.43
C ALA A 468 -5.77 -8.24 4.80
N GLY A 469 -4.46 -8.41 4.92
CA GLY A 469 -3.55 -7.36 5.31
C GLY A 469 -3.11 -7.39 6.75
N VAL A 470 -3.55 -8.38 7.52
CA VAL A 470 -3.16 -8.49 8.93
C VAL A 470 -1.87 -9.29 8.96
N ASP A 471 -0.76 -8.60 8.68
CA ASP A 471 0.54 -9.24 8.59
C ASP A 471 1.62 -8.50 9.37
N LYS A 472 1.29 -7.42 10.06
CA LYS A 472 2.25 -6.70 10.91
C LYS A 472 2.14 -7.11 12.37
N VAL A 473 1.33 -8.12 12.69
CA VAL A 473 1.11 -8.57 14.06
C VAL A 473 1.67 -9.98 14.21
N PRO A 474 2.01 -10.44 15.41
CA PRO A 474 2.50 -11.81 15.57
C PRO A 474 1.45 -12.85 15.17
N PHE A 475 1.92 -14.09 15.00
CA PHE A 475 1.06 -15.18 14.53
C PHE A 475 -0.19 -15.42 15.36
N PRO A 476 -0.13 -15.49 16.71
CA PRO A 476 -1.39 -15.68 17.47
C PRO A 476 -2.43 -14.61 17.23
N GLU A 477 -2.02 -13.37 16.96
CA GLU A 477 -2.99 -12.33 16.65
C GLU A 477 -3.58 -12.50 15.25
N ARG A 478 -2.80 -13.04 14.30
CA ARG A 478 -3.37 -13.37 12.99
C ARG A 478 -4.41 -14.46 13.11
N ILE A 479 -4.15 -15.48 13.93
CA ILE A 479 -5.12 -16.55 14.15
C ILE A 479 -6.39 -15.98 14.78
N LYS A 480 -6.24 -15.12 15.78
CA LYS A 480 -7.40 -14.56 16.46
C LYS A 480 -8.23 -13.67 15.52
N PHE A 481 -7.57 -13.00 14.57
CA PHE A 481 -8.33 -12.23 13.59
C PHE A 481 -9.21 -13.12 12.73
N ILE A 482 -8.67 -14.27 12.29
CA ILE A 482 -9.46 -15.20 11.50
C ILE A 482 -10.56 -15.83 12.35
N GLU A 483 -10.25 -16.20 13.59
CA GLU A 483 -11.26 -16.84 14.43
C GLU A 483 -12.35 -15.86 14.86
N GLU A 484 -12.00 -14.60 15.08
CA GLU A 484 -13.01 -13.59 15.40
C GLU A 484 -13.92 -13.31 14.21
N ASN A 485 -13.40 -13.44 13.00
CA ASN A 485 -14.17 -13.20 11.79
C ASN A 485 -14.69 -14.48 11.16
N HIS A 486 -14.89 -15.51 12.00
CA HIS A 486 -15.33 -16.80 11.49
C HIS A 486 -16.68 -16.70 10.79
N GLU A 487 -17.61 -15.92 11.36
CA GLU A 487 -18.92 -15.76 10.74
C GLU A 487 -18.82 -15.05 9.40
N ASN A 488 -17.95 -14.04 9.29
CA ASN A 488 -17.80 -13.33 8.03
C ASN A 488 -17.19 -14.21 6.95
N ILE A 489 -16.20 -15.03 7.31
CA ILE A 489 -15.55 -15.88 6.33
C ILE A 489 -16.52 -16.93 5.78
N MET A 490 -17.30 -17.57 6.66
CA MET A 490 -18.26 -18.57 6.21
C MET A 490 -19.37 -17.94 5.36
N ALA A 491 -19.77 -16.70 5.66
CA ALA A 491 -20.79 -16.03 4.86
C ALA A 491 -20.26 -15.73 3.46
N CYS A 492 -18.98 -15.37 3.36
CA CYS A 492 -18.38 -15.08 2.07
C CYS A 492 -18.26 -16.36 1.22
N ALA A 493 -17.87 -17.47 1.84
CA ALA A 493 -17.75 -18.72 1.09
C ALA A 493 -19.10 -19.22 0.61
N LYS A 494 -20.12 -19.14 1.47
CA LYS A 494 -21.45 -19.65 1.11
C LYS A 494 -22.09 -18.83 -0.01
N SER A 495 -21.94 -17.51 0.03
CA SER A 495 -22.52 -16.64 -0.98
C SER A 495 -21.61 -15.44 -1.20
N PRO A 496 -20.62 -15.56 -2.10
CA PRO A 496 -19.67 -14.45 -2.30
C PRO A 496 -20.27 -13.22 -2.94
N LEU A 497 -21.30 -13.37 -3.77
CA LEU A 497 -21.94 -12.21 -4.37
C LEU A 497 -22.80 -11.45 -3.38
N GLU A 498 -23.33 -12.14 -2.36
CA GLU A 498 -24.21 -11.48 -1.41
C GLU A 498 -23.45 -10.80 -0.28
N ASN A 499 -22.16 -11.07 -0.13
CA ASN A 499 -21.38 -10.51 0.96
C ASN A 499 -20.06 -10.01 0.39
N THR A 500 -19.91 -8.70 0.31
CA THR A 500 -18.76 -8.07 -0.32
C THR A 500 -17.60 -7.87 0.63
N TRP A 501 -17.61 -8.52 1.80
CA TRP A 501 -16.52 -8.33 2.76
C TRP A 501 -15.20 -8.82 2.19
N TRP A 502 -15.21 -9.97 1.49
CA TRP A 502 -13.97 -10.48 0.93
C TRP A 502 -13.37 -9.52 -0.10
N ALA A 503 -14.21 -8.81 -0.83
CA ALA A 503 -13.72 -7.92 -1.88
C ALA A 503 -13.05 -6.67 -1.33
N GLU A 504 -13.29 -6.34 -0.06
CA GLU A 504 -12.72 -5.15 0.55
C GLU A 504 -11.37 -5.40 1.21
N GLN A 505 -10.86 -6.63 1.17
CA GLN A 505 -9.58 -6.93 1.78
C GLN A 505 -8.43 -6.55 0.85
N ASP A 506 -7.20 -6.63 1.41
CA ASP A 506 -6.00 -6.18 0.71
C ASP A 506 -5.75 -6.99 -0.57
N SER A 507 -5.95 -8.31 -0.50
CA SER A 507 -5.82 -9.18 -1.66
C SER A 507 -7.14 -9.92 -1.80
N PRO A 508 -8.11 -9.35 -2.50
CA PRO A 508 -9.50 -9.86 -2.40
C PRO A 508 -9.69 -11.26 -2.95
N PHE A 509 -9.24 -11.52 -4.19
CA PHE A 509 -9.52 -12.83 -4.78
C PHE A 509 -8.73 -13.93 -4.09
N CYS A 510 -7.51 -13.65 -3.64
CA CYS A 510 -6.78 -14.64 -2.86
C CYS A 510 -7.43 -14.85 -1.50
N PHE A 511 -8.00 -13.78 -0.91
CA PHE A 511 -8.75 -13.94 0.34
C PHE A 511 -10.01 -14.78 0.12
N LEU A 512 -10.70 -14.57 -1.01
CA LEU A 512 -11.85 -15.40 -1.33
C LEU A 512 -11.44 -16.85 -1.50
N ALA A 513 -10.27 -17.09 -2.12
CA ALA A 513 -9.77 -18.44 -2.29
C ALA A 513 -9.55 -19.10 -0.94
N PHE A 514 -9.00 -18.36 0.02
CA PHE A 514 -8.87 -18.86 1.38
C PHE A 514 -10.23 -19.13 2.02
N CYS A 515 -11.24 -18.31 1.69
CA CYS A 515 -12.56 -18.46 2.30
C CYS A 515 -13.19 -19.79 1.94
N PHE A 516 -13.07 -20.19 0.67
CA PHE A 516 -13.62 -21.47 0.24
C PHE A 516 -12.91 -22.64 0.93
N GLU A 517 -11.58 -22.56 1.04
CA GLU A 517 -10.85 -23.64 1.68
C GLU A 517 -11.11 -23.68 3.18
N TYR A 518 -11.27 -22.51 3.80
CA TYR A 518 -11.62 -22.45 5.22
C TYR A 518 -12.98 -23.09 5.48
N ALA A 519 -13.95 -22.83 4.61
CA ALA A 519 -15.25 -23.46 4.75
C ALA A 519 -15.17 -24.96 4.54
N GLY A 520 -14.23 -25.43 3.71
CA GLY A 520 -14.06 -26.86 3.50
C GLY A 520 -13.60 -27.58 4.74
N VAL A 521 -12.70 -26.97 5.51
CA VAL A 521 -12.28 -27.57 6.78
C VAL A 521 -13.43 -27.61 7.77
N GLN A 522 -14.29 -26.59 7.76
CA GLN A 522 -15.45 -26.62 8.64
C GLN A 522 -16.44 -27.70 8.24
N HIS A 523 -16.61 -27.90 6.93
CA HIS A 523 -17.57 -28.89 6.45
C HIS A 523 -17.01 -30.31 6.43
N HIS A 524 -15.70 -30.48 6.55
CA HIS A 524 -15.11 -31.81 6.40
C HIS A 524 -14.04 -32.16 7.43
N GLY A 525 -13.61 -31.22 8.26
CA GLY A 525 -12.63 -31.53 9.28
C GLY A 525 -11.21 -31.52 8.75
N LEU A 526 -10.29 -31.99 9.59
CA LEU A 526 -8.87 -31.94 9.27
C LEU A 526 -8.45 -32.96 8.21
N SER A 527 -9.34 -33.86 7.80
CA SER A 527 -9.02 -34.76 6.70
C SER A 527 -9.32 -34.15 5.34
N TYR A 528 -9.81 -32.91 5.32
CA TYR A 528 -10.15 -32.25 4.07
C TYR A 528 -8.92 -32.09 3.19
N ASN A 529 -9.01 -32.57 1.95
CA ASN A 529 -7.89 -32.46 1.01
C ASN A 529 -7.82 -31.01 0.53
N CYS A 530 -6.72 -30.33 0.86
CA CYS A 530 -6.53 -28.93 0.47
C CYS A 530 -5.33 -28.80 -0.45
N SER A 531 -5.49 -27.96 -1.48
CA SER A 531 -4.39 -27.71 -2.40
C SER A 531 -4.18 -26.23 -2.65
N LEU A 532 -4.59 -25.36 -1.71
CA LEU A 532 -4.37 -23.92 -1.86
C LEU A 532 -2.91 -23.59 -1.63
N PRO A 533 -2.27 -22.84 -2.52
CA PRO A 533 -0.88 -22.44 -2.26
C PRO A 533 -0.80 -21.37 -1.17
N LEU A 534 0.02 -21.63 -0.15
CA LEU A 534 0.15 -20.75 1.00
C LEU A 534 1.49 -20.02 0.89
N ALA A 535 1.45 -18.78 0.41
CA ALA A 535 2.67 -18.05 0.10
C ALA A 535 3.30 -17.45 1.34
N PHE A 536 4.63 -17.54 1.42
CA PHE A 536 5.42 -16.91 2.46
C PHE A 536 6.35 -15.90 1.79
N ASP A 537 6.16 -14.62 2.10
CA ASP A 537 6.88 -13.53 1.46
C ASP A 537 7.93 -12.99 2.41
N GLY A 538 9.18 -12.94 1.94
CA GLY A 538 10.22 -12.28 2.71
C GLY A 538 9.96 -10.78 2.83
N SER A 539 10.44 -10.22 3.94
CA SER A 539 10.20 -8.83 4.30
C SER A 539 10.76 -7.84 3.26
N CYS A 540 12.09 -7.75 3.15
CA CYS A 540 12.77 -6.89 2.18
C CYS A 540 13.98 -7.70 1.72
N SER A 541 13.81 -8.46 0.62
CA SER A 541 14.77 -9.51 0.29
C SER A 541 16.15 -8.95 0.03
N GLY A 542 16.23 -7.84 -0.70
CA GLY A 542 17.53 -7.23 -0.99
C GLY A 542 18.27 -6.84 0.27
N ILE A 543 17.59 -6.14 1.18
CA ILE A 543 18.21 -5.75 2.43
C ILE A 543 18.51 -6.98 3.29
N GLN A 544 17.60 -7.96 3.27
CA GLN A 544 17.81 -9.20 4.01
C GLN A 544 19.10 -9.90 3.58
N HIS A 545 19.32 -10.02 2.26
CA HIS A 545 20.52 -10.69 1.77
C HIS A 545 21.78 -9.88 2.10
N PHE A 546 21.72 -8.56 1.97
CA PHE A 546 22.88 -7.73 2.31
C PHE A 546 23.23 -7.83 3.79
N SER A 547 22.21 -7.81 4.66
CA SER A 547 22.46 -7.92 6.09
C SER A 547 23.03 -9.28 6.45
N ALA A 548 22.54 -10.35 5.79
CA ALA A 548 23.10 -11.67 6.05
C ALA A 548 24.52 -11.79 5.52
N MET A 549 24.84 -11.09 4.42
CA MET A 549 26.18 -11.07 3.87
C MET A 549 27.21 -10.56 4.89
N LEU A 550 26.95 -9.40 5.48
CA LEU A 550 27.92 -8.75 6.36
C LEU A 550 27.58 -8.93 7.83
N ARG A 551 26.65 -9.83 8.15
CA ARG A 551 26.26 -10.15 9.53
C ARG A 551 25.81 -8.90 10.30
N ASP A 552 24.89 -8.15 9.70
CA ASP A 552 24.35 -6.92 10.30
C ASP A 552 23.28 -7.28 11.32
N GLU A 553 23.59 -7.13 12.60
CA GLU A 553 22.59 -7.40 13.64
C GLU A 553 21.46 -6.39 13.60
N VAL A 554 21.78 -5.09 13.59
CA VAL A 554 20.75 -4.06 13.60
C VAL A 554 19.97 -4.06 12.30
N GLY A 555 20.68 -4.10 11.16
CA GLY A 555 19.99 -4.12 9.88
C GLY A 555 19.21 -5.40 9.65
N GLY A 556 19.76 -6.54 10.07
CA GLY A 556 19.03 -7.79 9.91
C GLY A 556 17.78 -7.83 10.76
N ARG A 557 17.86 -7.31 11.99
CA ARG A 557 16.69 -7.31 12.85
C ARG A 557 15.58 -6.42 12.29
N ALA A 558 15.95 -5.37 11.55
CA ALA A 558 14.94 -4.47 10.98
C ALA A 558 14.13 -5.15 9.89
N VAL A 559 14.70 -6.15 9.21
CA VAL A 559 14.00 -6.87 8.15
C VAL A 559 13.67 -8.28 8.63
N ASN A 560 13.57 -8.46 9.94
CA ASN A 560 13.05 -9.68 10.57
C ASN A 560 13.93 -10.89 10.32
N LEU A 561 15.22 -10.68 10.07
CA LEU A 561 16.14 -11.82 9.99
C LEU A 561 16.28 -12.51 11.33
N LEU A 562 16.28 -11.75 12.38
CA LEU A 562 16.40 -12.13 13.78
C LEU A 562 15.02 -12.36 14.39
N PRO A 563 14.92 -13.26 15.38
CA PRO A 563 13.68 -13.36 16.15
C PRO A 563 13.41 -12.07 16.89
N SER A 564 12.14 -11.65 16.91
CA SER A 564 11.79 -10.36 17.47
C SER A 564 10.45 -10.46 18.20
N GLU A 565 10.21 -9.46 19.04
CA GLU A 565 8.96 -9.34 19.79
C GLU A 565 7.77 -9.34 18.84
N THR A 566 7.77 -8.37 17.93
CA THR A 566 6.68 -8.13 17.00
C THR A 566 7.23 -8.22 15.59
N VAL A 567 6.34 -8.16 14.61
CA VAL A 567 6.80 -8.02 13.22
C VAL A 567 7.53 -6.69 13.12
N GLN A 568 8.79 -6.74 12.68
CA GLN A 568 9.57 -5.53 12.52
C GLN A 568 9.18 -4.84 11.23
N ASP A 569 8.98 -3.53 11.29
CA ASP A 569 8.48 -2.72 10.19
C ASP A 569 9.52 -1.65 9.86
N ILE A 570 10.35 -1.91 8.84
CA ILE A 570 11.44 -1.00 8.50
C ILE A 570 10.92 0.37 8.05
N TYR A 571 9.71 0.41 7.46
CA TYR A 571 9.13 1.70 7.11
C TYR A 571 8.85 2.53 8.36
N GLY A 572 8.29 1.91 9.39
CA GLY A 572 8.01 2.63 10.63
C GLY A 572 9.24 2.88 11.46
N ILE A 573 10.27 2.03 11.35
CA ILE A 573 11.50 2.26 12.07
C ILE A 573 12.20 3.50 11.57
N VAL A 574 12.25 3.66 10.25
CA VAL A 574 12.83 4.87 9.66
C VAL A 574 11.98 6.08 10.03
N ALA A 575 10.65 5.93 9.99
CA ALA A 575 9.77 7.03 10.40
C ALA A 575 9.99 7.40 11.86
N LYS A 576 10.15 6.39 12.73
CA LYS A 576 10.43 6.66 14.14
C LYS A 576 11.75 7.40 14.29
N LYS A 577 12.78 6.97 13.55
CA LYS A 577 14.06 7.68 13.61
C LYS A 577 13.96 9.09 13.02
N VAL A 578 13.15 9.27 11.99
CA VAL A 578 12.93 10.58 11.41
C VAL A 578 12.28 11.52 12.42
N ASN A 579 11.28 11.03 13.17
CA ASN A 579 10.59 11.88 14.12
C ASN A 579 11.47 12.25 15.32
N GLU A 580 12.47 11.43 15.65
CA GLU A 580 13.42 11.82 16.69
C GLU A 580 14.24 13.02 16.25
N ILE A 581 14.65 13.06 14.98
CA ILE A 581 15.37 14.21 14.46
C ILE A 581 14.45 15.43 14.37
N LEU A 582 13.18 15.22 14.01
CA LEU A 582 12.24 16.33 13.89
C LEU A 582 12.03 17.05 15.21
N GLN A 583 11.87 16.29 16.30
CA GLN A 583 11.63 16.92 17.58
C GLN A 583 12.91 17.57 18.12
N ALA A 584 14.07 16.96 17.85
CA ALA A 584 15.32 17.61 18.19
C ALA A 584 15.54 18.87 17.38
N ASP A 585 15.21 18.84 16.09
CA ASP A 585 15.36 20.02 15.23
C ASP A 585 14.28 21.06 15.50
N ALA A 586 13.23 20.73 16.25
CA ALA A 586 12.21 21.70 16.59
C ALA A 586 12.56 22.51 17.83
N ILE A 587 13.55 22.07 18.61
CA ILE A 587 14.03 22.79 19.78
C ILE A 587 15.36 23.48 19.49
N ASN A 588 16.39 22.71 19.12
CA ASN A 588 17.62 23.27 18.58
C ASN A 588 17.43 23.47 17.07
N GLY A 589 18.50 23.77 16.36
CA GLY A 589 18.42 23.84 14.92
C GLY A 589 18.43 25.27 14.40
N THR A 590 18.64 25.38 13.10
CA THR A 590 18.92 26.65 12.46
C THR A 590 17.65 27.50 12.31
N ASP A 591 17.84 28.82 12.24
CA ASP A 591 16.75 29.75 11.98
C ASP A 591 16.65 30.01 10.47
N ASN A 592 15.65 30.79 10.08
CA ASN A 592 15.50 31.16 8.67
C ASN A 592 16.48 32.26 8.28
N GLU A 593 16.83 32.29 7.00
CA GLU A 593 17.83 33.22 6.50
C GLU A 593 17.44 33.64 5.09
N VAL A 594 17.73 34.89 4.73
CA VAL A 594 17.58 35.35 3.35
C VAL A 594 18.87 35.03 2.60
N VAL A 595 18.73 34.56 1.36
CA VAL A 595 19.88 34.18 0.56
C VAL A 595 19.65 34.63 -0.88
N THR A 596 20.73 35.00 -1.55
CA THR A 596 20.64 35.41 -2.95
C THR A 596 20.39 34.18 -3.83
N VAL A 597 19.39 34.28 -4.71
CA VAL A 597 19.09 33.24 -5.67
C VAL A 597 19.08 33.86 -7.05
N THR A 598 19.38 33.05 -8.06
CA THR A 598 19.43 33.53 -9.44
C THR A 598 18.99 32.43 -10.38
N ASP A 599 17.93 32.70 -11.15
CA ASP A 599 17.55 31.81 -12.23
C ASP A 599 18.58 31.92 -13.35
N GLU A 600 19.26 30.80 -13.64
CA GLU A 600 20.36 30.81 -14.60
C GLU A 600 19.89 31.14 -16.01
N ASN A 601 18.62 30.93 -16.32
CA ASN A 601 18.11 31.23 -17.66
C ASN A 601 17.95 32.73 -17.85
N THR A 602 17.13 33.38 -17.02
CA THR A 602 16.83 34.79 -17.20
C THR A 602 17.92 35.72 -16.70
N GLY A 603 18.82 35.23 -15.84
CA GLY A 603 19.91 36.03 -15.33
C GLY A 603 19.55 36.97 -14.19
N GLU A 604 18.30 36.96 -13.72
CA GLU A 604 17.89 37.84 -12.65
C GLU A 604 18.46 37.35 -11.32
N ILE A 605 18.87 38.29 -10.46
CA ILE A 605 19.41 37.99 -9.14
C ILE A 605 18.41 38.46 -8.10
N SER A 606 17.82 37.51 -7.37
CA SER A 606 16.80 37.78 -6.37
C SER A 606 17.23 37.23 -5.02
N GLU A 607 16.43 37.52 -4.00
CA GLU A 607 16.67 37.05 -2.65
C GLU A 607 15.36 36.54 -2.06
N LYS A 608 15.38 35.30 -1.59
CA LYS A 608 14.22 34.67 -0.97
C LYS A 608 14.61 34.12 0.39
N VAL A 609 13.60 33.66 1.14
CA VAL A 609 13.85 33.11 2.47
C VAL A 609 14.28 31.65 2.36
N LYS A 610 15.39 31.33 3.01
CA LYS A 610 15.87 29.95 3.12
C LYS A 610 15.44 29.41 4.47
N LEU A 611 14.46 28.51 4.47
CA LEU A 611 13.88 28.03 5.71
C LEU A 611 14.88 27.19 6.49
N GLY A 612 15.04 27.49 7.78
CA GLY A 612 15.92 26.74 8.63
C GLY A 612 15.29 25.46 9.13
N THR A 613 16.12 24.63 9.78
CA THR A 613 15.63 23.31 10.22
C THR A 613 14.58 23.45 11.31
N LYS A 614 14.60 24.53 12.09
CA LYS A 614 13.58 24.72 13.11
C LYS A 614 12.20 24.91 12.49
N ALA A 615 12.11 25.72 11.43
CA ALA A 615 10.83 25.90 10.76
C ALA A 615 10.42 24.63 10.03
N LEU A 616 11.36 23.99 9.32
CA LEU A 616 11.03 22.83 8.49
C LEU A 616 10.57 21.66 9.36
N ALA A 617 11.19 21.47 10.53
CA ALA A 617 10.73 20.42 11.45
C ALA A 617 9.32 20.71 11.93
N GLY A 618 9.00 21.97 12.21
CA GLY A 618 7.67 22.32 12.67
C GLY A 618 6.59 22.05 11.63
N GLN A 619 6.91 22.30 10.35
CA GLN A 619 5.95 21.98 9.28
C GLN A 619 5.67 20.50 9.24
N TRP A 620 6.72 19.67 9.31
CA TRP A 620 6.52 18.23 9.20
C TRP A 620 5.84 17.66 10.45
N LEU A 621 6.15 18.21 11.62
CA LEU A 621 5.46 17.76 12.83
C LEU A 621 3.97 18.08 12.77
N ALA A 622 3.61 19.22 12.18
CA ALA A 622 2.20 19.55 11.97
C ALA A 622 1.53 18.55 11.02
N TYR A 623 2.24 18.16 9.96
CA TYR A 623 1.66 17.20 9.02
C TYR A 623 1.49 15.84 9.65
N GLY A 624 2.53 15.36 10.35
CA GLY A 624 2.49 14.03 10.93
C GLY A 624 3.22 13.03 10.06
N VAL A 625 4.46 12.70 10.42
CA VAL A 625 5.28 11.83 9.60
C VAL A 625 5.11 10.39 10.07
N THR A 626 4.54 9.57 9.20
CA THR A 626 4.32 8.15 9.47
C THR A 626 5.12 7.31 8.47
N ARG A 627 4.87 5.99 8.51
CA ARG A 627 5.54 5.08 7.60
C ARG A 627 5.18 5.36 6.14
N SER A 628 4.04 6.02 5.89
CA SER A 628 3.68 6.36 4.51
C SER A 628 4.67 7.33 3.89
N VAL A 629 5.23 8.24 4.68
CA VAL A 629 6.19 9.21 4.16
C VAL A 629 7.50 8.52 3.74
N THR A 630 7.92 7.51 4.51
CA THR A 630 9.21 6.87 4.31
C THR A 630 9.17 5.60 3.48
N LYS A 631 7.98 5.10 3.12
CA LYS A 631 7.88 3.76 2.56
C LYS A 631 8.56 3.65 1.20
N ARG A 632 8.36 4.64 0.32
CA ARG A 632 8.92 4.58 -1.02
C ARG A 632 10.44 4.64 -1.01
N SER A 633 11.01 5.38 -0.06
CA SER A 633 12.46 5.62 -0.08
C SER A 633 13.25 4.36 0.21
N VAL A 634 12.90 3.64 1.28
CA VAL A 634 13.63 2.42 1.61
C VAL A 634 13.32 1.31 0.60
N MET A 635 12.12 1.31 0.03
CA MET A 635 11.75 0.33 -0.99
C MET A 635 12.62 0.50 -2.24
N THR A 636 13.03 1.72 -2.56
CA THR A 636 13.91 1.96 -3.70
C THR A 636 15.38 1.97 -3.32
N LEU A 637 15.72 1.67 -2.06
CA LEU A 637 17.12 1.67 -1.66
C LEU A 637 17.90 0.58 -2.40
N ALA A 638 17.34 -0.63 -2.46
CA ALA A 638 17.99 -1.72 -3.17
C ALA A 638 18.05 -1.49 -4.66
N TYR A 639 17.17 -0.65 -5.21
CA TYR A 639 17.24 -0.28 -6.61
C TYR A 639 18.28 0.81 -6.87
N GLY A 640 18.87 1.38 -5.83
CA GLY A 640 19.95 2.35 -5.98
C GLY A 640 19.61 3.78 -5.63
N SER A 641 18.41 4.05 -5.14
CA SER A 641 18.04 5.42 -4.78
C SER A 641 18.77 5.88 -3.52
N LYS A 642 18.92 7.19 -3.39
CA LYS A 642 19.68 7.82 -2.31
C LYS A 642 19.02 9.17 -2.01
N GLU A 643 19.77 10.06 -1.33
CA GLU A 643 19.17 11.30 -0.83
C GLU A 643 18.63 12.18 -1.95
N PHE A 644 19.27 12.18 -3.13
CA PHE A 644 18.72 12.95 -4.23
C PHE A 644 17.37 12.39 -4.68
N GLY A 645 17.29 11.07 -4.87
CA GLY A 645 16.06 10.48 -5.36
C GLY A 645 14.91 10.57 -4.37
N PHE A 646 15.23 10.62 -3.07
CA PHE A 646 14.18 10.68 -2.06
C PHE A 646 13.44 12.00 -2.11
N ARG A 647 14.11 13.07 -2.56
CA ARG A 647 13.48 14.39 -2.62
C ARG A 647 12.33 14.40 -3.62
N GLN A 648 12.52 13.76 -4.78
CA GLN A 648 11.45 13.66 -5.75
C GLN A 648 10.34 12.75 -5.24
N GLN A 649 10.70 11.67 -4.54
CA GLN A 649 9.68 10.76 -4.01
C GLN A 649 8.83 11.44 -2.96
N VAL A 650 9.45 12.14 -2.01
CA VAL A 650 8.70 12.81 -0.96
C VAL A 650 7.81 13.90 -1.55
N LEU A 651 8.34 14.66 -2.53
CA LEU A 651 7.54 15.69 -3.17
C LEU A 651 6.34 15.11 -3.91
N GLU A 652 6.52 13.98 -4.60
CA GLU A 652 5.46 13.43 -5.43
C GLU A 652 4.48 12.57 -4.64
N ASP A 653 4.94 11.87 -3.61
CA ASP A 653 4.06 10.95 -2.90
C ASP A 653 3.38 11.56 -1.69
N THR A 654 4.00 12.56 -1.04
CA THR A 654 3.46 13.09 0.19
C THR A 654 3.08 14.56 0.09
N ILE A 655 4.01 15.42 -0.33
CA ILE A 655 3.78 16.86 -0.23
C ILE A 655 2.73 17.32 -1.25
N GLN A 656 2.93 16.95 -2.52
CA GLN A 656 1.98 17.36 -3.56
C GLN A 656 0.58 16.79 -3.37
N PRO A 657 0.37 15.50 -3.04
CA PRO A 657 -1.01 15.06 -2.75
C PRO A 657 -1.65 15.80 -1.59
N ALA A 658 -0.86 16.23 -0.60
CA ALA A 658 -1.41 17.01 0.51
C ALA A 658 -1.91 18.37 0.04
N ILE A 659 -1.10 19.07 -0.78
CA ILE A 659 -1.46 20.41 -1.23
C ILE A 659 -2.69 20.36 -2.11
N ASP A 660 -2.79 19.36 -2.99
CA ASP A 660 -3.93 19.25 -3.90
C ASP A 660 -5.23 18.89 -3.21
N SER A 661 -5.18 18.48 -1.94
CA SER A 661 -6.36 18.03 -1.21
C SER A 661 -6.73 18.95 -0.06
N GLY A 662 -6.17 20.17 -0.03
CA GLY A 662 -6.47 21.12 1.02
C GLY A 662 -5.50 21.11 2.17
N LYS A 663 -4.73 20.05 2.34
CA LYS A 663 -3.67 20.00 3.34
C LYS A 663 -2.43 20.66 2.71
N GLY A 664 -1.26 20.52 3.33
CA GLY A 664 -0.08 21.16 2.80
C GLY A 664 0.02 22.63 3.08
N LEU A 665 -0.86 23.18 3.91
CA LEU A 665 -0.75 24.58 4.30
C LEU A 665 0.53 24.83 5.09
N MET A 666 1.05 23.80 5.75
CA MET A 666 2.32 23.95 6.45
C MET A 666 3.48 24.09 5.46
N PHE A 667 3.39 23.45 4.30
CA PHE A 667 4.44 23.48 3.29
C PHE A 667 4.32 24.76 2.48
N THR A 668 5.03 25.81 2.93
CA THR A 668 5.07 27.06 2.18
C THR A 668 6.03 26.98 1.00
N GLN A 669 7.15 26.28 1.17
CA GLN A 669 8.11 26.02 0.11
C GLN A 669 8.28 24.51 0.00
N PRO A 670 7.51 23.86 -0.88
CA PRO A 670 7.52 22.39 -0.93
C PRO A 670 8.87 21.77 -1.25
N ASN A 671 9.67 22.40 -2.11
CA ASN A 671 10.97 21.82 -2.44
C ASN A 671 11.94 21.90 -1.27
N GLN A 672 11.81 22.92 -0.43
CA GLN A 672 12.62 22.99 0.78
C GLN A 672 12.20 21.92 1.78
N ALA A 673 10.88 21.68 1.88
CA ALA A 673 10.40 20.62 2.75
C ALA A 673 10.78 19.25 2.23
N ALA A 674 10.73 19.07 0.90
CA ALA A 674 11.10 17.78 0.32
C ALA A 674 12.59 17.50 0.48
N GLY A 675 13.44 18.50 0.23
CA GLY A 675 14.88 18.29 0.36
C GLY A 675 15.29 18.04 1.80
N TYR A 676 14.64 18.73 2.74
CA TYR A 676 14.88 18.49 4.17
C TYR A 676 14.46 17.07 4.56
N MET A 677 13.30 16.62 4.07
CA MET A 677 12.82 15.28 4.39
C MET A 677 13.74 14.22 3.80
N ALA A 678 14.22 14.44 2.57
CA ALA A 678 15.13 13.49 1.95
C ALA A 678 16.42 13.36 2.76
N LYS A 679 16.88 14.47 3.31
CA LYS A 679 18.08 14.46 4.14
C LYS A 679 17.86 13.62 5.40
N LEU A 680 16.67 13.70 5.99
CA LEU A 680 16.39 12.96 7.22
C LEU A 680 16.15 11.48 6.96
N ILE A 681 15.48 11.15 5.85
CA ILE A 681 15.28 9.74 5.52
C ILE A 681 16.61 9.07 5.21
N TRP A 682 17.45 9.73 4.41
CA TRP A 682 18.73 9.14 4.07
C TRP A 682 19.61 8.98 5.30
N GLU A 683 19.56 9.93 6.22
CA GLU A 683 20.28 9.77 7.48
C GLU A 683 19.74 8.58 8.27
N SER A 684 18.41 8.39 8.25
CA SER A 684 17.82 7.29 9.02
C SER A 684 18.08 5.94 8.37
N VAL A 685 17.90 5.83 7.05
CA VAL A 685 18.09 4.53 6.40
C VAL A 685 19.57 4.14 6.39
N SER A 686 20.48 5.10 6.21
CA SER A 686 21.88 4.73 6.17
C SER A 686 22.42 4.37 7.55
N VAL A 687 21.65 4.62 8.60
CA VAL A 687 22.08 4.34 9.96
C VAL A 687 21.34 3.11 10.47
N THR A 688 20.16 2.85 9.90
CA THR A 688 19.38 1.68 10.29
C THR A 688 19.94 0.40 9.65
N VAL A 689 20.11 0.41 8.32
CA VAL A 689 20.64 -0.77 7.66
C VAL A 689 22.02 -0.45 7.09
N VAL A 690 23.04 -0.56 7.94
CA VAL A 690 24.38 -0.12 7.57
C VAL A 690 24.96 -1.03 6.49
N ALA A 691 24.84 -2.35 6.69
CA ALA A 691 25.48 -3.30 5.78
C ALA A 691 24.92 -3.21 4.37
N ALA A 692 23.64 -2.84 4.24
CA ALA A 692 23.09 -2.59 2.92
C ALA A 692 23.83 -1.46 2.22
N VAL A 693 23.98 -0.32 2.92
CA VAL A 693 24.61 0.86 2.31
C VAL A 693 26.07 0.57 1.96
N GLU A 694 26.80 -0.09 2.86
CA GLU A 694 28.22 -0.36 2.60
C GLU A 694 28.39 -1.35 1.44
N ALA A 695 27.53 -2.36 1.36
CA ALA A 695 27.70 -3.38 0.32
C ALA A 695 27.44 -2.82 -1.07
N MET A 696 26.39 -2.01 -1.23
CA MET A 696 26.13 -1.41 -2.53
C MET A 696 27.21 -0.41 -2.91
N ASN A 697 27.79 0.30 -1.94
CA ASN A 697 28.89 1.21 -2.26
C ASN A 697 30.11 0.44 -2.75
N TRP A 698 30.40 -0.71 -2.12
CA TRP A 698 31.56 -1.49 -2.53
C TRP A 698 31.39 -2.07 -3.93
N LEU A 699 30.19 -2.58 -4.23
CA LEU A 699 29.94 -3.13 -5.57
C LEU A 699 29.94 -2.03 -6.62
N LYS A 700 29.45 -0.83 -6.29
CA LYS A 700 29.50 0.28 -7.23
C LYS A 700 30.93 0.68 -7.54
N SER A 701 31.80 0.70 -6.52
CA SER A 701 33.21 1.00 -6.75
C SER A 701 33.90 -0.10 -7.54
N ALA A 702 33.48 -1.35 -7.33
CA ALA A 702 34.04 -2.46 -8.11
C ALA A 702 33.72 -2.31 -9.59
N ALA A 703 32.47 -2.01 -9.92
CA ALA A 703 32.12 -1.89 -11.34
C ALA A 703 32.72 -0.64 -11.95
N LYS A 704 32.97 0.40 -11.14
CA LYS A 704 33.57 1.64 -11.64
C LYS A 704 34.98 1.39 -12.17
N LEU A 705 35.80 0.64 -11.42
CA LEU A 705 37.16 0.39 -11.88
C LEU A 705 37.20 -0.60 -13.04
N LEU A 706 36.21 -1.49 -13.11
CA LEU A 706 36.17 -2.46 -14.20
C LEU A 706 35.75 -1.81 -15.52
N ALA A 707 34.83 -0.85 -15.45
CA ALA A 707 34.32 -0.18 -16.64
C ALA A 707 35.18 0.99 -17.06
N ALA A 708 36.28 1.24 -16.37
CA ALA A 708 37.17 2.36 -16.70
C ALA A 708 38.11 1.96 -17.83
N GLU A 709 38.25 2.85 -18.81
CA GLU A 709 39.24 2.70 -19.88
C GLU A 709 40.50 3.46 -19.45
N VAL A 710 41.28 2.82 -18.58
CA VAL A 710 42.45 3.50 -18.03
C VAL A 710 43.50 3.67 -19.13
N LYS A 711 44.17 4.81 -19.12
CA LYS A 711 45.11 5.15 -20.17
C LYS A 711 46.10 6.17 -19.61
N ASP A 712 47.34 6.09 -20.10
CA ASP A 712 48.34 7.09 -19.77
C ASP A 712 48.09 8.32 -20.63
N LYS A 713 47.84 9.46 -19.97
CA LYS A 713 47.43 10.67 -20.69
C LYS A 713 48.54 11.17 -21.62
N LYS A 714 49.80 10.97 -21.24
CA LYS A 714 50.90 11.39 -22.11
C LYS A 714 50.93 10.58 -23.40
N THR A 715 50.88 9.25 -23.29
CA THR A 715 50.89 8.40 -24.48
C THR A 715 49.54 8.36 -25.16
N GLY A 716 48.45 8.29 -24.38
CA GLY A 716 47.13 8.13 -24.93
C GLY A 716 46.74 6.70 -25.23
N GLU A 717 47.66 5.74 -25.08
CA GLU A 717 47.36 4.35 -25.37
C GLU A 717 46.45 3.76 -24.30
N ILE A 718 45.57 2.86 -24.73
CA ILE A 718 44.63 2.21 -23.83
C ILE A 718 45.38 1.06 -23.15
N LEU A 719 45.66 1.23 -21.84
CA LEU A 719 46.40 0.20 -21.11
C LEU A 719 45.50 -0.96 -20.73
N ARG A 720 44.32 -0.68 -20.18
CA ARG A 720 43.37 -1.71 -19.79
C ARG A 720 42.01 -1.39 -20.42
N LYS A 721 41.52 -2.32 -21.23
CA LYS A 721 40.19 -2.22 -21.82
C LYS A 721 39.13 -2.21 -20.72
N ARG A 722 38.05 -1.46 -20.94
CA ARG A 722 36.89 -1.55 -20.08
C ARG A 722 36.40 -2.99 -20.02
N CYS A 723 36.13 -3.46 -18.80
CA CYS A 723 35.77 -4.86 -18.57
C CYS A 723 34.33 -4.95 -18.09
N ALA A 724 33.66 -6.03 -18.51
CA ALA A 724 32.35 -6.35 -17.97
C ALA A 724 32.50 -6.83 -16.52
N VAL A 725 31.37 -6.98 -15.85
CA VAL A 725 31.31 -7.51 -14.49
C VAL A 725 30.73 -8.91 -14.54
N HIS A 726 31.44 -9.87 -13.96
CA HIS A 726 31.01 -11.27 -14.00
C HIS A 726 31.18 -11.90 -12.62
N TRP A 727 30.16 -12.64 -12.19
CA TRP A 727 30.23 -13.37 -10.92
C TRP A 727 29.38 -14.62 -11.02
N VAL A 728 29.49 -15.47 -9.99
CA VAL A 728 28.84 -16.77 -9.97
C VAL A 728 28.09 -16.92 -8.65
N THR A 729 26.78 -17.24 -8.74
CA THR A 729 25.95 -17.40 -7.56
C THR A 729 26.35 -18.67 -6.79
N PRO A 730 25.98 -18.77 -5.50
CA PRO A 730 26.30 -20.01 -4.76
C PRO A 730 25.66 -21.25 -5.34
N ASP A 731 24.54 -21.10 -6.05
CA ASP A 731 23.91 -22.23 -6.72
C ASP A 731 24.71 -22.75 -7.91
N GLY A 732 25.69 -21.99 -8.39
CA GLY A 732 26.41 -22.34 -9.59
C GLY A 732 25.97 -21.59 -10.84
N PHE A 733 25.00 -20.70 -10.73
CA PHE A 733 24.54 -19.95 -11.90
C PHE A 733 25.50 -18.80 -12.16
N PRO A 734 26.14 -18.74 -13.33
CA PRO A 734 26.99 -17.60 -13.66
C PRO A 734 26.19 -16.47 -14.30
N VAL A 735 26.71 -15.26 -14.15
CA VAL A 735 26.05 -14.07 -14.69
C VAL A 735 27.12 -13.09 -15.14
N TRP A 736 26.93 -12.53 -16.34
CA TRP A 736 27.78 -11.49 -16.89
C TRP A 736 26.95 -10.22 -17.01
N GLN A 737 27.45 -9.14 -16.40
CA GLN A 737 26.85 -7.81 -16.56
C GLN A 737 27.72 -7.02 -17.52
N GLU A 738 27.21 -6.79 -18.73
CA GLU A 738 27.84 -5.93 -19.73
C GLU A 738 26.76 -5.05 -20.33
N TYR A 739 26.47 -3.94 -19.67
CA TYR A 739 25.59 -2.95 -20.26
C TYR A 739 26.30 -2.27 -21.42
N LYS A 740 25.64 -2.20 -22.57
CA LYS A 740 26.24 -1.63 -23.77
C LYS A 740 25.39 -0.48 -24.29
N LYS A 741 26.07 0.52 -24.87
CA LYS A 741 25.44 1.72 -25.34
C LYS A 741 25.63 1.89 -26.84
N PRO A 742 24.63 2.44 -27.54
CA PRO A 742 24.86 2.80 -28.95
C PRO A 742 25.68 4.07 -29.11
N ILE A 743 26.25 4.24 -30.31
CA ILE A 743 27.13 5.39 -30.55
C ILE A 743 26.33 6.64 -30.94
N GLN A 744 25.24 6.49 -31.69
CA GLN A 744 24.42 7.64 -32.05
C GLN A 744 22.99 7.22 -32.31
N THR A 745 22.05 8.03 -31.82
CA THR A 745 20.63 7.85 -32.10
C THR A 745 19.99 9.22 -32.30
N ARG A 746 18.95 9.27 -33.13
CA ARG A 746 18.27 10.50 -33.49
C ARG A 746 16.80 10.42 -33.12
N LEU A 747 16.29 11.45 -32.44
CA LEU A 747 14.89 11.55 -32.07
C LEU A 747 14.32 12.86 -32.56
N ASN A 748 13.19 12.80 -33.26
CA ASN A 748 12.49 13.99 -33.71
C ASN A 748 11.31 14.29 -32.79
N LEU A 749 10.69 15.46 -33.02
CA LEU A 749 9.66 15.93 -32.11
C LEU A 749 8.32 15.25 -32.36
N MET A 750 7.75 15.44 -33.54
CA MET A 750 6.43 14.88 -33.82
C MET A 750 6.52 13.41 -34.24
N PHE A 751 7.57 13.03 -34.95
CA PHE A 751 7.82 11.64 -35.31
C PHE A 751 8.89 11.06 -34.40
N LEU A 752 8.73 9.79 -34.05
CA LEU A 752 9.57 9.20 -33.01
C LEU A 752 10.98 8.94 -33.53
N GLY A 753 11.82 8.35 -32.67
CA GLY A 753 13.22 8.18 -32.98
C GLY A 753 13.52 6.99 -33.88
N GLN A 754 14.77 6.93 -34.33
CA GLN A 754 15.26 5.90 -35.24
C GLN A 754 16.78 5.88 -35.18
N PHE A 755 17.34 4.67 -35.31
CA PHE A 755 18.79 4.52 -35.39
C PHE A 755 19.34 5.23 -36.62
N ARG A 756 20.51 5.82 -36.48
CA ARG A 756 21.22 6.41 -37.62
C ARG A 756 22.43 5.56 -37.97
N ASP A 766 28.24 -0.53 -33.90
CA ASP A 766 28.93 -1.25 -32.84
C ASP A 766 28.52 -0.74 -31.46
N SER A 767 28.88 -1.49 -30.42
CA SER A 767 28.48 -1.15 -29.06
C SER A 767 29.69 -1.16 -28.13
N GLU A 768 29.68 -0.26 -27.17
CA GLU A 768 30.71 -0.16 -26.15
C GLU A 768 30.04 -0.22 -24.78
N ILE A 769 30.80 -0.64 -23.77
CA ILE A 769 30.28 -0.82 -22.43
C ILE A 769 29.81 0.52 -21.88
N ASP A 770 28.54 0.58 -21.52
CA ASP A 770 27.93 1.74 -20.87
C ASP A 770 28.36 1.76 -19.41
N ALA A 771 29.43 2.51 -19.12
CA ALA A 771 30.00 2.51 -17.78
C ALA A 771 29.02 3.05 -16.74
N HIS A 772 28.19 4.02 -17.12
CA HIS A 772 27.22 4.57 -16.17
C HIS A 772 26.20 3.51 -15.76
N LYS A 773 25.69 2.74 -16.73
CA LYS A 773 24.71 1.71 -16.39
C LYS A 773 25.34 0.56 -15.61
N GLN A 774 26.64 0.32 -15.82
CA GLN A 774 27.34 -0.68 -15.02
C GLN A 774 27.36 -0.32 -13.54
N GLU A 775 27.57 0.96 -13.23
CA GLU A 775 27.56 1.41 -11.84
C GLU A 775 26.15 1.39 -11.27
N SER A 776 25.17 1.84 -12.05
CA SER A 776 23.80 1.89 -11.55
C SER A 776 23.17 0.51 -11.46
N GLY A 777 23.74 -0.49 -12.12
CA GLY A 777 23.10 -1.79 -12.17
C GLY A 777 23.69 -2.83 -11.25
N ILE A 778 24.97 -2.67 -10.88
CA ILE A 778 25.72 -3.78 -10.28
C ILE A 778 25.13 -4.19 -8.93
N ALA A 779 24.82 -3.23 -8.06
CA ALA A 779 24.27 -3.59 -6.75
C ALA A 779 22.88 -4.22 -6.84
N PRO A 780 21.89 -3.64 -7.54
CA PRO A 780 20.61 -4.36 -7.62
C PRO A 780 20.71 -5.71 -8.29
N ASN A 781 21.52 -5.81 -9.36
CA ASN A 781 21.59 -7.08 -10.08
C ASN A 781 22.28 -8.15 -9.25
N PHE A 782 23.30 -7.78 -8.47
CA PHE A 782 23.97 -8.73 -7.60
C PHE A 782 23.02 -9.30 -6.56
N VAL A 783 22.26 -8.43 -5.89
CA VAL A 783 21.39 -8.94 -4.83
C VAL A 783 20.23 -9.72 -5.43
N HIS A 784 19.76 -9.32 -6.62
CA HIS A 784 18.72 -10.10 -7.28
C HIS A 784 19.23 -11.47 -7.71
N SER A 785 20.49 -11.58 -8.12
CA SER A 785 21.04 -12.89 -8.42
C SER A 785 21.18 -13.74 -7.16
N GLN A 786 21.39 -13.09 -6.02
CA GLN A 786 21.48 -13.83 -4.77
C GLN A 786 20.12 -14.40 -4.35
N ASP A 787 19.04 -13.63 -4.52
CA ASP A 787 17.74 -14.14 -4.12
C ASP A 787 17.24 -15.19 -5.09
N GLY A 788 17.67 -15.11 -6.36
CA GLY A 788 17.38 -16.20 -7.28
C GLY A 788 18.08 -17.48 -6.88
N SER A 789 19.35 -17.37 -6.48
CA SER A 789 20.10 -18.53 -5.99
C SER A 789 19.47 -19.09 -4.73
N HIS A 790 18.99 -18.22 -3.83
CA HIS A 790 18.36 -18.69 -2.61
C HIS A 790 17.05 -19.40 -2.91
N LEU A 791 16.25 -18.85 -3.83
CA LEU A 791 14.99 -19.48 -4.20
C LEU A 791 15.22 -20.85 -4.81
N ARG A 792 16.18 -20.96 -5.72
CA ARG A 792 16.47 -22.22 -6.38
C ARG A 792 16.96 -23.26 -5.38
N LYS A 793 17.86 -22.87 -4.46
CA LYS A 793 18.31 -23.80 -3.42
C LYS A 793 17.17 -24.20 -2.51
N THR A 794 16.22 -23.30 -2.24
CA THR A 794 15.06 -23.65 -1.44
C THR A 794 14.20 -24.70 -2.13
N VAL A 795 13.94 -24.52 -3.42
CA VAL A 795 13.12 -25.48 -4.16
C VAL A 795 13.78 -26.85 -4.15
N VAL A 796 15.10 -26.90 -4.34
CA VAL A 796 15.79 -28.19 -4.34
C VAL A 796 15.77 -28.81 -2.95
N TRP A 797 16.13 -28.02 -1.93
CA TRP A 797 16.25 -28.56 -0.58
C TRP A 797 14.89 -29.02 -0.03
N ALA A 798 13.83 -28.27 -0.34
CA ALA A 798 12.49 -28.68 0.09
C ALA A 798 12.05 -29.96 -0.61
N HIS A 799 12.48 -30.16 -1.85
CA HIS A 799 12.03 -31.32 -2.63
C HIS A 799 12.73 -32.61 -2.21
N GLU A 800 13.99 -32.53 -1.77
CA GLU A 800 14.77 -33.72 -1.45
C GLU A 800 14.76 -34.07 0.03
N LYS A 801 15.02 -33.10 0.91
CA LYS A 801 15.02 -33.39 2.34
C LYS A 801 13.61 -33.68 2.86
N TYR A 802 12.64 -32.88 2.42
CA TYR A 802 11.24 -33.13 2.63
C TYR A 802 10.65 -33.64 1.31
N GLY A 803 9.34 -33.76 1.24
CA GLY A 803 8.79 -34.40 0.06
C GLY A 803 7.93 -33.49 -0.77
N ILE A 804 8.23 -32.20 -0.74
CA ILE A 804 7.38 -31.20 -1.38
C ILE A 804 7.54 -31.30 -2.89
N GLU A 805 6.41 -31.39 -3.60
CA GLU A 805 6.39 -31.48 -5.04
C GLU A 805 5.73 -30.29 -5.73
N SER A 806 4.95 -29.49 -5.01
CA SER A 806 4.24 -28.36 -5.59
C SER A 806 4.84 -27.07 -5.06
N PHE A 807 5.12 -26.13 -5.96
CA PHE A 807 5.79 -24.90 -5.56
C PHE A 807 5.10 -23.71 -6.19
N ALA A 808 4.84 -22.69 -5.37
CA ALA A 808 4.44 -21.39 -5.88
C ALA A 808 5.58 -20.43 -5.59
N LEU A 809 6.09 -19.78 -6.63
CA LEU A 809 7.32 -19.00 -6.54
C LEU A 809 7.13 -17.67 -7.23
N ILE A 810 7.25 -16.57 -6.48
CA ILE A 810 7.45 -15.27 -7.10
C ILE A 810 8.64 -14.56 -6.45
N HIS A 811 9.84 -14.95 -6.87
CA HIS A 811 11.13 -14.32 -6.65
C HIS A 811 11.57 -14.25 -5.19
N ASP A 812 10.63 -14.11 -4.27
CA ASP A 812 10.91 -14.23 -2.85
C ASP A 812 9.71 -14.76 -2.11
N SER A 813 8.65 -15.12 -2.82
CA SER A 813 7.44 -15.68 -2.24
C SER A 813 7.48 -17.17 -2.47
N PHE A 814 7.47 -17.95 -1.38
CA PHE A 814 7.54 -19.40 -1.43
C PHE A 814 6.22 -19.96 -0.93
N GLY A 815 5.50 -20.67 -1.80
CA GLY A 815 4.22 -21.25 -1.42
C GLY A 815 4.12 -22.70 -1.84
N THR A 816 3.36 -23.46 -1.04
CA THR A 816 3.05 -24.86 -1.30
C THR A 816 1.70 -25.17 -0.67
N ILE A 817 1.28 -26.44 -0.78
CA ILE A 817 0.02 -26.93 -0.23
C ILE A 817 0.08 -26.87 1.29
N PRO A 818 -1.05 -26.71 1.99
CA PRO A 818 -0.99 -26.50 3.45
C PRO A 818 -0.32 -27.62 4.23
N ALA A 819 -0.50 -28.87 3.82
CA ALA A 819 0.13 -29.98 4.53
C ALA A 819 1.65 -29.94 4.45
N ASP A 820 2.21 -29.31 3.43
CA ASP A 820 3.65 -29.16 3.28
C ASP A 820 4.15 -27.78 3.69
N ALA A 821 3.26 -26.91 4.19
CA ALA A 821 3.64 -25.52 4.46
C ALA A 821 4.68 -25.42 5.56
N ALA A 822 4.49 -26.18 6.64
CA ALA A 822 5.44 -26.14 7.74
C ALA A 822 6.84 -26.55 7.30
N ASN A 823 6.94 -27.56 6.43
CA ASN A 823 8.24 -28.00 5.94
C ASN A 823 8.88 -26.94 5.05
N LEU A 824 8.09 -26.28 4.21
CA LEU A 824 8.63 -25.19 3.40
C LEU A 824 9.10 -24.04 4.29
N PHE A 825 8.36 -23.75 5.35
CA PHE A 825 8.76 -22.74 6.34
C PHE A 825 10.13 -23.06 6.91
N LYS A 826 10.39 -24.33 7.20
CA LYS A 826 11.69 -24.75 7.70
C LYS A 826 12.75 -24.72 6.60
N ALA A 827 12.40 -25.15 5.38
CA ALA A 827 13.39 -25.33 4.33
C ALA A 827 13.97 -24.00 3.86
N VAL A 828 13.13 -22.98 3.75
CA VAL A 828 13.57 -21.69 3.23
C VAL A 828 14.55 -21.00 4.20
N ARG A 829 14.41 -21.23 5.50
CA ARG A 829 15.38 -20.70 6.44
C ARG A 829 16.67 -21.53 6.42
N GLU A 830 16.55 -22.85 6.22
CA GLU A 830 17.72 -23.73 6.26
C GLU A 830 18.69 -23.41 5.13
N THR A 831 18.16 -23.11 3.94
CA THR A 831 19.01 -22.77 2.81
C THR A 831 19.74 -21.45 3.03
N MET A 832 19.02 -20.42 3.50
CA MET A 832 19.65 -19.12 3.70
C MET A 832 20.77 -19.18 4.72
N VAL A 833 20.59 -19.94 5.79
CA VAL A 833 21.67 -20.16 6.74
C VAL A 833 22.82 -20.92 6.09
N ASP A 834 22.49 -21.85 5.19
CA ASP A 834 23.50 -22.73 4.63
C ASP A 834 24.48 -21.98 3.73
N THR A 835 23.96 -21.14 2.81
CA THR A 835 24.83 -20.45 1.87
C THR A 835 25.78 -19.47 2.56
N TYR A 836 25.23 -18.61 3.42
CA TYR A 836 26.04 -17.57 4.03
C TYR A 836 26.94 -18.12 5.14
N GLU A 837 26.68 -19.32 5.62
CA GLU A 837 27.64 -19.99 6.48
C GLU A 837 28.80 -20.60 5.69
N SER A 838 28.63 -20.78 4.38
CA SER A 838 29.64 -21.43 3.55
C SER A 838 30.26 -20.54 2.48
N CYS A 839 29.58 -19.49 2.04
CA CYS A 839 30.06 -18.66 0.94
C CYS A 839 30.19 -17.21 1.39
N ASP A 840 31.40 -16.65 1.25
CA ASP A 840 31.61 -15.20 1.35
C ASP A 840 31.45 -14.64 -0.06
N VAL A 841 30.20 -14.33 -0.42
CA VAL A 841 29.88 -14.00 -1.81
C VAL A 841 30.54 -12.70 -2.24
N LEU A 842 30.75 -11.76 -1.31
CA LEU A 842 31.47 -10.53 -1.67
C LEU A 842 32.95 -10.79 -1.87
N ALA A 843 33.55 -11.63 -1.02
CA ALA A 843 34.94 -12.04 -1.23
C ALA A 843 35.09 -12.91 -2.47
N ASP A 844 34.11 -13.78 -2.73
CA ASP A 844 34.13 -14.55 -3.97
C ASP A 844 33.96 -13.64 -5.18
N PHE A 845 33.17 -12.59 -5.06
CA PHE A 845 33.08 -11.58 -6.11
C PHE A 845 34.42 -10.91 -6.34
N TYR A 846 35.14 -10.62 -5.25
CA TYR A 846 36.44 -9.96 -5.37
C TYR A 846 37.44 -10.86 -6.09
N ASP A 847 37.38 -12.17 -5.84
CA ASP A 847 38.32 -13.10 -6.44
C ASP A 847 38.17 -13.19 -7.96
N GLN A 848 37.02 -12.80 -8.50
CA GLN A 848 36.82 -12.84 -9.94
C GLN A 848 37.52 -11.69 -10.64
N PHE A 849 37.21 -10.45 -10.25
CA PHE A 849 37.68 -9.29 -11.00
C PHE A 849 39.05 -8.79 -10.57
N ALA A 850 39.62 -9.29 -9.47
CA ALA A 850 40.87 -8.73 -8.98
C ALA A 850 42.02 -8.96 -9.96
N ASP A 851 41.97 -10.05 -10.73
CA ASP A 851 42.97 -10.27 -11.76
C ASP A 851 42.81 -9.28 -12.91
N GLN A 852 41.60 -8.78 -13.13
CA GLN A 852 41.32 -7.83 -14.20
C GLN A 852 41.62 -6.39 -13.83
N LEU A 853 41.98 -6.12 -12.58
CA LEU A 853 42.29 -4.75 -12.18
C LEU A 853 43.64 -4.31 -12.76
N HIS A 854 43.80 -3.01 -12.91
CA HIS A 854 45.02 -2.41 -13.45
C HIS A 854 45.93 -1.97 -12.31
N GLU A 855 47.21 -1.80 -12.65
CA GLU A 855 48.21 -1.38 -11.67
C GLU A 855 47.89 -0.01 -11.07
N SER A 856 47.30 0.89 -11.86
CA SER A 856 47.10 2.26 -11.41
C SER A 856 45.87 2.44 -10.54
N GLN A 857 45.01 1.44 -10.40
CA GLN A 857 43.75 1.62 -9.69
C GLN A 857 43.54 0.68 -8.51
N LEU A 858 44.50 -0.21 -8.22
CA LEU A 858 44.31 -1.13 -7.09
C LEU A 858 44.38 -0.41 -5.75
N ASP A 859 45.14 0.68 -5.68
CA ASP A 859 45.18 1.48 -4.45
C ASP A 859 43.84 2.15 -4.17
N LYS A 860 43.09 2.50 -5.22
CA LYS A 860 41.80 3.17 -5.08
C LYS A 860 40.63 2.20 -4.96
N MET A 861 40.90 0.90 -4.87
CA MET A 861 39.86 -0.10 -4.63
C MET A 861 39.56 -0.18 -3.13
N PRO A 862 38.36 0.14 -2.68
CA PRO A 862 38.04 0.03 -1.25
C PRO A 862 38.06 -1.42 -0.78
N ALA A 863 38.42 -1.59 0.48
CA ALA A 863 38.46 -2.92 1.06
C ALA A 863 37.05 -3.43 1.32
N LEU A 864 36.95 -4.73 1.55
CA LEU A 864 35.68 -5.36 1.87
C LEU A 864 35.14 -4.80 3.18
N PRO A 865 33.84 -4.53 3.27
CA PRO A 865 33.27 -4.05 4.54
C PRO A 865 33.32 -5.13 5.61
N ALA A 866 33.47 -4.68 6.85
CA ALA A 866 33.67 -5.60 7.96
C ALA A 866 32.37 -6.34 8.31
N LYS A 867 32.50 -7.62 8.64
CA LYS A 867 31.36 -8.40 9.08
C LYS A 867 30.97 -8.00 10.51
N GLY A 868 29.69 -8.18 10.82
CA GLY A 868 29.14 -7.79 12.10
C GLY A 868 28.97 -8.95 13.06
N ASN A 869 28.08 -8.76 14.03
CA ASN A 869 27.92 -9.67 15.16
C ASN A 869 26.70 -10.59 15.02
N LEU A 870 26.03 -10.56 13.87
CA LEU A 870 24.82 -11.36 13.69
C LEU A 870 25.17 -12.84 13.63
N ASN A 871 24.43 -13.65 14.38
CA ASN A 871 24.53 -15.10 14.31
C ASN A 871 23.50 -15.62 13.31
N LEU A 872 23.98 -16.26 12.25
CA LEU A 872 23.08 -16.68 11.17
C LEU A 872 22.09 -17.74 11.66
N ARG A 873 22.47 -18.56 12.64
CA ARG A 873 21.61 -19.65 13.09
C ARG A 873 20.34 -19.15 13.78
N ASP A 874 20.26 -17.87 14.12
CA ASP A 874 19.02 -17.31 14.66
C ASP A 874 17.95 -17.16 13.59
N ILE A 875 18.31 -17.27 12.30
CA ILE A 875 17.31 -17.20 11.25
C ILE A 875 16.40 -18.42 11.30
N LEU A 876 16.92 -19.57 11.74
CA LEU A 876 16.09 -20.77 11.84
C LEU A 876 14.94 -20.60 12.83
N GLU A 877 15.12 -19.76 13.84
CA GLU A 877 14.10 -19.54 14.86
C GLU A 877 13.35 -18.22 14.68
N SER A 878 13.55 -17.55 13.56
CA SER A 878 12.88 -16.28 13.28
C SER A 878 11.50 -16.55 12.68
N ASP A 879 10.46 -16.05 13.33
CA ASP A 879 9.10 -16.32 12.87
C ASP A 879 8.75 -15.53 11.62
N PHE A 880 9.20 -14.27 11.54
CA PHE A 880 8.71 -13.34 10.53
C PHE A 880 9.69 -13.10 9.39
N ALA A 881 10.81 -13.84 9.34
CA ALA A 881 11.67 -13.74 8.17
C ALA A 881 10.94 -14.20 6.92
N PHE A 882 10.19 -15.30 7.01
CA PHE A 882 9.42 -15.95 5.95
C PHE A 882 10.33 -16.43 4.81
N ALA A 883 11.63 -16.26 4.97
CA ALA A 883 12.59 -16.43 3.90
C ALA A 883 13.96 -16.40 4.53
N ALA E 18 -54.19 6.72 22.83
CA ALA E 18 -54.35 6.12 21.51
C ALA E 18 -55.74 6.42 20.94
N ILE E 19 -55.78 6.73 19.65
CA ILE E 19 -57.02 7.06 18.95
C ILE E 19 -57.88 5.79 18.86
N PRO E 20 -59.21 5.90 18.78
CA PRO E 20 -60.05 4.70 18.65
C PRO E 20 -59.85 4.05 17.28
N PHE E 21 -59.45 2.78 17.31
CA PHE E 21 -59.16 2.01 16.11
C PHE E 21 -60.31 1.10 15.72
N ASN E 22 -61.51 1.35 16.27
CA ASN E 22 -62.66 0.50 16.00
C ASN E 22 -63.13 0.60 14.55
N THR E 23 -63.06 1.80 13.97
CA THR E 23 -63.46 1.98 12.58
C THR E 23 -62.58 1.18 11.63
N LEU E 24 -61.27 1.17 11.89
CA LEU E 24 -60.35 0.40 11.08
C LEU E 24 -60.43 -1.09 11.38
N ALA E 25 -60.69 -1.46 12.64
CA ALA E 25 -60.72 -2.86 13.01
C ALA E 25 -61.91 -3.59 12.37
N ASP E 26 -63.06 -2.93 12.28
CA ASP E 26 -64.22 -3.57 11.66
C ASP E 26 -64.02 -3.78 10.16
N HIS E 27 -63.41 -2.82 9.48
CA HIS E 27 -63.27 -2.91 8.03
C HIS E 27 -62.14 -3.85 7.63
N TYR E 28 -60.98 -3.75 8.29
CA TYR E 28 -59.78 -4.43 7.83
C TYR E 28 -59.11 -5.31 8.88
N GLY E 29 -59.70 -5.48 10.05
CA GLY E 29 -59.09 -6.33 11.06
C GLY E 29 -58.27 -5.54 12.06
N GLU E 30 -58.17 -6.07 13.28
CA GLU E 30 -57.46 -5.38 14.35
C GLU E 30 -55.95 -5.45 14.14
N ARG E 31 -55.43 -6.58 13.66
CA ARG E 31 -54.00 -6.72 13.44
C ARG E 31 -53.50 -5.77 12.37
N LEU E 32 -54.25 -5.64 11.26
CA LEU E 32 -53.89 -4.69 10.22
C LEU E 32 -54.08 -3.26 10.69
N ALA E 33 -55.05 -3.02 11.59
CA ALA E 33 -55.23 -1.69 12.14
C ALA E 33 -54.06 -1.29 13.01
N ARG E 34 -53.65 -2.17 13.94
CA ARG E 34 -52.55 -1.86 14.84
C ARG E 34 -51.24 -1.63 14.09
N GLU E 35 -51.03 -2.36 12.99
CA GLU E 35 -49.84 -2.14 12.19
C GLU E 35 -49.88 -0.80 11.49
N GLN E 36 -51.05 -0.41 10.97
CA GLN E 36 -51.18 0.87 10.26
C GLN E 36 -50.99 2.05 11.20
N LEU E 37 -51.64 1.99 12.38
CA LEU E 37 -51.50 3.08 13.34
C LEU E 37 -50.07 3.17 13.87
N ALA E 38 -49.38 2.04 14.01
CA ALA E 38 -47.97 2.06 14.41
C ALA E 38 -47.09 2.63 13.31
N LEU E 39 -47.44 2.40 12.05
CA LEU E 39 -46.68 2.96 10.94
C LEU E 39 -46.77 4.49 10.93
N GLU E 40 -47.96 5.02 11.18
CA GLU E 40 -48.12 6.47 11.21
C GLU E 40 -47.42 7.10 12.40
N HIS E 41 -47.42 6.40 13.53
CA HIS E 41 -46.67 6.89 14.70
C HIS E 41 -45.17 6.86 14.43
N GLU E 42 -44.69 5.80 13.77
CA GLU E 42 -43.27 5.71 13.43
C GLU E 42 -42.86 6.80 12.44
N SER E 43 -43.78 7.18 11.53
CA SER E 43 -43.49 8.25 10.58
C SER E 43 -43.22 9.57 11.29
N TYR E 44 -44.01 9.89 12.31
CA TYR E 44 -43.79 11.11 13.06
C TYR E 44 -42.51 11.02 13.89
N GLU E 45 -42.23 9.84 14.45
CA GLU E 45 -41.01 9.67 15.22
C GLU E 45 -39.77 9.77 14.35
N MET E 46 -39.82 9.22 13.13
CA MET E 46 -38.67 9.27 12.24
C MET E 46 -38.36 10.70 11.82
N GLY E 47 -39.39 11.47 11.46
CA GLY E 47 -39.16 12.85 11.10
C GLY E 47 -38.63 13.69 12.24
N GLU E 48 -39.02 13.36 13.48
CA GLU E 48 -38.44 14.00 14.66
C GLU E 48 -36.96 13.71 14.77
N ALA E 49 -36.55 12.46 14.54
CA ALA E 49 -35.14 12.11 14.61
C ALA E 49 -34.33 12.73 13.49
N ARG E 50 -34.97 12.99 12.35
CA ARG E 50 -34.30 13.70 11.26
C ARG E 50 -33.94 15.12 11.68
N PHE E 51 -34.80 15.78 12.46
CA PHE E 51 -34.50 17.12 12.93
C PHE E 51 -33.30 17.11 13.88
N ARG E 52 -33.30 16.21 14.87
CA ARG E 52 -32.29 16.28 15.93
C ARG E 52 -30.89 16.03 15.39
N LYS E 53 -30.76 15.30 14.28
CA LYS E 53 -29.47 15.22 13.61
C LYS E 53 -29.12 16.54 12.93
N MET E 54 -30.12 17.22 12.37
CA MET E 54 -29.87 18.45 11.63
C MET E 54 -29.50 19.59 12.58
N PHE E 55 -30.26 19.75 13.67
CA PHE E 55 -29.97 20.81 14.64
C PHE E 55 -28.60 20.61 15.27
N GLU E 56 -28.21 19.36 15.52
CA GLU E 56 -26.97 19.07 16.21
C GLU E 56 -25.75 19.50 15.39
N ARG E 57 -25.66 19.04 14.14
CA ARG E 57 -24.46 19.28 13.36
C ARG E 57 -24.34 20.70 12.85
N GLN E 58 -25.37 21.53 13.02
CA GLN E 58 -25.28 22.92 12.64
C GLN E 58 -25.06 23.87 13.83
N LEU E 59 -25.34 23.42 15.06
CA LEU E 59 -24.89 24.21 16.20
C LEU E 59 -23.42 23.96 16.50
N LYS E 60 -22.93 22.75 16.19
CA LYS E 60 -21.51 22.47 16.33
C LYS E 60 -20.67 23.31 15.37
N ALA E 61 -21.24 23.68 14.22
CA ALA E 61 -20.60 24.60 13.30
C ALA E 61 -21.07 26.05 13.48
N GLY E 62 -22.33 26.25 13.89
CA GLY E 62 -22.77 27.57 14.31
C GLY E 62 -23.83 28.25 13.47
N GLU E 63 -24.74 27.47 12.87
CA GLU E 63 -25.80 28.02 12.03
C GLU E 63 -27.19 27.82 12.65
N VAL E 64 -27.31 28.06 13.96
CA VAL E 64 -28.63 28.05 14.57
C VAL E 64 -29.46 29.22 14.05
N ALA E 65 -28.82 30.33 13.69
CA ALA E 65 -29.53 31.45 13.11
C ALA E 65 -30.09 31.12 11.73
N ASP E 66 -29.46 30.17 11.02
CA ASP E 66 -29.98 29.71 9.73
C ASP E 66 -31.27 28.91 9.89
N ASN E 67 -31.51 28.33 11.06
CA ASN E 67 -32.65 27.45 11.27
C ASN E 67 -33.93 28.24 11.48
N ALA E 68 -35.05 27.61 11.13
CA ALA E 68 -36.37 28.23 11.27
C ALA E 68 -36.79 28.36 12.73
N ALA E 69 -36.11 27.68 13.66
CA ALA E 69 -36.47 27.79 15.07
C ALA E 69 -36.03 29.12 15.66
N ALA E 70 -34.99 29.74 15.10
CA ALA E 70 -34.47 31.01 15.61
C ALA E 70 -35.04 32.23 14.90
N LYS E 71 -35.67 32.04 13.74
CA LYS E 71 -36.25 33.16 13.01
C LYS E 71 -37.31 33.94 13.78
N PRO E 72 -38.26 33.32 14.51
CA PRO E 72 -39.17 34.15 15.33
C PRO E 72 -38.47 34.97 16.40
N LEU E 73 -37.41 34.44 17.01
CA LEU E 73 -36.68 35.17 18.03
C LEU E 73 -35.78 36.24 17.44
N ILE E 74 -35.19 35.98 16.28
CA ILE E 74 -34.29 36.95 15.65
C ILE E 74 -35.09 38.17 15.15
N THR E 75 -36.28 37.94 14.61
CA THR E 75 -37.07 39.02 14.03
C THR E 75 -37.59 39.97 15.11
N THR E 76 -37.79 39.49 16.32
CA THR E 76 -38.22 40.34 17.41
C THR E 76 -37.06 41.02 18.13
N LEU E 77 -35.82 40.67 17.80
CA LEU E 77 -34.64 41.27 18.42
C LEU E 77 -33.94 42.29 17.54
N LEU E 78 -34.10 42.20 16.21
CA LEU E 78 -33.45 43.15 15.31
C LEU E 78 -33.89 44.60 15.51
N PRO E 79 -35.19 44.96 15.43
CA PRO E 79 -35.53 46.40 15.39
C PRO E 79 -35.25 47.13 16.70
N LYS E 80 -35.18 46.43 17.83
CA LYS E 80 -34.69 47.07 19.04
C LYS E 80 -33.19 47.33 18.96
N MET E 81 -32.43 46.39 18.39
CA MET E 81 -31.00 46.55 18.26
C MET E 81 -30.65 47.71 17.32
N ILE E 82 -31.35 47.81 16.18
CA ILE E 82 -31.00 48.81 15.17
C ILE E 82 -31.20 50.22 15.70
N ALA E 83 -32.43 50.53 16.13
CA ALA E 83 -32.79 51.91 16.47
C ALA E 83 -31.92 52.48 17.58
N ARG E 84 -31.33 51.60 18.39
CA ARG E 84 -30.44 52.02 19.44
C ARG E 84 -28.98 52.06 18.96
N ILE E 85 -28.67 51.42 17.82
CA ILE E 85 -27.37 51.60 17.18
C ILE E 85 -27.25 52.99 16.57
N ASN E 86 -28.34 53.51 15.99
CA ASN E 86 -28.34 54.88 15.48
C ASN E 86 -28.03 55.88 16.59
N ASP E 87 -28.55 55.64 17.78
CA ASP E 87 -28.26 56.47 18.94
C ASP E 87 -26.91 56.09 19.55
N ILE E 109 -21.26 50.75 6.34
CA ILE E 109 -22.23 49.67 6.24
C ILE E 109 -23.53 50.07 6.94
N LYS E 110 -24.65 49.68 6.34
CA LYS E 110 -25.97 49.99 6.88
C LYS E 110 -26.10 49.47 8.32
N PRO E 111 -26.65 50.28 9.24
CA PRO E 111 -26.89 49.78 10.60
C PRO E 111 -27.83 48.59 10.66
N GLU E 112 -28.72 48.43 9.68
CA GLU E 112 -29.57 47.25 9.64
C GLU E 112 -28.74 45.97 9.48
N ALA E 113 -27.73 46.01 8.61
CA ALA E 113 -26.87 44.84 8.39
C ALA E 113 -25.96 44.58 9.59
N VAL E 114 -25.53 45.63 10.29
CA VAL E 114 -24.66 45.46 11.45
C VAL E 114 -25.38 44.67 12.54
N ALA E 115 -26.68 44.92 12.72
CA ALA E 115 -27.45 44.20 13.73
C ALA E 115 -27.51 42.71 13.43
N TYR E 116 -27.75 42.35 12.16
CA TYR E 116 -27.80 40.94 11.80
C TYR E 116 -26.42 40.29 11.86
N ILE E 117 -25.36 41.07 11.64
CA ILE E 117 -24.01 40.53 11.77
C ILE E 117 -23.74 40.12 13.21
N THR E 118 -24.13 40.97 14.18
CA THR E 118 -24.04 40.56 15.57
C THR E 118 -25.07 39.49 15.92
N ILE E 119 -26.20 39.47 15.22
CA ILE E 119 -27.26 38.51 15.50
C ILE E 119 -26.99 37.20 14.74
N LYS E 120 -25.79 37.07 14.18
CA LYS E 120 -25.32 35.78 13.67
C LYS E 120 -24.01 35.35 14.32
N THR E 121 -23.00 36.23 14.36
CA THR E 121 -21.66 35.83 14.76
C THR E 121 -21.54 35.58 16.25
N THR E 122 -22.39 36.21 17.07
CA THR E 122 -22.42 35.87 18.49
C THR E 122 -22.94 34.46 18.70
N LEU E 123 -24.19 34.21 18.28
CA LEU E 123 -24.83 32.91 18.46
C LEU E 123 -24.08 31.79 17.74
N ALA E 124 -23.33 32.11 16.68
CA ALA E 124 -22.44 31.12 16.09
C ALA E 124 -21.33 30.73 17.07
N CYS E 125 -20.80 31.72 17.80
CA CYS E 125 -19.68 31.47 18.70
C CYS E 125 -20.14 30.89 20.04
N LEU E 126 -21.33 31.26 20.51
CA LEU E 126 -21.79 30.74 21.80
C LEU E 126 -22.25 29.29 21.70
N THR E 127 -22.89 28.91 20.59
CA THR E 127 -23.44 27.57 20.46
C THR E 127 -22.35 26.52 20.25
N VAL E 137 -15.06 36.73 20.36
CA VAL E 137 -16.35 37.19 19.87
C VAL E 137 -16.22 38.54 19.17
N ALA E 138 -15.57 39.50 19.85
CA ALA E 138 -15.41 40.84 19.29
C ALA E 138 -14.58 40.81 18.01
N SER E 139 -13.64 39.86 17.91
CA SER E 139 -12.94 39.65 16.64
C SER E 139 -13.84 38.98 15.62
N ALA E 140 -14.70 38.07 16.07
CA ALA E 140 -15.58 37.34 15.15
C ALA E 140 -16.61 38.28 14.54
N ILE E 141 -17.21 39.16 15.34
CA ILE E 141 -18.08 40.19 14.76
C ILE E 141 -17.26 41.14 13.90
N GLY E 142 -16.15 41.64 14.43
CA GLY E 142 -15.42 42.73 13.78
C GLY E 142 -14.91 42.39 12.40
N ARG E 143 -14.51 41.14 12.19
CA ARG E 143 -14.10 40.72 10.85
C ARG E 143 -15.30 40.54 9.92
N ALA E 144 -16.50 40.32 10.45
CA ALA E 144 -17.67 40.14 9.61
C ALA E 144 -18.14 41.45 8.99
N ILE E 145 -18.11 42.55 9.74
CA ILE E 145 -18.39 43.85 9.13
C ILE E 145 -17.30 44.20 8.11
N GLU E 146 -16.05 43.79 8.38
CA GLU E 146 -14.95 44.16 7.50
C GLU E 146 -15.02 43.41 6.18
N ASP E 147 -15.38 42.12 6.20
CA ASP E 147 -15.62 41.41 4.95
C ASP E 147 -16.82 41.99 4.22
N GLU E 148 -17.87 42.36 4.95
CA GLU E 148 -19.04 42.98 4.34
C GLU E 148 -18.72 44.39 3.83
N ALA E 149 -17.75 45.07 4.46
CA ALA E 149 -17.34 46.38 3.95
C ALA E 149 -16.45 46.25 2.72
N ARG E 150 -15.54 45.28 2.73
CA ARG E 150 -14.68 45.04 1.58
C ARG E 150 -15.50 44.54 0.38
N PHE E 151 -16.42 43.61 0.63
CA PHE E 151 -17.07 42.87 -0.44
C PHE E 151 -18.54 43.19 -0.60
N GLY E 152 -19.09 44.08 0.22
CA GLY E 152 -20.41 44.60 -0.04
C GLY E 152 -20.32 45.85 -0.89
N ARG E 153 -19.20 46.57 -0.74
CA ARG E 153 -18.95 47.75 -1.57
C ARG E 153 -18.84 47.39 -3.04
N ILE E 154 -18.39 46.17 -3.35
CA ILE E 154 -18.39 45.71 -4.73
C ILE E 154 -19.82 45.68 -5.28
N ARG E 155 -20.73 45.04 -4.53
CA ARG E 155 -22.13 45.00 -4.96
C ARG E 155 -22.80 46.37 -4.81
N ASP E 156 -22.40 47.16 -3.81
CA ASP E 156 -23.14 48.36 -3.46
C ASP E 156 -23.04 49.44 -4.54
N LEU E 157 -21.82 49.82 -4.92
CA LEU E 157 -21.62 50.90 -5.87
C LEU E 157 -20.86 50.48 -7.11
N GLU E 158 -19.71 49.82 -6.95
CA GLU E 158 -18.76 49.70 -8.06
C GLU E 158 -19.23 48.70 -9.12
N ALA E 159 -19.80 47.58 -8.70
CA ALA E 159 -20.13 46.50 -9.61
C ALA E 159 -21.63 46.24 -9.65
N LYS E 160 -22.43 47.31 -9.65
CA LYS E 160 -23.87 47.15 -9.82
C LYS E 160 -24.20 46.63 -11.21
N HIS E 161 -23.57 47.20 -12.25
CA HIS E 161 -23.74 46.67 -13.59
C HIS E 161 -23.04 45.32 -13.75
N PHE E 162 -22.03 45.07 -12.92
CA PHE E 162 -21.28 43.83 -12.92
C PHE E 162 -21.84 42.78 -11.97
N LYS E 163 -22.97 43.08 -11.30
CA LYS E 163 -23.45 42.19 -10.24
C LYS E 163 -24.09 40.93 -10.81
N LYS E 164 -24.76 41.02 -11.96
CA LYS E 164 -25.35 39.83 -12.56
C LYS E 164 -24.26 38.89 -13.07
N ASN E 165 -23.12 39.44 -13.46
CA ASN E 165 -21.99 38.65 -13.92
C ASN E 165 -21.20 38.01 -12.77
N VAL E 166 -21.35 38.51 -11.55
CA VAL E 166 -20.60 37.98 -10.42
C VAL E 166 -21.49 37.28 -9.38
N GLU E 167 -22.72 37.76 -9.15
CA GLU E 167 -23.56 37.13 -8.14
C GLU E 167 -24.10 35.78 -8.59
N GLU E 168 -24.15 35.52 -9.89
CA GLU E 168 -24.62 34.22 -10.36
C GLU E 168 -23.65 33.11 -10.00
N GLN E 169 -22.35 33.35 -10.21
CA GLN E 169 -21.34 32.41 -9.76
C GLN E 169 -21.01 32.55 -8.28
N LEU E 170 -21.45 33.63 -7.64
CA LEU E 170 -21.28 33.75 -6.19
C LEU E 170 -22.18 32.78 -5.45
N ASN E 171 -23.44 32.67 -5.88
CA ASN E 171 -24.35 31.71 -5.28
C ASN E 171 -23.96 30.27 -5.61
N LYS E 172 -23.11 30.07 -6.62
CA LYS E 172 -22.56 28.75 -6.90
C LYS E 172 -21.67 28.27 -5.76
N ARG E 173 -21.05 29.19 -5.03
CA ARG E 173 -20.20 28.82 -3.91
C ARG E 173 -21.03 28.52 -2.68
N VAL E 174 -20.63 27.48 -1.95
CA VAL E 174 -21.30 27.06 -0.72
C VAL E 174 -20.28 27.14 0.42
N GLY E 175 -20.67 27.77 1.51
CA GLY E 175 -19.78 27.94 2.63
C GLY E 175 -19.17 29.33 2.68
N HIS E 176 -18.81 29.76 3.89
CA HIS E 176 -18.27 31.10 4.06
C HIS E 176 -16.84 31.21 3.52
N VAL E 177 -16.04 30.18 3.73
CA VAL E 177 -14.63 30.25 3.33
C VAL E 177 -14.44 30.10 1.82
N TYR E 178 -15.41 29.53 1.11
CA TYR E 178 -15.32 29.42 -0.34
C TYR E 178 -15.89 30.64 -1.03
N LYS E 179 -16.82 31.36 -0.38
CA LYS E 179 -17.31 32.62 -0.94
C LYS E 179 -16.26 33.73 -0.82
N LYS E 180 -15.45 33.70 0.25
CA LYS E 180 -14.36 34.65 0.36
C LYS E 180 -13.24 34.34 -0.61
N ALA E 181 -12.95 33.05 -0.82
CA ALA E 181 -11.90 32.66 -1.75
C ALA E 181 -12.24 33.00 -3.19
N PHE E 182 -13.52 33.17 -3.50
CA PHE E 182 -13.94 33.58 -4.83
C PHE E 182 -13.94 35.10 -4.99
N MET E 183 -14.43 35.84 -3.98
CA MET E 183 -14.49 37.29 -4.09
C MET E 183 -13.13 37.95 -3.90
N GLN E 184 -12.20 37.30 -3.19
CA GLN E 184 -10.82 37.77 -3.18
C GLN E 184 -10.22 37.73 -4.57
N VAL E 185 -10.56 36.69 -5.34
CA VAL E 185 -10.09 36.58 -6.72
C VAL E 185 -10.76 37.63 -7.61
N VAL E 186 -12.08 37.79 -7.46
CA VAL E 186 -12.80 38.73 -8.32
C VAL E 186 -12.50 40.17 -7.94
N GLU E 187 -11.97 40.43 -6.76
CA GLU E 187 -11.56 41.79 -6.40
C GLU E 187 -10.29 42.19 -7.15
N ALA E 188 -9.36 41.25 -7.32
CA ALA E 188 -8.13 41.54 -8.04
C ALA E 188 -8.40 41.83 -9.52
N ASP E 189 -9.32 41.09 -10.13
CA ASP E 189 -9.71 41.37 -11.51
C ASP E 189 -10.50 42.66 -11.61
N MET E 190 -11.26 43.01 -10.57
CA MET E 190 -12.08 44.21 -10.62
C MET E 190 -11.23 45.47 -10.55
N LEU E 191 -10.27 45.52 -9.63
CA LEU E 191 -9.49 46.74 -9.44
C LEU E 191 -8.56 47.01 -10.61
N SER E 192 -7.92 45.97 -11.16
CA SER E 192 -7.01 46.16 -12.28
C SER E 192 -7.77 46.61 -13.53
N LYS E 193 -8.84 45.88 -13.87
CA LYS E 193 -9.61 46.23 -15.06
C LYS E 193 -10.42 47.50 -14.86
N GLY E 194 -10.98 47.69 -13.67
CA GLY E 194 -11.93 48.78 -13.46
C GLY E 194 -11.55 49.82 -12.42
N LEU E 195 -12.38 49.93 -11.38
CA LEU E 195 -12.24 51.01 -10.41
C LEU E 195 -10.97 50.86 -9.60
N LEU E 196 -10.28 51.98 -9.39
CA LEU E 196 -9.15 52.06 -8.47
C LEU E 196 -9.56 52.98 -7.32
N GLY E 197 -9.54 52.46 -6.10
CA GLY E 197 -9.94 53.22 -4.94
C GLY E 197 -9.07 52.88 -3.75
N GLY E 198 -9.14 53.74 -2.74
CA GLY E 198 -8.40 53.53 -1.52
C GLY E 198 -8.84 52.28 -0.78
N GLU E 199 -8.00 51.26 -0.79
CA GLU E 199 -8.32 49.97 -0.16
C GLU E 199 -8.13 50.08 1.36
N ALA E 200 -9.04 50.84 1.98
CA ALA E 200 -9.09 50.89 3.43
C ALA E 200 -9.47 49.55 4.03
N TRP E 201 -10.05 48.65 3.23
CA TRP E 201 -10.35 47.31 3.70
C TRP E 201 -9.10 46.46 3.84
N SER E 202 -8.06 46.75 3.05
CA SER E 202 -6.76 46.15 3.27
C SER E 202 -5.95 46.89 4.34
N SER E 203 -6.40 48.08 4.75
CA SER E 203 -5.70 48.90 5.74
C SER E 203 -6.21 48.66 7.15
N TRP E 204 -7.20 47.79 7.33
CA TRP E 204 -7.76 47.51 8.64
C TRP E 204 -6.78 46.65 9.45
N HIS E 205 -6.11 47.26 10.42
CA HIS E 205 -5.18 46.54 11.28
C HIS E 205 -5.95 45.67 12.27
N LYS E 206 -5.21 44.84 13.03
CA LYS E 206 -5.91 43.95 13.94
C LYS E 206 -6.44 44.66 15.19
N GLU E 207 -6.06 45.92 15.45
CA GLU E 207 -6.44 46.59 16.68
C GLU E 207 -7.85 47.14 16.63
N ASP E 208 -8.23 47.74 15.50
CA ASP E 208 -9.51 48.41 15.36
C ASP E 208 -10.67 47.44 15.26
N SER E 209 -10.48 46.25 14.69
CA SER E 209 -11.58 45.31 14.52
C SER E 209 -12.07 44.80 15.88
N ILE E 210 -11.15 44.55 16.81
CA ILE E 210 -11.52 44.10 18.14
C ILE E 210 -12.29 45.20 18.88
N HIS E 211 -11.90 46.45 18.69
CA HIS E 211 -12.61 47.57 19.30
C HIS E 211 -14.02 47.70 18.75
N VAL E 212 -14.19 47.46 17.44
CA VAL E 212 -15.51 47.56 16.82
C VAL E 212 -16.44 46.48 17.35
N GLY E 213 -15.92 45.27 17.56
CA GLY E 213 -16.75 44.19 18.07
C GLY E 213 -17.23 44.41 19.49
N VAL E 214 -16.40 45.04 20.32
CA VAL E 214 -16.76 45.28 21.71
C VAL E 214 -17.93 46.26 21.81
N ARG E 215 -17.92 47.30 20.98
CA ARG E 215 -19.04 48.23 20.94
C ARG E 215 -20.30 47.54 20.42
N CYS E 216 -20.15 46.62 19.48
CA CYS E 216 -21.28 45.86 18.96
C CYS E 216 -21.83 44.88 20.00
N ILE E 217 -20.97 44.36 20.88
CA ILE E 217 -21.44 43.49 21.95
C ILE E 217 -22.14 44.30 23.04
N GLU E 218 -21.56 45.45 23.41
CA GLU E 218 -22.24 46.38 24.31
C GLU E 218 -23.56 46.86 23.72
N MET E 219 -23.66 46.90 22.38
CA MET E 219 -24.93 47.22 21.74
C MET E 219 -25.99 46.17 22.04
N LEU E 220 -25.61 44.89 22.04
CA LEU E 220 -26.58 43.80 22.15
C LEU E 220 -27.27 43.79 23.52
N ILE E 221 -26.51 44.04 24.59
CA ILE E 221 -27.13 44.08 25.92
C ILE E 221 -27.90 45.39 26.13
N GLU E 222 -27.49 46.47 25.46
CA GLU E 222 -28.13 47.77 25.67
C GLU E 222 -29.51 47.82 25.05
N SER E 223 -29.81 46.92 24.10
CA SER E 223 -31.13 46.88 23.46
C SER E 223 -31.85 45.56 23.72
N THR E 224 -31.19 44.43 23.53
CA THR E 224 -31.81 43.13 23.70
C THR E 224 -31.50 42.53 25.07
N ILE E 244 -18.85 35.37 28.08
CA ILE E 244 -20.22 35.72 27.71
C ILE E 244 -21.03 34.45 27.49
N GLU E 245 -22.27 34.45 27.99
CA GLU E 245 -23.17 33.30 27.86
C GLU E 245 -24.57 33.79 27.51
N LEU E 246 -25.33 32.94 26.83
CA LEU E 246 -26.66 33.30 26.37
C LEU E 246 -27.68 33.16 27.49
N ALA E 247 -28.78 33.90 27.35
CA ALA E 247 -29.82 33.93 28.38
C ALA E 247 -30.67 32.66 28.32
N PRO E 248 -30.83 31.95 29.43
CA PRO E 248 -31.71 30.76 29.43
C PRO E 248 -33.16 31.08 29.14
N GLU E 249 -33.59 32.34 29.33
CA GLU E 249 -34.95 32.73 28.96
C GLU E 249 -35.16 32.61 27.45
N TYR E 250 -34.17 33.01 26.67
CA TYR E 250 -34.20 32.84 25.22
C TYR E 250 -33.58 31.54 24.75
N ALA E 251 -32.90 30.81 25.64
CA ALA E 251 -32.30 29.53 25.27
C ALA E 251 -33.29 28.38 25.29
N GLU E 252 -34.52 28.60 25.75
CA GLU E 252 -35.59 27.64 25.56
C GLU E 252 -36.65 28.13 24.58
N ALA E 253 -36.71 29.43 24.30
CA ALA E 253 -37.49 29.92 23.17
C ALA E 253 -36.95 29.37 21.85
N ILE E 254 -35.63 29.19 21.76
CA ILE E 254 -35.05 28.46 20.63
C ILE E 254 -35.37 26.98 20.71
N ALA E 255 -35.48 26.43 21.93
CA ALA E 255 -35.67 25.01 22.12
C ALA E 255 -37.13 24.56 22.11
N THR E 256 -38.05 25.42 22.56
CA THR E 256 -39.47 25.05 22.51
C THR E 256 -39.96 24.95 21.08
N ARG E 257 -39.55 25.88 20.22
CA ARG E 257 -39.89 25.78 18.80
C ARG E 257 -39.05 24.73 18.08
N ALA E 258 -37.88 24.38 18.62
CA ALA E 258 -37.14 23.26 18.06
C ALA E 258 -37.91 21.96 18.24
N GLY E 259 -38.48 21.74 19.43
CA GLY E 259 -39.34 20.59 19.63
C GLY E 259 -40.64 20.70 18.85
N ALA E 260 -41.20 21.91 18.77
CA ALA E 260 -42.45 22.10 18.04
C ALA E 260 -42.26 21.85 16.54
N LEU E 261 -41.15 22.31 15.97
CA LEU E 261 -40.90 22.09 14.55
C LEU E 261 -40.51 20.65 14.25
N ALA E 262 -40.08 19.89 15.25
CA ALA E 262 -39.77 18.48 15.02
C ALA E 262 -41.01 17.62 14.89
N GLY E 263 -42.15 18.08 15.43
CA GLY E 263 -43.35 17.26 15.42
C GLY E 263 -44.18 17.34 14.16
N ILE E 264 -44.01 18.39 13.36
CA ILE E 264 -44.88 18.62 12.21
C ILE E 264 -44.16 18.32 10.88
N SER E 265 -43.04 17.61 10.93
CA SER E 265 -42.29 17.22 9.73
C SER E 265 -42.01 15.72 9.75
N PRO E 266 -43.02 14.90 9.50
CA PRO E 266 -42.84 13.45 9.55
C PRO E 266 -42.39 12.88 8.21
N MET E 267 -41.78 11.69 8.30
CA MET E 267 -41.31 10.95 7.12
C MET E 267 -42.41 9.99 6.68
N PHE E 268 -43.20 10.42 5.69
CA PHE E 268 -44.43 9.73 5.34
C PHE E 268 -44.16 8.38 4.69
N GLN E 269 -44.94 7.39 5.08
CA GLN E 269 -44.72 5.99 4.75
C GLN E 269 -45.96 5.42 4.05
N PRO E 270 -45.80 4.33 3.29
CA PRO E 270 -46.97 3.73 2.64
C PRO E 270 -47.94 3.12 3.66
N CYS E 271 -49.17 2.94 3.21
CA CYS E 271 -50.24 2.40 4.04
C CYS E 271 -50.38 0.89 3.84
N VAL E 272 -50.64 0.17 4.93
CA VAL E 272 -50.92 -1.26 4.85
C VAL E 272 -52.41 -1.57 4.76
N VAL E 273 -53.26 -0.56 4.88
CA VAL E 273 -54.69 -0.69 4.66
C VAL E 273 -55.04 0.29 3.54
N PRO E 274 -56.22 0.15 2.92
CA PRO E 274 -56.69 1.20 2.00
C PRO E 274 -56.75 2.55 2.70
N PRO E 275 -56.28 3.61 2.06
CA PRO E 275 -56.16 4.89 2.76
C PRO E 275 -57.51 5.51 3.03
N LYS E 276 -57.52 6.46 3.96
CA LYS E 276 -58.74 7.13 4.37
C LYS E 276 -59.31 7.93 3.21
N PRO E 277 -60.56 7.69 2.82
CA PRO E 277 -61.13 8.43 1.68
C PRO E 277 -61.29 9.90 2.01
N TRP E 278 -61.14 10.72 0.98
CA TRP E 278 -61.23 12.16 1.15
C TRP E 278 -62.70 12.56 1.14
N THR E 279 -63.19 13.05 2.27
CA THR E 279 -64.54 13.58 2.36
C THR E 279 -64.58 15.10 2.42
N GLY E 280 -63.45 15.73 2.73
CA GLY E 280 -63.36 17.18 2.77
C GLY E 280 -62.00 17.66 2.29
N ILE E 281 -61.56 18.82 2.77
CA ILE E 281 -60.27 19.37 2.36
C ILE E 281 -59.16 19.02 3.33
N THR E 282 -59.45 18.25 4.38
CA THR E 282 -58.45 17.90 5.35
C THR E 282 -58.79 16.56 5.97
N GLY E 283 -57.79 15.96 6.63
CA GLY E 283 -58.00 14.74 7.38
C GLY E 283 -58.01 13.45 6.56
N GLY E 284 -57.82 13.52 5.25
CA GLY E 284 -57.82 12.33 4.43
C GLY E 284 -56.48 11.64 4.39
N GLY E 285 -56.43 10.50 3.70
CA GLY E 285 -55.18 9.81 3.50
C GLY E 285 -54.85 8.90 4.66
N TYR E 286 -54.00 9.38 5.57
CA TYR E 286 -53.68 8.65 6.77
C TYR E 286 -54.91 8.61 7.69
N TRP E 287 -54.99 7.56 8.52
CA TRP E 287 -56.17 7.32 9.32
C TRP E 287 -56.13 7.99 10.69
N ALA E 288 -54.95 8.05 11.30
CA ALA E 288 -54.83 8.61 12.64
C ALA E 288 -54.99 10.12 12.61
N ASN E 289 -55.62 10.66 13.65
CA ASN E 289 -55.52 12.08 13.92
C ASN E 289 -54.07 12.41 14.27
N GLY E 290 -53.49 13.37 13.52
CA GLY E 290 -52.10 13.71 13.68
C GLY E 290 -51.92 15.19 13.97
N ARG E 291 -50.70 15.54 14.38
CA ARG E 291 -50.34 16.94 14.58
C ARG E 291 -50.25 17.68 13.26
N ARG E 292 -50.00 16.98 12.16
CA ARG E 292 -49.93 17.56 10.82
C ARG E 292 -50.92 16.80 9.93
N PRO E 293 -52.20 17.14 9.98
CA PRO E 293 -53.17 16.49 9.08
C PRO E 293 -52.91 16.85 7.63
N LEU E 294 -53.23 15.90 6.75
CA LEU E 294 -53.01 16.09 5.33
C LEU E 294 -54.04 17.03 4.74
N ALA E 295 -53.56 18.03 3.99
CA ALA E 295 -54.44 18.93 3.27
C ALA E 295 -54.67 18.40 1.86
N LEU E 296 -55.92 18.45 1.41
CA LEU E 296 -56.26 17.91 0.09
C LEU E 296 -55.53 18.65 -1.02
N VAL E 297 -55.34 19.95 -0.87
CA VAL E 297 -54.54 20.74 -1.80
C VAL E 297 -53.36 21.33 -1.06
N ARG E 298 -52.16 21.10 -1.56
CA ARG E 298 -50.94 21.63 -0.95
C ARG E 298 -50.85 23.11 -1.28
N THR E 299 -51.15 23.95 -0.30
CA THR E 299 -51.11 25.40 -0.47
C THR E 299 -50.00 26.00 0.39
N HIS E 300 -49.53 27.16 -0.03
CA HIS E 300 -48.51 27.89 0.72
C HIS E 300 -49.08 28.83 1.77
N SER E 301 -50.40 28.84 1.95
CA SER E 301 -51.04 29.63 2.99
C SER E 301 -52.34 28.96 3.40
N LYS E 302 -52.79 29.28 4.62
CA LYS E 302 -54.05 28.74 5.11
C LYS E 302 -55.24 29.38 4.39
N LYS E 303 -55.09 30.63 3.95
CA LYS E 303 -56.16 31.27 3.18
C LYS E 303 -56.40 30.54 1.86
N ALA E 304 -55.31 30.16 1.16
CA ALA E 304 -55.45 29.51 -0.14
C ALA E 304 -56.08 28.13 -0.01
N LEU E 305 -55.83 27.45 1.12
CA LEU E 305 -56.45 26.15 1.35
C LEU E 305 -57.93 26.29 1.67
N MET E 306 -58.29 27.30 2.47
CA MET E 306 -59.68 27.48 2.87
C MET E 306 -60.59 27.87 1.72
N ARG E 307 -60.04 28.33 0.60
CA ARG E 307 -60.86 28.61 -0.58
C ARG E 307 -61.55 27.35 -1.09
N TYR E 308 -60.99 26.17 -0.83
CA TYR E 308 -61.54 24.90 -1.28
C TYR E 308 -62.61 24.32 -0.35
N GLU E 309 -62.84 24.96 0.80
CA GLU E 309 -63.62 24.33 1.86
C GLU E 309 -65.05 24.04 1.43
N ASP E 310 -65.69 24.97 0.72
CA ASP E 310 -67.10 24.85 0.38
C ASP E 310 -67.34 24.56 -1.11
N VAL E 311 -66.30 24.28 -1.88
CA VAL E 311 -66.46 24.06 -3.31
C VAL E 311 -66.97 22.66 -3.56
N TYR E 312 -67.98 22.54 -4.42
CA TYR E 312 -68.59 21.26 -4.77
C TYR E 312 -67.86 20.73 -6.01
N MET E 313 -66.98 19.75 -5.81
CA MET E 313 -66.25 19.11 -6.90
C MET E 313 -66.34 17.59 -6.76
N PRO E 314 -67.54 17.02 -6.95
CA PRO E 314 -67.69 15.57 -6.75
C PRO E 314 -66.84 14.73 -7.68
N GLU E 315 -66.65 15.15 -8.92
CA GLU E 315 -65.84 14.38 -9.85
C GLU E 315 -64.35 14.46 -9.52
N VAL E 316 -63.93 15.46 -8.74
CA VAL E 316 -62.56 15.48 -8.23
C VAL E 316 -62.38 14.42 -7.16
N TYR E 317 -63.26 14.42 -6.14
CA TYR E 317 -63.09 13.55 -4.99
C TYR E 317 -63.13 12.08 -5.39
N LYS E 318 -63.89 11.74 -6.42
CA LYS E 318 -63.91 10.36 -6.91
C LYS E 318 -62.54 9.94 -7.41
N ALA E 319 -61.88 10.80 -8.18
CA ALA E 319 -60.62 10.42 -8.83
C ALA E 319 -59.51 10.16 -7.82
N ILE E 320 -59.38 11.02 -6.81
CA ILE E 320 -58.33 10.82 -5.82
C ILE E 320 -58.64 9.60 -4.96
N ASN E 321 -59.92 9.39 -4.62
CA ASN E 321 -60.29 8.23 -3.82
C ASN E 321 -60.05 6.93 -4.60
N ILE E 322 -60.37 6.92 -5.90
CA ILE E 322 -60.10 5.72 -6.70
C ILE E 322 -58.60 5.45 -6.78
N ALA E 323 -57.80 6.51 -6.97
CA ALA E 323 -56.35 6.32 -7.04
C ALA E 323 -55.80 5.83 -5.72
N GLN E 324 -56.35 6.29 -4.60
CA GLN E 324 -55.88 5.85 -3.29
C GLN E 324 -56.14 4.37 -3.10
N ASN E 325 -57.29 3.88 -3.55
CA ASN E 325 -57.68 2.49 -3.34
C ASN E 325 -56.93 1.50 -4.21
N THR E 326 -55.98 1.96 -5.03
CA THR E 326 -55.19 1.06 -5.85
C THR E 326 -54.17 0.33 -4.97
N ALA E 327 -54.21 -1.01 -4.99
CA ALA E 327 -53.37 -1.83 -4.15
C ALA E 327 -52.09 -2.23 -4.86
N TRP E 328 -50.94 -1.99 -4.22
CA TRP E 328 -49.62 -2.27 -4.75
C TRP E 328 -48.92 -3.33 -3.91
N LYS E 329 -47.79 -3.81 -4.41
CA LYS E 329 -46.94 -4.73 -3.67
C LYS E 329 -45.53 -4.62 -4.20
N ILE E 330 -44.58 -5.05 -3.38
CA ILE E 330 -43.17 -5.04 -3.77
C ILE E 330 -42.90 -6.18 -4.75
N ASN E 331 -42.26 -5.86 -5.87
CA ASN E 331 -41.82 -6.85 -6.84
C ASN E 331 -40.59 -7.56 -6.28
N LYS E 332 -40.82 -8.72 -5.65
CA LYS E 332 -39.75 -9.41 -4.94
C LYS E 332 -38.67 -9.94 -5.87
N LYS E 333 -39.00 -10.17 -7.14
CA LYS E 333 -37.97 -10.63 -8.07
C LYS E 333 -37.01 -9.50 -8.43
N VAL E 334 -37.54 -8.31 -8.71
CA VAL E 334 -36.68 -7.15 -8.95
C VAL E 334 -35.92 -6.78 -7.69
N LEU E 335 -36.55 -6.94 -6.51
CA LEU E 335 -35.90 -6.56 -5.26
C LEU E 335 -34.68 -7.41 -4.98
N ALA E 336 -34.74 -8.72 -5.27
CA ALA E 336 -33.62 -9.60 -5.01
C ALA E 336 -32.41 -9.23 -5.88
N VAL E 337 -32.67 -8.83 -7.12
CA VAL E 337 -31.58 -8.36 -7.99
C VAL E 337 -30.99 -7.07 -7.45
N ALA E 338 -31.85 -6.13 -7.04
CA ALA E 338 -31.39 -4.84 -6.57
C ALA E 338 -30.64 -4.96 -5.24
N ASN E 339 -31.00 -5.93 -4.41
CA ASN E 339 -30.32 -6.10 -3.13
C ASN E 339 -28.90 -6.60 -3.29
N VAL E 340 -28.53 -7.14 -4.45
CA VAL E 340 -27.18 -7.64 -4.68
C VAL E 340 -26.31 -6.60 -5.38
N ILE E 341 -26.83 -6.00 -6.45
CA ILE E 341 -26.00 -5.11 -7.28
C ILE E 341 -25.66 -3.83 -6.53
N THR E 342 -26.60 -3.29 -5.73
CA THR E 342 -26.31 -2.09 -4.96
C THR E 342 -25.22 -2.31 -3.92
N LYS E 343 -24.94 -3.56 -3.54
CA LYS E 343 -23.82 -3.82 -2.65
C LYS E 343 -22.49 -3.70 -3.38
N TRP E 344 -22.49 -3.79 -4.71
CA TRP E 344 -21.25 -3.80 -5.49
C TRP E 344 -20.99 -2.49 -6.23
N LYS E 345 -22.03 -1.79 -6.65
CA LYS E 345 -21.89 -0.54 -7.38
C LYS E 345 -22.60 0.57 -6.63
N HIS E 346 -22.06 1.79 -6.75
CA HIS E 346 -22.75 2.96 -6.20
C HIS E 346 -24.07 3.18 -6.92
N CYS E 347 -24.03 3.27 -8.23
CA CYS E 347 -25.24 3.20 -9.01
C CYS E 347 -25.28 1.90 -9.77
N PRO E 348 -26.37 1.13 -9.65
CA PRO E 348 -26.37 -0.23 -10.22
C PRO E 348 -26.21 -0.29 -11.72
N VAL E 349 -26.55 0.78 -12.45
CA VAL E 349 -26.63 0.69 -13.90
C VAL E 349 -25.78 1.76 -14.57
N GLU E 350 -24.86 2.37 -13.82
CA GLU E 350 -24.17 3.55 -14.35
C GLU E 350 -22.98 3.17 -15.23
N ASP E 351 -22.10 2.30 -14.77
CA ASP E 351 -20.81 2.08 -15.43
C ASP E 351 -20.60 0.61 -15.75
N ILE E 352 -21.60 -0.01 -16.37
CA ILE E 352 -21.46 -1.41 -16.79
C ILE E 352 -20.49 -1.50 -17.97
N PRO E 353 -19.49 -2.38 -17.91
CA PRO E 353 -18.56 -2.51 -19.03
C PRO E 353 -19.25 -3.03 -20.28
N ALA E 354 -18.78 -2.56 -21.44
CA ALA E 354 -19.34 -2.93 -22.72
C ALA E 354 -18.22 -3.38 -23.66
N ILE E 355 -18.54 -4.36 -24.50
CA ILE E 355 -17.56 -4.90 -25.44
C ILE E 355 -17.77 -4.29 -26.82
N TRP E 377 -9.98 22.74 -19.74
CA TRP E 377 -9.73 21.80 -18.65
C TRP E 377 -10.45 22.27 -17.39
N LYS E 378 -10.62 23.59 -17.30
CA LYS E 378 -11.32 24.19 -16.16
C LYS E 378 -12.78 23.78 -16.15
N ARG E 379 -13.41 23.70 -17.32
CA ARG E 379 -14.79 23.24 -17.41
C ARG E 379 -14.91 21.78 -17.01
N ALA E 380 -13.94 20.95 -17.42
CA ALA E 380 -13.96 19.54 -17.06
C ALA E 380 -13.78 19.34 -15.56
N ALA E 381 -12.88 20.13 -14.95
CA ALA E 381 -12.66 20.01 -13.50
C ALA E 381 -13.91 20.41 -12.73
N ALA E 382 -14.59 21.48 -13.16
CA ALA E 382 -15.84 21.87 -12.53
C ALA E 382 -16.96 20.89 -12.81
N ALA E 383 -16.82 20.06 -13.85
CA ALA E 383 -17.82 19.05 -14.14
C ALA E 383 -17.70 17.86 -13.18
N VAL E 384 -16.49 17.31 -13.04
CA VAL E 384 -16.32 16.11 -12.22
C VAL E 384 -16.43 16.40 -10.73
N TYR E 385 -16.31 17.66 -10.31
CA TYR E 385 -16.50 17.98 -8.91
C TYR E 385 -17.95 17.82 -8.49
N ARG E 386 -18.87 18.39 -9.27
CA ARG E 386 -20.28 18.26 -8.97
C ARG E 386 -20.90 17.00 -9.56
N LYS E 387 -20.16 16.27 -10.39
CA LYS E 387 -20.60 14.94 -10.81
C LYS E 387 -20.35 13.91 -9.71
N ASP E 388 -19.24 14.07 -8.98
CA ASP E 388 -19.00 13.18 -7.85
C ASP E 388 -19.97 13.44 -6.70
N LYS E 389 -20.42 14.69 -6.56
CA LYS E 389 -21.56 14.97 -5.68
C LYS E 389 -22.84 14.41 -6.28
N ALA E 390 -23.01 14.50 -7.60
CA ALA E 390 -24.17 13.93 -8.26
C ALA E 390 -24.22 12.41 -8.08
N ARG E 391 -23.06 11.75 -8.19
CA ARG E 391 -22.98 10.33 -7.86
C ARG E 391 -23.27 10.09 -6.38
N LYS E 392 -22.76 10.97 -5.51
CA LYS E 392 -23.02 10.85 -4.07
C LYS E 392 -24.49 11.08 -3.74
N SER E 393 -25.12 12.07 -4.38
CA SER E 393 -26.49 12.44 -4.05
C SER E 393 -27.47 11.30 -4.34
N ARG E 394 -27.27 10.59 -5.44
CA ARG E 394 -28.16 9.49 -5.80
C ARG E 394 -28.09 8.35 -4.80
N ARG E 395 -27.00 8.21 -4.04
CA ARG E 395 -26.82 7.07 -3.17
C ARG E 395 -27.79 7.10 -1.99
N ILE E 396 -27.89 8.26 -1.31
CA ILE E 396 -28.76 8.36 -0.14
C ILE E 396 -30.21 8.17 -0.54
N SER E 397 -30.61 8.71 -1.70
CA SER E 397 -31.95 8.46 -2.20
C SER E 397 -32.14 6.99 -2.54
N LEU E 398 -31.14 6.37 -3.19
CA LEU E 398 -31.25 4.96 -3.52
C LEU E 398 -31.29 4.09 -2.26
N GLU E 399 -30.47 4.41 -1.26
CA GLU E 399 -30.42 3.59 -0.06
C GLU E 399 -31.73 3.67 0.73
N PHE E 400 -32.40 4.82 0.70
CA PHE E 400 -33.65 4.96 1.43
C PHE E 400 -34.77 4.16 0.77
N MET E 401 -34.90 4.27 -0.56
CA MET E 401 -35.97 3.58 -1.26
C MET E 401 -35.80 2.06 -1.21
N LEU E 402 -34.56 1.58 -1.21
CA LEU E 402 -34.33 0.13 -1.15
C LEU E 402 -34.74 -0.43 0.21
N GLU E 403 -34.40 0.26 1.30
CA GLU E 403 -34.81 -0.21 2.62
C GLU E 403 -36.32 -0.14 2.79
N GLN E 404 -36.96 0.87 2.21
CA GLN E 404 -38.42 0.92 2.22
C GLN E 404 -39.00 -0.23 1.40
N ALA E 405 -38.37 -0.58 0.27
CA ALA E 405 -38.81 -1.73 -0.50
C ALA E 405 -38.58 -3.02 0.26
N ASN E 406 -37.47 -3.10 1.01
CA ASN E 406 -37.22 -4.26 1.85
C ASN E 406 -38.22 -4.34 3.00
N LYS E 407 -38.62 -3.19 3.55
CA LYS E 407 -39.50 -3.18 4.73
C LYS E 407 -40.89 -3.71 4.40
N PHE E 408 -41.43 -3.35 3.23
CA PHE E 408 -42.76 -3.77 2.84
C PHE E 408 -42.75 -4.96 1.88
N ALA E 409 -41.64 -5.71 1.85
CA ALA E 409 -41.45 -6.73 0.83
C ALA E 409 -42.42 -7.90 0.96
N ASN E 410 -42.78 -8.26 2.19
CA ASN E 410 -43.60 -9.45 2.42
C ASN E 410 -45.06 -9.14 2.73
N HIS E 411 -45.46 -7.87 2.66
CA HIS E 411 -46.88 -7.55 2.80
C HIS E 411 -47.64 -8.01 1.57
N LYS E 412 -48.88 -8.48 1.77
CA LYS E 412 -49.70 -8.88 0.64
C LYS E 412 -50.04 -7.69 -0.25
N ALA E 413 -50.29 -6.54 0.37
CA ALA E 413 -50.66 -5.35 -0.38
C ALA E 413 -50.28 -4.11 0.42
N ILE E 414 -49.93 -3.04 -0.31
CA ILE E 414 -49.68 -1.73 0.28
C ILE E 414 -50.45 -0.71 -0.55
N TRP E 415 -50.71 0.44 0.06
CA TRP E 415 -51.45 1.51 -0.57
C TRP E 415 -50.69 2.82 -0.41
N PHE E 416 -51.03 3.79 -1.27
CA PHE E 416 -50.45 5.13 -1.20
C PHE E 416 -51.58 6.15 -1.12
N PRO E 417 -51.57 7.05 -0.14
CA PRO E 417 -52.50 8.17 -0.16
C PRO E 417 -52.05 9.23 -1.16
N TYR E 418 -53.02 9.93 -1.75
CA TYR E 418 -52.73 10.84 -2.85
C TYR E 418 -53.24 12.25 -2.53
N ASN E 419 -52.38 13.23 -2.76
CA ASN E 419 -52.67 14.65 -2.63
C ASN E 419 -52.83 15.29 -4.00
N MET E 420 -52.98 16.60 -4.03
CA MET E 420 -52.81 17.33 -5.28
C MET E 420 -52.23 18.70 -4.97
N ASP E 421 -51.44 19.23 -5.91
CA ASP E 421 -50.83 20.54 -5.74
C ASP E 421 -51.86 21.63 -6.05
N TRP E 422 -51.43 22.90 -5.98
CA TRP E 422 -52.40 23.98 -6.13
C TRP E 422 -52.89 24.15 -7.56
N ARG E 423 -52.31 23.45 -8.53
CA ARG E 423 -52.80 23.50 -9.90
C ARG E 423 -53.74 22.34 -10.24
N GLY E 424 -53.70 21.24 -9.49
CA GLY E 424 -54.54 20.09 -9.77
C GLY E 424 -53.79 18.81 -10.07
N ARG E 425 -52.48 18.86 -10.33
CA ARG E 425 -51.71 17.64 -10.52
C ARG E 425 -51.71 16.84 -9.23
N VAL E 426 -51.85 15.52 -9.35
CA VAL E 426 -52.07 14.64 -8.20
C VAL E 426 -50.79 13.89 -7.88
N TYR E 427 -50.42 13.89 -6.60
CA TYR E 427 -49.15 13.36 -6.13
C TYR E 427 -49.41 12.37 -5.00
N ALA E 428 -48.65 11.27 -4.99
CA ALA E 428 -48.71 10.35 -3.87
C ALA E 428 -47.94 10.93 -2.69
N VAL E 429 -48.54 10.85 -1.50
CA VAL E 429 -48.04 11.59 -0.33
C VAL E 429 -46.75 10.97 0.21
N SER E 430 -46.67 9.65 0.20
CA SER E 430 -45.53 8.95 0.79
C SER E 430 -44.23 9.21 0.04
N MET E 431 -43.13 9.27 0.78
CA MET E 431 -41.82 9.53 0.19
C MET E 431 -41.39 8.42 -0.76
N PHE E 432 -41.73 7.17 -0.44
CA PHE E 432 -41.57 6.05 -1.36
C PHE E 432 -42.91 5.86 -2.07
N ASN E 433 -42.92 6.08 -3.38
CA ASN E 433 -44.19 6.11 -4.11
C ASN E 433 -43.92 5.66 -5.54
N PRO E 434 -44.98 5.26 -6.28
CA PRO E 434 -44.78 4.88 -7.69
C PRO E 434 -44.40 6.03 -8.62
N GLN E 435 -44.31 7.26 -8.13
CA GLN E 435 -43.90 8.39 -8.97
C GLN E 435 -42.40 8.65 -8.90
N GLY E 436 -41.61 7.63 -8.56
CA GLY E 436 -40.18 7.78 -8.38
C GLY E 436 -39.39 7.54 -9.65
N ASN E 437 -38.12 7.19 -9.44
CA ASN E 437 -37.20 6.94 -10.54
C ASN E 437 -37.41 5.53 -11.08
N ASP E 438 -36.49 5.09 -11.93
CA ASP E 438 -36.63 3.80 -12.62
C ASP E 438 -36.56 2.63 -11.65
N MET E 439 -35.64 2.66 -10.69
CA MET E 439 -35.53 1.57 -9.72
C MET E 439 -36.75 1.50 -8.82
N THR E 440 -37.21 2.65 -8.30
CA THR E 440 -38.38 2.65 -7.42
C THR E 440 -39.61 2.16 -8.15
N LYS E 441 -39.79 2.59 -9.40
CA LYS E 441 -40.89 2.08 -10.21
C LYS E 441 -40.75 0.58 -10.45
N GLY E 442 -39.52 0.12 -10.70
CA GLY E 442 -39.27 -1.30 -10.89
C GLY E 442 -39.55 -2.12 -9.65
N LEU E 443 -39.32 -1.56 -8.46
CA LEU E 443 -39.58 -2.27 -7.22
C LEU E 443 -41.07 -2.36 -6.89
N LEU E 444 -41.93 -1.65 -7.61
CA LEU E 444 -43.35 -1.58 -7.27
C LEU E 444 -44.18 -2.21 -8.37
N THR E 445 -45.13 -3.05 -7.98
CA THR E 445 -46.07 -3.66 -8.91
C THR E 445 -47.45 -3.73 -8.27
N LEU E 446 -48.45 -3.87 -9.14
CA LEU E 446 -49.83 -3.92 -8.70
C LEU E 446 -50.15 -5.28 -8.07
N ALA E 447 -51.13 -5.29 -7.16
CA ALA E 447 -51.37 -6.49 -6.36
C ALA E 447 -52.44 -7.40 -6.96
N LYS E 448 -53.53 -6.82 -7.45
CA LYS E 448 -54.65 -7.59 -8.00
C LYS E 448 -54.46 -7.72 -9.51
N GLY E 449 -54.13 -8.93 -9.96
CA GLY E 449 -53.94 -9.19 -11.37
C GLY E 449 -55.11 -9.93 -12.00
N LYS E 450 -54.99 -10.13 -13.30
CA LYS E 450 -55.96 -10.86 -14.10
C LYS E 450 -55.20 -11.78 -15.04
N PRO E 451 -55.84 -12.83 -15.55
CA PRO E 451 -55.25 -13.60 -16.64
C PRO E 451 -54.93 -12.71 -17.83
N ILE E 452 -53.69 -12.83 -18.33
CA ILE E 452 -53.14 -11.81 -19.22
C ILE E 452 -53.85 -11.81 -20.57
N GLY E 453 -54.18 -12.98 -21.10
CA GLY E 453 -54.90 -13.06 -22.35
C GLY E 453 -54.04 -12.67 -23.55
N LYS E 454 -54.65 -12.79 -24.73
CA LYS E 454 -53.95 -12.49 -25.97
C LYS E 454 -53.68 -10.99 -26.11
N GLU E 455 -54.67 -10.16 -25.78
CA GLU E 455 -54.50 -8.71 -25.89
C GLU E 455 -53.55 -8.17 -24.83
N GLY E 456 -53.66 -8.66 -23.60
CA GLY E 456 -52.76 -8.19 -22.56
C GLY E 456 -51.32 -8.56 -22.84
N TYR E 457 -51.09 -9.76 -23.41
CA TYR E 457 -49.75 -10.16 -23.79
C TYR E 457 -49.17 -9.25 -24.86
N TYR E 458 -50.02 -8.80 -25.79
CA TYR E 458 -49.59 -7.83 -26.80
C TYR E 458 -49.15 -6.53 -26.17
N TRP E 459 -49.94 -6.01 -25.21
CA TRP E 459 -49.59 -4.74 -24.58
C TRP E 459 -48.44 -4.89 -23.59
N LEU E 460 -48.21 -6.10 -23.07
CA LEU E 460 -47.03 -6.34 -22.24
C LEU E 460 -45.76 -6.17 -23.06
N LYS E 461 -45.77 -6.67 -24.30
CA LYS E 461 -44.59 -6.56 -25.14
C LYS E 461 -44.37 -5.13 -25.62
N ILE E 462 -45.44 -4.36 -25.79
CA ILE E 462 -45.29 -2.94 -26.12
C ILE E 462 -44.63 -2.20 -24.97
N HIS E 463 -45.06 -2.48 -23.74
CA HIS E 463 -44.43 -1.84 -22.58
C HIS E 463 -42.97 -2.25 -22.44
N GLY E 464 -42.66 -3.52 -22.76
CA GLY E 464 -41.28 -3.95 -22.72
C GLY E 464 -40.41 -3.24 -23.74
N ALA E 465 -40.93 -3.04 -24.96
CA ALA E 465 -40.20 -2.28 -25.96
C ALA E 465 -40.04 -0.82 -25.54
N ASN E 466 -41.06 -0.23 -24.92
CA ASN E 466 -40.95 1.14 -24.42
C ASN E 466 -39.87 1.26 -23.36
N CYS E 467 -39.77 0.27 -22.46
CA CYS E 467 -38.76 0.32 -21.41
C CYS E 467 -37.35 0.23 -21.97
N ALA E 468 -37.20 -0.37 -23.15
CA ALA E 468 -35.89 -0.50 -23.80
C ALA E 468 -35.52 0.71 -24.64
N GLY E 469 -36.43 1.67 -24.80
CA GLY E 469 -36.18 2.83 -25.62
C GLY E 469 -36.72 2.74 -27.03
N VAL E 470 -37.30 1.60 -27.40
CA VAL E 470 -37.89 1.42 -28.75
C VAL E 470 -39.32 1.93 -28.66
N ASP E 471 -39.47 3.25 -28.81
CA ASP E 471 -40.77 3.90 -28.70
C ASP E 471 -41.05 4.91 -29.80
N LYS E 472 -40.07 5.21 -30.67
CA LYS E 472 -40.28 6.05 -31.83
C LYS E 472 -40.51 5.23 -33.09
N VAL E 473 -41.16 4.08 -32.95
CA VAL E 473 -41.37 3.13 -34.04
C VAL E 473 -42.76 2.51 -33.89
N PRO E 474 -43.37 2.09 -35.01
CA PRO E 474 -44.74 1.58 -34.93
C PRO E 474 -44.86 0.32 -34.07
N PHE E 475 -46.12 0.03 -33.68
CA PHE E 475 -46.37 -1.07 -32.76
C PHE E 475 -45.92 -2.44 -33.27
N PRO E 476 -46.16 -2.86 -34.53
CA PRO E 476 -45.57 -4.14 -34.97
C PRO E 476 -44.05 -4.17 -34.90
N GLU E 477 -43.37 -3.04 -35.15
CA GLU E 477 -41.91 -3.02 -35.02
C GLU E 477 -41.46 -2.99 -33.57
N ARG E 478 -42.35 -2.61 -32.64
CA ARG E 478 -42.04 -2.80 -31.23
C ARG E 478 -42.18 -4.27 -30.83
N ILE E 479 -43.22 -4.95 -31.35
CA ILE E 479 -43.37 -6.37 -31.11
C ILE E 479 -42.22 -7.14 -31.72
N LYS E 480 -41.80 -6.76 -32.93
CA LYS E 480 -40.72 -7.46 -33.62
C LYS E 480 -39.41 -7.36 -32.86
N PHE E 481 -39.17 -6.24 -32.17
CA PHE E 481 -37.98 -6.11 -31.33
C PHE E 481 -38.01 -7.11 -30.18
N ILE E 482 -39.19 -7.34 -29.61
CA ILE E 482 -39.30 -8.30 -28.51
C ILE E 482 -39.08 -9.72 -29.00
N GLU E 483 -39.70 -10.07 -30.13
CA GLU E 483 -39.58 -11.42 -30.66
C GLU E 483 -38.15 -11.73 -31.08
N GLU E 484 -37.48 -10.77 -31.73
CA GLU E 484 -36.10 -10.97 -32.16
C GLU E 484 -35.14 -11.01 -30.97
N ASN E 485 -35.56 -10.56 -29.79
CA ASN E 485 -34.73 -10.60 -28.61
C ASN E 485 -35.29 -11.58 -27.57
N HIS E 486 -36.04 -12.58 -28.05
CA HIS E 486 -36.72 -13.51 -27.14
C HIS E 486 -35.76 -14.24 -26.24
N GLU E 487 -34.65 -14.73 -26.80
CA GLU E 487 -33.68 -15.48 -26.00
C GLU E 487 -33.02 -14.59 -24.96
N ASN E 488 -32.73 -13.33 -25.31
CA ASN E 488 -32.09 -12.43 -24.35
C ASN E 488 -33.01 -12.14 -23.17
N ILE E 489 -34.30 -11.93 -23.43
CA ILE E 489 -35.25 -11.65 -22.36
C ILE E 489 -35.33 -12.82 -21.39
N MET E 490 -35.43 -14.04 -21.93
CA MET E 490 -35.53 -15.23 -21.07
C MET E 490 -34.24 -15.45 -20.28
N ALA E 491 -33.09 -15.23 -20.91
CA ALA E 491 -31.82 -15.35 -20.20
C ALA E 491 -31.74 -14.34 -19.06
N CYS E 492 -32.26 -13.14 -19.28
CA CYS E 492 -32.26 -12.13 -18.22
C CYS E 492 -33.23 -12.48 -17.11
N ALA E 493 -34.39 -13.05 -17.46
CA ALA E 493 -35.36 -13.43 -16.43
C ALA E 493 -34.90 -14.66 -15.65
N LYS E 494 -34.02 -15.48 -16.22
CA LYS E 494 -33.56 -16.71 -15.56
C LYS E 494 -32.34 -16.48 -14.68
N SER E 495 -31.37 -15.71 -15.17
CA SER E 495 -30.17 -15.38 -14.42
C SER E 495 -29.90 -13.88 -14.55
N PRO E 496 -30.60 -13.05 -13.78
CA PRO E 496 -30.43 -11.59 -13.94
C PRO E 496 -29.05 -11.07 -13.55
N LEU E 497 -28.34 -11.75 -12.65
CA LEU E 497 -27.01 -11.29 -12.29
C LEU E 497 -25.93 -11.78 -13.26
N GLU E 498 -26.26 -12.73 -14.14
CA GLU E 498 -25.28 -13.25 -15.08
C GLU E 498 -25.40 -12.66 -16.48
N ASN E 499 -26.53 -12.04 -16.81
CA ASN E 499 -26.73 -11.39 -18.09
C ASN E 499 -27.02 -9.92 -17.81
N THR E 500 -26.13 -9.05 -18.27
CA THR E 500 -26.24 -7.62 -18.03
C THR E 500 -27.00 -6.90 -19.14
N TRP E 501 -27.67 -7.63 -20.03
CA TRP E 501 -28.38 -6.98 -21.13
C TRP E 501 -29.53 -6.11 -20.64
N TRP E 502 -30.28 -6.59 -19.64
CA TRP E 502 -31.43 -5.84 -19.14
C TRP E 502 -31.01 -4.49 -18.55
N ALA E 503 -29.83 -4.44 -17.92
CA ALA E 503 -29.37 -3.24 -17.25
C ALA E 503 -28.80 -2.19 -18.20
N GLU E 504 -28.65 -2.53 -19.48
CA GLU E 504 -28.18 -1.57 -20.47
C GLU E 504 -29.33 -0.84 -21.17
N GLN E 505 -30.58 -1.13 -20.81
CA GLN E 505 -31.72 -0.52 -21.48
C GLN E 505 -32.05 0.84 -20.88
N ASP E 506 -32.96 1.55 -21.55
CA ASP E 506 -33.29 2.92 -21.18
C ASP E 506 -33.87 3.00 -19.78
N SER E 507 -34.85 2.15 -19.47
CA SER E 507 -35.40 2.04 -18.13
C SER E 507 -35.05 0.65 -17.61
N PRO E 508 -33.87 0.46 -17.01
CA PRO E 508 -33.37 -0.91 -16.77
C PRO E 508 -34.21 -1.72 -15.79
N PHE E 509 -34.50 -1.16 -14.61
CA PHE E 509 -35.19 -1.95 -13.60
C PHE E 509 -36.64 -2.21 -14.00
N CYS E 510 -37.28 -1.28 -14.71
CA CYS E 510 -38.59 -1.58 -15.27
C CYS E 510 -38.49 -2.64 -16.36
N PHE E 511 -37.40 -2.63 -17.13
CA PHE E 511 -37.23 -3.63 -18.18
C PHE E 511 -37.04 -5.02 -17.58
N LEU E 512 -36.30 -5.11 -16.47
CA LEU E 512 -36.16 -6.39 -15.77
C LEU E 512 -37.50 -6.87 -15.23
N ALA E 513 -38.34 -5.95 -14.73
CA ALA E 513 -39.66 -6.33 -14.25
C ALA E 513 -40.50 -6.90 -15.39
N PHE E 514 -40.41 -6.30 -16.57
CA PHE E 514 -41.09 -6.85 -17.73
C PHE E 514 -40.52 -8.21 -18.12
N CYS E 515 -39.20 -8.41 -17.93
CA CYS E 515 -38.57 -9.67 -18.34
C CYS E 515 -39.15 -10.87 -17.57
N PHE E 516 -39.36 -10.72 -16.25
CA PHE E 516 -39.91 -11.82 -15.47
C PHE E 516 -41.34 -12.15 -15.90
N GLU E 517 -42.14 -11.13 -16.21
CA GLU E 517 -43.51 -11.39 -16.65
C GLU E 517 -43.54 -12.02 -18.03
N TYR E 518 -42.60 -11.64 -18.90
CA TYR E 518 -42.50 -12.27 -20.21
C TYR E 518 -42.19 -13.76 -20.08
N ALA E 519 -41.30 -14.12 -19.15
CA ALA E 519 -41.00 -15.52 -18.92
C ALA E 519 -42.20 -16.26 -18.35
N GLY E 520 -43.01 -15.59 -17.51
CA GLY E 520 -44.19 -16.23 -16.97
C GLY E 520 -45.20 -16.61 -18.03
N VAL E 521 -45.40 -15.74 -19.02
CA VAL E 521 -46.28 -16.04 -20.14
C VAL E 521 -45.74 -17.20 -20.96
N GLN E 522 -44.42 -17.24 -21.17
CA GLN E 522 -43.82 -18.37 -21.88
C GLN E 522 -43.97 -19.66 -21.11
N HIS E 523 -43.92 -19.60 -19.78
CA HIS E 523 -44.04 -20.79 -18.95
C HIS E 523 -45.48 -21.19 -18.66
N HIS E 524 -46.40 -20.24 -18.59
CA HIS E 524 -47.76 -20.54 -18.17
C HIS E 524 -48.83 -20.21 -19.20
N GLY E 525 -48.45 -19.65 -20.36
CA GLY E 525 -49.43 -19.39 -21.40
C GLY E 525 -50.24 -18.13 -21.16
N LEU E 526 -51.30 -17.98 -21.96
CA LEU E 526 -52.10 -16.77 -21.94
C LEU E 526 -52.99 -16.64 -20.70
N SER E 527 -53.09 -17.68 -19.89
CA SER E 527 -53.87 -17.64 -18.66
C SER E 527 -53.04 -17.22 -17.45
N TYR E 528 -51.77 -16.87 -17.66
CA TYR E 528 -50.90 -16.49 -16.56
C TYR E 528 -51.39 -15.19 -15.93
N ASN E 529 -51.48 -15.18 -14.60
CA ASN E 529 -51.97 -14.02 -13.88
C ASN E 529 -50.88 -12.95 -13.85
N CYS E 530 -51.16 -11.79 -14.45
CA CYS E 530 -50.20 -10.72 -14.59
C CYS E 530 -50.73 -9.45 -13.93
N SER E 531 -49.84 -8.76 -13.21
CA SER E 531 -50.24 -7.54 -12.51
C SER E 531 -49.18 -6.44 -12.66
N LEU E 532 -48.40 -6.50 -13.73
CA LEU E 532 -47.37 -5.47 -13.95
C LEU E 532 -48.03 -4.21 -14.52
N PRO E 533 -47.73 -3.03 -13.97
CA PRO E 533 -48.30 -1.80 -14.53
C PRO E 533 -47.68 -1.49 -15.88
N LEU E 534 -48.53 -1.29 -16.89
CA LEU E 534 -48.07 -0.95 -18.24
C LEU E 534 -48.30 0.55 -18.44
N ALA E 535 -47.29 1.35 -18.06
CA ALA E 535 -47.42 2.80 -18.11
C ALA E 535 -47.40 3.30 -19.56
N PHE E 536 -48.37 4.14 -19.90
CA PHE E 536 -48.46 4.75 -21.22
C PHE E 536 -48.33 6.26 -21.11
N ASP E 537 -47.38 6.83 -21.84
CA ASP E 537 -47.00 8.23 -21.72
C ASP E 537 -47.44 9.02 -22.94
N GLY E 538 -48.02 10.20 -22.71
CA GLY E 538 -48.27 11.12 -23.80
C GLY E 538 -46.99 11.71 -24.36
N SER E 539 -47.05 12.11 -25.63
CA SER E 539 -45.92 12.67 -26.36
C SER E 539 -45.40 13.96 -25.74
N CYS E 540 -46.19 15.02 -25.80
CA CYS E 540 -45.83 16.31 -25.19
C CYS E 540 -47.15 16.92 -24.71
N SER E 541 -47.51 16.64 -23.46
CA SER E 541 -48.87 16.88 -23.00
C SER E 541 -49.23 18.36 -23.02
N GLY E 542 -48.28 19.24 -22.70
CA GLY E 542 -48.55 20.66 -22.79
C GLY E 542 -48.86 21.12 -24.20
N ILE E 543 -48.06 20.69 -25.17
CA ILE E 543 -48.34 21.00 -26.57
C ILE E 543 -49.58 20.24 -27.04
N GLN E 544 -49.77 19.01 -26.55
CA GLN E 544 -50.95 18.23 -26.89
C GLN E 544 -52.22 18.95 -26.46
N HIS E 545 -52.27 19.37 -25.19
CA HIS E 545 -53.45 20.07 -24.69
C HIS E 545 -53.66 21.39 -25.42
N PHE E 546 -52.58 22.15 -25.63
CA PHE E 546 -52.70 23.45 -26.29
C PHE E 546 -53.25 23.32 -27.71
N SER E 547 -52.74 22.33 -28.46
CA SER E 547 -53.25 22.11 -29.81
C SER E 547 -54.69 21.63 -29.81
N ALA E 548 -55.12 20.96 -28.73
CA ALA E 548 -56.49 20.47 -28.65
C ALA E 548 -57.49 21.60 -28.43
N MET E 549 -57.15 22.58 -27.58
CA MET E 549 -58.05 23.71 -27.37
C MET E 549 -58.25 24.52 -28.64
N LEU E 550 -57.17 24.78 -29.37
CA LEU E 550 -57.21 25.66 -30.52
C LEU E 550 -57.33 24.89 -31.82
N ARG E 551 -57.53 23.57 -31.75
CA ARG E 551 -57.79 22.71 -32.91
C ARG E 551 -56.65 22.81 -33.94
N ASP E 552 -55.41 22.83 -33.44
CA ASP E 552 -54.23 22.95 -34.30
C ASP E 552 -53.95 21.61 -34.96
N GLU E 553 -54.25 21.51 -36.26
CA GLU E 553 -53.99 20.27 -36.98
C GLU E 553 -52.50 20.05 -37.18
N VAL E 554 -51.78 21.08 -37.60
CA VAL E 554 -50.34 20.94 -37.86
C VAL E 554 -49.59 20.67 -36.56
N GLY E 555 -49.85 21.48 -35.54
CA GLY E 555 -49.19 21.26 -34.27
C GLY E 555 -49.60 19.96 -33.61
N GLY E 556 -50.88 19.59 -33.75
CA GLY E 556 -51.34 18.35 -33.16
C GLY E 556 -50.73 17.12 -33.81
N ARG E 557 -50.63 17.14 -35.14
CA ARG E 557 -50.03 16.01 -35.84
C ARG E 557 -48.56 15.82 -35.45
N ALA E 558 -47.85 16.91 -35.14
CA ALA E 558 -46.46 16.80 -34.73
C ALA E 558 -46.32 16.11 -33.37
N VAL E 559 -47.37 16.10 -32.54
CA VAL E 559 -47.32 15.43 -31.25
C VAL E 559 -48.28 14.25 -31.25
N ASN E 560 -48.48 13.65 -32.42
CA ASN E 560 -49.16 12.37 -32.62
C ASN E 560 -50.65 12.41 -32.28
N LEU E 561 -51.23 13.61 -32.23
CA LEU E 561 -52.66 13.71 -31.94
C LEU E 561 -53.50 13.09 -33.06
N LEU E 562 -52.99 13.05 -34.25
CA LEU E 562 -53.74 12.51 -35.37
C LEU E 562 -53.29 11.09 -35.69
N PRO E 563 -54.16 10.27 -36.28
CA PRO E 563 -53.75 8.88 -36.60
C PRO E 563 -52.72 8.82 -37.73
N SER E 564 -51.50 8.42 -37.38
CA SER E 564 -50.41 8.28 -38.34
C SER E 564 -49.82 6.89 -38.23
N GLU E 565 -49.30 6.38 -39.35
CA GLU E 565 -48.67 5.06 -39.35
C GLU E 565 -47.26 5.08 -38.81
N THR E 566 -46.65 6.26 -38.71
CA THR E 566 -45.34 6.43 -38.10
C THR E 566 -45.46 7.22 -36.81
N VAL E 567 -44.54 6.97 -35.88
CA VAL E 567 -44.49 7.72 -34.63
C VAL E 567 -43.89 9.09 -34.91
N GLN E 568 -44.58 10.15 -34.50
CA GLN E 568 -44.11 11.48 -34.86
C GLN E 568 -43.23 12.08 -33.78
N ASP E 569 -42.24 12.85 -34.24
CA ASP E 569 -41.17 13.37 -33.41
C ASP E 569 -41.13 14.88 -33.59
N ILE E 570 -41.63 15.61 -32.60
CA ILE E 570 -41.61 17.07 -32.68
C ILE E 570 -40.17 17.58 -32.70
N TYR E 571 -39.27 16.94 -31.96
CA TYR E 571 -37.87 17.35 -31.93
C TYR E 571 -37.24 17.25 -33.32
N GLY E 572 -37.50 16.17 -34.02
CA GLY E 572 -37.01 16.04 -35.38
C GLY E 572 -37.64 17.03 -36.33
N ILE E 573 -38.94 17.29 -36.17
CA ILE E 573 -39.67 18.17 -37.10
C ILE E 573 -39.13 19.58 -37.02
N VAL E 574 -38.86 20.07 -35.81
CA VAL E 574 -38.24 21.38 -35.64
C VAL E 574 -36.86 21.40 -36.28
N ALA E 575 -36.13 20.29 -36.19
CA ALA E 575 -34.79 20.23 -36.79
C ALA E 575 -34.84 20.30 -38.31
N LYS E 576 -35.87 19.72 -38.94
CA LYS E 576 -36.01 19.87 -40.39
C LYS E 576 -36.25 21.33 -40.76
N LYS E 577 -37.12 22.03 -40.02
CA LYS E 577 -37.40 23.42 -40.35
C LYS E 577 -36.18 24.30 -40.10
N VAL E 578 -35.36 23.99 -39.10
CA VAL E 578 -34.11 24.70 -38.89
C VAL E 578 -33.20 24.51 -40.11
N ASN E 579 -33.13 23.28 -40.63
CA ASN E 579 -32.25 22.99 -41.75
C ASN E 579 -32.68 23.70 -43.03
N GLU E 580 -33.98 23.95 -43.19
CA GLU E 580 -34.44 24.75 -44.32
C GLU E 580 -33.93 26.20 -44.21
N ILE E 581 -34.01 26.79 -43.03
CA ILE E 581 -33.49 28.14 -42.85
C ILE E 581 -31.98 28.15 -42.98
N LEU E 582 -31.31 27.09 -42.50
CA LEU E 582 -29.87 26.98 -42.64
C LEU E 582 -29.47 26.96 -44.10
N GLN E 583 -30.20 26.20 -44.93
CA GLN E 583 -29.94 26.18 -46.36
C GLN E 583 -30.20 27.54 -46.99
N ALA E 584 -31.27 28.22 -46.56
CA ALA E 584 -31.59 29.53 -47.11
C ALA E 584 -30.51 30.56 -46.78
N ASP E 585 -30.00 30.55 -45.54
CA ASP E 585 -29.01 31.55 -45.16
C ASP E 585 -27.65 31.27 -45.77
N ALA E 586 -27.34 30.00 -46.03
CA ALA E 586 -26.06 29.66 -46.61
C ALA E 586 -25.92 30.13 -48.06
N ILE E 587 -27.02 30.52 -48.70
CA ILE E 587 -27.01 30.98 -50.09
C ILE E 587 -27.30 32.48 -50.19
N ASN E 588 -28.29 32.96 -49.44
CA ASN E 588 -28.73 34.35 -49.54
C ASN E 588 -28.59 35.09 -48.20
N GLY E 589 -27.63 34.67 -47.37
CA GLY E 589 -27.44 35.31 -46.09
C GLY E 589 -26.61 36.58 -46.15
N THR E 590 -26.60 37.30 -45.03
CA THR E 590 -25.86 38.54 -44.92
C THR E 590 -24.36 38.29 -44.81
N ASP E 591 -23.58 39.22 -45.34
CA ASP E 591 -22.13 39.09 -45.32
C ASP E 591 -21.56 39.45 -43.95
N ASN E 592 -20.28 39.17 -43.78
CA ASN E 592 -19.60 39.50 -42.52
C ASN E 592 -19.15 40.96 -42.54
N GLU E 593 -19.56 41.71 -41.52
CA GLU E 593 -19.15 43.09 -41.33
C GLU E 593 -18.24 43.18 -40.12
N VAL E 594 -17.09 43.84 -40.28
CA VAL E 594 -16.15 44.03 -39.19
C VAL E 594 -16.50 45.32 -38.47
N VAL E 595 -16.79 45.22 -37.17
CA VAL E 595 -17.17 46.35 -36.35
C VAL E 595 -16.01 46.70 -35.42
N THR E 596 -15.85 47.98 -35.13
CA THR E 596 -14.82 48.46 -34.21
C THR E 596 -15.42 48.61 -32.83
N VAL E 597 -14.85 47.91 -31.85
CA VAL E 597 -15.29 47.98 -30.47
C VAL E 597 -14.09 48.29 -29.57
N THR E 598 -14.30 49.15 -28.58
CA THR E 598 -13.26 49.53 -27.64
C THR E 598 -13.62 49.02 -26.25
N ASP E 599 -12.60 48.58 -25.51
CA ASP E 599 -12.83 48.08 -24.15
C ASP E 599 -13.36 49.21 -23.28
N GLU E 600 -14.38 48.90 -22.48
CA GLU E 600 -15.12 49.94 -21.78
C GLU E 600 -14.37 50.54 -20.61
N ASN E 601 -13.43 49.80 -20.01
CA ASN E 601 -12.72 50.31 -18.84
C ASN E 601 -11.21 50.43 -19.00
N THR E 602 -10.61 49.76 -19.99
CA THR E 602 -9.18 49.87 -20.22
C THR E 602 -8.82 50.63 -21.47
N GLY E 603 -9.66 50.57 -22.50
CA GLY E 603 -9.55 51.46 -23.64
C GLY E 603 -8.92 50.88 -24.89
N GLU E 604 -8.70 49.58 -24.96
CA GLU E 604 -8.10 48.98 -26.15
C GLU E 604 -9.12 48.93 -27.28
N ILE E 605 -8.73 49.44 -28.44
CA ILE E 605 -9.57 49.42 -29.63
C ILE E 605 -9.24 48.18 -30.44
N SER E 606 -10.25 47.38 -30.75
CA SER E 606 -10.07 46.15 -31.52
C SER E 606 -11.13 46.09 -32.62
N GLU E 607 -10.75 45.47 -33.73
CA GLU E 607 -11.69 45.19 -34.82
C GLU E 607 -12.10 43.72 -34.74
N LYS E 608 -13.31 43.48 -34.28
CA LYS E 608 -13.87 42.14 -34.19
C LYS E 608 -15.00 42.00 -35.20
N VAL E 609 -14.94 40.93 -36.00
CA VAL E 609 -15.93 40.71 -37.06
C VAL E 609 -17.14 40.00 -36.45
N LYS E 610 -18.31 40.61 -36.59
CA LYS E 610 -19.55 39.90 -36.34
C LYS E 610 -19.86 39.04 -37.56
N LEU E 611 -20.32 37.82 -37.32
CA LEU E 611 -20.58 36.91 -38.42
C LEU E 611 -21.96 37.16 -38.99
N GLY E 612 -22.05 37.20 -40.32
CA GLY E 612 -23.34 37.26 -40.98
C GLY E 612 -24.02 35.91 -40.97
N THR E 613 -25.28 35.90 -41.42
CA THR E 613 -26.04 34.65 -41.41
C THR E 613 -25.51 33.64 -42.41
N LYS E 614 -24.86 34.09 -43.48
CA LYS E 614 -24.26 33.18 -44.43
C LYS E 614 -23.12 32.39 -43.80
N ALA E 615 -22.25 33.07 -43.05
CA ALA E 615 -21.16 32.36 -42.39
C ALA E 615 -21.68 31.50 -41.24
N LEU E 616 -22.68 31.99 -40.51
CA LEU E 616 -23.19 31.26 -39.35
C LEU E 616 -23.93 30.00 -39.77
N ALA E 617 -24.70 30.07 -40.86
CA ALA E 617 -25.36 28.87 -41.35
C ALA E 617 -24.36 27.84 -41.86
N GLY E 618 -23.24 28.31 -42.42
CA GLY E 618 -22.22 27.38 -42.86
C GLY E 618 -21.63 26.55 -41.74
N GLN E 619 -21.45 27.17 -40.58
CA GLN E 619 -20.93 26.43 -39.42
C GLN E 619 -21.90 25.33 -39.00
N TRP E 620 -23.19 25.66 -38.91
CA TRP E 620 -24.16 24.68 -38.45
C TRP E 620 -24.39 23.58 -39.47
N LEU E 621 -24.34 23.91 -40.76
CA LEU E 621 -24.42 22.87 -41.78
C LEU E 621 -23.22 21.94 -41.72
N ALA E 622 -22.04 22.48 -41.41
CA ALA E 622 -20.86 21.66 -41.21
C ALA E 622 -21.00 20.76 -39.98
N TYR E 623 -21.57 21.30 -38.91
CA TYR E 623 -21.78 20.49 -37.70
C TYR E 623 -22.83 19.41 -37.94
N GLY E 624 -23.95 19.79 -38.57
CA GLY E 624 -25.05 18.88 -38.80
C GLY E 624 -26.09 18.98 -37.69
N VAL E 625 -27.26 19.53 -37.99
CA VAL E 625 -28.27 19.83 -36.99
C VAL E 625 -29.31 18.71 -37.00
N THR E 626 -29.44 18.03 -35.86
CA THR E 626 -30.39 16.93 -35.68
C THR E 626 -31.34 17.28 -34.53
N ARG E 627 -32.14 16.29 -34.13
CA ARG E 627 -33.08 16.47 -33.02
C ARG E 627 -32.39 16.78 -31.70
N SER E 628 -31.09 16.47 -31.56
CA SER E 628 -30.39 16.77 -30.33
C SER E 628 -30.19 18.27 -30.13
N VAL E 629 -30.08 19.02 -31.22
CA VAL E 629 -29.90 20.47 -31.10
C VAL E 629 -31.18 21.14 -30.64
N THR E 630 -32.33 20.67 -31.13
CA THR E 630 -33.61 21.33 -30.91
C THR E 630 -34.41 20.76 -29.75
N LYS E 631 -33.91 19.69 -29.12
CA LYS E 631 -34.74 18.91 -28.19
C LYS E 631 -35.14 19.73 -26.96
N ARG E 632 -34.15 20.24 -26.22
CA ARG E 632 -34.45 20.87 -24.93
C ARG E 632 -35.26 22.15 -25.09
N SER E 633 -35.07 22.87 -26.20
CA SER E 633 -35.89 24.06 -26.46
C SER E 633 -37.36 23.69 -26.58
N VAL E 634 -37.66 22.56 -27.22
CA VAL E 634 -39.06 22.14 -27.34
C VAL E 634 -39.61 21.70 -25.99
N MET E 635 -38.80 21.00 -25.19
CA MET E 635 -39.26 20.59 -23.86
C MET E 635 -39.52 21.79 -22.96
N THR E 636 -38.67 22.81 -23.03
CA THR E 636 -38.84 23.96 -22.16
C THR E 636 -39.82 24.99 -22.70
N LEU E 637 -40.42 24.73 -23.88
CA LEU E 637 -41.35 25.70 -24.45
C LEU E 637 -42.58 25.89 -23.58
N ALA E 638 -43.12 24.80 -23.03
CA ALA E 638 -44.29 24.89 -22.16
C ALA E 638 -43.96 25.52 -20.81
N TYR E 639 -42.68 25.67 -20.46
CA TYR E 639 -42.28 26.33 -19.23
C TYR E 639 -42.02 27.81 -19.44
N GLY E 640 -42.26 28.32 -20.63
CA GLY E 640 -42.09 29.74 -20.91
C GLY E 640 -40.78 30.11 -21.57
N SER E 641 -39.90 29.15 -21.85
CA SER E 641 -38.66 29.47 -22.52
C SER E 641 -38.92 29.94 -23.95
N LYS E 642 -38.12 30.90 -24.39
CA LYS E 642 -38.33 31.58 -25.66
C LYS E 642 -36.95 31.77 -26.30
N GLU E 643 -36.87 32.68 -27.29
CA GLU E 643 -35.67 32.82 -28.10
C GLU E 643 -34.43 33.16 -27.28
N PHE E 644 -34.58 33.95 -26.21
CA PHE E 644 -33.42 34.27 -25.38
C PHE E 644 -32.88 33.03 -24.67
N GLY E 645 -33.76 32.28 -23.99
CA GLY E 645 -33.32 31.13 -23.23
C GLY E 645 -32.80 30.00 -24.07
N PHE E 646 -33.24 29.92 -25.33
CA PHE E 646 -32.71 28.90 -26.24
C PHE E 646 -31.23 29.10 -26.48
N ARG E 647 -30.75 30.35 -26.44
CA ARG E 647 -29.33 30.63 -26.63
C ARG E 647 -28.48 29.97 -25.55
N GLN E 648 -28.92 30.08 -24.30
CA GLN E 648 -28.19 29.42 -23.21
C GLN E 648 -28.27 27.90 -23.34
N GLN E 649 -29.44 27.38 -23.72
CA GLN E 649 -29.58 25.93 -23.89
C GLN E 649 -28.68 25.39 -25.00
N VAL E 650 -28.64 26.09 -26.13
CA VAL E 650 -27.87 25.62 -27.28
C VAL E 650 -26.37 25.63 -26.96
N LEU E 651 -25.91 26.64 -26.20
CA LEU E 651 -24.49 26.78 -25.95
C LEU E 651 -23.93 25.61 -25.15
N GLU E 652 -24.53 25.27 -24.01
CA GLU E 652 -23.96 24.24 -23.16
C GLU E 652 -24.46 22.83 -23.46
N ASP E 653 -25.45 22.68 -24.34
CA ASP E 653 -25.87 21.34 -24.76
C ASP E 653 -25.13 20.89 -26.01
N THR E 654 -24.97 21.79 -26.98
CA THR E 654 -24.40 21.45 -28.29
C THR E 654 -23.03 22.04 -28.51
N ILE E 655 -22.88 23.35 -28.36
CA ILE E 655 -21.66 24.03 -28.80
C ILE E 655 -20.51 23.76 -27.85
N GLN E 656 -20.70 24.01 -26.55
CA GLN E 656 -19.64 23.81 -25.58
C GLN E 656 -19.17 22.36 -25.47
N PRO E 657 -20.05 21.34 -25.37
CA PRO E 657 -19.53 19.96 -25.33
C PRO E 657 -18.81 19.53 -26.59
N ALA E 658 -19.23 20.03 -27.77
CA ALA E 658 -18.55 19.65 -29.00
C ALA E 658 -17.16 20.24 -29.08
N ILE E 659 -17.00 21.52 -28.69
CA ILE E 659 -15.68 22.13 -28.68
C ILE E 659 -14.76 21.42 -27.70
N ASP E 660 -15.29 21.07 -26.54
CA ASP E 660 -14.54 20.34 -25.52
C ASP E 660 -14.32 18.86 -25.87
N SER E 661 -14.63 18.40 -27.08
CA SER E 661 -14.46 16.99 -27.43
C SER E 661 -13.84 16.77 -28.80
N GLY E 662 -13.28 17.80 -29.43
CA GLY E 662 -12.67 17.68 -30.74
C GLY E 662 -13.52 18.15 -31.89
N LYS E 663 -14.83 18.29 -31.69
CA LYS E 663 -15.70 18.91 -32.66
C LYS E 663 -15.67 20.42 -32.42
N GLY E 664 -16.55 21.17 -33.06
CA GLY E 664 -16.60 22.61 -32.85
C GLY E 664 -15.52 23.39 -33.54
N LEU E 665 -14.89 22.83 -34.57
CA LEU E 665 -13.92 23.59 -35.35
C LEU E 665 -14.60 24.73 -36.10
N MET E 666 -15.89 24.58 -36.42
CA MET E 666 -16.63 25.64 -37.09
C MET E 666 -17.03 26.75 -36.12
N PHE E 667 -17.29 26.42 -34.85
CA PHE E 667 -17.76 27.40 -33.88
C PHE E 667 -16.58 28.26 -33.43
N THR E 668 -16.24 29.24 -34.28
CA THR E 668 -15.13 30.13 -33.94
C THR E 668 -15.53 31.13 -32.85
N GLN E 669 -16.72 31.71 -32.96
CA GLN E 669 -17.31 32.45 -31.84
C GLN E 669 -18.54 31.72 -31.34
N PRO E 670 -18.46 31.03 -30.19
CA PRO E 670 -19.60 30.24 -29.72
C PRO E 670 -20.86 31.04 -29.41
N ASN E 671 -20.72 32.26 -28.88
CA ASN E 671 -21.90 33.03 -28.51
C ASN E 671 -22.70 33.46 -29.72
N GLN E 672 -22.01 33.83 -30.81
CA GLN E 672 -22.71 34.22 -32.03
C GLN E 672 -23.46 33.05 -32.63
N ALA E 673 -22.85 31.85 -32.62
CA ALA E 673 -23.52 30.68 -33.17
C ALA E 673 -24.71 30.25 -32.31
N ALA E 674 -24.59 30.38 -30.99
CA ALA E 674 -25.70 30.05 -30.11
C ALA E 674 -26.87 31.01 -30.31
N GLY E 675 -26.58 32.31 -30.44
CA GLY E 675 -27.65 33.28 -30.63
C GLY E 675 -28.34 33.11 -31.98
N TYR E 676 -27.57 32.80 -33.03
CA TYR E 676 -28.16 32.55 -34.33
C TYR E 676 -29.03 31.29 -34.32
N MET E 677 -28.56 30.22 -33.67
CA MET E 677 -29.36 29.00 -33.59
C MET E 677 -30.61 29.22 -32.72
N ALA E 678 -30.52 30.09 -31.71
CA ALA E 678 -31.69 30.38 -30.88
C ALA E 678 -32.79 31.05 -31.69
N LYS E 679 -32.44 31.96 -32.60
CA LYS E 679 -33.45 32.57 -33.46
C LYS E 679 -34.08 31.54 -34.39
N LEU E 680 -33.29 30.62 -34.93
CA LEU E 680 -33.82 29.66 -35.90
C LEU E 680 -34.72 28.62 -35.22
N ILE E 681 -34.35 28.20 -34.00
CA ILE E 681 -35.18 27.23 -33.29
C ILE E 681 -36.51 27.87 -32.92
N TRP E 682 -36.49 29.10 -32.40
CA TRP E 682 -37.73 29.79 -32.05
C TRP E 682 -38.60 30.02 -33.28
N GLU E 683 -37.97 30.41 -34.41
CA GLU E 683 -38.72 30.58 -35.64
C GLU E 683 -39.36 29.26 -36.09
N SER E 684 -38.63 28.15 -35.96
CA SER E 684 -39.18 26.88 -36.40
C SER E 684 -40.29 26.40 -35.47
N VAL E 685 -40.08 26.54 -34.16
CA VAL E 685 -41.10 26.15 -33.19
C VAL E 685 -42.36 27.01 -33.39
N SER E 686 -42.18 28.30 -33.66
CA SER E 686 -43.30 29.22 -33.79
C SER E 686 -44.25 28.83 -34.93
N VAL E 687 -43.72 28.23 -35.99
CA VAL E 687 -44.55 27.80 -37.11
C VAL E 687 -44.93 26.33 -37.02
N THR E 688 -44.21 25.53 -36.23
CA THR E 688 -44.59 24.13 -36.07
C THR E 688 -45.80 23.98 -35.16
N VAL E 689 -45.77 24.61 -34.00
CA VAL E 689 -46.89 24.56 -33.06
C VAL E 689 -47.35 26.00 -32.84
N VAL E 690 -48.23 26.47 -33.71
CA VAL E 690 -48.64 27.87 -33.62
C VAL E 690 -49.67 28.07 -32.52
N ALA E 691 -50.43 27.04 -32.15
CA ALA E 691 -51.42 27.21 -31.08
C ALA E 691 -50.76 27.30 -29.72
N ALA E 692 -49.68 26.53 -29.50
CA ALA E 692 -48.99 26.55 -28.21
C ALA E 692 -48.38 27.92 -27.94
N VAL E 693 -47.80 28.56 -28.96
CA VAL E 693 -47.21 29.87 -28.73
C VAL E 693 -48.28 30.95 -28.66
N GLU E 694 -49.41 30.77 -29.37
CA GLU E 694 -50.47 31.78 -29.34
C GLU E 694 -51.20 31.78 -27.99
N ALA E 695 -51.56 30.60 -27.49
CA ALA E 695 -52.25 30.52 -26.21
C ALA E 695 -51.37 31.02 -25.08
N MET E 696 -50.08 30.69 -25.12
CA MET E 696 -49.16 31.12 -24.06
C MET E 696 -49.00 32.63 -24.04
N ASN E 697 -48.96 33.25 -25.22
CA ASN E 697 -48.94 34.72 -25.28
C ASN E 697 -50.27 35.30 -24.81
N TRP E 698 -51.38 34.64 -25.17
CA TRP E 698 -52.70 35.14 -24.76
C TRP E 698 -52.86 35.04 -23.24
N LEU E 699 -52.44 33.92 -22.64
CA LEU E 699 -52.54 33.78 -21.19
C LEU E 699 -51.62 34.75 -20.48
N LYS E 700 -50.41 34.95 -20.99
CA LYS E 700 -49.48 35.88 -20.39
C LYS E 700 -49.98 37.32 -20.49
N SER E 701 -50.56 37.68 -21.64
CA SER E 701 -51.10 39.02 -21.81
C SER E 701 -52.28 39.27 -20.89
N ALA E 702 -53.08 38.24 -20.62
CA ALA E 702 -54.15 38.35 -19.64
C ALA E 702 -53.57 38.67 -18.27
N ALA E 703 -52.76 37.75 -17.73
CA ALA E 703 -52.27 37.86 -16.36
C ALA E 703 -51.44 39.13 -16.14
N LYS E 704 -50.89 39.70 -17.20
CA LYS E 704 -50.26 41.01 -17.11
C LYS E 704 -51.25 42.10 -16.70
N LEU E 705 -52.45 42.07 -17.28
CA LEU E 705 -53.45 43.09 -17.01
C LEU E 705 -54.10 42.92 -15.64
N LEU E 706 -54.45 41.69 -15.25
CA LEU E 706 -54.96 41.46 -13.90
C LEU E 706 -53.91 41.81 -12.84
N ALA E 707 -52.64 41.49 -13.10
CA ALA E 707 -51.59 41.78 -12.10
C ALA E 707 -51.26 43.26 -12.02
N ALA E 708 -51.68 44.03 -12.99
CA ALA E 708 -51.29 45.43 -13.07
C ALA E 708 -51.93 46.25 -11.95
N GLU E 709 -51.18 47.20 -11.44
CA GLU E 709 -51.69 48.18 -10.48
C GLU E 709 -51.89 49.50 -11.23
N VAL E 710 -53.05 49.62 -11.89
CA VAL E 710 -53.34 50.83 -12.64
C VAL E 710 -53.62 51.98 -11.67
N LYS E 711 -52.93 53.09 -11.87
CA LYS E 711 -53.05 54.28 -11.05
C LYS E 711 -53.24 55.49 -11.95
N ASP E 712 -54.12 56.40 -11.54
CA ASP E 712 -54.27 57.66 -12.26
C ASP E 712 -53.00 58.48 -12.09
N LYS E 713 -52.49 59.02 -13.20
CA LYS E 713 -51.18 59.67 -13.19
C LYS E 713 -51.17 60.94 -12.35
N LYS E 714 -52.23 61.74 -12.43
CA LYS E 714 -52.24 63.03 -11.72
C LYS E 714 -52.31 62.84 -10.21
N THR E 715 -53.25 62.02 -9.75
CA THR E 715 -53.51 61.91 -8.31
C THR E 715 -52.84 60.70 -7.66
N GLY E 716 -52.25 59.80 -8.43
CA GLY E 716 -51.69 58.59 -7.86
C GLY E 716 -52.71 57.63 -7.30
N GLU E 717 -53.99 57.83 -7.60
CA GLU E 717 -55.06 57.03 -7.00
C GLU E 717 -55.14 55.66 -7.67
N ILE E 718 -55.14 54.61 -6.86
CA ILE E 718 -55.20 53.24 -7.37
C ILE E 718 -56.65 52.96 -7.76
N LEU E 719 -56.93 53.00 -9.06
CA LEU E 719 -58.26 52.61 -9.54
C LEU E 719 -58.49 51.11 -9.41
N ARG E 720 -57.46 50.31 -9.69
CA ARG E 720 -57.59 48.85 -9.67
C ARG E 720 -56.33 48.27 -9.07
N LYS E 721 -56.47 47.56 -7.94
CA LYS E 721 -55.34 46.89 -7.33
C LYS E 721 -54.98 45.65 -8.14
N ARG E 722 -53.83 45.07 -7.84
CA ARG E 722 -53.38 43.86 -8.53
C ARG E 722 -54.35 42.72 -8.24
N CYS E 723 -54.85 42.09 -9.30
CA CYS E 723 -55.85 41.04 -9.19
C CYS E 723 -55.20 39.69 -9.48
N ALA E 724 -55.54 38.69 -8.68
CA ALA E 724 -55.05 37.34 -8.88
C ALA E 724 -55.76 36.70 -10.07
N VAL E 725 -55.22 35.58 -10.54
CA VAL E 725 -55.77 34.86 -11.68
C VAL E 725 -56.39 33.56 -11.16
N HIS E 726 -57.66 33.36 -11.48
CA HIS E 726 -58.39 32.20 -11.01
C HIS E 726 -59.18 31.60 -12.16
N TRP E 727 -59.22 30.27 -12.22
CA TRP E 727 -60.02 29.58 -13.23
C TRP E 727 -60.43 28.21 -12.69
N VAL E 728 -61.27 27.51 -13.46
CA VAL E 728 -61.83 26.23 -13.06
C VAL E 728 -61.54 25.21 -14.15
N THR E 729 -60.96 24.07 -13.77
CA THR E 729 -60.72 22.97 -14.70
C THR E 729 -62.05 22.33 -15.12
N PRO E 730 -62.05 21.60 -16.25
CA PRO E 730 -63.30 20.97 -16.71
C PRO E 730 -63.93 19.97 -15.74
N ASP E 731 -63.16 19.28 -14.90
CA ASP E 731 -63.82 18.42 -13.92
C ASP E 731 -64.37 19.17 -12.72
N GLY E 732 -64.04 20.44 -12.57
CA GLY E 732 -64.56 21.26 -11.49
C GLY E 732 -63.54 21.71 -10.46
N PHE E 733 -62.27 21.39 -10.64
CA PHE E 733 -61.26 21.81 -9.67
C PHE E 733 -60.89 23.27 -9.91
N PRO E 734 -61.08 24.16 -8.94
CA PRO E 734 -60.63 25.55 -9.11
C PRO E 734 -59.19 25.76 -8.62
N VAL E 735 -58.55 26.76 -9.19
CA VAL E 735 -57.14 27.07 -8.89
C VAL E 735 -56.99 28.57 -8.84
N TRP E 736 -56.28 29.06 -7.82
CA TRP E 736 -55.99 30.48 -7.65
C TRP E 736 -54.48 30.68 -7.76
N GLN E 737 -54.05 31.45 -8.74
CA GLN E 737 -52.65 31.83 -8.90
C GLN E 737 -52.45 33.20 -8.25
N GLU E 738 -51.89 33.20 -7.02
CA GLU E 738 -51.57 34.43 -6.29
C GLU E 738 -50.10 34.34 -5.82
N TYR E 739 -49.18 34.67 -6.72
CA TYR E 739 -47.77 34.79 -6.35
C TYR E 739 -47.57 36.06 -5.52
N LYS E 740 -46.77 35.94 -4.46
CA LYS E 740 -46.63 37.01 -3.48
C LYS E 740 -45.18 37.47 -3.38
N LYS E 741 -45.00 38.78 -3.30
CA LYS E 741 -43.70 39.43 -3.22
C LYS E 741 -43.61 40.22 -1.91
N PRO E 742 -42.55 40.04 -1.12
CA PRO E 742 -42.39 40.85 0.09
C PRO E 742 -42.08 42.30 -0.25
N ILE E 743 -42.49 43.20 0.64
CA ILE E 743 -42.22 44.63 0.43
C ILE E 743 -40.80 45.00 0.79
N GLN E 744 -40.10 44.17 1.57
CA GLN E 744 -38.72 44.44 1.95
C GLN E 744 -37.92 43.14 1.87
N THR E 745 -36.62 43.29 1.67
CA THR E 745 -35.70 42.15 1.69
C THR E 745 -34.31 42.67 2.02
N ARG E 746 -33.63 41.97 2.93
CA ARG E 746 -32.27 42.32 3.32
C ARG E 746 -31.36 41.13 3.07
N LEU E 747 -30.26 41.38 2.35
CA LEU E 747 -29.34 40.33 1.97
C LEU E 747 -27.91 40.79 2.19
N ASN E 748 -27.05 39.86 2.60
CA ASN E 748 -25.61 40.08 2.68
C ASN E 748 -24.91 39.06 1.80
N LEU E 749 -23.69 39.40 1.39
CA LEU E 749 -22.93 38.52 0.51
C LEU E 749 -22.27 37.38 1.28
N MET E 750 -21.60 37.70 2.39
CA MET E 750 -20.91 36.67 3.16
C MET E 750 -21.89 35.81 3.96
N PHE E 751 -22.89 36.44 4.56
CA PHE E 751 -23.90 35.75 5.35
C PHE E 751 -25.23 35.78 4.61
N LEU E 752 -25.90 34.63 4.57
CA LEU E 752 -27.14 34.53 3.80
C LEU E 752 -28.21 35.45 4.37
N GLY E 753 -28.89 36.17 3.48
CA GLY E 753 -29.79 37.21 3.91
C GLY E 753 -31.04 36.67 4.58
N GLN E 754 -31.60 37.46 5.49
CA GLN E 754 -32.82 37.10 6.20
C GLN E 754 -33.86 38.21 6.11
N ASP E 766 -46.41 42.32 5.36
CA ASP E 766 -47.35 42.53 4.27
C ASP E 766 -46.71 42.19 2.94
N SER E 767 -47.44 41.46 2.09
CA SER E 767 -46.89 40.94 0.84
C SER E 767 -47.77 41.39 -0.32
N GLU E 768 -47.17 42.11 -1.26
CA GLU E 768 -47.84 42.46 -2.50
C GLU E 768 -47.84 41.27 -3.44
N ILE E 769 -48.70 41.34 -4.46
CA ILE E 769 -48.73 40.31 -5.49
C ILE E 769 -47.48 40.47 -6.34
N ASP E 770 -46.70 39.39 -6.45
CA ASP E 770 -45.54 39.35 -7.35
C ASP E 770 -46.07 39.34 -8.78
N ALA E 771 -46.04 40.49 -9.43
CA ALA E 771 -46.58 40.60 -10.79
C ALA E 771 -45.82 39.72 -11.75
N HIS E 772 -44.49 39.84 -11.77
CA HIS E 772 -43.68 39.17 -12.79
C HIS E 772 -43.81 37.65 -12.72
N LYS E 773 -44.01 37.08 -11.53
CA LYS E 773 -44.23 35.65 -11.46
C LYS E 773 -45.60 35.23 -11.97
N GLN E 774 -46.59 36.14 -11.95
CA GLN E 774 -47.87 35.83 -12.57
C GLN E 774 -47.74 35.69 -14.08
N GLU E 775 -46.90 36.54 -14.70
CA GLU E 775 -46.68 36.45 -16.14
C GLU E 775 -45.97 35.15 -16.53
N SER E 776 -44.88 34.83 -15.83
CA SER E 776 -44.06 33.69 -16.21
C SER E 776 -44.66 32.36 -15.77
N GLY E 777 -45.69 32.38 -14.93
CA GLY E 777 -46.23 31.14 -14.42
C GLY E 777 -47.60 30.78 -14.94
N ILE E 778 -48.34 31.75 -15.49
CA ILE E 778 -49.74 31.50 -15.84
C ILE E 778 -49.85 30.46 -16.96
N ALA E 779 -48.93 30.49 -17.92
CA ALA E 779 -49.02 29.51 -19.02
C ALA E 779 -48.67 28.11 -18.56
N PRO E 780 -47.53 27.84 -17.90
CA PRO E 780 -47.30 26.46 -17.44
C PRO E 780 -48.33 25.98 -16.42
N ASN E 781 -48.81 26.85 -15.54
CA ASN E 781 -49.78 26.40 -14.54
C ASN E 781 -51.13 26.10 -15.15
N PHE E 782 -51.47 26.71 -16.28
CA PHE E 782 -52.75 26.46 -16.92
C PHE E 782 -52.80 25.06 -17.54
N VAL E 783 -51.74 24.67 -18.28
CA VAL E 783 -51.76 23.35 -18.93
C VAL E 783 -51.66 22.25 -17.89
N HIS E 784 -50.80 22.42 -16.88
CA HIS E 784 -50.71 21.40 -15.83
C HIS E 784 -52.05 21.24 -15.12
N SER E 785 -52.79 22.35 -14.92
CA SER E 785 -54.15 22.22 -14.43
C SER E 785 -55.01 21.44 -15.42
N GLN E 786 -54.77 21.62 -16.73
CA GLN E 786 -55.58 20.93 -17.72
C GLN E 786 -55.25 19.44 -17.79
N ASP E 787 -53.96 19.08 -17.67
CA ASP E 787 -53.61 17.67 -17.68
C ASP E 787 -54.03 16.98 -16.37
N GLY E 788 -54.04 17.72 -15.26
CA GLY E 788 -54.53 17.15 -14.02
C GLY E 788 -56.00 16.81 -14.09
N SER E 789 -56.81 17.69 -14.68
CA SER E 789 -58.21 17.38 -14.89
C SER E 789 -58.38 16.22 -15.87
N HIS E 790 -57.52 16.18 -16.90
CA HIS E 790 -57.57 15.08 -17.85
C HIS E 790 -57.23 13.75 -17.18
N LEU E 791 -56.23 13.74 -16.30
CA LEU E 791 -55.92 12.53 -15.55
C LEU E 791 -57.06 12.13 -14.62
N ARG E 792 -57.66 13.11 -13.93
CA ARG E 792 -58.75 12.80 -13.03
C ARG E 792 -59.97 12.30 -13.78
N LYS E 793 -60.26 12.91 -14.94
CA LYS E 793 -61.42 12.45 -15.73
C LYS E 793 -61.16 11.07 -16.33
N THR E 794 -59.91 10.76 -16.67
CA THR E 794 -59.56 9.43 -17.16
C THR E 794 -59.76 8.36 -16.08
N VAL E 795 -59.42 8.70 -14.84
CA VAL E 795 -59.51 7.72 -13.74
C VAL E 795 -60.97 7.34 -13.50
N VAL E 796 -61.87 8.33 -13.47
CA VAL E 796 -63.26 8.00 -13.18
C VAL E 796 -63.91 7.30 -14.37
N TRP E 797 -63.51 7.65 -15.59
CA TRP E 797 -64.12 7.03 -16.76
C TRP E 797 -63.66 5.58 -16.92
N ALA E 798 -62.38 5.32 -16.67
CA ALA E 798 -61.88 3.96 -16.72
C ALA E 798 -62.45 3.10 -15.61
N HIS E 799 -62.71 3.69 -14.44
CA HIS E 799 -63.24 2.93 -13.31
C HIS E 799 -64.71 2.60 -13.47
N GLU E 800 -65.47 3.43 -14.18
CA GLU E 800 -66.92 3.30 -14.23
C GLU E 800 -67.41 2.66 -15.52
N LYS E 801 -67.03 3.21 -16.67
CA LYS E 801 -67.47 2.62 -17.94
C LYS E 801 -66.79 1.27 -18.17
N TYR E 802 -65.50 1.20 -17.92
CA TYR E 802 -64.77 -0.05 -17.90
C TYR E 802 -64.57 -0.48 -16.45
N GLY E 803 -63.91 -1.61 -16.25
CA GLY E 803 -63.85 -2.14 -14.91
C GLY E 803 -62.50 -2.01 -14.25
N ILE E 804 -61.75 -0.98 -14.63
CA ILE E 804 -60.38 -0.86 -14.16
C ILE E 804 -60.39 -0.41 -12.70
N GLU E 805 -59.68 -1.15 -11.85
CA GLU E 805 -59.62 -0.86 -10.42
C GLU E 805 -58.25 -0.43 -9.93
N SER E 806 -57.18 -0.69 -10.68
CA SER E 806 -55.81 -0.37 -10.27
C SER E 806 -55.21 0.62 -11.26
N PHE E 807 -54.54 1.65 -10.74
CA PHE E 807 -54.01 2.73 -11.57
C PHE E 807 -52.59 3.10 -11.16
N ALA E 808 -51.73 3.29 -12.14
CA ALA E 808 -50.42 3.87 -11.95
C ALA E 808 -50.43 5.23 -12.62
N LEU E 809 -50.36 6.29 -11.81
CA LEU E 809 -50.54 7.66 -12.29
C LEU E 809 -49.32 8.50 -11.97
N ILE E 810 -48.54 8.83 -12.99
CA ILE E 810 -47.51 9.85 -12.91
C ILE E 810 -47.81 10.83 -14.03
N HIS E 811 -48.31 12.02 -13.66
CA HIS E 811 -49.08 12.92 -14.52
C HIS E 811 -48.70 12.86 -15.99
N ASP E 812 -49.71 12.68 -16.84
CA ASP E 812 -49.68 12.37 -18.27
C ASP E 812 -49.03 11.02 -18.59
N SER E 813 -48.77 10.18 -17.59
CA SER E 813 -48.50 8.77 -17.81
C SER E 813 -49.56 7.94 -17.10
N PHE E 814 -50.16 6.98 -17.81
CA PHE E 814 -51.27 6.18 -17.31
C PHE E 814 -50.94 4.70 -17.46
N GLY E 815 -51.19 3.92 -16.42
CA GLY E 815 -50.87 2.51 -16.43
C GLY E 815 -51.85 1.69 -15.62
N THR E 816 -51.97 0.42 -16.00
CA THR E 816 -52.79 -0.55 -15.28
C THR E 816 -52.26 -1.95 -15.61
N ILE E 817 -52.97 -2.97 -15.15
CA ILE E 817 -52.64 -4.37 -15.38
C ILE E 817 -52.88 -4.72 -16.85
N PRO E 818 -52.13 -5.67 -17.43
CA PRO E 818 -52.19 -5.88 -18.89
C PRO E 818 -53.55 -6.22 -19.45
N ALA E 819 -54.39 -6.95 -18.72
CA ALA E 819 -55.72 -7.26 -19.24
C ALA E 819 -56.63 -6.03 -19.27
N ASP E 820 -56.35 -5.02 -18.44
CA ASP E 820 -57.09 -3.77 -18.48
C ASP E 820 -56.41 -2.69 -19.31
N ALA E 821 -55.27 -3.02 -19.94
CA ALA E 821 -54.50 -2.03 -20.67
C ALA E 821 -55.23 -1.52 -21.90
N ALA E 822 -55.95 -2.41 -22.59
CA ALA E 822 -56.65 -2.00 -23.80
C ALA E 822 -57.76 -1.00 -23.50
N ASN E 823 -58.51 -1.23 -22.41
CA ASN E 823 -59.61 -0.32 -22.08
C ASN E 823 -59.09 1.02 -21.57
N LEU E 824 -57.96 1.03 -20.85
CA LEU E 824 -57.35 2.29 -20.47
C LEU E 824 -56.87 3.06 -21.69
N PHE E 825 -56.31 2.34 -22.68
CA PHE E 825 -55.92 2.94 -23.95
C PHE E 825 -57.08 3.68 -24.61
N LYS E 826 -58.31 3.20 -24.43
CA LYS E 826 -59.49 3.90 -24.91
C LYS E 826 -59.98 4.96 -23.92
N ALA E 827 -59.77 4.75 -22.62
CA ALA E 827 -60.33 5.65 -21.62
C ALA E 827 -59.62 7.00 -21.62
N VAL E 828 -58.28 6.99 -21.78
CA VAL E 828 -57.55 8.25 -21.83
C VAL E 828 -57.95 9.06 -23.07
N ARG E 829 -58.09 8.39 -24.21
CA ARG E 829 -58.48 9.09 -25.44
C ARG E 829 -59.91 9.61 -25.35
N GLU E 830 -60.82 8.84 -24.76
CA GLU E 830 -62.23 9.23 -24.73
C GLU E 830 -62.45 10.50 -23.91
N THR E 831 -61.75 10.62 -22.77
CA THR E 831 -61.94 11.77 -21.91
C THR E 831 -61.38 13.03 -22.55
N MET E 832 -60.26 12.93 -23.27
CA MET E 832 -59.69 14.12 -23.90
C MET E 832 -60.59 14.64 -25.01
N VAL E 833 -61.23 13.74 -25.77
CA VAL E 833 -62.17 14.17 -26.80
C VAL E 833 -63.43 14.75 -26.16
N ASP E 834 -63.95 14.09 -25.13
CA ASP E 834 -65.16 14.57 -24.47
C ASP E 834 -64.93 15.92 -23.77
N THR E 835 -63.73 16.15 -23.24
CA THR E 835 -63.45 17.40 -22.54
C THR E 835 -63.44 18.58 -23.50
N TYR E 836 -62.60 18.52 -24.54
CA TYR E 836 -62.38 19.65 -25.42
C TYR E 836 -63.45 19.79 -26.50
N GLU E 837 -64.32 18.80 -26.68
CA GLU E 837 -65.49 18.99 -27.52
C GLU E 837 -66.62 19.70 -26.78
N SER E 838 -66.57 19.71 -25.45
CA SER E 838 -67.63 20.27 -24.62
C SER E 838 -67.29 21.62 -24.02
N CYS E 839 -66.01 21.93 -23.83
CA CYS E 839 -65.60 23.15 -23.15
C CYS E 839 -64.53 23.88 -23.96
N ASP E 840 -64.75 25.16 -24.20
CA ASP E 840 -63.69 26.06 -24.66
C ASP E 840 -63.01 26.59 -23.39
N VAL E 841 -61.89 25.97 -23.02
CA VAL E 841 -61.26 26.29 -21.74
C VAL E 841 -60.75 27.73 -21.73
N LEU E 842 -60.24 28.21 -22.87
CA LEU E 842 -59.74 29.58 -22.93
C LEU E 842 -60.88 30.59 -22.94
N ALA E 843 -61.97 30.29 -23.64
CA ALA E 843 -63.13 31.17 -23.60
C ALA E 843 -63.77 31.16 -22.22
N ASP E 844 -63.75 30.01 -21.54
CA ASP E 844 -64.16 29.95 -20.16
C ASP E 844 -63.18 30.69 -19.25
N PHE E 845 -61.90 30.66 -19.61
CA PHE E 845 -60.91 31.47 -18.90
C PHE E 845 -61.20 32.95 -19.05
N TYR E 846 -61.59 33.38 -20.26
CA TYR E 846 -61.84 34.79 -20.51
C TYR E 846 -63.05 35.28 -19.72
N ASP E 847 -64.07 34.44 -19.57
CA ASP E 847 -65.24 34.82 -18.77
C ASP E 847 -64.94 34.88 -17.28
N GLN E 848 -63.78 34.37 -16.85
CA GLN E 848 -63.44 34.39 -15.42
C GLN E 848 -62.75 35.68 -14.99
N PHE E 849 -62.18 36.45 -15.92
CA PHE E 849 -61.48 37.68 -15.55
C PHE E 849 -61.92 38.91 -16.33
N ALA E 850 -62.84 38.77 -17.29
CA ALA E 850 -63.23 39.91 -18.12
C ALA E 850 -63.90 41.00 -17.29
N ASP E 851 -64.62 40.62 -16.23
CA ASP E 851 -65.24 41.61 -15.36
C ASP E 851 -64.24 42.28 -14.44
N GLN E 852 -63.05 41.70 -14.26
CA GLN E 852 -62.03 42.26 -13.38
C GLN E 852 -61.07 43.20 -14.10
N LEU E 853 -61.25 43.42 -15.39
CA LEU E 853 -60.38 44.34 -16.12
C LEU E 853 -60.85 45.78 -15.95
N HIS E 854 -59.88 46.69 -15.91
CA HIS E 854 -60.21 48.11 -15.89
C HIS E 854 -60.67 48.56 -17.26
N GLU E 855 -61.45 49.65 -17.27
CA GLU E 855 -62.03 50.16 -18.51
C GLU E 855 -60.98 50.73 -19.45
N SER E 856 -59.78 51.05 -18.94
CA SER E 856 -58.73 51.55 -19.81
C SER E 856 -58.09 50.43 -20.63
N GLN E 857 -58.08 49.21 -20.11
CA GLN E 857 -57.37 48.10 -20.74
C GLN E 857 -58.29 47.07 -21.37
N LEU E 858 -59.58 47.39 -21.56
CA LEU E 858 -60.42 46.50 -22.34
C LEU E 858 -59.99 46.47 -23.81
N ASP E 859 -59.41 47.58 -24.30
CA ASP E 859 -58.85 47.62 -25.63
C ASP E 859 -57.51 46.90 -25.72
N LYS E 860 -56.82 46.69 -24.61
CA LYS E 860 -55.47 46.17 -24.61
C LYS E 860 -55.39 44.64 -24.51
N MET E 861 -56.52 43.96 -24.33
CA MET E 861 -56.52 42.50 -24.35
C MET E 861 -56.63 42.01 -25.79
N PRO E 862 -55.71 41.16 -26.25
CA PRO E 862 -55.84 40.61 -27.60
C PRO E 862 -57.05 39.70 -27.73
N ALA E 863 -57.49 39.49 -28.96
CA ALA E 863 -58.60 38.60 -29.19
C ALA E 863 -58.20 37.15 -28.88
N LEU E 864 -59.20 36.33 -28.64
CA LEU E 864 -58.94 34.90 -28.47
C LEU E 864 -58.34 34.35 -29.75
N PRO E 865 -57.34 33.47 -29.65
CA PRO E 865 -56.77 32.87 -30.88
C PRO E 865 -57.81 32.01 -31.59
N ALA E 866 -57.75 32.04 -32.91
CA ALA E 866 -58.75 31.35 -33.71
C ALA E 866 -58.51 29.84 -33.74
N LYS E 867 -59.60 29.09 -33.75
CA LYS E 867 -59.50 27.63 -33.80
C LYS E 867 -59.11 27.18 -35.20
N GLY E 868 -58.41 26.04 -35.27
CA GLY E 868 -57.94 25.48 -36.50
C GLY E 868 -58.87 24.40 -37.05
N ASN E 869 -58.30 23.51 -37.86
CA ASN E 869 -59.05 22.55 -38.65
C ASN E 869 -58.98 21.12 -38.11
N LEU E 870 -58.38 20.92 -36.94
CA LEU E 870 -58.21 19.58 -36.40
C LEU E 870 -59.55 19.00 -35.96
N ASN E 871 -59.80 17.76 -36.34
CA ASN E 871 -60.98 17.02 -35.90
C ASN E 871 -60.63 16.31 -34.59
N LEU E 872 -61.40 16.59 -33.54
CA LEU E 872 -61.11 16.02 -32.23
C LEU E 872 -61.46 14.55 -32.13
N ARG E 873 -62.27 14.01 -33.04
CA ARG E 873 -62.61 12.60 -33.00
C ARG E 873 -61.55 11.72 -33.65
N ASP E 874 -60.49 12.32 -34.17
CA ASP E 874 -59.36 11.55 -34.67
C ASP E 874 -58.41 11.10 -33.57
N ILE E 875 -58.59 11.60 -32.33
CA ILE E 875 -57.78 11.13 -31.21
C ILE E 875 -58.09 9.67 -30.91
N LEU E 876 -59.35 9.27 -31.08
CA LEU E 876 -59.75 7.90 -30.75
C LEU E 876 -59.06 6.88 -31.66
N GLU E 877 -58.71 7.28 -32.87
CA GLU E 877 -58.02 6.41 -33.82
C GLU E 877 -56.51 6.62 -33.82
N SER E 878 -55.98 7.45 -32.92
CA SER E 878 -54.56 7.75 -32.91
C SER E 878 -53.80 6.76 -32.03
N ASP E 879 -52.78 6.14 -32.62
CA ASP E 879 -52.03 5.11 -31.92
C ASP E 879 -51.04 5.70 -30.91
N PHE E 880 -50.25 6.69 -31.32
CA PHE E 880 -49.03 7.05 -30.62
C PHE E 880 -49.19 8.25 -29.69
N ALA E 881 -50.40 8.78 -29.54
CA ALA E 881 -50.70 9.75 -28.48
C ALA E 881 -51.35 8.97 -27.35
N PHE E 882 -50.52 8.38 -26.48
CA PHE E 882 -51.05 7.51 -25.44
C PHE E 882 -51.95 8.28 -24.48
N ALA E 883 -51.67 9.57 -24.28
CA ALA E 883 -52.57 10.43 -23.53
C ALA E 883 -53.57 11.07 -24.48
N ILE I 6 33.94 -31.20 -60.84
CA ILE I 6 34.29 -30.39 -59.68
C ILE I 6 34.80 -29.03 -60.21
N ALA I 7 34.72 -27.98 -59.39
CA ALA I 7 34.95 -26.61 -59.84
C ALA I 7 36.08 -25.93 -59.08
N LYS I 8 36.67 -24.94 -59.75
CA LYS I 8 37.72 -24.07 -59.22
C LYS I 8 37.14 -23.12 -58.18
N ASN I 9 37.96 -22.71 -57.21
CA ASN I 9 37.55 -21.84 -56.11
C ASN I 9 37.95 -20.40 -56.41
N ASP I 10 37.00 -19.48 -56.33
CA ASP I 10 37.34 -18.07 -56.54
C ASP I 10 37.99 -17.54 -55.26
N PHE I 11 39.32 -17.41 -55.30
CA PHE I 11 40.10 -16.87 -54.20
C PHE I 11 40.16 -15.35 -54.23
N SER I 12 39.23 -14.70 -54.93
CA SER I 12 39.09 -13.26 -54.84
C SER I 12 38.52 -12.81 -53.50
N ASP I 13 38.03 -13.74 -52.68
CA ASP I 13 37.56 -13.39 -51.35
C ASP I 13 38.70 -13.12 -50.38
N ILE I 14 39.87 -13.73 -50.60
CA ILE I 14 40.93 -13.67 -49.60
C ILE I 14 41.55 -12.28 -49.56
N GLU I 15 41.52 -11.54 -50.66
CA GLU I 15 42.32 -10.34 -50.78
C GLU I 15 41.87 -9.26 -49.80
N LEU I 16 42.83 -8.49 -49.33
CA LEU I 16 42.58 -7.25 -48.61
C LEU I 16 42.69 -6.04 -49.54
N ALA I 17 42.89 -6.28 -50.84
CA ALA I 17 43.13 -5.20 -51.78
C ALA I 17 41.94 -4.25 -51.90
N ALA I 18 40.72 -4.73 -51.65
CA ALA I 18 39.56 -3.84 -51.62
C ALA I 18 39.59 -2.96 -50.38
N ILE I 19 40.04 -3.52 -49.25
CA ILE I 19 40.16 -2.85 -47.97
C ILE I 19 41.42 -1.99 -48.10
N PRO I 20 41.66 -0.93 -47.27
CA PRO I 20 42.72 0.01 -47.65
C PRO I 20 44.11 -0.50 -47.32
N PHE I 21 44.70 -1.31 -48.20
CA PHE I 21 46.04 -1.84 -47.95
C PHE I 21 47.10 -0.75 -47.93
N ASN I 22 46.72 0.51 -48.15
CA ASN I 22 47.57 1.66 -47.89
C ASN I 22 48.08 1.66 -46.46
N THR I 23 47.23 1.29 -45.50
CA THR I 23 47.64 1.24 -44.10
C THR I 23 48.75 0.22 -43.91
N LEU I 24 48.64 -0.93 -44.56
CA LEU I 24 49.75 -1.86 -44.61
C LEU I 24 50.89 -1.30 -45.45
N ALA I 25 50.56 -0.59 -46.53
CA ALA I 25 51.58 -0.09 -47.45
C ALA I 25 52.36 1.07 -46.85
N ASP I 26 51.67 1.97 -46.12
CA ASP I 26 52.35 3.14 -45.56
C ASP I 26 53.38 2.75 -44.50
N HIS I 27 53.02 1.79 -43.63
CA HIS I 27 53.92 1.42 -42.55
C HIS I 27 55.08 0.56 -43.02
N TYR I 28 54.90 -0.20 -44.11
CA TYR I 28 55.84 -1.25 -44.47
C TYR I 28 56.32 -1.21 -45.92
N GLY I 29 55.78 -0.31 -46.75
CA GLY I 29 56.14 -0.30 -48.16
C GLY I 29 55.15 -1.08 -49.00
N GLU I 30 54.63 -0.47 -50.05
CA GLU I 30 53.62 -1.12 -50.87
C GLU I 30 54.19 -2.25 -51.72
N ARG I 31 55.51 -2.24 -51.94
CA ARG I 31 56.18 -3.38 -52.55
C ARG I 31 55.93 -4.65 -51.77
N LEU I 32 56.23 -4.63 -50.48
CA LEU I 32 56.06 -5.82 -49.65
C LEU I 32 54.60 -6.07 -49.29
N ALA I 33 53.79 -5.01 -49.22
CA ALA I 33 52.36 -5.20 -48.95
C ALA I 33 51.66 -5.91 -50.09
N ARG I 34 52.00 -5.56 -51.34
CA ARG I 34 51.46 -6.31 -52.48
C ARG I 34 51.98 -7.74 -52.50
N GLU I 35 53.27 -7.92 -52.22
CA GLU I 35 53.87 -9.25 -52.22
C GLU I 35 53.28 -10.13 -51.12
N GLN I 36 53.01 -9.54 -49.96
CA GLN I 36 52.40 -10.28 -48.86
C GLN I 36 51.00 -10.76 -49.23
N LEU I 37 50.21 -9.88 -49.87
CA LEU I 37 48.88 -10.29 -50.31
C LEU I 37 48.98 -11.32 -51.43
N ALA I 38 49.99 -11.20 -52.29
CA ALA I 38 50.17 -12.18 -53.35
C ALA I 38 50.60 -13.53 -52.81
N LEU I 39 51.39 -13.55 -51.74
CA LEU I 39 51.82 -14.81 -51.14
C LEU I 39 50.64 -15.54 -50.49
N GLU I 40 49.74 -14.80 -49.86
CA GLU I 40 48.59 -15.42 -49.22
C GLU I 40 47.61 -15.98 -50.26
N HIS I 41 47.44 -15.29 -51.38
CA HIS I 41 46.65 -15.84 -52.48
C HIS I 41 47.31 -17.08 -53.07
N GLU I 42 48.63 -17.05 -53.22
CA GLU I 42 49.36 -18.21 -53.73
C GLU I 42 49.26 -19.39 -52.77
N SER I 43 49.24 -19.11 -51.46
CA SER I 43 49.13 -20.19 -50.48
C SER I 43 47.79 -20.92 -50.60
N TYR I 44 46.71 -20.18 -50.77
CA TYR I 44 45.41 -20.82 -50.95
C TYR I 44 45.32 -21.52 -52.30
N GLU I 45 45.95 -20.94 -53.32
CA GLU I 45 45.96 -21.59 -54.64
C GLU I 45 46.77 -22.88 -54.62
N MET I 46 47.89 -22.88 -53.89
CA MET I 46 48.72 -24.08 -53.78
C MET I 46 47.96 -25.20 -53.09
N GLY I 47 47.25 -24.88 -52.01
CA GLY I 47 46.51 -25.90 -51.29
C GLY I 47 45.37 -26.48 -52.09
N GLU I 48 44.76 -25.68 -52.97
CA GLU I 48 43.73 -26.20 -53.85
C GLU I 48 44.30 -27.23 -54.81
N ALA I 49 45.45 -26.92 -55.42
CA ALA I 49 46.10 -27.86 -56.32
C ALA I 49 46.54 -29.11 -55.59
N ARG I 50 46.95 -28.98 -54.33
CA ARG I 50 47.32 -30.15 -53.55
C ARG I 50 46.11 -31.04 -53.30
N PHE I 51 44.96 -30.44 -52.98
CA PHE I 51 43.72 -31.20 -52.86
C PHE I 51 43.29 -31.78 -54.21
N ARG I 52 43.59 -31.08 -55.30
CA ARG I 52 43.27 -31.55 -56.64
C ARG I 52 44.00 -32.84 -56.96
N LYS I 53 45.32 -32.85 -56.71
CA LYS I 53 46.15 -34.00 -57.08
C LYS I 53 45.78 -35.23 -56.26
N MET I 54 45.45 -35.05 -54.98
CA MET I 54 45.04 -36.17 -54.15
C MET I 54 43.68 -36.71 -54.59
N PHE I 55 42.76 -35.83 -54.98
CA PHE I 55 41.42 -36.27 -55.34
C PHE I 55 41.43 -37.10 -56.63
N GLU I 56 42.18 -36.67 -57.64
CA GLU I 56 42.21 -37.42 -58.88
C GLU I 56 42.93 -38.75 -58.74
N ARG I 57 43.95 -38.81 -57.86
CA ARG I 57 44.62 -40.08 -57.60
C ARG I 57 43.69 -41.06 -56.91
N GLN I 58 42.88 -40.58 -55.95
CA GLN I 58 41.89 -41.44 -55.31
C GLN I 58 40.70 -41.71 -56.22
N LEU I 59 40.47 -40.88 -57.23
CA LEU I 59 39.48 -41.22 -58.26
C LEU I 59 39.93 -42.42 -59.07
N LYS I 60 41.20 -42.43 -59.49
CA LYS I 60 41.73 -43.49 -60.34
C LYS I 60 42.00 -44.78 -59.58
N ALA I 61 41.96 -44.76 -58.25
CA ALA I 61 42.21 -45.95 -57.44
C ALA I 61 40.95 -46.46 -56.75
N GLY I 62 39.79 -45.86 -57.03
CA GLY I 62 38.56 -46.29 -56.38
C GLY I 62 38.47 -45.92 -54.91
N GLU I 63 39.25 -44.93 -54.46
CA GLU I 63 39.27 -44.52 -53.07
C GLU I 63 38.54 -43.20 -52.87
N VAL I 64 37.50 -42.95 -53.66
CA VAL I 64 36.73 -41.72 -53.51
C VAL I 64 35.98 -41.71 -52.19
N ALA I 65 35.50 -42.88 -51.74
CA ALA I 65 34.82 -42.96 -50.46
C ALA I 65 35.77 -42.70 -49.30
N ASP I 66 37.07 -42.94 -49.48
CA ASP I 66 38.04 -42.59 -48.45
C ASP I 66 38.23 -41.07 -48.35
N ASN I 67 38.02 -40.35 -49.45
CA ASN I 67 38.16 -38.90 -49.45
C ASN I 67 37.06 -38.26 -48.60
N ALA I 68 37.42 -37.15 -47.95
CA ALA I 68 36.50 -36.47 -47.05
C ALA I 68 35.32 -35.81 -47.76
N ALA I 69 35.39 -35.66 -49.10
CA ALA I 69 34.29 -35.03 -49.82
C ALA I 69 33.09 -35.96 -49.94
N ALA I 70 33.32 -37.26 -50.06
CA ALA I 70 32.23 -38.22 -50.17
C ALA I 70 31.72 -38.73 -48.84
N LYS I 71 32.39 -38.38 -47.74
CA LYS I 71 31.97 -38.82 -46.41
C LYS I 71 30.57 -38.37 -46.00
N PRO I 72 30.17 -37.09 -46.11
CA PRO I 72 28.82 -36.74 -45.63
C PRO I 72 27.71 -37.34 -46.47
N LEU I 73 27.94 -37.66 -47.74
CA LEU I 73 26.94 -38.36 -48.54
C LEU I 73 26.70 -39.76 -47.99
N ILE I 74 27.77 -40.49 -47.66
CA ILE I 74 27.63 -41.81 -47.06
C ILE I 74 27.02 -41.70 -45.66
N THR I 75 27.38 -40.63 -44.93
CA THR I 75 26.88 -40.46 -43.57
C THR I 75 25.37 -40.21 -43.55
N THR I 76 24.84 -39.50 -44.54
CA THR I 76 23.42 -39.19 -44.59
C THR I 76 22.60 -40.21 -45.36
N LEU I 77 23.23 -41.11 -46.12
CA LEU I 77 22.51 -42.13 -46.87
C LEU I 77 22.60 -43.52 -46.25
N LEU I 78 23.55 -43.74 -45.36
CA LEU I 78 23.55 -44.98 -44.57
C LEU I 78 22.31 -45.15 -43.70
N PRO I 79 21.92 -44.20 -42.83
CA PRO I 79 20.79 -44.48 -41.91
C PRO I 79 19.45 -44.61 -42.61
N LYS I 80 19.40 -44.40 -43.92
CA LYS I 80 18.21 -44.74 -44.69
C LYS I 80 18.36 -46.06 -45.44
N MET I 81 19.58 -46.39 -45.89
CA MET I 81 19.83 -47.68 -46.53
C MET I 81 19.71 -48.83 -45.54
N ILE I 82 20.24 -48.69 -44.31
CA ILE I 82 20.24 -49.82 -43.39
C ILE I 82 18.81 -50.25 -43.08
N ALA I 83 17.91 -49.28 -42.89
CA ALA I 83 16.53 -49.59 -42.51
C ALA I 83 15.85 -50.49 -43.53
N ARG I 84 16.25 -50.39 -44.80
CA ARG I 84 15.82 -51.35 -45.80
C ARG I 84 16.32 -52.76 -45.48
N ILE I 85 17.50 -52.88 -44.85
CA ILE I 85 18.00 -54.21 -44.47
C ILE I 85 17.30 -54.70 -43.20
N ASN I 86 17.16 -53.85 -42.18
CA ASN I 86 16.45 -54.29 -40.96
C ASN I 86 15.01 -54.69 -41.26
N ASP I 87 14.32 -53.95 -42.14
CA ASP I 87 12.95 -54.34 -42.44
C ASP I 87 12.92 -55.60 -43.31
N TRP I 88 13.76 -55.67 -44.34
CA TRP I 88 13.76 -56.83 -45.22
C TRP I 88 14.09 -58.12 -44.47
N PHE I 89 14.85 -58.02 -43.38
CA PHE I 89 14.99 -59.16 -42.48
C PHE I 89 13.65 -59.53 -41.86
N GLU I 90 12.84 -58.52 -41.50
CA GLU I 90 11.52 -58.75 -40.92
C GLU I 90 10.46 -59.05 -41.97
N GLU I 91 10.56 -58.44 -43.16
CA GLU I 91 9.57 -58.69 -44.21
C GLU I 91 9.64 -60.13 -44.72
N VAL I 92 10.85 -60.59 -45.07
CA VAL I 92 10.96 -61.87 -45.78
C VAL I 92 10.91 -63.06 -44.82
N LYS I 93 11.13 -62.83 -43.52
CA LYS I 93 11.06 -63.95 -42.57
C LYS I 93 9.64 -64.45 -42.42
N ALA I 94 8.64 -63.59 -42.63
CA ALA I 94 7.25 -63.95 -42.44
C ALA I 94 6.73 -64.63 -43.70
N LYS I 95 6.55 -65.95 -43.63
CA LYS I 95 6.00 -66.71 -44.73
C LYS I 95 4.88 -67.65 -44.25
N PRO I 100 15.21 -67.29 -50.37
CA PRO I 100 16.34 -67.25 -51.30
C PRO I 100 17.69 -67.33 -50.60
N THR I 101 18.74 -67.67 -51.36
CA THR I 101 20.09 -67.76 -50.79
C THR I 101 20.61 -66.41 -50.35
N ALA I 102 20.09 -65.31 -50.90
CA ALA I 102 20.54 -63.98 -50.50
C ALA I 102 20.22 -63.70 -49.03
N PHE I 103 19.14 -64.28 -48.51
CA PHE I 103 18.78 -64.04 -47.12
C PHE I 103 19.75 -64.74 -46.16
N GLN I 104 20.15 -65.97 -46.49
CA GLN I 104 21.07 -66.71 -45.63
C GLN I 104 22.43 -66.05 -45.57
N PHE I 105 22.92 -65.55 -46.71
CA PHE I 105 24.27 -65.00 -46.78
C PHE I 105 24.38 -63.65 -46.08
N LEU I 106 23.30 -62.88 -46.04
CA LEU I 106 23.33 -61.58 -45.36
C LEU I 106 23.30 -61.70 -43.85
N GLN I 107 23.11 -62.90 -43.30
CA GLN I 107 23.24 -63.12 -41.87
C GLN I 107 24.69 -63.28 -41.43
N GLU I 108 25.59 -63.68 -42.35
CA GLU I 108 27.00 -63.78 -42.04
C GLU I 108 27.64 -62.41 -41.82
N ILE I 109 27.04 -61.35 -42.37
CA ILE I 109 27.57 -60.00 -42.26
C ILE I 109 26.58 -59.16 -41.47
N LYS I 110 27.11 -58.30 -40.60
CA LYS I 110 26.30 -57.45 -39.73
C LYS I 110 25.45 -56.49 -40.57
N PRO I 111 24.22 -56.18 -40.13
CA PRO I 111 23.31 -55.40 -40.99
C PRO I 111 23.82 -54.01 -41.33
N GLU I 112 24.65 -53.41 -40.47
CA GLU I 112 25.27 -52.14 -40.83
C GLU I 112 26.42 -52.31 -41.80
N ALA I 113 27.07 -53.48 -41.79
CA ALA I 113 28.26 -53.71 -42.62
C ALA I 113 27.90 -53.95 -44.08
N VAL I 114 26.79 -54.64 -44.35
CA VAL I 114 26.39 -54.89 -45.73
C VAL I 114 26.05 -53.58 -46.44
N ALA I 115 25.38 -52.67 -45.73
CA ALA I 115 25.04 -51.37 -46.31
C ALA I 115 26.29 -50.56 -46.63
N TYR I 116 27.27 -50.56 -45.73
CA TYR I 116 28.46 -49.75 -45.95
C TYR I 116 29.33 -50.34 -47.06
N ILE I 117 29.44 -51.67 -47.12
CA ILE I 117 30.22 -52.30 -48.18
C ILE I 117 29.56 -52.08 -49.54
N THR I 118 28.23 -52.08 -49.57
CA THR I 118 27.50 -51.89 -50.82
C THR I 118 27.77 -50.53 -51.46
N ILE I 119 27.77 -49.47 -50.64
CA ILE I 119 27.95 -48.13 -51.18
C ILE I 119 29.36 -47.94 -51.72
N LYS I 120 30.37 -48.38 -50.96
CA LYS I 120 31.76 -48.12 -51.32
C LYS I 120 32.17 -48.83 -52.61
N THR I 121 31.67 -50.05 -52.81
CA THR I 121 32.12 -50.85 -53.95
C THR I 121 31.61 -50.31 -55.28
N THR I 122 30.40 -49.74 -55.31
CA THR I 122 29.91 -49.16 -56.56
C THR I 122 30.69 -47.92 -56.94
N LEU I 123 30.84 -46.97 -56.00
CA LEU I 123 31.52 -45.71 -56.30
C LEU I 123 32.96 -45.93 -56.73
N ALA I 124 33.61 -46.97 -56.20
CA ALA I 124 34.94 -47.35 -56.68
C ALA I 124 34.87 -47.85 -58.12
N CYS I 125 33.82 -48.60 -58.46
CA CYS I 125 33.71 -49.18 -59.80
C CYS I 125 33.28 -48.14 -60.84
N LEU I 126 32.39 -47.22 -60.47
CA LEU I 126 31.93 -46.21 -61.43
C LEU I 126 33.03 -45.21 -61.76
N THR I 127 33.80 -44.77 -60.76
CA THR I 127 34.84 -43.79 -60.99
C THR I 127 36.01 -44.35 -61.79
N SER I 128 36.15 -45.67 -61.86
CA SER I 128 37.16 -46.28 -62.71
C SER I 128 36.61 -46.51 -64.12
N ASN I 131 34.30 -49.77 -67.13
CA ASN I 131 33.10 -50.58 -67.28
C ASN I 131 32.08 -50.23 -66.20
N THR I 132 30.80 -50.26 -66.58
CA THR I 132 29.72 -49.92 -65.65
C THR I 132 28.54 -50.88 -65.77
N THR I 133 28.78 -52.12 -66.18
CA THR I 133 27.70 -53.09 -66.28
C THR I 133 27.33 -53.59 -64.88
N VAL I 134 26.07 -54.02 -64.74
CA VAL I 134 25.56 -54.45 -63.44
C VAL I 134 26.23 -55.75 -62.99
N GLN I 135 26.55 -56.63 -63.94
CA GLN I 135 27.14 -57.93 -63.58
C GLN I 135 28.53 -57.76 -62.97
N ALA I 136 29.35 -56.89 -63.55
CA ALA I 136 30.73 -56.75 -63.06
C ALA I 136 30.79 -56.00 -61.73
N VAL I 137 29.82 -55.13 -61.45
CA VAL I 137 29.85 -54.44 -60.16
C VAL I 137 29.24 -55.31 -59.06
N ALA I 138 28.11 -55.97 -59.34
CA ALA I 138 27.44 -56.78 -58.32
C ALA I 138 28.26 -58.01 -57.95
N SER I 139 29.11 -58.48 -58.86
CA SER I 139 30.13 -59.45 -58.47
C SER I 139 31.11 -58.84 -57.48
N ALA I 140 31.58 -57.61 -57.78
CA ALA I 140 32.57 -56.96 -56.94
C ALA I 140 32.03 -56.68 -55.54
N ILE I 141 30.77 -56.25 -55.43
CA ILE I 141 30.12 -56.19 -54.13
C ILE I 141 29.99 -57.59 -53.54
N GLY I 142 29.59 -58.55 -54.37
CA GLY I 142 29.37 -59.90 -53.87
C GLY I 142 30.62 -60.58 -53.36
N ARG I 143 31.75 -60.36 -54.03
CA ARG I 143 33.02 -60.84 -53.48
C ARG I 143 33.34 -60.15 -52.17
N ALA I 144 33.27 -58.82 -52.15
CA ALA I 144 33.73 -58.05 -50.99
C ALA I 144 32.96 -58.37 -49.72
N ILE I 145 31.67 -58.72 -49.85
CA ILE I 145 30.93 -59.20 -48.69
C ILE I 145 31.46 -60.56 -48.25
N GLU I 146 31.87 -61.40 -49.20
CA GLU I 146 32.34 -62.74 -48.85
C GLU I 146 33.66 -62.70 -48.09
N ASP I 147 34.60 -61.82 -48.49
CA ASP I 147 35.86 -61.74 -47.77
C ASP I 147 35.67 -61.20 -46.35
N GLU I 148 34.63 -60.39 -46.12
CA GLU I 148 34.34 -59.95 -44.76
C GLU I 148 33.82 -61.10 -43.91
N ALA I 149 33.09 -62.05 -44.50
CA ALA I 149 32.75 -63.28 -43.80
C ALA I 149 33.95 -64.22 -43.73
N ARG I 150 34.71 -64.30 -44.82
CA ARG I 150 35.82 -65.25 -44.89
C ARG I 150 36.93 -64.89 -43.91
N PHE I 151 37.31 -63.62 -43.85
CA PHE I 151 38.43 -63.19 -43.02
C PHE I 151 38.01 -62.48 -41.74
N GLY I 152 36.77 -61.98 -41.67
CA GLY I 152 36.26 -61.41 -40.45
C GLY I 152 35.74 -62.41 -39.45
N ARG I 153 35.55 -63.68 -39.86
CA ARG I 153 35.24 -64.73 -38.90
C ARG I 153 36.40 -64.96 -37.93
N ILE I 154 37.62 -64.61 -38.33
CA ILE I 154 38.75 -64.62 -37.41
C ILE I 154 38.54 -63.59 -36.31
N ARG I 155 37.96 -62.43 -36.67
CA ARG I 155 37.92 -61.29 -35.76
C ARG I 155 36.97 -61.51 -34.59
N ASP I 156 35.79 -62.09 -34.84
CA ASP I 156 34.75 -62.21 -33.83
C ASP I 156 34.49 -63.65 -33.40
N LEU I 157 34.29 -64.55 -34.36
CA LEU I 157 33.84 -65.90 -34.01
C LEU I 157 34.94 -66.71 -33.33
N GLU I 158 36.19 -66.59 -33.81
CA GLU I 158 37.23 -67.50 -33.33
C GLU I 158 37.81 -67.04 -32.00
N ALA I 159 38.49 -65.90 -31.98
CA ALA I 159 39.24 -65.50 -30.80
C ALA I 159 39.55 -64.02 -30.89
N LYS I 160 39.01 -63.25 -29.94
CA LYS I 160 39.39 -61.85 -29.86
C LYS I 160 40.79 -61.68 -29.28
N HIS I 161 41.19 -62.57 -28.38
CA HIS I 161 42.53 -62.49 -27.79
C HIS I 161 43.61 -62.75 -28.83
N PHE I 162 43.38 -63.69 -29.75
CA PHE I 162 44.36 -63.92 -30.81
C PHE I 162 44.28 -62.86 -31.90
N LYS I 163 43.08 -62.31 -32.15
CA LYS I 163 43.01 -61.23 -33.11
C LYS I 163 43.69 -59.98 -32.58
N LYS I 164 43.76 -59.82 -31.25
CA LYS I 164 44.59 -58.77 -30.69
C LYS I 164 46.05 -58.97 -31.06
N ASN I 165 46.49 -60.23 -31.12
CA ASN I 165 47.81 -60.52 -31.67
C ASN I 165 47.88 -60.21 -33.16
N VAL I 166 46.84 -60.58 -33.93
CA VAL I 166 46.92 -60.53 -35.39
C VAL I 166 46.23 -59.30 -35.97
N GLU I 167 45.99 -58.26 -35.16
CA GLU I 167 45.43 -57.02 -35.68
C GLU I 167 46.49 -56.02 -36.12
N GLU I 168 47.52 -55.79 -35.30
CA GLU I 168 48.36 -54.60 -35.45
C GLU I 168 49.24 -54.68 -36.70
N GLN I 169 49.80 -55.85 -37.01
CA GLN I 169 50.62 -56.04 -38.19
C GLN I 169 49.80 -56.22 -39.46
N LEU I 170 48.50 -56.48 -39.34
CA LEU I 170 47.61 -56.29 -40.49
C LEU I 170 47.50 -54.82 -40.84
N ASN I 171 47.45 -53.96 -39.81
CA ASN I 171 47.43 -52.51 -40.04
C ASN I 171 48.75 -52.02 -40.61
N LYS I 172 49.85 -52.73 -40.35
CA LYS I 172 51.13 -52.34 -40.96
C LYS I 172 51.12 -52.57 -42.46
N ARG I 173 50.41 -53.59 -42.94
CA ARG I 173 50.16 -53.72 -44.36
C ARG I 173 49.23 -52.62 -44.82
N VAL I 174 49.28 -52.32 -46.12
CA VAL I 174 48.42 -51.30 -46.71
C VAL I 174 48.18 -51.66 -48.17
N GLY I 175 47.01 -51.32 -48.66
CA GLY I 175 46.57 -51.70 -49.99
C GLY I 175 45.66 -52.91 -49.95
N HIS I 176 44.71 -52.95 -50.89
CA HIS I 176 43.67 -53.98 -50.86
C HIS I 176 44.23 -55.38 -51.08
N VAL I 177 45.32 -55.52 -51.84
CA VAL I 177 45.85 -56.84 -52.14
C VAL I 177 46.88 -57.31 -51.12
N TYR I 178 47.47 -56.40 -50.35
CA TYR I 178 48.46 -56.79 -49.34
C TYR I 178 47.83 -57.11 -47.99
N LYS I 179 46.57 -56.75 -47.78
CA LYS I 179 45.87 -57.20 -46.58
C LYS I 179 45.47 -58.68 -46.71
N LYS I 180 44.99 -59.07 -47.90
CA LYS I 180 44.54 -60.45 -48.09
C LYS I 180 45.68 -61.43 -48.30
N ALA I 181 46.85 -60.96 -48.74
CA ALA I 181 48.02 -61.84 -48.77
C ALA I 181 48.46 -62.20 -47.36
N PHE I 182 48.30 -61.26 -46.41
CA PHE I 182 48.55 -61.55 -45.01
C PHE I 182 47.38 -62.26 -44.35
N MET I 183 46.14 -61.97 -44.77
CA MET I 183 44.98 -62.57 -44.13
C MET I 183 44.67 -63.96 -44.65
N GLN I 184 45.28 -64.40 -45.75
CA GLN I 184 45.15 -65.78 -46.17
C GLN I 184 46.25 -66.66 -45.59
N VAL I 185 47.45 -66.11 -45.39
CA VAL I 185 48.50 -66.87 -44.74
C VAL I 185 48.19 -67.06 -43.25
N VAL I 186 47.32 -66.22 -42.68
CA VAL I 186 46.87 -66.45 -41.31
C VAL I 186 45.71 -67.43 -41.26
N GLU I 187 44.97 -67.59 -42.36
CA GLU I 187 43.93 -68.61 -42.41
C GLU I 187 44.53 -70.00 -42.60
N ALA I 188 45.65 -70.10 -43.32
CA ALA I 188 46.40 -71.36 -43.35
C ALA I 188 46.96 -71.68 -41.97
N ASP I 189 47.41 -70.65 -41.25
CA ASP I 189 47.84 -70.84 -39.87
C ASP I 189 46.67 -71.16 -38.96
N MET I 190 45.46 -70.69 -39.32
CA MET I 190 44.26 -71.05 -38.57
C MET I 190 44.03 -72.55 -38.62
N LEU I 191 44.01 -73.13 -39.82
CA LEU I 191 43.71 -74.54 -39.92
C LEU I 191 44.82 -75.40 -39.32
N SER I 192 45.95 -74.80 -38.97
CA SER I 192 46.95 -75.45 -38.15
C SER I 192 46.84 -75.13 -36.68
N LYS I 193 46.57 -73.88 -36.34
CA LYS I 193 46.50 -73.53 -34.93
C LYS I 193 45.44 -72.44 -34.70
N GLY I 194 44.26 -72.61 -35.32
CA GLY I 194 43.14 -71.74 -35.05
C GLY I 194 41.79 -72.45 -34.97
N LEU I 195 40.84 -72.06 -35.83
CA LEU I 195 39.50 -72.65 -35.84
C LEU I 195 39.48 -73.91 -36.70
N LEU I 196 38.71 -74.90 -36.25
CA LEU I 196 38.34 -76.06 -37.08
C LEU I 196 37.24 -75.61 -38.03
N GLY I 197 37.61 -75.32 -39.26
CA GLY I 197 36.64 -74.81 -40.22
C GLY I 197 37.05 -75.12 -41.65
N GLY I 198 36.05 -75.16 -42.53
CA GLY I 198 36.26 -75.33 -43.94
C GLY I 198 35.96 -74.04 -44.69
N GLU I 199 36.23 -74.07 -46.00
CA GLU I 199 36.07 -72.90 -46.85
C GLU I 199 34.72 -72.96 -47.54
N ALA I 200 33.68 -72.53 -46.82
CA ALA I 200 32.37 -72.36 -47.43
C ALA I 200 32.35 -71.21 -48.42
N TRP I 201 33.26 -70.25 -48.27
CA TRP I 201 33.33 -69.09 -49.16
C TRP I 201 33.94 -69.44 -50.50
N SER I 202 34.79 -70.48 -50.55
CA SER I 202 35.14 -71.06 -51.84
C SER I 202 33.96 -71.83 -52.42
N SER I 203 33.16 -72.48 -51.57
CA SER I 203 31.93 -73.12 -51.99
C SER I 203 30.81 -72.13 -52.28
N TRP I 204 30.97 -70.87 -51.87
CA TRP I 204 30.11 -69.80 -52.38
C TRP I 204 30.20 -69.79 -53.89
N HIS I 205 29.08 -70.07 -54.56
CA HIS I 205 29.05 -70.00 -56.02
C HIS I 205 29.38 -68.59 -56.47
N LYS I 206 29.94 -68.48 -57.67
CA LYS I 206 30.08 -67.18 -58.29
C LYS I 206 28.71 -66.54 -58.43
N GLU I 207 27.77 -67.26 -59.04
CA GLU I 207 26.42 -66.75 -59.31
C GLU I 207 25.69 -66.40 -58.02
N ASP I 208 25.94 -67.14 -56.94
CA ASP I 208 25.41 -66.75 -55.64
C ASP I 208 26.02 -65.45 -55.16
N SER I 209 27.30 -65.21 -55.48
CA SER I 209 27.93 -63.97 -55.05
C SER I 209 27.40 -62.76 -55.82
N ILE I 210 27.20 -62.88 -57.15
CA ILE I 210 26.56 -61.77 -57.86
C ILE I 210 25.11 -61.60 -57.40
N HIS I 211 24.34 -62.71 -57.31
CA HIS I 211 22.93 -62.58 -56.97
C HIS I 211 22.72 -62.04 -55.56
N VAL I 212 23.66 -62.28 -54.65
CA VAL I 212 23.66 -61.54 -53.40
C VAL I 212 23.88 -60.05 -53.67
N GLY I 213 24.86 -59.74 -54.52
CA GLY I 213 25.12 -58.35 -54.87
C GLY I 213 24.04 -57.71 -55.71
N VAL I 214 23.31 -58.52 -56.49
CA VAL I 214 22.10 -58.00 -57.14
C VAL I 214 21.05 -57.63 -56.09
N ARG I 215 21.04 -58.32 -54.95
CA ARG I 215 20.10 -57.93 -53.90
C ARG I 215 20.56 -56.66 -53.19
N CYS I 216 21.86 -56.49 -52.96
CA CYS I 216 22.34 -55.25 -52.33
C CYS I 216 22.04 -54.04 -53.19
N ILE I 217 22.22 -54.15 -54.52
CA ILE I 217 21.88 -53.04 -55.39
C ILE I 217 20.37 -52.85 -55.46
N GLU I 218 19.60 -53.96 -55.42
CA GLU I 218 18.15 -53.88 -55.57
C GLU I 218 17.50 -53.03 -54.48
N MET I 219 18.08 -53.03 -53.29
CA MET I 219 17.63 -52.18 -52.19
C MET I 219 18.44 -50.91 -52.07
N LEU I 220 19.43 -50.71 -52.94
CA LEU I 220 20.10 -49.42 -53.00
C LEU I 220 19.18 -48.35 -53.59
N ILE I 221 18.68 -48.59 -54.82
CA ILE I 221 17.86 -47.58 -55.49
C ILE I 221 16.51 -47.40 -54.79
N GLU I 222 15.94 -48.48 -54.25
CA GLU I 222 14.67 -48.38 -53.55
C GLU I 222 14.75 -47.40 -52.40
N SER I 223 15.85 -47.43 -51.64
CA SER I 223 16.06 -46.54 -50.51
C SER I 223 16.68 -45.22 -50.99
N THR I 224 17.87 -45.29 -51.57
CA THR I 224 18.64 -44.12 -51.99
C THR I 224 18.67 -44.05 -53.52
N GLY I 225 18.17 -42.94 -54.07
CA GLY I 225 18.27 -42.76 -55.51
C GLY I 225 19.68 -42.39 -55.95
N MET I 226 20.66 -43.24 -55.63
CA MET I 226 22.07 -42.92 -55.79
C MET I 226 22.59 -43.32 -57.16
N VAL I 227 22.35 -44.55 -57.58
CA VAL I 227 22.74 -45.03 -58.91
C VAL I 227 21.47 -45.44 -59.65
N SER I 228 21.37 -45.02 -60.91
CA SER I 228 20.16 -45.18 -61.70
C SER I 228 20.40 -46.23 -62.78
N LEU I 229 19.47 -47.18 -62.89
CA LEU I 229 19.58 -48.23 -63.89
C LEU I 229 19.30 -47.66 -65.27
N HIS I 230 20.24 -47.85 -66.19
CA HIS I 230 20.10 -47.31 -67.54
C HIS I 230 20.28 -48.42 -68.58
N SER I 241 23.44 -54.84 -72.77
CA SER I 241 23.71 -55.10 -71.36
C SER I 241 23.32 -53.90 -70.50
N GLU I 242 22.77 -54.17 -69.33
CA GLU I 242 22.34 -53.11 -68.42
C GLU I 242 23.56 -52.41 -67.83
N THR I 243 23.56 -51.08 -67.90
CA THR I 243 24.66 -50.26 -67.39
C THR I 243 24.13 -49.43 -66.23
N ILE I 244 24.83 -49.48 -65.10
CA ILE I 244 24.41 -48.76 -63.90
C ILE I 244 25.10 -47.41 -63.86
N GLU I 245 24.33 -46.35 -63.61
CA GLU I 245 24.81 -44.98 -63.75
C GLU I 245 24.50 -44.20 -62.47
N LEU I 246 25.51 -43.49 -61.96
CA LEU I 246 25.35 -42.66 -60.78
C LEU I 246 24.41 -41.49 -61.07
N ALA I 247 23.59 -41.15 -60.08
CA ALA I 247 22.71 -39.99 -60.22
C ALA I 247 23.54 -38.70 -60.17
N PRO I 248 23.40 -37.81 -61.16
CA PRO I 248 24.24 -36.61 -61.19
C PRO I 248 24.02 -35.66 -60.01
N GLU I 249 22.86 -35.73 -59.35
CA GLU I 249 22.62 -34.88 -58.18
C GLU I 249 23.54 -35.27 -57.02
N TYR I 250 23.83 -36.56 -56.87
CA TYR I 250 24.74 -37.00 -55.83
C TYR I 250 26.21 -36.87 -56.26
N ALA I 251 26.50 -37.09 -57.54
CA ALA I 251 27.87 -36.97 -58.03
C ALA I 251 28.38 -35.55 -57.91
N GLU I 252 27.55 -34.57 -58.27
CA GLU I 252 27.95 -33.17 -58.12
C GLU I 252 27.93 -32.72 -56.66
N ALA I 253 27.19 -33.42 -55.79
CA ALA I 253 27.24 -33.12 -54.37
C ALA I 253 28.62 -33.38 -53.79
N ILE I 254 29.25 -34.48 -54.20
CA ILE I 254 30.65 -34.71 -53.86
C ILE I 254 31.53 -33.67 -54.54
N ALA I 255 31.17 -33.27 -55.77
CA ALA I 255 31.96 -32.31 -56.51
C ALA I 255 31.99 -30.95 -55.82
N THR I 256 30.82 -30.45 -55.41
CA THR I 256 30.77 -29.15 -54.76
C THR I 256 31.35 -29.19 -53.35
N ARG I 257 31.37 -30.36 -52.71
CA ARG I 257 32.04 -30.49 -51.43
C ARG I 257 33.56 -30.54 -51.58
N ALA I 258 34.05 -31.16 -52.66
CA ALA I 258 35.49 -31.24 -52.87
C ALA I 258 36.07 -29.86 -53.14
N GLY I 259 35.32 -29.01 -53.85
CA GLY I 259 35.79 -27.66 -54.11
C GLY I 259 35.92 -26.82 -52.85
N ALA I 260 34.92 -26.93 -51.95
CA ALA I 260 34.95 -26.15 -50.72
C ALA I 260 36.12 -26.55 -49.83
N LEU I 261 36.40 -27.85 -49.74
CA LEU I 261 37.52 -28.32 -48.92
C LEU I 261 38.86 -27.89 -49.50
N ALA I 262 38.96 -27.79 -50.83
CA ALA I 262 40.21 -27.39 -51.46
C ALA I 262 40.56 -25.93 -51.15
N GLY I 263 39.55 -25.09 -50.93
CA GLY I 263 39.80 -23.69 -50.63
C GLY I 263 40.25 -23.41 -49.21
N ILE I 264 40.02 -24.34 -48.28
CA ILE I 264 40.34 -24.08 -46.88
C ILE I 264 41.46 -24.99 -46.40
N SER I 265 42.34 -25.40 -47.31
CA SER I 265 43.52 -26.21 -46.97
C SER I 265 44.78 -25.56 -47.54
N PRO I 266 45.14 -24.38 -47.05
CA PRO I 266 46.24 -23.62 -47.68
C PRO I 266 47.60 -24.10 -47.22
N MET I 267 48.58 -23.95 -48.11
CA MET I 267 49.98 -24.22 -47.79
C MET I 267 50.60 -22.91 -47.35
N PHE I 268 50.59 -22.67 -46.04
CA PHE I 268 50.97 -21.37 -45.50
C PHE I 268 52.45 -21.09 -45.72
N GLN I 269 52.75 -19.90 -46.24
CA GLN I 269 54.08 -19.43 -46.54
C GLN I 269 54.51 -18.36 -45.54
N PRO I 270 55.82 -18.14 -45.37
CA PRO I 270 56.28 -17.07 -44.48
C PRO I 270 55.89 -15.69 -44.97
N CYS I 271 55.86 -14.74 -44.04
CA CYS I 271 55.47 -13.37 -44.34
C CYS I 271 56.71 -12.53 -44.66
N VAL I 272 56.61 -11.74 -45.74
CA VAL I 272 57.68 -10.80 -46.12
C VAL I 272 57.39 -9.46 -45.47
N VAL I 273 56.39 -9.43 -44.61
CA VAL I 273 55.98 -8.23 -43.87
C VAL I 273 55.83 -8.68 -42.42
N PRO I 274 55.99 -7.79 -41.44
CA PRO I 274 55.68 -8.18 -40.06
C PRO I 274 54.24 -8.63 -39.93
N PRO I 275 53.98 -9.66 -39.14
CA PRO I 275 52.64 -10.26 -39.10
C PRO I 275 51.64 -9.36 -38.41
N LYS I 276 50.36 -9.65 -38.67
CA LYS I 276 49.28 -8.91 -38.02
C LYS I 276 49.25 -9.27 -36.54
N PRO I 277 49.28 -8.27 -35.65
CA PRO I 277 49.19 -8.55 -34.21
C PRO I 277 47.84 -9.14 -33.83
N TRP I 278 47.87 -10.03 -32.84
CA TRP I 278 46.66 -10.70 -32.38
C TRP I 278 45.88 -9.79 -31.44
N THR I 279 44.66 -9.43 -31.85
CA THR I 279 43.76 -8.66 -31.00
C THR I 279 42.50 -9.46 -30.65
N GLY I 280 42.48 -10.75 -30.96
CA GLY I 280 41.32 -11.56 -30.66
C GLY I 280 41.60 -13.02 -30.97
N ILE I 281 40.54 -13.83 -30.87
CA ILE I 281 40.70 -15.26 -31.08
C ILE I 281 40.85 -15.63 -32.55
N THR I 282 40.46 -14.75 -33.47
CA THR I 282 40.62 -14.99 -34.90
C THR I 282 41.21 -13.76 -35.55
N GLY I 283 41.74 -13.95 -36.76
CA GLY I 283 42.15 -12.83 -37.60
C GLY I 283 43.58 -12.36 -37.42
N GLY I 284 44.32 -12.94 -36.48
CA GLY I 284 45.71 -12.57 -36.32
C GLY I 284 46.62 -13.28 -37.30
N GLY I 285 47.91 -12.91 -37.25
CA GLY I 285 48.89 -13.57 -38.10
C GLY I 285 48.99 -12.97 -39.48
N TYR I 286 48.26 -13.55 -40.42
CA TYR I 286 48.21 -13.06 -41.78
C TYR I 286 47.30 -11.85 -41.89
N TRP I 287 47.60 -10.97 -42.86
CA TRP I 287 46.90 -9.71 -42.97
C TRP I 287 45.59 -9.83 -43.74
N ALA I 288 45.53 -10.70 -44.74
CA ALA I 288 44.35 -10.79 -45.59
C ALA I 288 43.20 -11.47 -44.86
N ASN I 289 42.01 -11.31 -45.41
CA ASN I 289 40.78 -11.86 -44.83
C ASN I 289 40.24 -12.93 -45.79
N GLY I 290 40.66 -14.17 -45.56
CA GLY I 290 40.28 -15.28 -46.41
C GLY I 290 39.06 -16.04 -45.91
N ARG I 291 38.78 -17.15 -46.59
CA ARG I 291 37.73 -18.05 -46.12
C ARG I 291 38.09 -18.66 -44.78
N ARG I 292 39.36 -19.01 -44.60
CA ARG I 292 39.85 -19.61 -43.35
C ARG I 292 40.76 -18.61 -42.65
N PRO I 293 40.29 -17.91 -41.63
CA PRO I 293 41.18 -17.08 -40.83
C PRO I 293 42.01 -17.92 -39.87
N LEU I 294 43.06 -17.30 -39.34
CA LEU I 294 43.91 -17.97 -38.37
C LEU I 294 43.22 -18.01 -37.01
N ALA I 295 43.22 -19.18 -36.38
CA ALA I 295 42.70 -19.31 -35.03
C ALA I 295 43.83 -19.12 -34.03
N LEU I 296 43.54 -18.37 -32.96
CA LEU I 296 44.51 -18.15 -31.91
C LEU I 296 44.83 -19.45 -31.16
N VAL I 297 43.84 -20.32 -30.99
CA VAL I 297 44.03 -21.63 -30.39
C VAL I 297 43.57 -22.68 -31.39
N ARG I 298 44.42 -23.65 -31.68
CA ARG I 298 44.08 -24.74 -32.60
C ARG I 298 43.20 -25.73 -31.86
N THR I 299 41.90 -25.70 -32.13
CA THR I 299 40.93 -26.55 -31.48
C THR I 299 40.30 -27.50 -32.49
N HIS I 300 39.81 -28.63 -31.99
CA HIS I 300 39.16 -29.62 -32.84
C HIS I 300 37.69 -29.28 -33.12
N SER I 301 37.19 -28.18 -32.57
CA SER I 301 35.82 -27.75 -32.82
C SER I 301 35.75 -26.24 -32.65
N LYS I 302 34.76 -25.63 -33.30
CA LYS I 302 34.56 -24.20 -33.14
C LYS I 302 34.04 -23.87 -31.73
N LYS I 303 33.38 -24.82 -31.07
CA LYS I 303 32.92 -24.58 -29.71
C LYS I 303 34.09 -24.39 -28.76
N ALA I 304 35.14 -25.20 -28.90
CA ALA I 304 36.30 -25.08 -28.03
C ALA I 304 37.06 -23.78 -28.28
N LEU I 305 37.10 -23.31 -29.53
CA LEU I 305 37.74 -22.04 -29.83
C LEU I 305 36.94 -20.88 -29.25
N MET I 306 35.61 -20.98 -29.26
CA MET I 306 34.75 -19.91 -28.78
C MET I 306 34.85 -19.70 -27.28
N ARG I 307 35.45 -20.63 -26.54
CA ARG I 307 35.63 -20.47 -25.10
C ARG I 307 36.67 -19.40 -24.75
N TYR I 308 37.44 -18.95 -25.72
CA TYR I 308 38.51 -17.98 -25.48
C TYR I 308 38.10 -16.54 -25.82
N GLU I 309 36.85 -16.32 -26.24
CA GLU I 309 36.47 -15.02 -26.76
C GLU I 309 36.45 -13.95 -25.67
N ASP I 310 35.87 -14.26 -24.52
CA ASP I 310 35.71 -13.28 -23.46
C ASP I 310 36.70 -13.41 -22.33
N VAL I 311 37.63 -14.36 -22.40
CA VAL I 311 38.61 -14.52 -21.34
C VAL I 311 39.67 -13.43 -21.46
N TYR I 312 40.14 -12.97 -20.30
CA TYR I 312 41.10 -11.87 -20.23
C TYR I 312 42.49 -12.45 -19.96
N MET I 313 43.29 -12.55 -21.01
CA MET I 313 44.64 -13.11 -20.92
C MET I 313 45.65 -12.18 -21.60
N PRO I 314 45.79 -10.94 -21.11
CA PRO I 314 46.59 -9.95 -21.85
C PRO I 314 48.07 -10.30 -22.00
N GLU I 315 48.63 -11.07 -21.05
CA GLU I 315 50.03 -11.46 -21.19
C GLU I 315 50.23 -12.55 -22.24
N VAL I 316 49.20 -13.38 -22.47
CA VAL I 316 49.27 -14.37 -23.53
C VAL I 316 49.30 -13.70 -24.90
N TYR I 317 48.48 -12.66 -25.08
CA TYR I 317 48.46 -11.94 -26.35
C TYR I 317 49.78 -11.24 -26.61
N LYS I 318 50.37 -10.65 -25.56
CA LYS I 318 51.63 -9.94 -25.74
C LYS I 318 52.75 -10.90 -26.12
N ALA I 319 52.77 -12.10 -25.54
CA ALA I 319 53.81 -13.07 -25.84
C ALA I 319 53.79 -13.49 -27.31
N ILE I 320 52.59 -13.78 -27.84
CA ILE I 320 52.47 -14.24 -29.22
C ILE I 320 52.86 -13.13 -30.19
N ASN I 321 52.45 -11.90 -29.88
CA ASN I 321 52.70 -10.79 -30.79
C ASN I 321 54.19 -10.45 -30.85
N ILE I 322 54.89 -10.55 -29.73
CA ILE I 322 56.32 -10.27 -29.73
C ILE I 322 57.07 -11.36 -30.49
N ALA I 323 56.63 -12.62 -30.34
CA ALA I 323 57.26 -13.72 -31.05
C ALA I 323 57.10 -13.58 -32.57
N GLN I 324 55.92 -13.12 -33.02
CA GLN I 324 55.70 -12.91 -34.44
C GLN I 324 56.58 -11.80 -35.01
N ASN I 325 56.97 -10.82 -34.17
CA ASN I 325 57.76 -9.70 -34.65
C ASN I 325 59.23 -10.02 -34.81
N THR I 326 59.66 -11.23 -34.45
CA THR I 326 61.04 -11.64 -34.69
C THR I 326 61.31 -11.69 -36.18
N ALA I 327 62.35 -10.99 -36.62
CA ALA I 327 62.70 -10.89 -38.04
C ALA I 327 63.76 -11.93 -38.35
N TRP I 328 63.46 -12.81 -39.30
CA TRP I 328 64.39 -13.83 -39.75
C TRP I 328 64.86 -13.52 -41.18
N LYS I 329 65.97 -14.13 -41.55
CA LYS I 329 66.47 -14.10 -42.92
C LYS I 329 67.07 -15.46 -43.25
N ILE I 330 67.12 -15.76 -44.54
CA ILE I 330 67.68 -17.03 -45.00
C ILE I 330 69.20 -16.96 -44.95
N ASN I 331 69.81 -17.95 -44.30
CA ASN I 331 71.27 -18.06 -44.25
C ASN I 331 71.77 -18.50 -45.61
N LYS I 332 72.28 -17.55 -46.40
CA LYS I 332 72.63 -17.84 -47.78
C LYS I 332 73.85 -18.74 -47.90
N LYS I 333 74.79 -18.64 -46.97
CA LYS I 333 75.96 -19.49 -47.01
C LYS I 333 75.60 -20.95 -46.76
N VAL I 334 74.68 -21.20 -45.82
CA VAL I 334 74.19 -22.56 -45.60
C VAL I 334 73.40 -23.05 -46.80
N LEU I 335 72.58 -22.16 -47.38
CA LEU I 335 71.74 -22.54 -48.52
C LEU I 335 72.59 -22.90 -49.75
N ALA I 336 73.71 -22.21 -49.93
CA ALA I 336 74.59 -22.53 -51.05
C ALA I 336 75.18 -23.93 -50.91
N VAL I 337 75.60 -24.30 -49.70
CA VAL I 337 76.09 -25.65 -49.44
C VAL I 337 74.96 -26.67 -49.56
N ALA I 338 73.77 -26.32 -49.07
CA ALA I 338 72.64 -27.25 -49.15
C ALA I 338 72.18 -27.46 -50.60
N ASN I 339 72.28 -26.43 -51.44
CA ASN I 339 71.76 -26.53 -52.81
C ASN I 339 72.54 -27.56 -53.62
N VAL I 340 73.85 -27.64 -53.44
CA VAL I 340 74.64 -28.54 -54.26
C VAL I 340 74.59 -29.97 -53.71
N ILE I 341 74.63 -30.14 -52.39
CA ILE I 341 74.77 -31.48 -51.83
C ILE I 341 73.50 -32.31 -52.02
N THR I 342 72.32 -31.72 -51.80
CA THR I 342 71.09 -32.48 -52.00
C THR I 342 70.79 -32.82 -53.45
N LYS I 343 71.50 -32.22 -54.40
CA LYS I 343 71.38 -32.66 -55.78
C LYS I 343 72.17 -33.93 -56.06
N TRP I 344 73.08 -34.32 -55.16
CA TRP I 344 73.88 -35.52 -55.33
C TRP I 344 73.49 -36.67 -54.40
N LYS I 345 72.88 -36.37 -53.26
CA LYS I 345 72.50 -37.37 -52.27
C LYS I 345 71.01 -37.31 -51.99
N HIS I 346 70.42 -38.46 -51.67
CA HIS I 346 69.02 -38.49 -51.23
C HIS I 346 68.87 -37.73 -49.92
N CYS I 347 69.56 -38.17 -48.89
CA CYS I 347 69.70 -37.41 -47.65
C CYS I 347 71.10 -36.85 -47.56
N PRO I 348 71.25 -35.56 -47.27
CA PRO I 348 72.57 -34.93 -47.37
C PRO I 348 73.64 -35.51 -46.47
N VAL I 349 73.28 -35.99 -45.27
CA VAL I 349 74.27 -36.40 -44.28
C VAL I 349 74.08 -37.86 -43.87
N GLU I 350 73.36 -38.64 -44.68
CA GLU I 350 73.02 -40.01 -44.27
C GLU I 350 74.23 -40.93 -44.35
N ASP I 351 74.80 -41.09 -45.54
CA ASP I 351 75.90 -42.04 -45.76
C ASP I 351 77.13 -41.27 -46.24
N ILE I 352 77.89 -40.75 -45.29
CA ILE I 352 79.15 -40.06 -45.58
C ILE I 352 80.24 -41.12 -45.62
N PRO I 353 81.00 -41.24 -46.72
CA PRO I 353 82.14 -42.15 -46.74
C PRO I 353 83.15 -41.77 -45.66
N ALA I 354 83.53 -42.76 -44.87
CA ALA I 354 84.48 -42.56 -43.78
C ALA I 354 85.15 -43.87 -43.40
N LYS I 378 64.56 -62.26 -40.81
CA LYS I 378 63.65 -61.70 -41.81
C LYS I 378 63.00 -60.43 -41.29
N ARG I 379 62.95 -60.31 -39.96
CA ARG I 379 62.46 -59.09 -39.33
C ARG I 379 63.42 -57.92 -39.58
N ALA I 380 64.72 -58.20 -39.67
CA ALA I 380 65.67 -57.17 -40.10
C ALA I 380 65.43 -56.78 -41.55
N ALA I 381 64.99 -57.72 -42.38
CA ALA I 381 64.57 -57.42 -43.74
C ALA I 381 63.19 -56.76 -43.79
N ALA I 382 62.42 -56.82 -42.70
CA ALA I 382 61.17 -56.09 -42.62
C ALA I 382 61.36 -54.62 -42.26
N ALA I 383 62.54 -54.25 -41.77
CA ALA I 383 62.87 -52.85 -41.50
C ALA I 383 63.65 -52.20 -42.63
N VAL I 384 64.12 -52.99 -43.61
CA VAL I 384 64.87 -52.42 -44.73
C VAL I 384 63.96 -51.86 -45.81
N TYR I 385 62.69 -52.27 -45.84
CA TYR I 385 61.73 -51.69 -46.76
C TYR I 385 60.91 -50.56 -46.13
N ARG I 386 60.72 -50.61 -44.80
CA ARG I 386 60.19 -49.45 -44.10
C ARG I 386 61.15 -48.28 -44.14
N LYS I 387 62.46 -48.58 -44.16
CA LYS I 387 63.49 -47.56 -44.37
C LYS I 387 63.34 -46.91 -45.73
N ASP I 388 63.09 -47.70 -46.77
CA ASP I 388 63.03 -47.17 -48.13
C ASP I 388 61.77 -46.32 -48.35
N LYS I 389 60.65 -46.71 -47.73
CA LYS I 389 59.46 -45.88 -47.78
C LYS I 389 59.63 -44.59 -46.99
N ALA I 390 60.49 -44.62 -45.96
CA ALA I 390 60.73 -43.43 -45.16
C ALA I 390 61.56 -42.40 -45.93
N ARG I 391 62.52 -42.88 -46.74
CA ARG I 391 63.42 -41.96 -47.42
C ARG I 391 62.72 -41.17 -48.52
N LYS I 392 61.72 -41.76 -49.16
CA LYS I 392 60.97 -41.02 -50.17
C LYS I 392 60.18 -39.88 -49.55
N SER I 393 59.65 -40.09 -48.34
CA SER I 393 58.89 -39.04 -47.67
C SER I 393 59.79 -37.92 -47.15
N ARG I 394 61.00 -38.27 -46.69
CA ARG I 394 61.93 -37.24 -46.25
C ARG I 394 62.32 -36.32 -47.39
N ARG I 395 62.53 -36.89 -48.59
CA ARG I 395 62.99 -36.07 -49.71
C ARG I 395 61.93 -35.07 -50.14
N ILE I 396 60.66 -35.49 -50.20
CA ILE I 396 59.61 -34.56 -50.61
C ILE I 396 59.45 -33.45 -49.58
N SER I 397 59.73 -33.72 -48.31
CA SER I 397 59.81 -32.66 -47.33
C SER I 397 61.10 -31.85 -47.47
N LEU I 398 62.18 -32.51 -47.91
CA LEU I 398 63.45 -31.81 -48.13
C LEU I 398 63.32 -30.77 -49.23
N GLU I 399 62.75 -31.15 -50.38
CA GLU I 399 62.77 -30.23 -51.51
C GLU I 399 61.82 -29.06 -51.28
N PHE I 400 60.71 -29.27 -50.57
CA PHE I 400 59.83 -28.13 -50.30
C PHE I 400 60.49 -27.13 -49.36
N MET I 401 61.18 -27.62 -48.32
CA MET I 401 61.88 -26.72 -47.41
C MET I 401 62.98 -25.96 -48.14
N LEU I 402 63.72 -26.63 -49.03
CA LEU I 402 64.75 -25.96 -49.81
C LEU I 402 64.14 -25.01 -50.83
N GLU I 403 62.99 -25.37 -51.40
CA GLU I 403 62.33 -24.48 -52.37
C GLU I 403 61.90 -23.17 -51.71
N GLN I 404 61.30 -23.25 -50.52
CA GLN I 404 60.93 -22.04 -49.81
C GLN I 404 62.16 -21.28 -49.33
N ALA I 405 63.22 -22.00 -48.95
CA ALA I 405 64.46 -21.35 -48.55
C ALA I 405 65.05 -20.56 -49.72
N ASN I 406 64.99 -21.11 -50.93
CA ASN I 406 65.48 -20.39 -52.10
C ASN I 406 64.53 -19.26 -52.51
N LYS I 407 63.24 -19.40 -52.21
CA LYS I 407 62.27 -18.38 -52.59
C LYS I 407 62.51 -17.06 -51.84
N PHE I 408 62.86 -17.15 -50.56
CA PHE I 408 63.08 -15.95 -49.74
C PHE I 408 64.55 -15.75 -49.41
N ALA I 409 65.44 -16.25 -50.28
CA ALA I 409 66.88 -16.18 -49.99
C ALA I 409 67.39 -14.76 -50.04
N ASN I 410 66.84 -13.93 -50.93
CA ASN I 410 67.32 -12.56 -51.13
C ASN I 410 66.45 -11.52 -50.44
N HIS I 411 65.44 -11.93 -49.68
CA HIS I 411 64.68 -10.96 -48.90
C HIS I 411 65.50 -10.46 -47.73
N LYS I 412 65.38 -9.16 -47.44
CA LYS I 412 66.13 -8.58 -46.33
C LYS I 412 65.64 -9.09 -44.98
N ALA I 413 64.36 -9.47 -44.90
CA ALA I 413 63.81 -10.08 -43.70
C ALA I 413 62.53 -10.82 -44.06
N ILE I 414 62.23 -11.87 -43.30
CA ILE I 414 60.97 -12.59 -43.37
C ILE I 414 60.47 -12.80 -41.95
N TRP I 415 59.17 -13.04 -41.83
CA TRP I 415 58.51 -13.18 -40.54
C TRP I 415 57.59 -14.39 -40.55
N PHE I 416 57.31 -14.91 -39.34
CA PHE I 416 56.47 -16.09 -39.17
C PHE I 416 55.29 -15.77 -38.25
N PRO I 417 54.05 -16.00 -38.69
CA PRO I 417 52.92 -15.88 -37.75
C PRO I 417 52.94 -17.01 -36.73
N TYR I 418 52.30 -16.76 -35.59
CA TYR I 418 52.28 -17.72 -34.50
C TYR I 418 50.88 -17.90 -33.96
N ASN I 419 50.61 -19.11 -33.46
CA ASN I 419 49.39 -19.43 -32.73
C ASN I 419 49.72 -20.57 -31.77
N MET I 420 48.68 -21.14 -31.16
CA MET I 420 48.85 -22.09 -30.07
C MET I 420 47.96 -23.32 -30.28
N ASP I 421 48.36 -24.44 -29.69
CA ASP I 421 47.48 -25.60 -29.61
C ASP I 421 46.54 -25.43 -28.42
N TRP I 422 45.73 -26.45 -28.12
CA TRP I 422 44.74 -26.31 -27.07
C TRP I 422 45.35 -26.30 -25.67
N ARG I 423 46.60 -26.72 -25.53
CA ARG I 423 47.31 -26.63 -24.26
C ARG I 423 48.09 -25.34 -24.10
N GLY I 424 48.27 -24.57 -25.18
CA GLY I 424 49.01 -23.32 -25.12
C GLY I 424 50.43 -23.36 -25.62
N ARG I 425 50.91 -24.51 -26.12
CA ARG I 425 52.23 -24.53 -26.75
C ARG I 425 52.20 -23.71 -28.03
N VAL I 426 53.29 -22.98 -28.28
CA VAL I 426 53.34 -21.99 -29.35
C VAL I 426 53.96 -22.59 -30.59
N TYR I 427 53.27 -22.46 -31.73
CA TYR I 427 53.69 -23.02 -32.99
C TYR I 427 53.72 -21.94 -34.07
N ALA I 428 54.72 -22.01 -34.94
CA ALA I 428 54.71 -21.15 -36.12
C ALA I 428 53.75 -21.74 -37.17
N VAL I 429 53.12 -20.84 -37.92
CA VAL I 429 52.03 -21.27 -38.81
C VAL I 429 52.55 -21.74 -40.15
N SER I 430 53.68 -21.21 -40.61
CA SER I 430 54.26 -21.61 -41.89
C SER I 430 54.74 -23.06 -41.85
N MET I 431 54.59 -23.74 -43.00
CA MET I 431 55.17 -25.07 -43.13
C MET I 431 56.69 -25.01 -43.04
N PHE I 432 57.28 -23.99 -43.66
CA PHE I 432 58.71 -23.69 -43.52
C PHE I 432 58.85 -22.75 -42.33
N ASN I 433 59.18 -23.29 -41.17
CA ASN I 433 59.24 -22.56 -39.92
C ASN I 433 60.53 -22.89 -39.18
N PRO I 434 60.94 -22.05 -38.21
CA PRO I 434 62.15 -22.36 -37.44
C PRO I 434 61.99 -23.51 -36.45
N GLN I 435 60.85 -24.18 -36.45
CA GLN I 435 60.62 -25.35 -35.61
C GLN I 435 60.77 -26.66 -36.39
N GLY I 436 61.49 -26.65 -37.50
CA GLY I 436 61.65 -27.81 -38.36
C GLY I 436 62.85 -28.65 -38.02
N ASN I 437 63.34 -29.39 -39.02
CA ASN I 437 64.47 -30.29 -38.86
C ASN I 437 65.78 -29.50 -38.79
N ASP I 438 66.89 -30.22 -38.64
CA ASP I 438 68.18 -29.58 -38.43
C ASP I 438 68.59 -28.73 -39.63
N MET I 439 68.37 -29.24 -40.85
CA MET I 439 68.71 -28.46 -42.04
C MET I 439 67.79 -27.26 -42.20
N THR I 440 66.51 -27.42 -41.85
CA THR I 440 65.59 -26.29 -41.91
C THR I 440 65.99 -25.20 -40.93
N LYS I 441 66.43 -25.58 -39.73
CA LYS I 441 66.95 -24.62 -38.78
C LYS I 441 68.25 -24.00 -39.26
N GLY I 442 69.03 -24.76 -40.02
CA GLY I 442 70.28 -24.23 -40.56
C GLY I 442 70.08 -23.17 -41.62
N LEU I 443 69.04 -23.32 -42.44
CA LEU I 443 68.75 -22.35 -43.50
C LEU I 443 68.15 -21.05 -42.95
N LEU I 444 67.75 -21.02 -41.69
CA LEU I 444 67.11 -19.86 -41.11
C LEU I 444 68.01 -19.23 -40.05
N THR I 445 68.09 -17.90 -40.06
CA THR I 445 68.85 -17.15 -39.07
C THR I 445 68.13 -15.83 -38.82
N LEU I 446 68.47 -15.20 -37.70
CA LEU I 446 67.84 -13.93 -37.35
C LEU I 446 68.38 -12.80 -38.20
N ALA I 447 67.56 -11.77 -38.39
CA ALA I 447 67.87 -10.70 -39.33
C ALA I 447 68.72 -9.59 -38.70
N LYS I 448 68.32 -9.12 -37.52
CA LYS I 448 68.96 -7.98 -36.86
C LYS I 448 69.79 -8.49 -35.69
N GLY I 449 71.11 -8.33 -35.78
CA GLY I 449 72.03 -8.77 -34.75
C GLY I 449 72.80 -7.62 -34.12
N LYS I 450 73.61 -7.98 -33.13
CA LYS I 450 74.42 -7.07 -32.35
C LYS I 450 75.89 -7.43 -32.51
N PRO I 451 76.80 -6.52 -32.16
CA PRO I 451 78.21 -6.93 -31.99
C PRO I 451 78.31 -8.05 -30.97
N ILE I 452 79.15 -9.05 -31.29
CA ILE I 452 79.07 -10.32 -30.58
C ILE I 452 79.62 -10.21 -29.15
N GLY I 453 80.71 -9.47 -28.96
CA GLY I 453 81.27 -9.29 -27.63
C GLY I 453 81.94 -10.54 -27.09
N LYS I 454 82.51 -10.41 -25.89
CA LYS I 454 83.13 -11.55 -25.23
C LYS I 454 82.09 -12.57 -24.77
N GLU I 455 80.99 -12.09 -24.18
CA GLU I 455 79.99 -13.00 -23.62
C GLU I 455 79.22 -13.72 -24.71
N GLY I 456 78.79 -12.99 -25.75
CA GLY I 456 78.02 -13.62 -26.81
C GLY I 456 78.85 -14.62 -27.61
N TYR I 457 80.13 -14.31 -27.80
CA TYR I 457 81.04 -15.25 -28.47
C TYR I 457 81.28 -16.49 -27.65
N TYR I 458 81.30 -16.35 -26.31
CA TYR I 458 81.41 -17.51 -25.43
C TYR I 458 80.23 -18.45 -25.63
N TRP I 459 79.01 -17.91 -25.73
CA TRP I 459 77.84 -18.76 -25.93
C TRP I 459 77.75 -19.30 -27.36
N LEU I 460 78.39 -18.63 -28.32
CA LEU I 460 78.46 -19.18 -29.67
C LEU I 460 79.27 -20.47 -29.69
N LYS I 461 80.39 -20.48 -28.94
CA LYS I 461 81.14 -21.71 -28.73
C LYS I 461 80.30 -22.79 -28.06
N ILE I 462 79.55 -22.44 -27.02
CA ILE I 462 78.74 -23.43 -26.30
C ILE I 462 77.69 -24.05 -27.22
N HIS I 463 77.03 -23.20 -28.02
CA HIS I 463 76.07 -23.71 -28.99
C HIS I 463 76.74 -24.59 -30.03
N GLY I 464 77.96 -24.23 -30.44
CA GLY I 464 78.69 -25.05 -31.39
C GLY I 464 79.03 -26.42 -30.84
N ALA I 465 79.49 -26.47 -29.58
CA ALA I 465 79.80 -27.76 -28.96
C ALA I 465 78.53 -28.57 -28.73
N ASN I 466 77.42 -27.90 -28.40
CA ASN I 466 76.15 -28.61 -28.24
C ASN I 466 75.63 -29.17 -29.56
N CYS I 467 75.90 -28.48 -30.67
CA CYS I 467 75.53 -28.99 -31.99
C CYS I 467 76.29 -30.24 -32.35
N ALA I 468 77.54 -30.35 -31.91
CA ALA I 468 78.36 -31.52 -32.15
C ALA I 468 78.03 -32.69 -31.23
N GLY I 469 77.17 -32.48 -30.24
CA GLY I 469 76.80 -33.52 -29.31
C GLY I 469 77.58 -33.51 -28.01
N VAL I 470 78.42 -32.52 -27.78
CA VAL I 470 79.19 -32.42 -26.52
C VAL I 470 78.33 -31.57 -25.58
N ASP I 471 77.38 -32.24 -24.93
CA ASP I 471 76.49 -31.58 -23.99
C ASP I 471 76.31 -32.33 -22.68
N LYS I 472 76.99 -33.47 -22.50
CA LYS I 472 77.00 -34.18 -21.22
C LYS I 472 78.25 -33.85 -20.42
N VAL I 473 78.79 -32.64 -20.60
CA VAL I 473 80.08 -32.26 -20.03
C VAL I 473 80.01 -30.82 -19.54
N PRO I 474 80.83 -30.48 -18.54
CA PRO I 474 80.89 -29.09 -18.10
C PRO I 474 81.44 -28.15 -19.16
N PHE I 475 81.02 -26.88 -19.07
CA PHE I 475 81.41 -25.79 -19.95
C PHE I 475 82.92 -25.60 -20.12
N PRO I 476 83.78 -25.86 -19.12
CA PRO I 476 85.23 -25.85 -19.38
C PRO I 476 85.70 -26.85 -20.42
N GLU I 477 84.94 -27.92 -20.69
CA GLU I 477 85.30 -28.81 -21.79
C GLU I 477 84.66 -28.40 -23.10
N ARG I 478 83.46 -27.82 -23.07
CA ARG I 478 82.83 -27.32 -24.28
C ARG I 478 83.64 -26.16 -24.88
N ILE I 479 84.23 -25.32 -24.01
CA ILE I 479 85.14 -24.28 -24.50
C ILE I 479 86.41 -24.90 -25.06
N LYS I 480 86.85 -26.03 -24.48
CA LYS I 480 88.09 -26.68 -24.89
C LYS I 480 87.92 -27.45 -26.20
N PHE I 481 86.77 -28.10 -26.37
CA PHE I 481 86.53 -28.94 -27.55
C PHE I 481 86.48 -28.10 -28.83
N ILE I 482 85.92 -26.89 -28.75
CA ILE I 482 85.89 -26.00 -29.90
C ILE I 482 87.29 -25.56 -30.28
N GLU I 483 88.09 -25.18 -29.29
CA GLU I 483 89.46 -24.73 -29.57
C GLU I 483 90.37 -25.90 -29.94
N GLU I 484 90.04 -27.11 -29.48
CA GLU I 484 90.83 -28.28 -29.88
C GLU I 484 90.68 -28.57 -31.36
N ASN I 485 89.47 -28.40 -31.89
CA ASN I 485 89.18 -28.60 -33.31
C ASN I 485 89.05 -27.27 -34.05
N HIS I 486 89.89 -26.29 -33.67
CA HIS I 486 89.79 -24.95 -34.25
C HIS I 486 90.12 -24.95 -35.74
N GLU I 487 91.12 -25.73 -36.15
CA GLU I 487 91.47 -25.79 -37.56
C GLU I 487 90.41 -26.51 -38.37
N ASN I 488 89.74 -27.52 -37.78
CA ASN I 488 88.70 -28.25 -38.50
C ASN I 488 87.47 -27.37 -38.75
N ILE I 489 87.11 -26.54 -37.78
CA ILE I 489 85.97 -25.64 -37.93
C ILE I 489 86.24 -24.59 -39.01
N MET I 490 87.45 -24.02 -39.00
CA MET I 490 87.79 -23.02 -40.00
C MET I 490 87.87 -23.62 -41.39
N ALA I 491 88.36 -24.86 -41.50
CA ALA I 491 88.37 -25.56 -42.78
C ALA I 491 86.96 -25.87 -43.27
N CYS I 492 86.04 -26.17 -42.36
CA CYS I 492 84.65 -26.41 -42.75
C CYS I 492 83.95 -25.14 -43.19
N ALA I 493 84.45 -23.97 -42.77
CA ALA I 493 83.82 -22.71 -43.16
C ALA I 493 84.43 -22.14 -44.44
N LYS I 494 85.74 -22.30 -44.63
CA LYS I 494 86.39 -21.80 -45.83
C LYS I 494 85.90 -22.55 -47.06
N SER I 495 85.94 -23.88 -47.02
CA SER I 495 85.48 -24.73 -48.12
C SER I 495 84.59 -25.84 -47.56
N PRO I 496 83.29 -25.58 -47.39
CA PRO I 496 82.42 -26.59 -46.78
C PRO I 496 82.25 -27.85 -47.63
N LEU I 497 82.45 -27.77 -48.94
CA LEU I 497 82.25 -28.94 -49.78
C LEU I 497 83.41 -29.94 -49.67
N GLU I 498 84.61 -29.46 -49.37
CA GLU I 498 85.78 -30.32 -49.36
C GLU I 498 86.11 -30.91 -47.99
N ASN I 499 85.57 -30.36 -46.91
CA ASN I 499 85.76 -30.90 -45.58
C ASN I 499 84.40 -31.33 -45.05
N THR I 500 84.20 -32.64 -44.93
CA THR I 500 82.90 -33.19 -44.57
C THR I 500 82.68 -33.27 -43.06
N TRP I 501 83.66 -32.86 -42.26
CA TRP I 501 83.62 -33.12 -40.81
C TRP I 501 82.42 -32.48 -40.13
N TRP I 502 81.92 -31.36 -40.67
CA TRP I 502 80.73 -30.75 -40.09
C TRP I 502 79.49 -31.59 -40.29
N ALA I 503 79.48 -32.48 -41.28
CA ALA I 503 78.30 -33.29 -41.58
C ALA I 503 78.15 -34.49 -40.67
N GLU I 504 79.23 -34.92 -39.98
CA GLU I 504 79.15 -36.05 -39.07
C GLU I 504 78.71 -35.67 -37.67
N GLN I 505 78.55 -34.38 -37.38
CA GLN I 505 78.11 -33.96 -36.06
C GLN I 505 76.62 -34.28 -35.88
N ASP I 506 76.17 -34.19 -34.62
CA ASP I 506 74.81 -34.58 -34.28
C ASP I 506 73.78 -33.70 -34.98
N SER I 507 74.05 -32.40 -35.07
CA SER I 507 73.21 -31.44 -35.78
C SER I 507 74.07 -30.79 -36.85
N PRO I 508 74.19 -31.39 -38.04
CA PRO I 508 75.21 -30.97 -39.01
C PRO I 508 75.03 -29.57 -39.57
N PHE I 509 73.84 -29.26 -40.08
CA PHE I 509 73.64 -27.98 -40.74
C PHE I 509 73.66 -26.82 -39.75
N CYS I 510 73.16 -27.03 -38.54
CA CYS I 510 73.28 -26.00 -37.51
C CYS I 510 74.73 -25.82 -37.10
N PHE I 511 75.49 -26.91 -37.01
CA PHE I 511 76.91 -26.80 -36.71
C PHE I 511 77.66 -26.09 -37.83
N LEU I 512 77.24 -26.30 -39.09
CA LEU I 512 77.85 -25.57 -40.20
C LEU I 512 77.59 -24.07 -40.10
N ALA I 513 76.37 -23.69 -39.69
CA ALA I 513 76.07 -22.28 -39.50
C ALA I 513 76.91 -21.69 -38.38
N PHE I 514 77.18 -22.48 -37.34
CA PHE I 514 78.10 -22.05 -36.29
C PHE I 514 79.51 -21.90 -36.84
N CYS I 515 79.93 -22.80 -37.74
CA CYS I 515 81.25 -22.69 -38.34
C CYS I 515 81.39 -21.40 -39.15
N PHE I 516 80.35 -21.05 -39.93
CA PHE I 516 80.37 -19.81 -40.68
C PHE I 516 80.46 -18.60 -39.75
N GLU I 517 79.73 -18.63 -38.63
CA GLU I 517 79.82 -17.53 -37.67
C GLU I 517 81.14 -17.55 -36.90
N TYR I 518 81.69 -18.74 -36.64
CA TYR I 518 82.97 -18.83 -35.95
C TYR I 518 84.11 -18.29 -36.81
N ALA I 519 84.02 -18.43 -38.13
CA ALA I 519 85.06 -17.88 -38.99
C ALA I 519 84.95 -16.36 -39.09
N GLY I 520 83.72 -15.83 -39.04
CA GLY I 520 83.54 -14.39 -39.21
C GLY I 520 84.15 -13.57 -38.08
N VAL I 521 84.01 -14.05 -36.84
CA VAL I 521 84.63 -13.36 -35.71
C VAL I 521 86.15 -13.46 -35.76
N GLN I 522 86.69 -14.59 -36.24
CA GLN I 522 88.14 -14.73 -36.37
C GLN I 522 88.70 -13.90 -37.51
N HIS I 523 87.85 -13.40 -38.41
CA HIS I 523 88.27 -12.54 -39.51
C HIS I 523 88.11 -11.06 -39.20
N HIS I 524 87.13 -10.70 -38.37
CA HIS I 524 86.77 -9.30 -38.16
C HIS I 524 86.71 -8.92 -36.69
N GLY I 525 87.28 -9.72 -35.80
CA GLY I 525 87.35 -9.37 -34.41
C GLY I 525 86.03 -9.51 -33.67
N LEU I 526 86.01 -8.95 -32.46
CA LEU I 526 84.87 -9.08 -31.55
C LEU I 526 83.76 -8.08 -31.84
N SER I 527 83.96 -7.16 -32.78
CA SER I 527 82.93 -6.22 -33.18
C SER I 527 82.02 -6.78 -34.28
N TYR I 528 82.22 -8.04 -34.66
CA TYR I 528 81.46 -8.64 -35.75
C TYR I 528 79.99 -8.76 -35.38
N ASN I 529 79.12 -8.34 -36.28
CA ASN I 529 77.68 -8.46 -36.07
C ASN I 529 77.26 -9.90 -36.29
N CYS I 530 76.67 -10.52 -35.27
CA CYS I 530 76.26 -11.91 -35.32
C CYS I 530 74.79 -12.02 -34.95
N SER I 531 74.02 -12.70 -35.78
CA SER I 531 72.59 -12.87 -35.56
C SER I 531 72.19 -14.35 -35.64
N LEU I 532 73.11 -15.24 -35.28
CA LEU I 532 72.81 -16.66 -35.29
C LEU I 532 72.00 -17.03 -34.04
N PRO I 533 70.86 -17.69 -34.19
CA PRO I 533 70.08 -18.08 -33.01
C PRO I 533 70.77 -19.19 -32.23
N LEU I 534 71.00 -18.96 -30.94
CA LEU I 534 71.65 -19.93 -30.06
C LEU I 534 70.59 -20.60 -29.20
N ALA I 535 69.94 -21.61 -29.77
CA ALA I 535 68.89 -22.33 -29.07
C ALA I 535 69.49 -23.25 -28.01
N PHE I 536 68.89 -23.26 -26.82
CA PHE I 536 69.37 -24.06 -25.71
C PHE I 536 68.19 -24.70 -25.00
N ASP I 537 68.32 -26.00 -24.70
CA ASP I 537 67.20 -26.81 -24.24
C ASP I 537 67.47 -27.39 -22.86
N GLY I 538 66.41 -27.54 -22.07
CA GLY I 538 66.51 -28.24 -20.81
C GLY I 538 66.55 -29.74 -21.00
N SER I 539 67.17 -30.41 -20.01
CA SER I 539 67.41 -31.85 -20.12
C SER I 539 66.10 -32.63 -20.12
N CYS I 540 65.21 -32.33 -19.19
CA CYS I 540 63.93 -33.04 -19.06
C CYS I 540 62.85 -32.03 -18.68
N SER I 541 62.26 -31.36 -19.67
CA SER I 541 61.33 -30.28 -19.36
C SER I 541 60.05 -30.80 -18.71
N GLY I 542 59.65 -32.03 -19.03
CA GLY I 542 58.44 -32.58 -18.45
C GLY I 542 58.54 -32.75 -16.94
N ILE I 543 59.68 -33.23 -16.45
CA ILE I 543 59.90 -33.38 -15.02
C ILE I 543 60.82 -32.31 -14.44
N GLN I 544 61.33 -31.40 -15.28
CA GLN I 544 61.89 -30.16 -14.76
C GLN I 544 60.81 -29.38 -14.02
N HIS I 545 59.63 -29.27 -14.63
CA HIS I 545 58.51 -28.62 -13.98
C HIS I 545 58.01 -29.43 -12.79
N PHE I 546 57.88 -30.75 -12.97
CA PHE I 546 57.34 -31.61 -11.92
C PHE I 546 58.17 -31.54 -10.64
N SER I 547 59.49 -31.38 -10.75
CA SER I 547 60.33 -31.25 -9.58
C SER I 547 60.12 -29.90 -8.88
N ALA I 548 59.88 -28.84 -9.65
CA ALA I 548 59.76 -27.51 -9.06
C ALA I 548 58.42 -27.30 -8.37
N MET I 549 57.34 -27.91 -8.88
CA MET I 549 56.03 -27.74 -8.25
C MET I 549 56.00 -28.31 -6.84
N LEU I 550 56.64 -29.46 -6.63
CA LEU I 550 56.61 -30.12 -5.33
C LEU I 550 57.95 -30.06 -4.62
N ARG I 551 58.86 -29.17 -5.06
CA ARG I 551 60.15 -28.93 -4.41
C ARG I 551 60.97 -30.21 -4.30
N ASP I 552 60.96 -31.03 -5.35
CA ASP I 552 61.72 -32.27 -5.35
C ASP I 552 63.21 -31.95 -5.39
N GLU I 553 63.91 -32.18 -4.28
CA GLU I 553 65.36 -32.00 -4.29
C GLU I 553 66.02 -33.07 -5.14
N VAL I 554 65.73 -34.35 -4.86
CA VAL I 554 66.43 -35.44 -5.54
C VAL I 554 66.12 -35.46 -7.04
N GLY I 555 64.86 -35.23 -7.41
CA GLY I 555 64.52 -35.10 -8.82
C GLY I 555 65.17 -33.91 -9.49
N GLY I 556 65.31 -32.80 -8.75
CA GLY I 556 65.93 -31.61 -9.31
C GLY I 556 67.40 -31.80 -9.67
N ARG I 557 68.13 -32.56 -8.85
CA ARG I 557 69.53 -32.82 -9.14
C ARG I 557 69.68 -33.60 -10.45
N ALA I 558 68.80 -34.58 -10.68
CA ALA I 558 68.86 -35.36 -11.90
C ALA I 558 68.59 -34.49 -13.13
N VAL I 559 67.68 -33.53 -13.00
CA VAL I 559 67.36 -32.62 -14.09
C VAL I 559 68.17 -31.31 -13.96
N ASN I 560 69.13 -31.29 -13.03
CA ASN I 560 70.17 -30.25 -12.87
C ASN I 560 69.62 -28.92 -12.37
N LEU I 561 68.48 -28.92 -11.70
CA LEU I 561 67.88 -27.67 -11.21
C LEU I 561 68.70 -27.01 -10.11
N LEU I 562 69.56 -27.77 -9.43
CA LEU I 562 70.47 -27.34 -8.38
C LEU I 562 71.89 -27.20 -8.94
N PRO I 563 72.72 -26.31 -8.39
CA PRO I 563 74.06 -26.12 -8.98
C PRO I 563 74.96 -27.31 -8.70
N SER I 564 75.52 -27.86 -9.78
CA SER I 564 76.35 -29.06 -9.71
C SER I 564 77.63 -28.84 -10.49
N GLU I 565 78.73 -29.42 -9.99
CA GLU I 565 79.99 -29.36 -10.69
C GLU I 565 79.97 -30.20 -11.96
N THR I 566 79.25 -31.32 -11.95
CA THR I 566 79.08 -32.18 -13.10
C THR I 566 77.61 -32.22 -13.51
N VAL I 567 77.36 -32.20 -14.81
CA VAL I 567 75.99 -32.35 -15.31
C VAL I 567 75.52 -33.78 -15.09
N GLN I 568 74.29 -33.94 -14.64
CA GLN I 568 73.75 -35.24 -14.25
C GLN I 568 72.81 -35.76 -15.33
N ASP I 569 73.02 -37.00 -15.74
CA ASP I 569 72.15 -37.66 -16.71
C ASP I 569 71.20 -38.58 -15.95
N ILE I 570 69.90 -38.45 -16.26
CA ILE I 570 68.89 -39.14 -15.46
C ILE I 570 68.93 -40.64 -15.71
N TYR I 571 69.30 -41.07 -16.91
CA TYR I 571 69.40 -42.51 -17.18
C TYR I 571 70.47 -43.15 -16.31
N GLY I 572 71.65 -42.55 -16.24
CA GLY I 572 72.74 -43.13 -15.48
C GLY I 572 72.42 -43.26 -14.00
N ILE I 573 71.67 -42.30 -13.46
CA ILE I 573 71.23 -42.41 -12.08
C ILE I 573 70.22 -43.56 -11.92
N VAL I 574 69.30 -43.68 -12.88
CA VAL I 574 68.37 -44.81 -12.86
C VAL I 574 69.09 -46.12 -13.16
N ALA I 575 70.05 -46.09 -14.08
CA ALA I 575 70.81 -47.30 -14.40
C ALA I 575 71.69 -47.72 -13.22
N LYS I 576 72.26 -46.76 -12.50
CA LYS I 576 73.05 -47.09 -11.32
C LYS I 576 72.19 -47.73 -10.24
N LYS I 577 70.97 -47.22 -10.03
CA LYS I 577 70.06 -47.83 -9.06
C LYS I 577 69.63 -49.22 -9.51
N VAL I 578 69.38 -49.40 -10.82
CA VAL I 578 69.06 -50.72 -11.35
C VAL I 578 70.23 -51.68 -11.12
N ASN I 579 71.46 -51.19 -11.34
CA ASN I 579 72.66 -51.98 -11.07
C ASN I 579 72.77 -52.35 -9.58
N GLU I 580 72.23 -51.51 -8.70
CA GLU I 580 72.29 -51.80 -7.27
C GLU I 580 71.34 -52.94 -6.91
N ILE I 581 70.11 -52.91 -7.42
CA ILE I 581 69.17 -54.00 -7.17
C ILE I 581 69.61 -55.26 -7.89
N LEU I 582 70.18 -55.11 -9.09
CA LEU I 582 70.70 -56.25 -9.83
C LEU I 582 71.83 -56.93 -9.07
N GLN I 583 72.73 -56.16 -8.47
CA GLN I 583 73.82 -56.72 -7.69
C GLN I 583 73.35 -57.20 -6.32
N ALA I 584 72.36 -56.53 -5.72
CA ALA I 584 71.82 -57.01 -4.46
C ALA I 584 71.04 -58.31 -4.64
N ASP I 585 70.44 -58.50 -5.82
CA ASP I 585 69.79 -59.77 -6.15
C ASP I 585 70.76 -60.81 -6.67
N ALA I 586 72.01 -60.42 -6.93
CA ALA I 586 73.12 -61.36 -7.09
C ALA I 586 73.68 -61.80 -5.76
N ILE I 587 73.06 -61.39 -4.65
CA ILE I 587 73.44 -61.79 -3.31
C ILE I 587 72.33 -62.57 -2.62
N ASN I 588 71.07 -62.14 -2.77
CA ASN I 588 69.95 -62.75 -2.09
C ASN I 588 69.02 -63.50 -3.04
N GLY I 589 68.42 -62.81 -4.01
CA GLY I 589 67.59 -63.41 -5.05
C GLY I 589 66.39 -64.23 -4.61
N THR I 590 65.68 -64.81 -5.59
CA THR I 590 64.64 -65.80 -5.36
C THR I 590 64.84 -66.97 -6.31
N ASP I 591 64.37 -68.15 -5.90
CA ASP I 591 64.63 -69.38 -6.62
C ASP I 591 63.73 -69.52 -7.85
N ASN I 592 64.13 -70.40 -8.76
CA ASN I 592 63.33 -70.75 -9.94
C ASN I 592 62.38 -71.89 -9.59
N GLU I 593 61.10 -71.70 -9.91
CA GLU I 593 60.08 -72.70 -9.64
C GLU I 593 59.35 -73.03 -10.93
N VAL I 594 59.15 -74.32 -11.20
CA VAL I 594 58.45 -74.74 -12.41
C VAL I 594 56.95 -74.47 -12.25
N VAL I 595 56.37 -73.80 -13.24
CA VAL I 595 55.05 -73.18 -13.14
C VAL I 595 54.13 -73.83 -14.17
N THR I 596 52.94 -74.23 -13.72
CA THR I 596 51.89 -74.66 -14.64
C THR I 596 51.16 -73.42 -15.14
N VAL I 597 51.41 -73.04 -16.39
CA VAL I 597 50.86 -71.83 -16.97
C VAL I 597 50.10 -72.19 -18.25
N THR I 598 49.16 -71.33 -18.63
CA THR I 598 48.40 -71.47 -19.86
C THR I 598 49.09 -70.67 -20.96
N ASP I 599 49.57 -71.37 -21.99
CA ASP I 599 50.39 -70.74 -23.01
C ASP I 599 49.55 -69.83 -23.91
N GLU I 600 50.21 -68.84 -24.51
CA GLU I 600 49.59 -67.97 -25.50
C GLU I 600 49.79 -68.47 -26.92
N ASN I 601 50.88 -69.18 -27.18
CA ASN I 601 51.18 -69.74 -28.50
C ASN I 601 50.57 -71.12 -28.67
N THR I 602 50.72 -71.99 -27.67
CA THR I 602 50.06 -73.28 -27.71
C THR I 602 48.57 -73.15 -27.43
N GLY I 603 48.18 -72.20 -26.58
CA GLY I 603 46.80 -72.01 -26.21
C GLY I 603 46.27 -72.97 -25.18
N GLU I 604 47.11 -73.86 -24.66
CA GLU I 604 46.70 -74.92 -23.74
C GLU I 604 47.49 -74.81 -22.44
N ILE I 605 47.30 -75.79 -21.57
CA ILE I 605 48.00 -75.86 -20.30
C ILE I 605 49.35 -76.52 -20.53
N SER I 606 50.43 -75.80 -20.21
CA SER I 606 51.79 -76.29 -20.36
C SER I 606 52.54 -76.10 -19.05
N GLU I 607 53.75 -76.68 -18.98
CA GLU I 607 54.57 -76.63 -17.79
C GLU I 607 55.91 -76.00 -18.14
N LYS I 608 56.14 -74.80 -17.62
CA LYS I 608 57.37 -74.04 -17.81
C LYS I 608 57.95 -73.72 -16.44
N VAL I 609 59.22 -73.30 -16.41
CA VAL I 609 59.84 -72.78 -15.20
C VAL I 609 59.90 -71.26 -15.31
N LYS I 610 59.40 -70.59 -14.28
CA LYS I 610 59.52 -69.14 -14.19
C LYS I 610 60.84 -68.82 -13.52
N LEU I 611 61.69 -68.07 -14.21
CA LEU I 611 62.99 -67.74 -13.67
C LEU I 611 62.84 -66.87 -12.43
N GLY I 612 63.67 -67.13 -11.44
CA GLY I 612 63.65 -66.37 -10.21
C GLY I 612 64.53 -65.14 -10.28
N THR I 613 64.44 -64.34 -9.22
CA THR I 613 65.25 -63.13 -9.12
C THR I 613 66.74 -63.47 -9.01
N LYS I 614 67.07 -64.65 -8.46
CA LYS I 614 68.44 -65.13 -8.46
C LYS I 614 68.96 -65.27 -9.89
N ALA I 615 68.21 -65.96 -10.74
CA ALA I 615 68.59 -66.07 -12.14
C ALA I 615 68.56 -64.70 -12.82
N LEU I 616 67.38 -64.07 -12.85
CA LEU I 616 67.13 -62.92 -13.73
C LEU I 616 68.06 -61.75 -13.46
N ALA I 617 68.68 -61.69 -12.28
CA ALA I 617 69.78 -60.75 -12.09
C ALA I 617 71.00 -61.19 -12.89
N GLY I 618 71.28 -62.50 -12.93
CA GLY I 618 72.57 -62.97 -13.44
C GLY I 618 72.82 -62.69 -14.91
N GLN I 619 71.81 -62.92 -15.76
CA GLN I 619 71.99 -62.61 -17.18
C GLN I 619 71.99 -61.11 -17.45
N TRP I 620 71.22 -60.34 -16.69
CA TRP I 620 71.25 -58.89 -16.86
C TRP I 620 72.61 -58.33 -16.45
N LEU I 621 73.21 -58.88 -15.40
CA LEU I 621 74.58 -58.50 -15.07
C LEU I 621 75.57 -59.04 -16.09
N ALA I 622 75.30 -60.22 -16.66
CA ALA I 622 76.13 -60.74 -17.74
C ALA I 622 76.07 -59.82 -18.96
N TYR I 623 74.89 -59.26 -19.23
CA TYR I 623 74.77 -58.24 -20.26
C TYR I 623 75.46 -56.95 -19.83
N GLY I 624 75.17 -56.47 -18.63
CA GLY I 624 75.69 -55.20 -18.18
C GLY I 624 74.71 -54.11 -18.55
N VAL I 625 74.04 -53.53 -17.56
CA VAL I 625 73.03 -52.51 -17.82
C VAL I 625 73.70 -51.14 -17.71
N THR I 626 73.50 -50.33 -18.73
CA THR I 626 74.02 -48.97 -18.79
C THR I 626 72.85 -48.01 -19.02
N ARG I 627 73.19 -46.75 -19.30
CA ARG I 627 72.17 -45.73 -19.52
C ARG I 627 71.32 -45.99 -20.76
N SER I 628 71.81 -46.82 -21.70
CA SER I 628 71.08 -47.10 -22.92
C SER I 628 69.82 -47.91 -22.67
N VAL I 629 69.85 -48.81 -21.68
CA VAL I 629 68.69 -49.67 -21.41
C VAL I 629 67.54 -48.85 -20.84
N THR I 630 67.83 -47.93 -19.93
CA THR I 630 66.81 -47.16 -19.24
C THR I 630 66.47 -45.84 -19.91
N LYS I 631 67.05 -45.56 -21.09
CA LYS I 631 66.89 -44.25 -21.71
C LYS I 631 65.44 -43.99 -22.12
N ARG I 632 64.86 -44.90 -22.89
CA ARG I 632 63.52 -44.66 -23.44
C ARG I 632 62.45 -44.69 -22.35
N SER I 633 62.65 -45.52 -21.31
CA SER I 633 61.63 -45.66 -20.27
C SER I 633 61.39 -44.35 -19.53
N VAL I 634 62.47 -43.62 -19.22
CA VAL I 634 62.28 -42.38 -18.47
C VAL I 634 61.84 -41.24 -19.38
N MET I 635 62.15 -41.31 -20.68
CA MET I 635 61.72 -40.26 -21.60
C MET I 635 60.30 -40.44 -22.10
N THR I 636 59.67 -41.56 -21.81
CA THR I 636 58.23 -41.71 -21.99
C THR I 636 57.49 -41.63 -20.66
N LEU I 637 58.22 -41.42 -19.55
CA LEU I 637 57.60 -41.29 -18.24
C LEU I 637 56.69 -40.06 -18.19
N ALA I 638 57.15 -38.95 -18.77
CA ALA I 638 56.30 -37.77 -18.83
C ALA I 638 55.12 -37.96 -19.77
N TYR I 639 55.21 -38.90 -20.71
CA TYR I 639 54.11 -39.18 -21.62
C TYR I 639 53.14 -40.23 -21.08
N GLY I 640 53.45 -40.83 -19.94
CA GLY I 640 52.54 -41.76 -19.30
C GLY I 640 53.02 -43.19 -19.20
N SER I 641 54.28 -43.44 -19.55
CA SER I 641 54.78 -44.81 -19.52
C SER I 641 55.03 -45.25 -18.09
N LYS I 642 54.65 -46.49 -17.80
CA LYS I 642 54.81 -47.09 -16.49
C LYS I 642 55.30 -48.53 -16.71
N GLU I 643 55.19 -49.36 -15.67
CA GLU I 643 55.87 -50.65 -15.64
C GLU I 643 55.41 -51.56 -16.79
N PHE I 644 54.10 -51.58 -17.09
CA PHE I 644 53.63 -52.42 -18.18
C PHE I 644 54.22 -51.97 -19.52
N GLY I 645 54.21 -50.67 -19.77
CA GLY I 645 54.79 -50.17 -21.01
C GLY I 645 56.30 -50.29 -21.04
N PHE I 646 56.94 -50.32 -19.87
CA PHE I 646 58.39 -50.50 -19.81
C PHE I 646 58.80 -51.86 -20.36
N ARG I 647 57.93 -52.86 -20.22
CA ARG I 647 58.24 -54.21 -20.69
C ARG I 647 58.41 -54.24 -22.20
N GLN I 648 57.57 -53.50 -22.93
CA GLN I 648 57.64 -53.55 -24.39
C GLN I 648 58.77 -52.71 -24.97
N GLN I 649 59.17 -51.63 -24.30
CA GLN I 649 60.30 -50.85 -24.81
C GLN I 649 61.60 -51.63 -24.74
N VAL I 650 61.90 -52.24 -23.59
CA VAL I 650 63.15 -52.97 -23.43
C VAL I 650 63.19 -54.24 -24.28
N LEU I 651 62.04 -54.70 -24.78
CA LEU I 651 62.05 -55.79 -25.75
C LEU I 651 62.66 -55.35 -27.07
N GLU I 652 62.20 -54.21 -27.60
CA GLU I 652 62.66 -53.70 -28.89
C GLU I 652 63.94 -52.90 -28.80
N ASP I 653 64.22 -52.29 -27.64
CA ASP I 653 65.39 -51.42 -27.54
C ASP I 653 66.68 -52.20 -27.38
N THR I 654 66.73 -53.11 -26.40
CA THR I 654 67.99 -53.71 -25.98
C THR I 654 68.03 -55.23 -26.10
N ILE I 655 66.93 -55.92 -25.81
CA ILE I 655 66.97 -57.39 -25.78
C ILE I 655 67.02 -57.95 -27.20
N GLN I 656 66.16 -57.44 -28.11
CA GLN I 656 66.11 -58.03 -29.45
C GLN I 656 67.30 -57.73 -30.37
N PRO I 657 67.84 -56.48 -30.48
CA PRO I 657 69.03 -56.33 -31.34
C PRO I 657 70.26 -57.09 -30.87
N ALA I 658 70.32 -57.43 -29.57
CA ALA I 658 71.36 -58.33 -29.08
C ALA I 658 71.23 -59.73 -29.69
N ILE I 659 70.00 -60.26 -29.74
CA ILE I 659 69.78 -61.59 -30.29
C ILE I 659 70.19 -61.63 -31.75
N ASP I 660 69.84 -60.60 -32.52
CA ASP I 660 70.31 -60.51 -33.90
C ASP I 660 71.82 -60.31 -33.97
N SER I 661 72.39 -59.59 -32.99
CA SER I 661 73.83 -59.38 -32.97
C SER I 661 74.61 -60.63 -32.61
N GLY I 662 73.98 -61.63 -32.01
CA GLY I 662 74.67 -62.78 -31.47
C GLY I 662 74.91 -62.72 -29.98
N LYS I 663 74.82 -61.52 -29.40
CA LYS I 663 74.73 -61.39 -27.95
C LYS I 663 73.34 -61.82 -27.51
N GLY I 664 73.02 -61.64 -26.24
CA GLY I 664 71.71 -62.07 -25.81
C GLY I 664 71.57 -63.56 -25.59
N LEU I 665 72.68 -64.31 -25.69
CA LEU I 665 72.62 -65.74 -25.38
C LEU I 665 72.29 -65.98 -23.92
N MET I 666 72.65 -65.03 -23.05
CA MET I 666 72.33 -65.16 -21.63
C MET I 666 70.83 -65.07 -21.38
N PHE I 667 70.12 -64.26 -22.16
CA PHE I 667 68.66 -64.31 -22.13
C PHE I 667 68.20 -65.61 -22.78
N THR I 668 67.51 -66.44 -22.02
CA THR I 668 66.93 -67.67 -22.53
C THR I 668 65.43 -67.58 -22.72
N GLN I 669 64.75 -66.85 -21.83
CA GLN I 669 63.35 -66.48 -21.99
C GLN I 669 63.30 -64.96 -22.03
N PRO I 670 63.33 -64.36 -23.22
CA PRO I 670 63.40 -62.88 -23.31
C PRO I 670 62.20 -62.17 -22.72
N ASN I 671 61.02 -62.80 -22.73
CA ASN I 671 59.84 -62.18 -22.14
C ASN I 671 59.98 -62.02 -20.63
N GLN I 672 60.52 -63.04 -19.96
CA GLN I 672 60.68 -62.96 -18.51
C GLN I 672 61.77 -61.95 -18.13
N ALA I 673 62.75 -61.76 -19.01
CA ALA I 673 63.80 -60.76 -18.75
C ALA I 673 63.28 -59.34 -18.90
N ALA I 674 62.20 -59.14 -19.66
CA ALA I 674 61.65 -57.80 -19.85
C ALA I 674 60.79 -57.36 -18.67
N GLY I 675 59.91 -58.24 -18.20
CA GLY I 675 59.06 -57.88 -17.07
C GLY I 675 59.84 -57.66 -15.79
N TYR I 676 60.89 -58.47 -15.56
CA TYR I 676 61.77 -58.21 -14.42
C TYR I 676 62.52 -56.90 -14.60
N MET I 677 62.98 -56.61 -15.82
CA MET I 677 63.61 -55.32 -16.10
C MET I 677 62.61 -54.18 -15.94
N ALA I 678 61.38 -54.38 -16.40
CA ALA I 678 60.36 -53.35 -16.26
C ALA I 678 60.03 -53.08 -14.79
N LYS I 679 60.10 -54.11 -13.96
CA LYS I 679 59.90 -53.92 -12.52
C LYS I 679 60.99 -53.06 -11.92
N LEU I 680 62.25 -53.29 -12.31
CA LEU I 680 63.38 -52.59 -11.70
C LEU I 680 63.47 -51.15 -12.18
N ILE I 681 63.23 -50.91 -13.47
CA ILE I 681 63.29 -49.54 -14.00
C ILE I 681 62.21 -48.67 -13.35
N TRP I 682 60.99 -49.23 -13.21
CA TRP I 682 59.90 -48.48 -12.60
C TRP I 682 60.17 -48.21 -11.11
N GLU I 683 60.73 -49.18 -10.41
CA GLU I 683 61.08 -48.96 -9.00
C GLU I 683 62.25 -47.99 -8.86
N SER I 684 63.15 -47.95 -9.85
CA SER I 684 64.28 -47.02 -9.79
C SER I 684 63.84 -45.59 -10.06
N VAL I 685 62.86 -45.39 -10.95
CA VAL I 685 62.37 -44.03 -11.19
C VAL I 685 61.39 -43.59 -10.10
N SER I 686 60.85 -44.52 -9.32
CA SER I 686 59.99 -44.14 -8.21
C SER I 686 60.77 -43.52 -7.06
N VAL I 687 62.08 -43.74 -7.00
CA VAL I 687 62.93 -43.09 -6.02
C VAL I 687 63.78 -41.99 -6.65
N THR I 688 64.17 -42.13 -7.92
CA THR I 688 64.97 -41.09 -8.57
C THR I 688 64.19 -39.79 -8.69
N VAL I 689 62.97 -39.85 -9.19
CA VAL I 689 62.13 -38.66 -9.38
C VAL I 689 60.80 -38.94 -8.71
N VAL I 690 60.70 -38.64 -7.42
CA VAL I 690 59.56 -39.09 -6.64
C VAL I 690 58.39 -38.13 -6.78
N ALA I 691 58.65 -36.82 -6.78
CA ALA I 691 57.58 -35.87 -7.02
C ALA I 691 57.10 -35.89 -8.46
N ALA I 692 57.93 -36.35 -9.39
CA ALA I 692 57.50 -36.45 -10.78
C ALA I 692 56.39 -37.49 -10.93
N VAL I 693 56.60 -38.70 -10.41
CA VAL I 693 55.61 -39.76 -10.55
C VAL I 693 54.39 -39.49 -9.68
N GLU I 694 54.60 -38.95 -8.47
CA GLU I 694 53.50 -38.74 -7.53
C GLU I 694 52.49 -37.72 -8.05
N ALA I 695 52.93 -36.76 -8.85
CA ALA I 695 52.00 -35.77 -9.40
C ALA I 695 51.16 -36.35 -10.53
N MET I 696 51.75 -37.20 -11.38
CA MET I 696 50.98 -37.80 -12.46
C MET I 696 49.91 -38.74 -11.92
N ASN I 697 50.22 -39.49 -10.86
CA ASN I 697 49.22 -40.36 -10.27
C ASN I 697 48.09 -39.56 -9.64
N TRP I 698 48.42 -38.45 -8.97
CA TRP I 698 47.38 -37.60 -8.38
C TRP I 698 46.53 -36.98 -9.46
N LEU I 699 47.15 -36.51 -10.55
CA LEU I 699 46.38 -35.95 -11.67
C LEU I 699 45.51 -37.01 -12.32
N LYS I 700 46.02 -38.25 -12.43
CA LYS I 700 45.21 -39.32 -13.01
C LYS I 700 44.03 -39.67 -12.12
N SER I 701 44.22 -39.63 -10.79
CA SER I 701 43.12 -39.91 -9.88
C SER I 701 42.00 -38.88 -10.04
N ALA I 702 42.36 -37.64 -10.36
CA ALA I 702 41.34 -36.63 -10.61
C ALA I 702 40.59 -36.89 -11.91
N ALA I 703 41.30 -37.32 -12.95
CA ALA I 703 40.68 -37.49 -14.25
C ALA I 703 39.64 -38.61 -14.26
N LYS I 704 39.92 -39.72 -13.57
CA LYS I 704 38.93 -40.79 -13.44
C LYS I 704 37.68 -40.29 -12.73
N LEU I 705 37.87 -39.63 -11.58
CA LEU I 705 36.72 -39.17 -10.80
C LEU I 705 35.89 -38.15 -11.57
N LEU I 706 36.55 -37.31 -12.36
CA LEU I 706 35.82 -36.35 -13.19
C LEU I 706 35.14 -37.04 -14.36
N ALA I 707 35.85 -37.94 -15.03
CA ALA I 707 35.28 -38.69 -16.16
C ALA I 707 34.72 -40.04 -15.72
N ALA I 708 33.84 -40.01 -14.72
CA ALA I 708 33.13 -41.19 -14.27
C ALA I 708 31.64 -40.91 -14.29
N GLU I 709 30.87 -41.88 -14.77
CA GLU I 709 29.41 -41.79 -14.73
C GLU I 709 28.96 -42.28 -13.37
N VAL I 710 28.83 -41.35 -12.42
CA VAL I 710 28.41 -41.69 -11.07
C VAL I 710 26.94 -42.09 -11.11
N LYS I 711 26.67 -43.34 -10.71
CA LYS I 711 25.33 -43.90 -10.77
C LYS I 711 24.98 -44.51 -9.43
N ASP I 712 23.71 -44.92 -9.31
CA ASP I 712 23.17 -45.49 -8.07
C ASP I 712 23.90 -46.76 -7.65
N GLU I 717 19.83 -43.60 -13.64
CA GLU I 717 19.90 -42.36 -12.89
C GLU I 717 21.35 -41.97 -12.62
N ILE I 718 21.78 -40.86 -13.21
CA ILE I 718 23.17 -40.41 -13.13
C ILE I 718 23.24 -39.27 -12.14
N LEU I 719 23.98 -39.49 -11.04
CA LEU I 719 24.21 -38.41 -10.07
C LEU I 719 25.07 -37.32 -10.66
N ARG I 720 26.09 -37.68 -11.42
CA ARG I 720 27.03 -36.72 -12.00
C ARG I 720 27.40 -37.17 -13.40
N LYS I 721 27.30 -36.26 -14.36
CA LYS I 721 27.66 -36.57 -15.74
C LYS I 721 29.17 -36.74 -15.86
N ARG I 722 29.58 -37.36 -16.96
CA ARG I 722 31.00 -37.44 -17.29
C ARG I 722 31.52 -36.03 -17.57
N CYS I 723 32.52 -35.60 -16.81
CA CYS I 723 32.97 -34.22 -16.81
C CYS I 723 34.35 -34.09 -17.42
N ALA I 724 34.58 -32.96 -18.08
CA ALA I 724 35.89 -32.64 -18.64
C ALA I 724 36.78 -32.08 -17.54
N VAL I 725 38.02 -31.74 -17.91
CA VAL I 725 39.00 -31.17 -17.01
C VAL I 725 39.48 -29.85 -17.57
N HIS I 726 39.41 -28.80 -16.76
CA HIS I 726 39.86 -27.48 -17.17
C HIS I 726 40.73 -26.88 -16.08
N TRP I 727 41.77 -26.15 -16.51
CA TRP I 727 42.65 -25.46 -15.59
C TRP I 727 43.15 -24.20 -16.27
N VAL I 728 43.77 -23.32 -15.48
CA VAL I 728 44.31 -22.08 -15.97
C VAL I 728 45.83 -22.10 -15.76
N THR I 729 46.58 -21.79 -16.82
CA THR I 729 48.01 -21.65 -16.70
C THR I 729 48.34 -20.39 -15.89
N PRO I 730 49.54 -20.33 -15.30
CA PRO I 730 49.89 -19.14 -14.49
C PRO I 730 49.87 -17.82 -15.24
N ASP I 731 50.12 -17.82 -16.55
CA ASP I 731 50.06 -16.59 -17.33
C ASP I 731 48.63 -16.19 -17.70
N GLY I 732 47.64 -17.06 -17.45
CA GLY I 732 46.26 -16.76 -17.75
C GLY I 732 45.62 -17.58 -18.85
N PHE I 733 46.36 -18.42 -19.57
CA PHE I 733 45.77 -19.19 -20.64
C PHE I 733 44.93 -20.33 -20.06
N PRO I 734 43.65 -20.42 -20.39
CA PRO I 734 42.85 -21.57 -19.92
C PRO I 734 42.92 -22.73 -20.89
N VAL I 735 42.94 -23.93 -20.32
CA VAL I 735 42.99 -25.18 -21.08
C VAL I 735 41.75 -25.98 -20.75
N TRP I 736 41.13 -26.57 -21.77
CA TRP I 736 40.00 -27.47 -21.61
C TRP I 736 40.34 -28.81 -22.23
N GLN I 737 40.29 -29.87 -21.43
CA GLN I 737 40.54 -31.22 -21.91
C GLN I 737 39.22 -31.98 -21.96
N GLU I 738 38.66 -32.08 -23.16
CA GLU I 738 37.43 -32.85 -23.41
C GLU I 738 37.77 -33.86 -24.50
N TYR I 739 38.20 -35.05 -24.10
CA TYR I 739 38.44 -36.12 -25.05
C TYR I 739 37.11 -36.82 -25.32
N LYS I 740 36.73 -36.90 -26.59
CA LYS I 740 35.41 -37.40 -26.97
C LYS I 740 35.54 -38.74 -27.68
N LYS I 741 34.63 -39.66 -27.34
CA LYS I 741 34.59 -40.99 -27.91
C LYS I 741 33.25 -41.23 -28.59
N PRO I 742 33.22 -41.72 -29.82
CA PRO I 742 31.94 -42.06 -30.46
C PRO I 742 31.26 -43.22 -29.72
N ILE I 743 29.94 -43.13 -29.60
CA ILE I 743 29.19 -44.13 -28.85
C ILE I 743 29.08 -45.43 -29.64
N GLN I 744 28.70 -45.33 -30.92
CA GLN I 744 28.56 -46.50 -31.80
C GLN I 744 29.81 -46.61 -32.65
N THR I 745 30.58 -47.67 -32.45
CA THR I 745 31.80 -47.94 -33.21
C THR I 745 31.73 -49.32 -33.82
N ARG I 746 32.18 -49.42 -35.08
CA ARG I 746 32.35 -50.68 -35.78
C ARG I 746 33.62 -50.58 -36.61
N LEU I 747 34.02 -51.70 -37.22
CA LEU I 747 35.18 -51.70 -38.11
C LEU I 747 35.04 -52.80 -39.15
N ASN I 748 35.47 -52.51 -40.37
CA ASN I 748 35.59 -53.51 -41.43
C ASN I 748 37.03 -54.00 -41.47
N LEU I 749 37.20 -55.32 -41.51
CA LEU I 749 38.54 -55.89 -41.56
C LEU I 749 39.25 -55.56 -42.86
N MET I 750 38.51 -55.51 -43.97
CA MET I 750 39.14 -55.35 -45.28
C MET I 750 39.29 -53.89 -45.69
N PHE I 751 38.19 -53.12 -45.67
CA PHE I 751 38.22 -51.82 -46.34
C PHE I 751 38.54 -50.63 -45.44
N LEU I 752 37.66 -50.32 -44.48
CA LEU I 752 37.76 -49.06 -43.74
C LEU I 752 36.69 -49.04 -42.66
N GLY I 753 36.85 -48.15 -41.69
CA GLY I 753 35.85 -47.98 -40.65
C GLY I 753 34.57 -47.36 -41.17
N GLN I 754 33.50 -47.52 -40.38
CA GLN I 754 32.17 -47.09 -40.81
C GLN I 754 31.89 -45.62 -40.51
N PHE I 755 32.67 -45.01 -39.60
CA PHE I 755 32.55 -43.60 -39.17
C PHE I 755 31.11 -43.11 -38.99
N ASP I 766 26.34 -38.08 -31.97
CA ASP I 766 26.58 -37.69 -30.59
C ASP I 766 27.79 -38.43 -30.02
N SER I 767 28.55 -37.75 -29.16
CA SER I 767 29.75 -38.32 -28.57
C SER I 767 29.72 -38.15 -27.05
N GLU I 768 30.39 -39.06 -26.36
CA GLU I 768 30.52 -39.02 -24.92
C GLU I 768 31.97 -38.74 -24.54
N ILE I 769 32.21 -38.57 -23.24
CA ILE I 769 33.55 -38.32 -22.75
C ILE I 769 34.35 -39.61 -22.82
N ASP I 770 35.49 -39.57 -23.50
CA ASP I 770 36.41 -40.71 -23.57
C ASP I 770 37.14 -40.79 -22.24
N ALA I 771 36.66 -41.67 -21.35
CA ALA I 771 37.18 -41.73 -19.98
C ALA I 771 38.64 -42.16 -19.96
N HIS I 772 38.99 -43.17 -20.77
CA HIS I 772 40.38 -43.66 -20.79
C HIS I 772 41.33 -42.61 -21.35
N LYS I 773 40.92 -41.88 -22.39
CA LYS I 773 41.78 -40.84 -22.94
C LYS I 773 41.90 -39.66 -21.98
N GLN I 774 40.89 -39.44 -21.13
CA GLN I 774 40.98 -38.36 -20.15
C GLN I 774 42.06 -38.64 -19.11
N GLU I 775 42.12 -39.87 -18.58
CA GLU I 775 43.16 -40.20 -17.62
C GLU I 775 44.53 -40.28 -18.30
N SER I 776 44.59 -40.87 -19.48
CA SER I 776 45.88 -41.08 -20.14
C SER I 776 46.51 -39.77 -20.63
N GLY I 777 45.77 -38.66 -20.59
CA GLY I 777 46.27 -37.43 -21.16
C GLY I 777 46.57 -36.31 -20.18
N ILE I 778 45.99 -36.36 -18.97
CA ILE I 778 45.93 -35.18 -18.10
C ILE I 778 47.33 -34.67 -17.75
N ALA I 779 48.25 -35.56 -17.42
CA ALA I 779 49.55 -35.15 -16.93
C ALA I 779 50.50 -34.75 -18.07
N PRO I 780 50.54 -35.46 -19.21
CA PRO I 780 51.28 -34.89 -20.35
C PRO I 780 50.72 -33.55 -20.81
N ASN I 781 49.40 -33.39 -20.84
CA ASN I 781 48.83 -32.11 -21.29
C ASN I 781 49.00 -31.01 -20.25
N PHE I 782 49.08 -31.35 -18.96
CA PHE I 782 49.23 -30.33 -17.92
C PHE I 782 50.61 -29.69 -17.97
N VAL I 783 51.67 -30.51 -18.03
CA VAL I 783 53.02 -29.98 -18.10
C VAL I 783 53.26 -29.26 -19.42
N HIS I 784 52.63 -29.74 -20.49
CA HIS I 784 52.76 -29.03 -21.76
C HIS I 784 52.00 -27.70 -21.74
N SER I 785 50.97 -27.58 -20.91
CA SER I 785 50.40 -26.27 -20.66
C SER I 785 51.30 -25.43 -19.76
N GLN I 786 51.99 -26.08 -18.82
CA GLN I 786 52.88 -25.36 -17.90
C GLN I 786 54.09 -24.81 -18.63
N ASP I 787 54.77 -25.63 -19.43
CA ASP I 787 55.98 -25.15 -20.07
C ASP I 787 55.67 -24.15 -21.18
N GLY I 788 54.48 -24.24 -21.78
CA GLY I 788 54.05 -23.21 -22.70
C GLY I 788 53.82 -21.87 -22.01
N SER I 789 53.27 -21.92 -20.80
CA SER I 789 53.16 -20.71 -19.99
C SER I 789 54.54 -20.17 -19.62
N HIS I 790 55.48 -21.07 -19.30
CA HIS I 790 56.85 -20.65 -19.03
C HIS I 790 57.49 -20.01 -20.26
N LEU I 791 57.26 -20.57 -21.44
CA LEU I 791 57.78 -19.98 -22.67
C LEU I 791 57.16 -18.60 -22.91
N ARG I 792 55.84 -18.50 -22.78
CA ARG I 792 55.16 -17.24 -23.04
C ARG I 792 55.57 -16.18 -22.02
N LYS I 793 55.85 -16.58 -20.78
CA LYS I 793 56.32 -15.61 -19.79
C LYS I 793 57.77 -15.23 -20.02
N THR I 794 58.57 -16.13 -20.60
CA THR I 794 59.99 -15.86 -20.81
C THR I 794 60.20 -14.77 -21.86
N VAL I 795 59.45 -14.82 -22.96
CA VAL I 795 59.60 -13.82 -24.01
C VAL I 795 59.18 -12.45 -23.51
N VAL I 796 58.08 -12.37 -22.77
CA VAL I 796 57.63 -11.09 -22.22
C VAL I 796 58.64 -10.56 -21.20
N TRP I 797 59.17 -11.44 -20.37
CA TRP I 797 60.20 -11.06 -19.40
C TRP I 797 61.47 -10.57 -20.11
N ALA I 798 61.88 -11.27 -21.16
CA ALA I 798 63.10 -10.92 -21.88
C ALA I 798 62.92 -9.66 -22.72
N HIS I 799 61.71 -9.41 -23.22
CA HIS I 799 61.48 -8.23 -24.03
C HIS I 799 61.38 -6.95 -23.21
N GLU I 800 60.90 -7.05 -21.96
CA GLU I 800 60.64 -5.86 -21.16
C GLU I 800 61.81 -5.51 -20.24
N LYS I 801 62.29 -6.48 -19.48
CA LYS I 801 63.43 -6.24 -18.59
C LYS I 801 64.76 -6.14 -19.34
N TYR I 802 64.84 -6.68 -20.55
CA TYR I 802 66.06 -6.62 -21.36
C TYR I 802 65.70 -6.21 -22.77
N GLY I 803 66.72 -5.98 -23.59
CA GLY I 803 66.51 -5.44 -24.91
C GLY I 803 66.28 -6.49 -25.96
N ILE I 804 65.94 -7.70 -25.53
CA ILE I 804 65.82 -8.83 -26.45
C ILE I 804 64.52 -8.70 -27.23
N GLU I 805 64.63 -8.63 -28.57
CA GLU I 805 63.48 -8.54 -29.44
C GLU I 805 63.38 -9.68 -30.45
N SER I 806 64.41 -10.52 -30.55
CA SER I 806 64.41 -11.64 -31.48
C SER I 806 64.50 -12.95 -30.70
N PHE I 807 63.56 -13.86 -30.94
CA PHE I 807 63.46 -15.11 -30.19
C PHE I 807 63.33 -16.29 -31.13
N ALA I 808 64.20 -17.29 -30.94
CA ALA I 808 64.04 -18.58 -31.57
C ALA I 808 63.34 -19.48 -30.57
N LEU I 809 62.09 -19.83 -30.85
CA LEU I 809 61.21 -20.48 -29.89
C LEU I 809 60.76 -21.84 -30.42
N ILE I 810 61.37 -22.90 -29.90
CA ILE I 810 60.73 -24.20 -29.82
C ILE I 810 60.36 -24.41 -28.35
N HIS I 811 59.61 -25.48 -28.07
CA HIS I 811 58.75 -25.50 -26.89
C HIS I 811 59.52 -25.40 -25.58
N ASP I 812 60.63 -26.12 -25.46
CA ASP I 812 61.50 -25.94 -24.29
C ASP I 812 62.92 -25.62 -24.72
N SER I 813 63.07 -25.07 -25.92
CA SER I 813 64.35 -24.60 -26.43
C SER I 813 64.23 -23.11 -26.70
N PHE I 814 65.07 -22.33 -26.05
CA PHE I 814 65.04 -20.87 -26.14
C PHE I 814 66.34 -20.38 -26.77
N GLY I 815 66.22 -19.44 -27.70
CA GLY I 815 67.38 -18.90 -28.36
C GLY I 815 67.19 -17.48 -28.84
N THR I 816 68.32 -16.79 -28.99
CA THR I 816 68.34 -15.43 -29.51
C THR I 816 69.72 -15.20 -30.14
N ILE I 817 70.00 -13.95 -30.48
CA ILE I 817 71.32 -13.55 -30.98
C ILE I 817 72.34 -13.72 -29.87
N PRO I 818 73.62 -13.96 -30.17
CA PRO I 818 74.58 -14.27 -29.11
C PRO I 818 74.73 -13.18 -28.06
N ALA I 819 74.66 -11.91 -28.45
CA ALA I 819 74.84 -10.81 -27.49
C ALA I 819 73.72 -10.76 -26.46
N ASP I 820 72.52 -11.21 -26.82
CA ASP I 820 71.39 -11.24 -25.91
C ASP I 820 71.22 -12.58 -25.22
N ALA I 821 72.10 -13.55 -25.47
CA ALA I 821 71.91 -14.89 -24.94
C ALA I 821 72.05 -14.92 -23.42
N ALA I 822 73.04 -14.21 -22.87
CA ALA I 822 73.23 -14.21 -21.43
C ALA I 822 72.07 -13.56 -20.69
N ASN I 823 71.42 -12.58 -21.32
CA ASN I 823 70.23 -11.98 -20.71
C ASN I 823 69.03 -12.90 -20.82
N LEU I 824 68.93 -13.65 -21.92
CA LEU I 824 67.87 -14.65 -22.04
C LEU I 824 68.09 -15.80 -21.06
N PHE I 825 69.35 -16.11 -20.76
CA PHE I 825 69.66 -17.17 -19.81
C PHE I 825 69.16 -16.83 -18.40
N LYS I 826 68.90 -15.57 -18.10
CA LYS I 826 68.31 -15.20 -16.83
C LYS I 826 66.82 -14.88 -16.94
N ALA I 827 66.35 -14.44 -18.11
CA ALA I 827 64.91 -14.25 -18.30
C ALA I 827 64.16 -15.57 -18.24
N VAL I 828 64.81 -16.68 -18.63
CA VAL I 828 64.12 -17.96 -18.64
C VAL I 828 64.16 -18.65 -17.27
N ARG I 829 65.18 -18.37 -16.47
CA ARG I 829 65.33 -18.97 -15.15
C ARG I 829 64.59 -18.19 -14.09
N GLU I 830 64.53 -16.87 -14.24
CA GLU I 830 63.75 -16.05 -13.31
C GLU I 830 62.26 -16.33 -13.44
N THR I 831 61.80 -16.53 -14.68
CA THR I 831 60.38 -16.83 -14.90
C THR I 831 59.99 -18.15 -14.24
N MET I 832 60.85 -19.17 -14.35
CA MET I 832 60.56 -20.45 -13.72
C MET I 832 60.51 -20.35 -12.21
N VAL I 833 61.45 -19.60 -11.61
CA VAL I 833 61.47 -19.44 -10.17
C VAL I 833 60.27 -18.64 -9.69
N ASP I 834 59.98 -17.52 -10.37
CA ASP I 834 58.91 -16.64 -9.92
C ASP I 834 57.54 -17.29 -10.08
N THR I 835 57.37 -18.12 -11.11
CA THR I 835 56.07 -18.73 -11.35
C THR I 835 55.70 -19.72 -10.25
N TYR I 836 56.61 -20.64 -9.91
CA TYR I 836 56.32 -21.65 -8.91
C TYR I 836 56.48 -21.14 -7.48
N GLU I 837 57.15 -20.02 -7.28
CA GLU I 837 57.17 -19.40 -5.95
C GLU I 837 55.94 -18.56 -5.69
N SER I 838 55.16 -18.25 -6.73
CA SER I 838 53.94 -17.47 -6.58
C SER I 838 52.67 -18.27 -6.84
N CYS I 839 52.74 -19.38 -7.58
CA CYS I 839 51.58 -20.19 -7.90
C CYS I 839 51.83 -21.62 -7.46
N ASP I 840 50.93 -22.18 -6.65
CA ASP I 840 50.86 -23.62 -6.46
C ASP I 840 49.85 -24.13 -7.47
N VAL I 841 50.33 -24.48 -8.67
CA VAL I 841 49.43 -24.82 -9.77
C VAL I 841 48.70 -26.13 -9.51
N LEU I 842 49.17 -26.94 -8.57
CA LEU I 842 48.45 -28.16 -8.20
C LEU I 842 47.20 -27.85 -7.37
N ALA I 843 47.32 -26.96 -6.37
CA ALA I 843 46.15 -26.62 -5.57
C ALA I 843 45.17 -25.77 -6.35
N ASP I 844 45.65 -24.88 -7.22
CA ASP I 844 44.76 -24.16 -8.11
C ASP I 844 44.03 -25.11 -9.04
N PHE I 845 44.70 -26.17 -9.48
CA PHE I 845 44.04 -27.23 -10.25
C PHE I 845 42.95 -27.90 -9.42
N TYR I 846 43.21 -28.15 -8.14
CA TYR I 846 42.17 -28.68 -7.26
C TYR I 846 41.01 -27.71 -7.15
N ASP I 847 41.29 -26.41 -7.10
CA ASP I 847 40.26 -25.42 -6.84
C ASP I 847 39.19 -25.38 -7.93
N GLN I 848 39.46 -25.93 -9.12
CA GLN I 848 38.45 -25.94 -10.17
C GLN I 848 37.48 -27.10 -10.00
N PHE I 849 37.99 -28.34 -9.95
CA PHE I 849 37.13 -29.51 -9.95
C PHE I 849 36.67 -29.92 -8.55
N ALA I 850 36.98 -29.12 -7.52
CA ALA I 850 36.61 -29.49 -6.16
C ALA I 850 35.10 -29.62 -6.00
N ASP I 851 34.35 -28.63 -6.47
CA ASP I 851 32.90 -28.68 -6.38
C ASP I 851 32.27 -29.54 -7.49
N GLN I 852 33.06 -29.99 -8.46
CA GLN I 852 32.61 -30.94 -9.45
C GLN I 852 32.78 -32.38 -8.98
N LEU I 853 33.02 -32.60 -7.69
CA LEU I 853 33.16 -33.93 -7.13
C LEU I 853 31.92 -34.23 -6.29
N HIS I 854 31.34 -35.42 -6.50
CA HIS I 854 30.13 -35.85 -5.81
C HIS I 854 30.45 -36.23 -4.37
N GLU I 855 29.41 -36.31 -3.54
CA GLU I 855 29.56 -36.69 -2.14
C GLU I 855 30.22 -38.06 -1.98
N SER I 856 29.95 -38.98 -2.91
CA SER I 856 30.55 -40.31 -2.87
C SER I 856 32.02 -40.30 -3.26
N GLN I 857 32.54 -39.18 -3.76
CA GLN I 857 33.92 -39.10 -4.24
C GLN I 857 34.79 -38.16 -3.43
N LEU I 858 34.24 -37.50 -2.40
CA LEU I 858 35.08 -36.64 -1.56
C LEU I 858 36.10 -37.44 -0.77
N ASP I 859 35.68 -38.55 -0.18
CA ASP I 859 36.59 -39.39 0.59
C ASP I 859 37.44 -40.31 -0.28
N LYS I 860 37.18 -40.36 -1.59
CA LYS I 860 37.96 -41.19 -2.49
C LYS I 860 39.12 -40.43 -3.14
N MET I 861 39.14 -39.10 -3.05
CA MET I 861 40.18 -38.30 -3.66
C MET I 861 41.43 -38.32 -2.81
N PRO I 862 42.58 -38.77 -3.34
CA PRO I 862 43.83 -38.65 -2.59
C PRO I 862 44.22 -37.19 -2.39
N ALA I 863 44.93 -36.95 -1.29
CA ALA I 863 45.38 -35.60 -0.98
C ALA I 863 46.52 -35.20 -1.92
N LEU I 864 46.84 -33.91 -1.88
CA LEU I 864 47.92 -33.37 -2.70
C LEU I 864 49.26 -33.96 -2.25
N PRO I 865 50.18 -34.20 -3.18
CA PRO I 865 51.50 -34.70 -2.78
C PRO I 865 52.26 -33.68 -1.97
N ALA I 866 53.06 -34.17 -1.03
CA ALA I 866 53.78 -33.28 -0.11
C ALA I 866 54.91 -32.56 -0.84
N LYS I 867 55.22 -31.36 -0.36
CA LYS I 867 56.35 -30.61 -0.89
C LYS I 867 57.65 -31.19 -0.35
N GLY I 868 58.75 -30.81 -1.01
CA GLY I 868 60.06 -31.27 -0.65
C GLY I 868 60.93 -30.17 -0.07
N ASN I 869 62.24 -30.43 -0.08
CA ASN I 869 63.23 -29.54 0.54
C ASN I 869 64.08 -28.80 -0.47
N LEU I 870 63.58 -28.63 -1.69
CA LEU I 870 64.31 -27.91 -2.72
C LEU I 870 64.04 -26.41 -2.61
N ASN I 871 65.10 -25.62 -2.57
CA ASN I 871 64.98 -24.17 -2.64
C ASN I 871 64.79 -23.78 -4.10
N LEU I 872 63.71 -23.05 -4.40
CA LEU I 872 63.44 -22.65 -5.77
C LEU I 872 64.46 -21.67 -6.32
N ARG I 873 65.13 -20.90 -5.45
CA ARG I 873 66.16 -19.98 -5.90
C ARG I 873 67.41 -20.68 -6.40
N ASP I 874 67.56 -21.98 -6.13
CA ASP I 874 68.70 -22.73 -6.63
C ASP I 874 68.72 -22.84 -8.15
N ILE I 875 67.55 -22.73 -8.79
CA ILE I 875 67.48 -22.80 -10.25
C ILE I 875 68.28 -21.66 -10.87
N LEU I 876 68.17 -20.46 -10.29
CA LEU I 876 68.91 -19.30 -10.78
C LEU I 876 70.41 -19.54 -10.75
N GLU I 877 70.90 -20.22 -9.72
CA GLU I 877 72.33 -20.51 -9.63
C GLU I 877 72.76 -21.67 -10.51
N SER I 878 71.81 -22.51 -10.94
CA SER I 878 72.15 -23.69 -11.72
C SER I 878 72.62 -23.31 -13.13
N ASP I 879 73.55 -24.09 -13.65
CA ASP I 879 74.14 -23.86 -14.97
C ASP I 879 73.67 -24.85 -16.02
N PHE I 880 73.75 -26.15 -15.72
CA PHE I 880 73.48 -27.17 -16.73
C PHE I 880 72.00 -27.44 -16.91
N ALA I 881 71.14 -26.87 -16.09
CA ALA I 881 69.70 -26.83 -16.40
C ALA I 881 69.46 -25.56 -17.19
N PHE I 882 69.58 -25.67 -18.51
CA PHE I 882 69.07 -24.62 -19.38
C PHE I 882 67.56 -24.51 -19.15
N ALA I 883 67.07 -23.28 -19.15
CA ALA I 883 65.72 -22.95 -18.67
C ALA I 883 65.51 -23.41 -17.23
N ILE L 4 -13.30 17.94 103.93
CA ILE L 4 -13.51 18.37 102.55
C ILE L 4 -12.20 18.89 101.95
N ASN L 5 -11.65 19.93 102.58
CA ASN L 5 -10.39 20.59 102.23
C ASN L 5 -10.17 20.74 100.73
N ILE L 6 -11.15 21.33 100.03
CA ILE L 6 -11.09 21.41 98.58
C ILE L 6 -9.97 22.36 98.17
N ALA L 7 -9.28 22.01 97.08
CA ALA L 7 -8.09 22.75 96.66
C ALA L 7 -8.47 24.13 96.12
N LYS L 8 -7.58 25.10 96.37
CA LYS L 8 -7.77 26.48 95.96
C LYS L 8 -6.97 26.70 94.69
N ASN L 9 -7.52 26.23 93.57
CA ASN L 9 -6.81 26.30 92.30
C ASN L 9 -6.78 27.75 91.80
N ASP L 10 -5.61 28.16 91.32
CA ASP L 10 -5.42 29.48 90.75
C ASP L 10 -5.06 29.33 89.29
N PHE L 11 -5.63 30.22 88.45
CA PHE L 11 -5.36 30.19 87.01
C PHE L 11 -4.09 30.99 86.73
N SER L 12 -2.99 30.47 87.25
CA SER L 12 -1.66 31.04 87.08
C SER L 12 -1.08 30.78 85.69
N ASP L 13 -1.89 30.28 84.75
CA ASP L 13 -1.46 30.17 83.37
C ASP L 13 -2.08 31.23 82.47
N ILE L 14 -3.33 31.63 82.71
CA ILE L 14 -4.06 32.52 81.78
C ILE L 14 -3.88 33.95 82.27
N GLU L 15 -2.76 34.55 81.89
CA GLU L 15 -2.55 35.98 82.03
C GLU L 15 -1.59 36.46 80.95
N LEU L 16 -1.54 37.78 80.82
CA LEU L 16 -0.80 38.44 79.74
C LEU L 16 0.68 38.07 79.77
N ALA L 17 1.25 37.93 80.96
CA ALA L 17 2.68 37.65 81.07
C ALA L 17 3.02 36.25 80.57
N ALA L 18 2.22 35.24 80.96
CA ALA L 18 2.52 33.86 80.55
C ALA L 18 2.24 33.64 79.06
N ILE L 19 1.10 34.11 78.57
CA ILE L 19 0.77 34.08 77.14
C ILE L 19 1.70 35.00 76.35
N PRO L 20 2.04 34.66 75.09
CA PRO L 20 2.68 35.64 74.21
C PRO L 20 1.73 36.78 73.85
N PHE L 21 1.53 37.69 74.80
CA PHE L 21 0.58 38.79 74.65
C PHE L 21 1.00 39.77 73.57
N ASN L 22 2.30 39.81 73.23
CA ASN L 22 2.82 40.74 72.24
C ASN L 22 2.11 40.62 70.89
N THR L 23 1.81 39.38 70.48
CA THR L 23 1.15 39.15 69.19
C THR L 23 -0.25 39.75 69.18
N LEU L 24 -0.91 39.83 70.33
CA LEU L 24 -2.23 40.45 70.41
C LEU L 24 -2.15 41.97 70.51
N ALA L 25 -1.03 42.51 70.97
CA ALA L 25 -0.92 43.94 71.24
C ALA L 25 -0.56 44.77 70.01
N ASP L 26 0.15 44.18 69.03
CA ASP L 26 0.61 44.98 67.90
C ASP L 26 -0.52 45.34 66.96
N HIS L 27 -1.45 44.40 66.74
CA HIS L 27 -2.53 44.63 65.78
C HIS L 27 -3.72 45.38 66.36
N TYR L 28 -3.89 45.34 67.69
CA TYR L 28 -5.11 45.84 68.30
C TYR L 28 -4.87 46.76 69.48
N GLY L 29 -3.62 47.01 69.86
CA GLY L 29 -3.31 47.89 70.96
C GLY L 29 -3.15 47.15 72.28
N GLU L 30 -2.44 47.81 73.20
CA GLU L 30 -2.20 47.24 74.52
C GLU L 30 -3.49 47.21 75.34
N ARG L 31 -4.23 48.32 75.34
CA ARG L 31 -5.36 48.48 76.24
C ARG L 31 -6.49 47.51 75.93
N LEU L 32 -6.77 47.26 74.65
CA LEU L 32 -7.81 46.30 74.32
C LEU L 32 -7.36 44.86 74.57
N ALA L 33 -6.06 44.60 74.43
CA ALA L 33 -5.56 43.23 74.55
C ALA L 33 -5.52 42.77 76.01
N ARG L 34 -5.08 43.64 76.91
CA ARG L 34 -4.98 43.25 78.32
C ARG L 34 -6.36 43.03 78.94
N GLU L 35 -7.38 43.74 78.45
CA GLU L 35 -8.74 43.50 78.93
C GLU L 35 -9.23 42.12 78.51
N GLN L 36 -8.89 41.70 77.29
CA GLN L 36 -9.30 40.38 76.81
C GLN L 36 -8.69 39.26 77.65
N LEU L 37 -7.40 39.36 77.95
CA LEU L 37 -6.75 38.34 78.76
C LEU L 37 -7.33 38.31 80.16
N ALA L 38 -7.66 39.49 80.70
CA ALA L 38 -8.32 39.55 82.00
C ALA L 38 -9.74 39.00 81.94
N LEU L 39 -10.44 39.20 80.82
CA LEU L 39 -11.78 38.63 80.68
C LEU L 39 -11.75 37.11 80.68
N GLU L 40 -10.78 36.51 79.97
CA GLU L 40 -10.66 35.07 79.95
C GLU L 40 -10.21 34.53 81.31
N HIS L 41 -9.37 35.29 82.03
CA HIS L 41 -9.05 34.95 83.40
C HIS L 41 -10.30 34.95 84.27
N GLU L 42 -11.13 35.98 84.14
CA GLU L 42 -12.35 36.08 84.95
C GLU L 42 -13.35 35.00 84.55
N SER L 43 -13.33 34.57 83.29
CA SER L 43 -14.22 33.51 82.84
C SER L 43 -13.94 32.21 83.58
N TYR L 44 -12.66 31.88 83.76
CA TYR L 44 -12.32 30.67 84.50
C TYR L 44 -12.58 30.83 86.00
N GLU L 45 -12.41 32.05 86.53
CA GLU L 45 -12.71 32.30 87.93
C GLU L 45 -14.20 32.19 88.22
N MET L 46 -15.05 32.60 87.27
CA MET L 46 -16.49 32.49 87.45
C MET L 46 -16.92 31.03 87.49
N GLY L 47 -16.42 30.21 86.57
CA GLY L 47 -16.80 28.80 86.57
C GLY L 47 -16.18 28.01 87.71
N GLU L 48 -15.04 28.48 88.22
CA GLU L 48 -14.47 27.85 89.40
C GLU L 48 -15.35 28.08 90.62
N ALA L 49 -15.83 29.32 90.81
CA ALA L 49 -16.74 29.62 91.90
C ALA L 49 -18.07 28.90 91.74
N ARG L 50 -18.53 28.77 90.49
CA ARG L 50 -19.77 28.04 90.24
C ARG L 50 -19.66 26.59 90.67
N PHE L 51 -18.51 25.97 90.43
CA PHE L 51 -18.28 24.60 90.88
C PHE L 51 -18.36 24.50 92.40
N ARG L 52 -17.71 25.42 93.11
CA ARG L 52 -17.64 25.31 94.56
C ARG L 52 -18.96 25.67 95.23
N LYS L 53 -19.78 26.51 94.58
CA LYS L 53 -21.14 26.72 95.07
C LYS L 53 -21.94 25.42 94.96
N MET L 54 -21.78 24.71 93.85
CA MET L 54 -22.47 23.43 93.69
C MET L 54 -21.83 22.36 94.58
N PHE L 55 -20.50 22.32 94.64
CA PHE L 55 -19.80 21.26 95.36
C PHE L 55 -20.09 21.31 96.85
N GLU L 56 -20.09 22.51 97.44
CA GLU L 56 -20.40 22.62 98.86
C GLU L 56 -21.87 22.41 99.14
N ARG L 57 -22.74 22.68 98.16
CA ARG L 57 -24.16 22.40 98.33
C ARG L 57 -24.43 20.90 98.44
N GLN L 58 -23.75 20.09 97.63
CA GLN L 58 -23.90 18.65 97.74
C GLN L 58 -23.16 18.09 98.94
N LEU L 59 -22.16 18.80 99.46
CA LEU L 59 -21.53 18.40 100.71
C LEU L 59 -22.50 18.51 101.87
N LYS L 60 -23.23 19.62 101.94
CA LYS L 60 -24.16 19.85 103.06
C LYS L 60 -25.37 18.92 102.97
N ALA L 61 -25.84 18.63 101.76
CA ALA L 61 -27.04 17.81 101.58
C ALA L 61 -26.75 16.32 101.57
N GLY L 62 -25.55 15.93 101.16
CA GLY L 62 -25.15 14.54 101.21
C GLY L 62 -25.13 13.79 99.89
N GLU L 63 -24.99 14.48 98.75
CA GLU L 63 -24.88 13.79 97.47
C GLU L 63 -23.52 14.04 96.84
N VAL L 64 -22.45 13.91 97.63
CA VAL L 64 -21.11 14.05 97.09
C VAL L 64 -20.82 12.96 96.05
N ALA L 65 -21.32 11.75 96.30
CA ALA L 65 -21.16 10.65 95.35
C ALA L 65 -21.88 10.90 94.03
N ASP L 66 -22.88 11.78 94.01
CA ASP L 66 -23.54 12.17 92.78
C ASP L 66 -22.72 13.16 91.96
N ASN L 67 -21.66 13.73 92.54
CA ASN L 67 -20.81 14.67 91.85
C ASN L 67 -19.68 13.93 91.14
N ALA L 68 -19.26 14.48 90.00
CA ALA L 68 -18.32 13.78 89.12
C ALA L 68 -16.93 13.67 89.72
N ALA L 69 -16.53 14.62 90.58
CA ALA L 69 -15.19 14.57 91.14
C ALA L 69 -15.01 13.42 92.10
N ALA L 70 -16.09 12.99 92.77
CA ALA L 70 -16.01 11.82 93.63
C ALA L 70 -15.77 10.55 92.81
N LYS L 71 -16.41 10.45 91.64
CA LYS L 71 -16.58 9.19 90.92
C LYS L 71 -15.32 8.36 90.69
N PRO L 72 -14.18 8.92 90.27
CA PRO L 72 -12.98 8.07 90.08
C PRO L 72 -12.47 7.42 91.35
N LEU L 73 -12.85 7.92 92.54
CA LEU L 73 -12.49 7.23 93.77
C LEU L 73 -13.29 5.94 93.94
N ILE L 74 -14.56 5.94 93.55
CA ILE L 74 -15.43 4.78 93.80
C ILE L 74 -15.18 3.65 92.80
N THR L 75 -14.62 3.94 91.62
CA THR L 75 -14.40 2.89 90.62
C THR L 75 -13.45 1.80 91.13
N THR L 76 -12.42 2.19 91.86
CA THR L 76 -11.53 1.21 92.45
C THR L 76 -12.06 0.65 93.76
N LEU L 77 -13.25 1.10 94.20
CA LEU L 77 -13.85 0.67 95.44
C LEU L 77 -15.01 -0.30 95.25
N LEU L 78 -15.74 -0.22 94.14
CA LEU L 78 -16.90 -1.09 93.93
C LEU L 78 -16.52 -2.56 93.75
N PRO L 79 -15.61 -2.96 92.85
CA PRO L 79 -15.37 -4.40 92.69
C PRO L 79 -14.61 -5.02 93.85
N LYS L 80 -13.75 -4.25 94.52
CA LYS L 80 -13.08 -4.74 95.72
C LYS L 80 -14.07 -4.89 96.86
N MET L 81 -15.16 -4.12 96.83
CA MET L 81 -16.22 -4.26 97.84
C MET L 81 -16.95 -5.59 97.69
N ILE L 82 -17.38 -5.92 96.47
CA ILE L 82 -18.19 -7.12 96.24
C ILE L 82 -17.36 -8.39 96.24
N ALA L 83 -16.04 -8.31 96.39
CA ALA L 83 -15.22 -9.50 96.52
C ALA L 83 -15.57 -10.28 97.77
N ARG L 84 -15.55 -9.61 98.93
CA ARG L 84 -15.79 -10.26 100.20
C ARG L 84 -17.26 -10.21 100.63
N ILE L 85 -18.15 -9.72 99.78
CA ILE L 85 -19.58 -9.80 100.04
C ILE L 85 -20.07 -11.21 99.79
N LYS L 110 -28.99 -8.75 95.74
CA LYS L 110 -28.16 -7.90 94.89
C LYS L 110 -26.90 -7.46 95.63
N PRO L 111 -25.86 -8.32 95.60
CA PRO L 111 -24.61 -7.96 96.29
C PRO L 111 -23.94 -6.70 95.75
N GLU L 112 -24.02 -6.46 94.44
CA GLU L 112 -23.41 -5.26 93.88
C GLU L 112 -24.13 -4.00 94.34
N ALA L 113 -25.46 -4.06 94.42
CA ALA L 113 -26.23 -2.89 94.82
C ALA L 113 -25.99 -2.54 96.29
N VAL L 114 -25.80 -3.54 97.14
CA VAL L 114 -25.56 -3.29 98.56
C VAL L 114 -24.22 -2.57 98.77
N ALA L 115 -23.22 -2.93 97.96
CA ALA L 115 -21.91 -2.27 98.06
C ALA L 115 -21.99 -0.80 97.68
N TYR L 116 -22.71 -0.48 96.59
CA TYR L 116 -22.85 0.90 96.16
C TYR L 116 -23.68 1.71 97.16
N ILE L 117 -24.73 1.10 97.72
CA ILE L 117 -25.57 1.81 98.68
C ILE L 117 -24.79 2.12 99.95
N THR L 118 -23.95 1.19 100.40
CA THR L 118 -23.16 1.40 101.61
C THR L 118 -22.14 2.52 101.42
N ILE L 119 -21.49 2.59 100.27
CA ILE L 119 -20.43 3.57 100.04
C ILE L 119 -21.01 4.98 99.99
N LYS L 120 -22.13 5.16 99.29
CA LYS L 120 -22.71 6.50 99.16
C LYS L 120 -23.25 7.01 100.49
N THR L 121 -23.93 6.15 101.25
CA THR L 121 -24.48 6.57 102.53
C THR L 121 -23.39 6.89 103.54
N THR L 122 -22.31 6.10 103.55
CA THR L 122 -21.20 6.37 104.47
C THR L 122 -20.51 7.68 104.15
N LEU L 123 -20.30 7.97 102.86
CA LEU L 123 -19.72 9.26 102.47
C LEU L 123 -20.68 10.40 102.79
N ALA L 124 -21.99 10.17 102.62
CA ALA L 124 -22.98 11.22 102.86
C ALA L 124 -23.00 11.64 104.33
N CYS L 125 -22.95 10.68 105.24
CA CYS L 125 -22.93 11.01 106.67
C CYS L 125 -21.64 11.73 107.05
N LEU L 126 -20.50 11.31 106.47
CA LEU L 126 -19.24 11.99 106.72
C LEU L 126 -19.23 13.39 106.11
N THR L 127 -19.84 13.55 104.93
CA THR L 127 -19.87 14.87 104.29
C THR L 127 -20.71 15.86 105.08
N SER L 128 -21.85 15.43 105.62
CA SER L 128 -22.72 16.31 106.38
C SER L 128 -22.54 16.10 107.88
N ASN L 131 -23.15 14.16 113.39
CA ASN L 131 -23.37 12.80 113.88
C ASN L 131 -22.45 11.78 113.20
N THR L 132 -21.25 11.61 113.75
CA THR L 132 -20.28 10.65 113.24
C THR L 132 -20.40 9.28 113.90
N THR L 133 -21.41 9.08 114.74
CA THR L 133 -21.61 7.80 115.41
C THR L 133 -21.96 6.70 114.42
N VAL L 134 -21.51 5.49 114.73
CA VAL L 134 -21.69 4.35 113.82
C VAL L 134 -23.16 3.95 113.73
N GLN L 135 -23.91 4.07 114.82
CA GLN L 135 -25.30 3.63 114.85
C GLN L 135 -26.16 4.42 113.87
N ALA L 136 -25.93 5.74 113.78
CA ALA L 136 -26.68 6.55 112.83
C ALA L 136 -26.37 6.16 111.39
N VAL L 137 -25.09 5.87 111.11
CA VAL L 137 -24.71 5.42 109.77
C VAL L 137 -25.30 4.05 109.46
N ALA L 138 -25.29 3.16 110.45
CA ALA L 138 -25.88 1.83 110.25
C ALA L 138 -27.38 1.90 110.02
N SER L 139 -28.06 2.80 110.73
CA SER L 139 -29.51 2.95 110.56
C SER L 139 -29.88 3.42 109.17
N ALA L 140 -29.10 4.36 108.62
CA ALA L 140 -29.32 4.80 107.24
C ALA L 140 -29.03 3.67 106.26
N ILE L 141 -27.97 2.90 106.51
CA ILE L 141 -27.63 1.79 105.63
C ILE L 141 -28.68 0.69 105.71
N GLY L 142 -29.17 0.41 106.93
CA GLY L 142 -30.18 -0.63 107.08
C GLY L 142 -31.51 -0.28 106.43
N ARG L 143 -31.90 0.98 106.51
CA ARG L 143 -33.14 1.40 105.86
C ARG L 143 -33.00 1.38 104.34
N ALA L 144 -31.82 1.72 103.82
CA ALA L 144 -31.61 1.77 102.38
C ALA L 144 -31.71 0.38 101.74
N ILE L 145 -31.14 -0.63 102.40
CA ILE L 145 -31.23 -1.99 101.87
C ILE L 145 -32.67 -2.49 101.95
N GLU L 146 -33.39 -2.14 103.02
CA GLU L 146 -34.78 -2.56 103.16
C GLU L 146 -35.66 -1.90 102.11
N ASP L 147 -35.39 -0.62 101.80
CA ASP L 147 -36.13 0.04 100.72
C ASP L 147 -35.81 -0.59 99.37
N GLU L 148 -34.56 -1.03 99.17
CA GLU L 148 -34.18 -1.72 97.95
C GLU L 148 -34.92 -3.04 97.80
N ALA L 149 -35.11 -3.76 98.92
CA ALA L 149 -35.92 -4.97 98.90
C ALA L 149 -37.37 -4.66 98.54
N ARG L 150 -37.88 -3.53 99.05
CA ARG L 150 -39.23 -3.07 98.70
C ARG L 150 -39.22 -2.29 97.39
N LYS L 206 -35.95 -3.61 112.80
CA LYS L 206 -35.38 -2.26 112.93
C LYS L 206 -34.10 -2.30 113.75
N GLU L 207 -34.18 -2.91 114.93
CA GLU L 207 -32.98 -3.11 115.74
C GLU L 207 -32.02 -4.10 115.07
N ASP L 208 -32.56 -5.07 114.35
CA ASP L 208 -31.72 -6.01 113.60
C ASP L 208 -31.03 -5.33 112.43
N SER L 209 -31.69 -4.35 111.80
CA SER L 209 -31.10 -3.66 110.66
C SER L 209 -29.87 -2.86 111.06
N ILE L 210 -29.85 -2.31 112.28
CA ILE L 210 -28.65 -1.65 112.77
C ILE L 210 -27.53 -2.66 112.98
N HIS L 211 -27.86 -3.84 113.50
CA HIS L 211 -26.86 -4.90 113.67
C HIS L 211 -26.38 -5.42 112.33
N VAL L 212 -27.25 -5.43 111.32
CA VAL L 212 -26.81 -5.70 109.95
C VAL L 212 -25.89 -4.58 109.48
N GLY L 213 -26.14 -3.35 109.92
CA GLY L 213 -25.30 -2.23 109.53
C GLY L 213 -23.87 -2.35 110.05
N VAL L 214 -23.70 -2.83 111.28
CA VAL L 214 -22.36 -2.97 111.84
C VAL L 214 -21.55 -4.00 111.06
N ARG L 215 -22.19 -5.11 110.66
CA ARG L 215 -21.50 -6.12 109.86
C ARG L 215 -21.07 -5.57 108.51
N CYS L 216 -21.92 -4.74 107.89
CA CYS L 216 -21.57 -4.17 106.60
C CYS L 216 -20.42 -3.17 106.72
N ILE L 217 -20.48 -2.29 107.73
CA ILE L 217 -19.38 -1.36 107.98
C ILE L 217 -18.14 -2.11 108.43
N GLU L 218 -18.31 -3.26 109.09
CA GLU L 218 -17.17 -4.14 109.37
C GLU L 218 -16.54 -4.63 108.07
N MET L 219 -17.35 -4.94 107.06
CA MET L 219 -16.80 -5.27 105.76
C MET L 219 -16.39 -4.04 104.96
N LEU L 220 -16.89 -2.85 105.32
CA LEU L 220 -16.48 -1.63 104.65
C LEU L 220 -14.99 -1.36 104.86
N ILE L 221 -14.47 -1.65 106.06
CA ILE L 221 -13.05 -1.48 106.32
C ILE L 221 -12.29 -2.79 106.32
N GLU L 222 -12.97 -3.93 106.23
CA GLU L 222 -12.28 -5.21 106.02
C GLU L 222 -11.60 -5.23 104.66
N SER L 223 -12.27 -4.72 103.63
CA SER L 223 -11.68 -4.69 102.30
C SER L 223 -10.67 -3.55 102.17
N THR L 224 -11.14 -2.31 102.32
CA THR L 224 -10.33 -1.13 102.04
C THR L 224 -10.02 -0.37 103.32
N GLY L 225 -9.04 0.52 103.22
CA GLY L 225 -8.67 1.36 104.36
C GLY L 225 -9.27 2.74 104.29
N GLU L 242 -18.31 5.33 118.91
CA GLU L 242 -17.15 5.24 118.04
C GLU L 242 -17.30 6.16 116.83
N THR L 243 -16.28 6.98 116.59
CA THR L 243 -16.31 8.01 115.56
C THR L 243 -15.65 7.50 114.29
N ILE L 244 -16.32 7.68 113.16
CA ILE L 244 -15.79 7.27 111.87
C ILE L 244 -15.03 8.44 111.26
N GLU L 245 -13.74 8.24 111.01
CA GLU L 245 -12.89 9.25 110.42
C GLU L 245 -12.53 8.85 109.00
N LEU L 246 -12.73 9.76 108.05
CA LEU L 246 -12.35 9.51 106.66
C LEU L 246 -10.84 9.39 106.55
N ALA L 247 -10.40 8.46 105.71
CA ALA L 247 -8.96 8.26 105.53
C ALA L 247 -8.35 9.48 104.85
N PRO L 248 -7.26 10.04 105.40
CA PRO L 248 -6.65 11.22 104.77
C PRO L 248 -6.17 10.98 103.36
N GLU L 249 -5.66 9.77 103.06
CA GLU L 249 -5.15 9.50 101.72
C GLU L 249 -6.26 9.50 100.68
N TYR L 250 -7.49 9.21 101.09
CA TYR L 250 -8.62 9.14 100.17
C TYR L 250 -9.32 10.50 100.01
N ALA L 251 -9.47 11.25 101.10
CA ALA L 251 -10.24 12.48 101.06
C ALA L 251 -9.49 13.60 100.35
N GLU L 252 -8.15 13.57 100.35
CA GLU L 252 -7.39 14.54 99.59
C GLU L 252 -7.46 14.28 98.09
N ALA L 253 -7.71 13.03 97.69
CA ALA L 253 -7.83 12.73 96.26
C ALA L 253 -9.06 13.38 95.65
N ILE L 254 -10.20 13.36 96.36
CA ILE L 254 -11.40 13.99 95.85
C ILE L 254 -11.24 15.51 95.81
N ALA L 255 -10.51 16.07 96.78
CA ALA L 255 -10.26 17.51 96.79
C ALA L 255 -9.33 17.91 95.64
N THR L 256 -8.33 17.09 95.34
CA THR L 256 -7.47 17.35 94.20
C THR L 256 -8.25 17.24 92.89
N ARG L 257 -9.14 16.25 92.79
CA ARG L 257 -9.92 16.08 91.57
C ARG L 257 -10.95 17.20 91.41
N ALA L 258 -11.59 17.62 92.51
CA ALA L 258 -12.60 18.67 92.43
C ALA L 258 -11.97 20.02 92.06
N GLY L 259 -10.80 20.32 92.61
CA GLY L 259 -10.13 21.56 92.28
C GLY L 259 -9.70 21.62 90.82
N ALA L 260 -9.18 20.50 90.30
CA ALA L 260 -8.83 20.45 88.88
C ALA L 260 -10.06 20.49 88.00
N LEU L 261 -11.17 19.87 88.44
CA LEU L 261 -12.41 19.96 87.70
C LEU L 261 -13.08 21.32 87.82
N ALA L 262 -12.74 22.08 88.87
CA ALA L 262 -13.22 23.45 88.94
C ALA L 262 -12.49 24.36 87.96
N GLY L 263 -11.30 23.96 87.52
CA GLY L 263 -10.55 24.70 86.54
C GLY L 263 -10.80 24.31 85.10
N ILE L 264 -11.65 23.32 84.86
CA ILE L 264 -11.96 22.86 83.51
C ILE L 264 -13.33 23.33 83.04
N SER L 265 -14.13 23.94 83.92
CA SER L 265 -15.45 24.46 83.55
C SER L 265 -15.41 25.98 83.56
N PRO L 266 -15.23 26.63 82.41
CA PRO L 266 -15.22 28.09 82.38
C PRO L 266 -16.59 28.67 82.05
N MET L 267 -16.73 29.96 82.34
CA MET L 267 -17.96 30.70 82.06
C MET L 267 -17.65 31.70 80.94
N PHE L 268 -17.84 31.24 79.70
CA PHE L 268 -17.38 31.97 78.52
C PHE L 268 -18.13 33.28 78.34
N GLN L 269 -17.40 34.28 77.85
CA GLN L 269 -17.85 35.66 77.74
C GLN L 269 -17.54 36.21 76.36
N PRO L 270 -18.26 37.27 75.93
CA PRO L 270 -17.97 37.89 74.63
C PRO L 270 -16.57 38.51 74.55
N CYS L 271 -16.21 39.04 73.38
CA CYS L 271 -14.84 39.44 73.09
C CYS L 271 -14.77 40.93 72.77
N VAL L 272 -13.89 41.66 73.45
CA VAL L 272 -13.69 43.07 73.08
C VAL L 272 -12.69 43.21 71.93
N VAL L 273 -11.84 42.21 71.71
CA VAL L 273 -11.01 42.20 70.50
C VAL L 273 -11.71 41.27 69.52
N PRO L 274 -11.57 41.44 68.20
CA PRO L 274 -11.96 40.38 67.26
C PRO L 274 -11.33 39.04 67.62
N PRO L 275 -12.05 37.94 67.46
CA PRO L 275 -11.56 36.65 67.97
C PRO L 275 -10.41 36.10 67.15
N LYS L 276 -9.72 35.12 67.74
CA LYS L 276 -8.61 34.45 67.06
C LYS L 276 -9.15 33.65 65.89
N PRO L 277 -8.56 33.79 64.68
CA PRO L 277 -9.00 32.97 63.55
C PRO L 277 -8.71 31.49 63.78
N TRP L 278 -9.57 30.65 63.24
CA TRP L 278 -9.42 29.20 63.36
C TRP L 278 -8.50 28.70 62.25
N THR L 279 -7.37 28.12 62.64
CA THR L 279 -6.46 27.50 61.68
C THR L 279 -6.36 25.99 61.84
N GLY L 280 -6.83 25.44 62.95
CA GLY L 280 -6.79 24.00 63.19
C GLY L 280 -8.00 23.50 63.93
N ILE L 281 -7.81 22.50 64.79
CA ILE L 281 -8.89 21.91 65.57
C ILE L 281 -8.84 22.33 67.03
N THR L 282 -7.93 23.23 67.40
CA THR L 282 -7.70 23.53 68.81
C THR L 282 -7.07 24.92 68.91
N GLY L 283 -7.58 25.74 69.84
CA GLY L 283 -6.97 26.99 70.17
C GLY L 283 -7.56 28.22 69.51
N GLY L 284 -8.50 28.05 68.58
CA GLY L 284 -9.13 29.19 67.95
C GLY L 284 -10.16 29.86 68.85
N GLY L 285 -10.66 31.01 68.39
CA GLY L 285 -11.64 31.74 69.16
C GLY L 285 -11.00 32.69 70.15
N TYR L 286 -10.86 32.23 71.39
CA TYR L 286 -10.17 33.01 72.40
C TYR L 286 -8.65 32.98 72.16
N TRP L 287 -7.97 34.00 72.66
CA TRP L 287 -6.56 34.21 72.33
C TRP L 287 -5.61 33.54 73.31
N ALA L 288 -5.91 33.58 74.61
CA ALA L 288 -5.00 33.04 75.59
C ALA L 288 -4.99 31.51 75.56
N ASN L 289 -3.79 30.93 75.72
CA ASN L 289 -3.68 29.49 75.86
C ASN L 289 -4.21 29.08 77.22
N GLY L 290 -5.27 28.24 77.22
CA GLY L 290 -5.98 27.91 78.44
C GLY L 290 -5.93 26.42 78.75
N ARG L 291 -6.42 26.09 79.94
CA ARG L 291 -6.47 24.70 80.38
C ARG L 291 -7.58 23.92 79.68
N ARG L 292 -8.57 24.62 79.13
CA ARG L 292 -9.60 24.01 78.30
C ARG L 292 -9.65 24.80 76.99
N PRO L 293 -8.81 24.44 76.01
CA PRO L 293 -8.88 25.11 74.71
C PRO L 293 -10.16 24.76 73.97
N LEU L 294 -10.57 25.66 73.08
CA LEU L 294 -11.78 25.44 72.30
C LEU L 294 -11.50 24.48 71.15
N ALA L 295 -12.34 23.47 71.01
CA ALA L 295 -12.28 22.58 69.87
C ALA L 295 -13.10 23.17 68.72
N LEU L 296 -12.63 22.94 67.50
CA LEU L 296 -13.36 23.41 66.33
C LEU L 296 -14.71 22.72 66.22
N VAL L 297 -14.76 21.42 66.51
CA VAL L 297 -15.99 20.63 66.47
C VAL L 297 -16.22 20.08 67.87
N ARG L 298 -17.42 20.33 68.40
CA ARG L 298 -17.81 19.75 69.68
C ARG L 298 -18.07 18.27 69.51
N THR L 299 -17.32 17.44 70.23
CA THR L 299 -17.38 15.99 70.07
C THR L 299 -17.45 15.33 71.43
N HIS L 300 -18.17 14.20 71.49
CA HIS L 300 -18.26 13.43 72.72
C HIS L 300 -16.93 12.76 73.06
N SER L 301 -16.14 12.41 72.06
CA SER L 301 -14.86 11.75 72.27
C SER L 301 -13.75 12.57 71.62
N LYS L 302 -12.56 12.51 72.23
CA LYS L 302 -11.40 13.20 71.68
C LYS L 302 -10.96 12.59 70.36
N LYS L 303 -11.15 11.28 70.18
CA LYS L 303 -10.78 10.66 68.92
C LYS L 303 -11.61 11.18 67.76
N ALA L 304 -12.90 11.44 68.00
CA ALA L 304 -13.75 11.99 66.94
C ALA L 304 -13.32 13.39 66.55
N LEU L 305 -12.86 14.20 67.52
CA LEU L 305 -12.26 15.48 67.20
C LEU L 305 -10.97 15.29 66.42
N MET L 306 -10.18 14.28 66.78
CA MET L 306 -8.90 14.04 66.13
C MET L 306 -9.04 13.70 64.64
N ARG L 307 -10.21 13.22 64.23
CA ARG L 307 -10.44 12.90 62.81
C ARG L 307 -10.37 14.12 61.92
N TYR L 308 -10.67 15.30 62.47
CA TYR L 308 -10.69 16.52 61.69
C TYR L 308 -9.32 17.17 61.55
N GLU L 309 -8.28 16.63 62.20
CA GLU L 309 -7.00 17.33 62.27
C GLU L 309 -6.39 17.54 60.89
N ASP L 310 -6.38 16.49 60.08
CA ASP L 310 -5.79 16.57 58.75
C ASP L 310 -6.83 16.75 57.65
N VAL L 311 -8.10 16.91 58.00
CA VAL L 311 -9.14 17.10 57.00
C VAL L 311 -9.00 18.49 56.40
N TYR L 312 -8.87 18.56 55.08
CA TYR L 312 -8.75 19.83 54.36
C TYR L 312 -10.14 20.32 54.02
N MET L 313 -10.62 21.32 54.76
CA MET L 313 -11.92 21.95 54.52
C MET L 313 -11.73 23.45 54.49
N PRO L 314 -11.11 23.98 53.42
CA PRO L 314 -10.82 25.43 53.37
C PRO L 314 -12.07 26.30 53.38
N GLU L 315 -13.19 25.81 52.86
CA GLU L 315 -14.42 26.59 52.88
C GLU L 315 -15.03 26.63 54.27
N VAL L 316 -14.83 25.57 55.07
CA VAL L 316 -15.37 25.54 56.43
C VAL L 316 -14.66 26.55 57.31
N TYR L 317 -13.33 26.57 57.25
CA TYR L 317 -12.55 27.46 58.11
C TYR L 317 -12.83 28.92 57.78
N LYS L 318 -13.03 29.23 56.49
CA LYS L 318 -13.34 30.61 56.11
C LYS L 318 -14.65 31.07 56.72
N ALA L 319 -15.70 30.26 56.60
CA ALA L 319 -17.03 30.67 57.05
C ALA L 319 -17.07 30.93 58.55
N ILE L 320 -16.36 30.12 59.34
CA ILE L 320 -16.29 30.35 60.78
C ILE L 320 -15.52 31.64 61.07
N ASN L 321 -14.49 31.93 60.26
CA ASN L 321 -13.69 33.13 60.53
C ASN L 321 -14.45 34.41 60.20
N ILE L 322 -15.24 34.42 59.12
CA ILE L 322 -16.07 35.58 58.82
C ILE L 322 -17.14 35.77 59.88
N ALA L 323 -17.75 34.67 60.33
CA ALA L 323 -18.76 34.76 61.39
C ALA L 323 -18.16 35.28 62.69
N GLN L 324 -16.93 34.86 63.00
CA GLN L 324 -16.26 35.35 64.19
C GLN L 324 -15.98 36.85 64.10
N ASN L 325 -15.69 37.33 62.90
CA ASN L 325 -15.30 38.72 62.72
C ASN L 325 -16.47 39.69 62.70
N THR L 326 -17.70 39.20 62.81
CA THR L 326 -18.87 40.07 62.85
C THR L 326 -18.84 40.89 64.14
N ALA L 327 -18.89 42.21 63.99
CA ALA L 327 -18.79 43.11 65.14
C ALA L 327 -20.18 43.42 65.68
N TRP L 328 -20.33 43.30 67.00
CA TRP L 328 -21.59 43.56 67.68
C TRP L 328 -21.40 44.64 68.74
N LYS L 329 -22.50 45.29 69.10
CA LYS L 329 -22.52 46.24 70.20
C LYS L 329 -23.86 46.10 70.94
N ILE L 330 -23.84 46.44 72.22
CA ILE L 330 -25.05 46.38 73.02
C ILE L 330 -25.99 47.51 72.61
N ASN L 331 -27.23 47.17 72.29
CA ASN L 331 -28.24 48.16 71.98
C ASN L 331 -28.60 48.91 73.25
N LYS L 332 -28.11 50.15 73.38
CA LYS L 332 -28.22 50.88 74.63
C LYS L 332 -29.66 51.26 74.95
N LYS L 333 -30.50 51.48 73.92
CA LYS L 333 -31.87 51.92 74.16
C LYS L 333 -32.77 50.78 74.61
N VAL L 334 -32.57 49.58 74.08
CA VAL L 334 -33.33 48.43 74.54
C VAL L 334 -32.93 48.06 75.97
N LEU L 335 -31.64 48.16 76.28
CA LEU L 335 -31.17 47.89 77.63
C LEU L 335 -31.72 48.88 78.64
N ALA L 336 -31.95 50.12 78.22
CA ALA L 336 -32.49 51.13 79.13
C ALA L 336 -33.87 50.72 79.63
N VAL L 337 -34.74 50.25 78.74
CA VAL L 337 -36.07 49.87 79.19
C VAL L 337 -36.07 48.47 79.78
N ALA L 338 -35.08 47.64 79.46
CA ALA L 338 -35.00 46.32 80.06
C ALA L 338 -34.50 46.39 81.50
N ASN L 339 -33.61 47.34 81.80
CA ASN L 339 -33.07 47.46 83.15
C ASN L 339 -34.12 47.88 84.17
N VAL L 340 -35.26 48.40 83.74
CA VAL L 340 -36.23 48.94 84.66
C VAL L 340 -37.48 48.07 84.79
N ILE L 341 -37.93 47.39 83.74
CA ILE L 341 -39.16 46.61 83.86
C ILE L 341 -38.93 45.18 84.30
N THR L 342 -37.69 44.70 84.33
CA THR L 342 -37.40 43.45 85.01
C THR L 342 -37.28 43.62 86.53
N LYS L 343 -37.26 44.87 87.01
CA LYS L 343 -37.34 45.10 88.45
C LYS L 343 -38.77 45.03 88.97
N TRP L 344 -39.77 45.10 88.10
CA TRP L 344 -41.17 45.10 88.51
C TRP L 344 -41.93 43.84 88.15
N LYS L 345 -41.47 43.06 87.17
CA LYS L 345 -42.11 41.81 86.80
C LYS L 345 -41.07 40.69 86.83
N HIS L 346 -41.51 39.49 87.22
CA HIS L 346 -40.62 38.34 87.22
C HIS L 346 -40.14 38.03 85.80
N CYS L 347 -41.08 37.87 84.88
CA CYS L 347 -40.80 37.88 83.47
C CYS L 347 -41.48 39.10 82.87
N PRO L 348 -40.77 39.91 82.09
CA PRO L 348 -41.23 41.28 81.81
C PRO L 348 -42.38 41.41 80.84
N VAL L 349 -42.89 40.32 80.25
CA VAL L 349 -43.82 40.46 79.14
C VAL L 349 -45.04 39.56 79.28
N GLU L 350 -45.01 38.60 80.21
CA GLU L 350 -46.02 37.54 80.21
C GLU L 350 -47.38 38.05 80.68
N ASP L 351 -47.41 38.92 81.68
CA ASP L 351 -48.67 39.36 82.29
C ASP L 351 -48.70 40.89 82.34
N ILE L 352 -49.18 41.50 81.26
CA ILE L 352 -49.42 42.95 81.23
C ILE L 352 -50.93 43.15 81.24
N PRO L 353 -51.42 44.27 81.78
CA PRO L 353 -52.88 44.51 81.75
C PRO L 353 -53.39 44.95 80.38
N LEU L 374 -61.44 13.21 88.37
CA LEU L 374 -60.47 13.40 89.42
C LEU L 374 -59.05 13.53 88.85
N THR L 375 -58.83 12.91 87.70
CA THR L 375 -57.50 12.95 87.07
C THR L 375 -57.17 14.35 86.55
N ALA L 376 -58.18 15.07 86.05
CA ALA L 376 -57.94 16.42 85.53
C ALA L 376 -57.53 17.38 86.63
N TRP L 377 -58.10 17.22 87.82
CA TRP L 377 -57.73 18.07 88.95
C TRP L 377 -56.27 17.86 89.36
N LYS L 378 -55.81 16.62 89.33
CA LYS L 378 -54.40 16.35 89.61
C LYS L 378 -53.50 16.91 88.51
N ARG L 379 -53.98 16.90 87.26
CA ARG L 379 -53.21 17.48 86.17
C ARG L 379 -53.11 19.00 86.33
N ALA L 380 -54.16 19.63 86.84
CA ALA L 380 -54.12 21.07 87.09
C ALA L 380 -53.09 21.42 88.14
N ALA L 381 -52.99 20.59 89.19
CA ALA L 381 -51.96 20.79 90.20
C ALA L 381 -50.57 20.56 89.64
N ALA L 382 -50.44 19.63 88.69
CA ALA L 382 -49.14 19.41 88.04
C ALA L 382 -48.73 20.59 87.19
N ALA L 383 -49.69 21.30 86.60
CA ALA L 383 -49.37 22.46 85.77
C ALA L 383 -48.79 23.60 86.61
N VAL L 384 -49.34 23.84 87.79
CA VAL L 384 -48.89 24.98 88.59
C VAL L 384 -47.53 24.72 89.21
N TYR L 385 -47.19 23.46 89.51
CA TYR L 385 -45.86 23.18 90.04
C TYR L 385 -44.81 23.25 88.96
N ARG L 386 -45.14 22.78 87.75
CA ARG L 386 -44.21 22.91 86.62
C ARG L 386 -43.98 24.38 86.28
N LYS L 387 -45.04 25.19 86.28
CA LYS L 387 -44.90 26.60 85.94
C LYS L 387 -44.18 27.37 87.04
N ASP L 388 -44.37 26.99 88.30
CA ASP L 388 -43.66 27.65 89.40
C ASP L 388 -42.16 27.42 89.28
N LYS L 389 -41.75 26.19 88.94
CA LYS L 389 -40.35 25.94 88.64
C LYS L 389 -39.95 26.51 87.28
N ALA L 390 -40.91 26.70 86.38
CA ALA L 390 -40.59 27.28 85.07
C ALA L 390 -40.28 28.76 85.18
N ARG L 391 -41.10 29.51 85.93
CA ARG L 391 -40.93 30.95 86.01
C ARG L 391 -39.64 31.32 86.74
N LYS L 392 -39.18 30.46 87.66
CA LYS L 392 -37.86 30.67 88.25
C LYS L 392 -36.75 30.20 87.31
N SER L 393 -37.02 29.17 86.48
CA SER L 393 -36.03 28.72 85.51
C SER L 393 -35.79 29.77 84.43
N ARG L 394 -36.79 30.58 84.12
CA ARG L 394 -36.59 31.69 83.19
C ARG L 394 -36.02 32.93 83.86
N ARG L 395 -36.18 33.06 85.18
CA ARG L 395 -35.75 34.27 85.87
C ARG L 395 -34.23 34.32 86.02
N ILE L 396 -33.60 33.21 86.40
CA ILE L 396 -32.17 33.23 86.66
C ILE L 396 -31.38 33.40 85.36
N SER L 397 -31.91 32.93 84.24
CA SER L 397 -31.26 33.18 82.96
C SER L 397 -31.49 34.60 82.48
N LEU L 398 -32.64 35.18 82.83
CA LEU L 398 -32.90 36.58 82.49
C LEU L 398 -31.90 37.50 83.17
N GLU L 399 -31.61 37.26 84.45
CA GLU L 399 -30.73 38.15 85.20
C GLU L 399 -29.28 38.04 84.74
N PHE L 400 -28.83 36.83 84.42
CA PHE L 400 -27.47 36.65 83.95
C PHE L 400 -27.26 37.34 82.60
N MET L 401 -28.21 37.19 81.68
CA MET L 401 -28.08 37.81 80.38
C MET L 401 -28.15 39.34 80.47
N LEU L 402 -28.98 39.86 81.39
CA LEU L 402 -28.99 41.31 81.60
C LEU L 402 -27.70 41.78 82.24
N GLU L 403 -27.13 40.98 83.14
CA GLU L 403 -25.85 41.34 83.75
C GLU L 403 -24.76 41.42 82.71
N GLN L 404 -24.71 40.44 81.79
CA GLN L 404 -23.74 40.49 80.70
C GLN L 404 -23.98 41.67 79.78
N ALA L 405 -25.24 41.94 79.44
CA ALA L 405 -25.54 43.07 78.56
C ALA L 405 -25.13 44.38 79.20
N ASN L 406 -25.38 44.54 80.50
CA ASN L 406 -24.95 45.74 81.20
C ASN L 406 -23.43 45.84 81.28
N LYS L 407 -22.75 44.70 81.37
CA LYS L 407 -21.29 44.70 81.53
C LYS L 407 -20.60 45.25 80.30
N PHE L 408 -21.05 44.85 79.10
CA PHE L 408 -20.44 45.30 77.86
C PHE L 408 -21.23 46.42 77.19
N ALA L 409 -22.09 47.10 77.94
CA ALA L 409 -22.90 48.16 77.36
C ALA L 409 -22.05 49.35 76.93
N ASN L 410 -20.99 49.64 77.67
CA ASN L 410 -20.14 50.78 77.36
C ASN L 410 -19.09 50.46 76.30
N HIS L 411 -18.91 49.20 75.94
CA HIS L 411 -17.88 48.84 74.97
C HIS L 411 -18.30 49.26 73.55
N LYS L 412 -17.32 49.72 72.78
CA LYS L 412 -17.60 50.21 71.43
C LYS L 412 -17.99 49.09 70.49
N ALA L 413 -17.44 47.90 70.70
CA ALA L 413 -17.77 46.73 69.91
C ALA L 413 -17.43 45.48 70.70
N ILE L 414 -18.26 44.45 70.56
CA ILE L 414 -17.98 43.15 71.13
C ILE L 414 -18.09 42.09 70.04
N TRP L 415 -17.30 41.03 70.18
CA TRP L 415 -17.24 39.93 69.22
C TRP L 415 -17.60 38.61 69.89
N PHE L 416 -17.95 37.62 69.07
CA PHE L 416 -18.28 36.29 69.56
C PHE L 416 -17.50 35.24 68.78
N PRO L 417 -16.69 34.41 69.44
CA PRO L 417 -16.12 33.25 68.76
C PRO L 417 -17.22 32.26 68.38
N TYR L 418 -16.96 31.47 67.34
CA TYR L 418 -17.96 30.57 66.80
C TYR L 418 -17.41 29.15 66.72
N ASN L 419 -18.30 28.19 66.97
CA ASN L 419 -18.00 26.76 67.01
C ASN L 419 -18.99 26.02 66.13
N MET L 420 -18.85 24.70 66.09
CA MET L 420 -19.83 23.85 65.44
C MET L 420 -19.99 22.55 66.23
N ASP L 421 -21.19 21.98 66.16
CA ASP L 421 -21.47 20.67 66.75
C ASP L 421 -20.92 19.58 65.82
N TRP L 422 -21.18 18.31 66.17
CA TRP L 422 -20.63 17.21 65.39
C TRP L 422 -21.34 17.02 64.06
N ARG L 423 -22.41 17.76 63.78
CA ARG L 423 -23.04 17.75 62.47
C ARG L 423 -22.65 18.95 61.62
N GLY L 424 -22.25 20.06 62.23
CA GLY L 424 -21.77 21.22 61.49
C GLY L 424 -22.57 22.50 61.68
N ARG L 425 -23.61 22.53 62.50
CA ARG L 425 -24.33 23.77 62.74
C ARG L 425 -23.45 24.75 63.51
N VAL L 426 -23.49 26.02 63.12
CA VAL L 426 -22.59 27.03 63.66
C VAL L 426 -23.16 27.60 64.95
N TYR L 427 -22.38 27.52 66.03
CA TYR L 427 -22.79 27.94 67.36
C TYR L 427 -21.84 29.00 67.90
N ALA L 428 -22.39 29.95 68.66
CA ALA L 428 -21.58 30.95 69.35
C ALA L 428 -21.17 30.42 70.72
N VAL L 429 -19.88 30.57 71.05
CA VAL L 429 -19.33 29.88 72.21
C VAL L 429 -19.86 30.47 73.51
N SER L 430 -19.92 31.79 73.61
CA SER L 430 -20.38 32.42 74.84
C SER L 430 -21.89 32.20 75.00
N MET L 431 -22.33 32.17 76.26
CA MET L 431 -23.75 31.96 76.51
C MET L 431 -24.57 33.22 76.22
N PHE L 432 -24.04 34.39 76.56
CA PHE L 432 -24.63 35.66 76.13
C PHE L 432 -24.25 35.87 74.67
N ASN L 433 -25.11 35.39 73.78
CA ASN L 433 -24.79 35.30 72.36
C ASN L 433 -26.05 35.59 71.55
N PRO L 434 -25.90 35.95 70.26
CA PRO L 434 -27.07 36.37 69.48
C PRO L 434 -28.02 35.27 69.04
N GLN L 435 -27.88 34.04 69.55
CA GLN L 435 -28.79 32.95 69.19
C GLN L 435 -29.74 32.60 70.35
N GLY L 436 -29.91 33.48 71.31
CA GLY L 436 -30.76 33.23 72.46
C GLY L 436 -32.18 33.70 72.25
N ASN L 437 -32.88 33.88 73.38
CA ASN L 437 -34.29 34.23 73.36
C ASN L 437 -34.49 35.67 72.86
N ASP L 438 -35.76 36.10 72.83
CA ASP L 438 -36.12 37.36 72.18
C ASP L 438 -35.45 38.56 72.85
N MET L 439 -35.39 38.57 74.19
CA MET L 439 -34.82 39.71 74.89
C MET L 439 -33.32 39.84 74.62
N THR L 440 -32.58 38.73 74.66
CA THR L 440 -31.13 38.84 74.59
C THR L 440 -30.63 39.17 73.19
N LYS L 441 -31.41 38.89 72.14
CA LYS L 441 -31.04 39.39 70.83
C LYS L 441 -31.59 40.80 70.58
N GLY L 442 -32.59 41.22 71.34
CA GLY L 442 -32.97 42.62 71.31
C GLY L 442 -31.93 43.51 71.95
N LEU L 443 -31.19 42.98 72.93
CA LEU L 443 -30.10 43.72 73.55
C LEU L 443 -28.85 43.78 72.67
N LEU L 444 -28.76 42.96 71.63
CA LEU L 444 -27.57 42.89 70.80
C LEU L 444 -27.87 43.43 69.41
N THR L 445 -26.99 44.29 68.92
CA THR L 445 -27.06 44.78 67.56
C THR L 445 -25.65 44.85 67.00
N LEU L 446 -25.55 45.01 65.67
CA LEU L 446 -24.23 45.06 65.07
C LEU L 446 -23.58 46.41 65.33
N ALA L 447 -22.25 46.44 65.24
CA ALA L 447 -21.49 47.65 65.53
C ALA L 447 -21.24 48.51 64.30
N LYS L 448 -20.98 47.89 63.15
CA LYS L 448 -20.74 48.60 61.91
C LYS L 448 -22.03 48.71 61.10
N GLY L 449 -22.30 49.91 60.59
CA GLY L 449 -23.50 50.13 59.80
C GLY L 449 -23.24 51.17 58.73
N LYS L 450 -24.11 51.17 57.74
CA LYS L 450 -24.05 52.08 56.60
C LYS L 450 -25.39 52.77 56.45
N PRO L 451 -25.47 53.85 55.67
CA PRO L 451 -26.76 54.53 55.47
C PRO L 451 -27.83 53.59 54.95
N ILE L 452 -29.06 53.83 55.41
CA ILE L 452 -30.13 52.84 55.27
C ILE L 452 -30.52 52.65 53.80
N GLY L 453 -30.61 53.73 53.03
CA GLY L 453 -31.10 53.62 51.67
C GLY L 453 -32.57 53.32 51.57
N LYS L 454 -33.11 53.35 50.34
CA LYS L 454 -34.53 53.06 50.14
C LYS L 454 -34.82 51.58 50.36
N GLU L 455 -33.94 50.70 49.88
CA GLU L 455 -34.17 49.26 50.03
C GLU L 455 -33.94 48.81 51.47
N GLY L 456 -32.96 49.41 52.15
CA GLY L 456 -32.74 49.06 53.54
C GLY L 456 -33.90 49.49 54.43
N TYR L 457 -34.45 50.68 54.18
CA TYR L 457 -35.65 51.10 54.91
C TYR L 457 -36.84 50.22 54.56
N TYR L 458 -36.90 49.70 53.33
CA TYR L 458 -37.90 48.70 52.96
C TYR L 458 -37.75 47.46 53.84
N TRP L 459 -36.58 46.82 53.79
CA TRP L 459 -36.35 45.58 54.53
C TRP L 459 -36.44 45.76 56.04
N LEU L 460 -36.30 46.99 56.54
CA LEU L 460 -36.55 47.26 57.94
C LEU L 460 -38.01 47.03 58.29
N LYS L 461 -38.91 47.36 57.37
CA LYS L 461 -40.34 47.29 57.67
C LYS L 461 -40.87 45.85 57.64
N ILE L 462 -40.39 45.01 56.73
CA ILE L 462 -40.80 43.60 56.77
C ILE L 462 -40.28 42.92 58.02
N HIS L 463 -39.05 43.27 58.44
CA HIS L 463 -38.52 42.73 59.69
C HIS L 463 -39.37 43.16 60.87
N GLY L 464 -39.85 44.41 60.87
CA GLY L 464 -40.77 44.85 61.90
C GLY L 464 -42.10 44.12 61.84
N ALA L 465 -42.57 43.83 60.63
CA ALA L 465 -43.77 43.00 60.49
C ALA L 465 -43.52 41.59 60.98
N ASN L 466 -42.32 41.05 60.70
CA ASN L 466 -41.96 39.71 61.16
C ASN L 466 -41.87 39.65 62.68
N CYS L 467 -41.29 40.68 63.30
CA CYS L 467 -41.24 40.75 64.75
C CYS L 467 -42.62 40.91 65.36
N ALA L 468 -43.53 41.58 64.66
CA ALA L 468 -44.88 41.78 65.16
C ALA L 468 -45.79 40.59 64.92
N GLY L 469 -45.28 39.54 64.27
CA GLY L 469 -45.97 38.28 64.14
C GLY L 469 -46.68 38.06 62.83
N VAL L 470 -46.83 39.08 62.00
CA VAL L 470 -47.50 38.92 60.72
C VAL L 470 -46.44 38.52 59.68
N ASP L 471 -46.44 37.25 59.32
CA ASP L 471 -45.52 36.72 58.33
C ASP L 471 -46.17 35.69 57.41
N LYS L 472 -47.44 35.34 57.64
CA LYS L 472 -48.19 34.46 56.76
C LYS L 472 -48.94 35.25 55.69
N VAL L 473 -48.44 36.44 55.34
CA VAL L 473 -49.12 37.36 54.43
C VAL L 473 -48.09 37.97 53.50
N PRO L 474 -48.50 38.28 52.24
CA PRO L 474 -47.54 38.82 51.26
C PRO L 474 -46.83 40.11 51.63
N PHE L 475 -45.87 40.52 50.79
CA PHE L 475 -44.83 41.47 51.15
C PHE L 475 -45.29 42.93 51.14
N PRO L 476 -46.03 43.43 50.13
CA PRO L 476 -46.65 44.75 50.31
C PRO L 476 -47.65 44.77 51.45
N GLU L 477 -48.32 43.65 51.72
CA GLU L 477 -49.24 43.59 52.85
C GLU L 477 -48.50 43.60 54.19
N ARG L 478 -47.23 43.20 54.21
CA ARG L 478 -46.39 43.40 55.39
C ARG L 478 -45.92 44.84 55.50
N ILE L 479 -45.96 45.60 54.40
CA ILE L 479 -45.56 47.01 54.43
C ILE L 479 -46.69 47.88 54.98
N LYS L 480 -47.94 47.55 54.61
CA LYS L 480 -49.09 48.34 55.05
C LYS L 480 -49.29 48.26 56.56
N PHE L 481 -48.88 47.14 57.17
CA PHE L 481 -49.06 46.99 58.61
C PHE L 481 -48.23 48.00 59.38
N ILE L 482 -47.00 48.26 58.92
CA ILE L 482 -46.11 49.18 59.62
C ILE L 482 -46.60 50.62 59.50
N GLU L 483 -47.00 51.04 58.30
CA GLU L 483 -47.46 52.41 58.10
C GLU L 483 -48.82 52.66 58.75
N GLU L 484 -49.69 51.63 58.80
CA GLU L 484 -50.99 51.79 59.44
C GLU L 484 -50.86 52.06 60.94
N ASN L 485 -49.75 51.67 61.55
CA ASN L 485 -49.46 51.91 62.96
C ASN L 485 -48.35 52.94 63.12
N HIS L 486 -48.37 53.97 62.27
CA HIS L 486 -47.27 54.92 62.21
C HIS L 486 -47.11 55.73 63.50
N GLU L 487 -48.20 55.97 64.24
CA GLU L 487 -48.04 56.60 65.54
C GLU L 487 -47.90 55.60 66.67
N ASN L 488 -48.42 54.38 66.49
CA ASN L 488 -48.17 53.32 67.47
C ASN L 488 -46.68 52.97 67.52
N ILE L 489 -46.03 52.93 66.36
CA ILE L 489 -44.61 52.60 66.30
C ILE L 489 -43.77 53.73 66.91
N MET L 490 -44.16 54.97 66.70
CA MET L 490 -43.34 56.10 67.13
C MET L 490 -43.58 56.47 68.59
N ALA L 491 -44.77 56.20 69.11
CA ALA L 491 -45.01 56.43 70.54
C ALA L 491 -44.25 55.43 71.38
N CYS L 492 -44.10 54.19 70.89
CA CYS L 492 -43.25 53.22 71.56
C CYS L 492 -41.79 53.66 71.53
N ALA L 493 -41.35 54.22 70.39
CA ALA L 493 -39.96 54.65 70.28
C ALA L 493 -39.67 55.85 71.17
N LYS L 494 -40.65 56.76 71.32
CA LYS L 494 -40.46 57.95 72.14
C LYS L 494 -40.61 57.63 73.63
N SER L 495 -41.68 56.91 74.00
CA SER L 495 -41.95 56.56 75.40
C SER L 495 -42.21 55.07 75.48
N PRO L 496 -41.14 54.26 75.48
CA PRO L 496 -41.34 52.80 75.64
C PRO L 496 -41.98 52.41 76.95
N LEU L 497 -41.72 53.16 78.01
CA LEU L 497 -42.34 52.86 79.30
C LEU L 497 -43.83 53.18 79.31
N GLU L 498 -44.25 54.23 78.60
CA GLU L 498 -45.62 54.72 78.62
C GLU L 498 -46.50 54.13 77.52
N ASN L 499 -45.96 53.24 76.69
CA ASN L 499 -46.75 52.59 75.64
C ASN L 499 -46.37 51.12 75.62
N THR L 500 -47.30 50.26 76.04
CA THR L 500 -47.05 48.82 76.11
C THR L 500 -47.40 48.10 74.82
N TRP L 501 -47.55 48.82 73.71
CA TRP L 501 -47.94 48.18 72.46
C TRP L 501 -46.84 47.28 71.91
N TRP L 502 -45.57 47.68 72.08
CA TRP L 502 -44.48 46.85 71.63
C TRP L 502 -44.35 45.56 72.45
N ALA L 503 -44.86 45.55 73.68
CA ALA L 503 -44.74 44.37 74.53
C ALA L 503 -45.63 43.24 74.05
N GLU L 504 -46.83 43.55 73.57
CA GLU L 504 -47.78 42.50 73.21
C GLU L 504 -47.55 41.90 71.82
N GLN L 505 -46.53 42.36 71.10
CA GLN L 505 -46.18 41.71 69.84
C GLN L 505 -45.52 40.36 70.08
N ASP L 506 -45.47 39.54 69.03
CA ASP L 506 -45.01 38.15 69.18
C ASP L 506 -43.54 38.07 69.59
N SER L 507 -42.71 39.00 69.15
CA SER L 507 -41.32 39.10 69.58
C SER L 507 -41.08 40.52 70.07
N PRO L 508 -41.37 40.80 71.36
CA PRO L 508 -41.49 42.19 71.82
C PRO L 508 -40.19 42.99 71.79
N PHE L 509 -39.12 42.45 72.37
CA PHE L 509 -37.89 43.22 72.47
C PHE L 509 -37.24 43.43 71.11
N CYS L 510 -37.32 42.43 70.23
CA CYS L 510 -36.84 42.63 68.87
C CYS L 510 -37.70 43.64 68.12
N PHE L 511 -39.02 43.61 68.36
CA PHE L 511 -39.89 44.63 67.77
C PHE L 511 -39.58 46.01 68.33
N LEU L 512 -39.20 46.09 69.61
CA LEU L 512 -38.83 47.37 70.19
C LEU L 512 -37.48 47.85 69.65
N ALA L 513 -36.54 46.94 69.42
CA ALA L 513 -35.30 47.30 68.73
C ALA L 513 -35.60 47.83 67.34
N PHE L 514 -36.65 47.30 66.70
CA PHE L 514 -37.11 47.84 65.43
C PHE L 514 -37.73 49.23 65.61
N CYS L 515 -38.33 49.51 66.78
CA CYS L 515 -38.95 50.82 67.00
C CYS L 515 -37.93 51.94 66.95
N PHE L 516 -36.77 51.75 67.60
CA PHE L 516 -35.77 52.81 67.66
C PHE L 516 -35.11 53.04 66.30
N GLU L 517 -34.85 51.97 65.55
CA GLU L 517 -34.25 52.14 64.24
C GLU L 517 -35.25 52.71 63.24
N TYR L 518 -36.52 52.33 63.35
CA TYR L 518 -37.55 52.93 62.51
C TYR L 518 -37.70 54.41 62.81
N ALA L 519 -37.63 54.77 64.10
CA ALA L 519 -37.72 56.17 64.48
C ALA L 519 -36.55 56.99 63.93
N GLY L 520 -35.39 56.36 63.76
CA GLY L 520 -34.21 57.08 63.34
C GLY L 520 -34.22 57.56 61.90
N VAL L 521 -35.11 57.03 61.06
CA VAL L 521 -35.08 57.39 59.65
C VAL L 521 -35.83 58.71 59.41
N GLN L 522 -37.10 58.80 59.84
CA GLN L 522 -37.88 60.00 59.58
C GLN L 522 -37.43 61.19 60.40
N HIS L 523 -36.59 60.98 61.41
CA HIS L 523 -35.97 62.08 62.13
C HIS L 523 -34.62 62.47 61.55
N HIS L 524 -34.03 61.64 60.69
CA HIS L 524 -32.72 61.91 60.11
C HIS L 524 -32.66 61.78 58.60
N GLY L 525 -33.75 61.37 57.95
CA GLY L 525 -33.72 61.09 56.53
C GLY L 525 -33.23 59.67 56.26
N LEU L 526 -33.05 59.38 54.97
CA LEU L 526 -32.57 58.06 54.57
C LEU L 526 -31.06 57.92 54.70
N SER L 527 -30.39 58.87 55.34
CA SER L 527 -28.97 58.81 55.60
C SER L 527 -28.65 58.23 56.98
N TYR L 528 -29.67 57.77 57.71
CA TYR L 528 -29.46 57.28 59.06
C TYR L 528 -28.65 56.00 59.06
N ASN L 529 -27.55 56.00 59.82
CA ASN L 529 -26.73 54.81 59.96
C ASN L 529 -27.48 53.76 60.77
N CYS L 530 -27.59 52.55 60.22
CA CYS L 530 -28.31 51.47 60.87
C CYS L 530 -27.48 50.20 60.86
N SER L 531 -27.42 49.52 61.99
CA SER L 531 -26.75 48.24 62.11
C SER L 531 -27.66 47.20 62.76
N LEU L 532 -28.96 47.34 62.57
CA LEU L 532 -29.91 46.39 63.12
C LEU L 532 -29.94 45.13 62.26
N PRO L 533 -29.72 43.95 62.84
CA PRO L 533 -29.83 42.71 62.06
C PRO L 533 -31.26 42.43 61.63
N LEU L 534 -31.42 42.02 60.38
CA LEU L 534 -32.73 41.72 59.81
C LEU L 534 -32.77 40.25 59.42
N ALA L 535 -33.52 39.45 60.19
CA ALA L 535 -33.50 38.00 60.04
C ALA L 535 -34.22 37.54 58.79
N PHE L 536 -33.94 36.29 58.40
CA PHE L 536 -34.60 35.63 57.27
C PHE L 536 -34.95 34.22 57.73
N ASP L 537 -36.25 33.95 57.91
CA ASP L 537 -36.73 32.70 58.49
C ASP L 537 -37.24 31.80 57.37
N GLY L 538 -36.50 30.73 57.09
CA GLY L 538 -37.02 29.70 56.21
C GLY L 538 -38.21 29.00 56.84
N SER L 539 -39.12 28.53 55.97
CA SER L 539 -40.39 27.99 56.45
C SER L 539 -40.18 26.70 57.24
N CYS L 540 -39.64 25.68 56.60
CA CYS L 540 -39.31 24.42 57.28
C CYS L 540 -38.02 23.91 56.63
N SER L 541 -36.89 24.23 57.27
CA SER L 541 -35.58 24.04 56.65
C SER L 541 -35.27 22.57 56.40
N GLY L 542 -35.67 21.69 57.33
CA GLY L 542 -35.36 20.29 57.19
C GLY L 542 -35.99 19.65 55.97
N ILE L 543 -37.26 19.97 55.71
CA ILE L 543 -37.96 19.44 54.54
C ILE L 543 -37.82 20.34 53.33
N GLN L 544 -37.32 21.58 53.50
CA GLN L 544 -36.90 22.37 52.35
C GLN L 544 -35.72 21.72 51.66
N HIS L 545 -34.77 21.20 52.43
CA HIS L 545 -33.64 20.47 51.86
C HIS L 545 -34.08 19.13 51.30
N PHE L 546 -34.99 18.45 51.99
CA PHE L 546 -35.45 17.14 51.52
C PHE L 546 -36.20 17.28 50.21
N SER L 547 -37.00 18.33 50.05
CA SER L 547 -37.64 18.57 48.77
C SER L 547 -36.64 18.99 47.70
N ALA L 548 -35.55 19.66 48.08
CA ALA L 548 -34.60 20.16 47.09
C ALA L 548 -33.74 19.04 46.51
N MET L 549 -33.30 18.09 47.35
CA MET L 549 -32.41 17.05 46.85
C MET L 549 -33.16 16.07 45.95
N LEU L 550 -34.40 15.73 46.30
CA LEU L 550 -35.20 14.81 45.50
C LEU L 550 -36.06 15.52 44.46
N ARG L 551 -35.99 16.85 44.38
CA ARG L 551 -36.76 17.66 43.44
C ARG L 551 -38.26 17.38 43.57
N ASP L 552 -38.78 17.72 44.74
CA ASP L 552 -40.20 17.52 45.06
C ASP L 552 -40.97 18.80 44.75
N GLU L 553 -41.76 18.77 43.68
CA GLU L 553 -42.56 19.94 43.32
C GLU L 553 -43.77 20.12 44.24
N VAL L 554 -44.46 19.02 44.55
CA VAL L 554 -45.65 19.12 45.41
C VAL L 554 -45.24 19.47 46.84
N GLY L 555 -44.15 18.87 47.33
CA GLY L 555 -43.61 19.28 48.61
C GLY L 555 -43.02 20.68 48.58
N GLY L 556 -42.42 21.06 47.45
CA GLY L 556 -41.71 22.32 47.37
C GLY L 556 -42.61 23.53 47.45
N ARG L 557 -43.80 23.45 46.88
CA ARG L 557 -44.72 24.58 46.92
C ARG L 557 -45.22 24.85 48.34
N ALA L 558 -45.45 23.79 49.12
CA ALA L 558 -46.06 23.92 50.44
C ALA L 558 -45.14 24.54 51.47
N VAL L 559 -43.86 24.74 51.14
CA VAL L 559 -42.89 25.28 52.08
C VAL L 559 -42.21 26.44 51.34
N ASN L 560 -42.81 26.82 50.21
CA ASN L 560 -42.65 28.11 49.52
C ASN L 560 -41.33 28.30 48.78
N LEU L 561 -40.54 27.24 48.51
CA LEU L 561 -39.38 27.43 47.65
C LEU L 561 -39.77 27.64 46.19
N LEU L 562 -41.00 27.25 45.82
CA LEU L 562 -41.54 27.66 44.54
C LEU L 562 -42.23 29.02 44.69
N PRO L 563 -42.19 29.87 43.65
CA PRO L 563 -42.82 31.20 43.76
C PRO L 563 -44.34 31.09 43.78
N SER L 564 -44.94 31.73 44.79
CA SER L 564 -46.39 31.78 44.93
C SER L 564 -46.81 33.18 45.33
N GLU L 565 -48.02 33.56 44.93
CA GLU L 565 -48.54 34.88 45.28
C GLU L 565 -48.99 34.96 46.73
N THR L 566 -49.31 33.82 47.35
CA THR L 566 -49.68 33.78 48.75
C THR L 566 -48.74 32.84 49.50
N VAL L 567 -48.53 33.14 50.79
CA VAL L 567 -47.66 32.30 51.61
C VAL L 567 -48.32 30.95 51.84
N GLN L 568 -47.58 29.88 51.59
CA GLN L 568 -48.11 28.54 51.73
C GLN L 568 -47.89 28.06 53.16
N ASP L 569 -48.98 27.75 53.86
CA ASP L 569 -48.94 27.29 55.23
C ASP L 569 -49.02 25.77 55.23
N ILE L 570 -47.88 25.12 55.48
CA ILE L 570 -47.79 23.66 55.34
C ILE L 570 -48.73 22.97 56.33
N TYR L 571 -48.86 23.52 57.55
CA TYR L 571 -49.76 22.94 58.53
C TYR L 571 -51.22 23.03 58.08
N GLY L 572 -51.59 24.15 57.45
CA GLY L 572 -52.93 24.28 56.91
C GLY L 572 -53.18 23.53 55.63
N ILE L 573 -52.13 23.24 54.86
CA ILE L 573 -52.31 22.45 53.64
C ILE L 573 -52.66 21.00 53.99
N VAL L 574 -51.94 20.41 54.94
CA VAL L 574 -52.27 19.06 55.38
C VAL L 574 -53.58 19.07 56.16
N ALA L 575 -53.86 20.17 56.88
CA ALA L 575 -55.15 20.31 57.54
C ALA L 575 -56.30 20.39 56.53
N LYS L 576 -56.04 20.95 55.36
CA LYS L 576 -57.06 20.95 54.30
C LYS L 576 -57.29 19.56 53.76
N LYS L 577 -56.22 18.76 53.64
CA LYS L 577 -56.38 17.42 53.09
C LYS L 577 -56.95 16.44 54.11
N VAL L 578 -56.71 16.64 55.40
CA VAL L 578 -57.22 15.70 56.38
C VAL L 578 -58.73 15.82 56.54
N ASN L 579 -59.31 17.01 56.33
CA ASN L 579 -60.75 17.14 56.45
C ASN L 579 -61.50 16.61 55.23
N GLU L 580 -60.81 16.41 54.11
CA GLU L 580 -61.43 15.75 52.96
C GLU L 580 -61.43 14.23 53.10
N ILE L 581 -60.42 13.67 53.76
CA ILE L 581 -60.45 12.25 54.10
C ILE L 581 -61.51 12.00 55.17
N LEU L 582 -61.69 12.95 56.09
CA LEU L 582 -62.65 12.78 57.19
C LEU L 582 -64.08 12.75 56.68
N GLN L 583 -64.43 13.59 55.71
CA GLN L 583 -65.79 13.58 55.18
C GLN L 583 -66.06 12.30 54.39
N ALA L 584 -65.04 11.75 53.74
CA ALA L 584 -65.19 10.43 53.12
C ALA L 584 -65.28 9.34 54.19
N ASP L 585 -64.61 9.51 55.32
CA ASP L 585 -64.72 8.57 56.43
C ASP L 585 -66.12 8.60 57.04
N ALA L 586 -66.79 9.75 56.98
CA ALA L 586 -68.15 9.84 57.50
C ALA L 586 -69.15 9.08 56.63
N ILE L 587 -68.85 8.93 55.33
CA ILE L 587 -69.76 8.24 54.43
C ILE L 587 -69.80 6.75 54.75
N ASN L 588 -68.65 6.14 55.01
CA ASN L 588 -68.56 4.71 55.29
C ASN L 588 -67.95 4.49 56.65
N GLY L 589 -68.71 3.87 57.56
CA GLY L 589 -68.22 3.58 58.89
C GLY L 589 -68.78 2.27 59.41
N THR L 590 -68.06 1.68 60.35
CA THR L 590 -68.43 0.41 60.95
C THR L 590 -68.38 0.54 62.46
N ASP L 591 -69.47 0.15 63.13
CA ASP L 591 -69.54 0.20 64.59
C ASP L 591 -68.60 -0.83 65.23
N ARG L 627 -55.48 24.17 61.83
CA ARG L 627 -54.06 23.90 61.69
C ARG L 627 -53.40 23.59 63.03
N SER L 628 -54.14 23.84 64.12
CA SER L 628 -53.58 23.66 65.45
C SER L 628 -53.35 22.19 65.77
N VAL L 629 -54.26 21.32 65.32
CA VAL L 629 -54.14 19.90 65.65
C VAL L 629 -52.95 19.26 64.95
N THR L 630 -52.65 19.71 63.72
CA THR L 630 -51.59 19.11 62.92
C THR L 630 -50.31 19.92 62.89
N LYS L 631 -50.23 21.03 63.64
CA LYS L 631 -49.06 21.89 63.57
C LYS L 631 -47.81 21.19 64.10
N ARG L 632 -47.92 20.52 65.24
CA ARG L 632 -46.76 19.90 65.86
C ARG L 632 -46.44 18.55 65.23
N SER L 633 -47.43 17.92 64.59
CA SER L 633 -47.17 16.68 63.86
C SER L 633 -46.29 16.93 62.64
N VAL L 634 -46.52 18.03 61.95
CA VAL L 634 -45.69 18.38 60.79
C VAL L 634 -44.30 18.79 61.24
N MET L 635 -44.20 19.52 62.35
CA MET L 635 -42.89 19.96 62.84
C MET L 635 -42.02 18.79 63.26
N THR L 636 -42.61 17.78 63.88
CA THR L 636 -41.86 16.63 64.36
C THR L 636 -41.51 15.64 63.25
N LEU L 637 -41.99 15.87 62.02
CA LEU L 637 -41.69 14.96 60.92
C LEU L 637 -40.21 14.90 60.62
N ALA L 638 -39.54 16.07 60.63
CA ALA L 638 -38.09 16.11 60.41
C ALA L 638 -37.32 15.49 61.56
N TYR L 639 -37.99 15.20 62.67
CA TYR L 639 -37.38 14.65 63.86
C TYR L 639 -37.51 13.13 63.93
N GLY L 640 -38.06 12.51 62.88
CA GLY L 640 -38.27 11.08 62.88
C GLY L 640 -39.59 10.63 63.47
N SER L 641 -40.60 11.51 63.54
CA SER L 641 -41.89 11.16 64.11
C SER L 641 -42.91 10.88 63.02
N LYS L 642 -43.69 9.83 63.21
CA LYS L 642 -44.75 9.43 62.30
C LYS L 642 -45.86 8.80 63.14
N GLU L 643 -46.69 7.97 62.49
CA GLU L 643 -48.05 7.59 62.90
C GLU L 643 -48.30 7.47 64.40
N PHE L 644 -47.49 6.69 65.13
CA PHE L 644 -47.67 6.62 66.58
C PHE L 644 -47.43 7.98 67.21
N GLY L 645 -46.31 8.62 66.88
CA GLY L 645 -45.95 9.88 67.52
C GLY L 645 -47.03 10.93 67.41
N PHE L 646 -47.80 10.90 66.32
CA PHE L 646 -48.92 11.83 66.18
C PHE L 646 -50.05 11.51 67.16
N ARG L 647 -50.21 10.24 67.56
CA ARG L 647 -51.33 9.85 68.41
C ARG L 647 -51.20 10.46 69.81
N GLN L 648 -50.06 10.29 70.47
CA GLN L 648 -49.87 10.95 71.75
C GLN L 648 -49.76 12.45 71.59
N GLN L 649 -49.36 12.93 70.41
CA GLN L 649 -49.33 14.35 70.16
C GLN L 649 -50.75 14.93 70.19
N VAL L 650 -51.64 14.43 69.32
CA VAL L 650 -52.95 15.05 69.14
C VAL L 650 -53.77 15.02 70.43
N LEU L 651 -53.53 14.03 71.29
CA LEU L 651 -54.24 14.01 72.58
C LEU L 651 -53.70 15.08 73.51
N GLU L 652 -52.38 15.24 73.59
CA GLU L 652 -51.80 16.18 74.57
C GLU L 652 -52.02 17.64 74.16
N ASP L 653 -51.97 17.96 72.87
CA ASP L 653 -52.16 19.35 72.47
C ASP L 653 -53.62 19.74 72.22
N THR L 654 -54.47 18.80 71.79
CA THR L 654 -55.85 19.14 71.46
C THR L 654 -56.88 18.45 72.33
N ILE L 655 -56.84 17.12 72.44
CA ILE L 655 -57.94 16.39 73.07
C ILE L 655 -57.96 16.63 74.58
N GLN L 656 -56.83 16.38 75.25
CA GLN L 656 -56.77 16.55 76.70
C GLN L 656 -57.05 17.97 77.17
N PRO L 657 -56.54 19.04 76.53
CA PRO L 657 -57.02 20.38 76.92
C PRO L 657 -58.52 20.58 76.71
N ALA L 658 -59.08 20.00 75.65
CA ALA L 658 -60.52 20.14 75.41
C ALA L 658 -61.33 19.43 76.49
N ILE L 659 -60.90 18.25 76.92
CA ILE L 659 -61.56 17.55 78.02
C ILE L 659 -61.45 18.38 79.30
N ASP L 660 -60.26 18.91 79.57
CA ASP L 660 -59.99 19.60 80.82
C ASP L 660 -60.58 21.01 80.87
N SER L 661 -60.78 21.64 79.72
CA SER L 661 -61.33 23.00 79.69
C SER L 661 -62.84 23.03 79.60
N GLY L 662 -63.50 21.87 79.66
CA GLY L 662 -64.95 21.82 79.65
C GLY L 662 -65.60 21.73 78.29
N LYS L 663 -64.83 21.81 77.21
CA LYS L 663 -65.36 21.71 75.85
C LYS L 663 -64.85 20.45 75.16
N GLY L 664 -64.87 19.33 75.88
CA GLY L 664 -64.46 18.06 75.33
C GLY L 664 -65.57 17.04 75.29
N LEU L 665 -66.81 17.52 75.16
CA LEU L 665 -67.95 16.62 75.06
C LEU L 665 -67.99 15.87 73.74
N MET L 666 -67.20 16.28 72.74
CA MET L 666 -67.18 15.60 71.45
C MET L 666 -66.67 14.17 71.58
N PHE L 667 -65.42 14.01 71.98
CA PHE L 667 -64.79 12.70 72.02
C PHE L 667 -65.27 11.92 73.24
N THR L 668 -65.73 10.70 73.00
CA THR L 668 -66.26 9.87 74.07
C THR L 668 -65.18 8.98 74.67
N GLY L 675 -55.97 7.81 67.90
CA GLY L 675 -55.39 6.88 66.94
C GLY L 675 -55.88 7.07 65.52
N TYR L 676 -57.18 7.34 65.39
CA TYR L 676 -57.75 7.57 64.06
C TYR L 676 -57.21 8.83 63.42
N MET L 677 -57.05 9.90 64.22
CA MET L 677 -56.48 11.15 63.69
C MET L 677 -55.02 10.96 63.31
N ALA L 678 -54.26 10.20 64.11
CA ALA L 678 -52.84 10.01 63.84
C ALA L 678 -52.62 9.28 62.51
N LYS L 679 -53.45 8.28 62.22
CA LYS L 679 -53.42 7.65 60.91
C LYS L 679 -53.77 8.64 59.80
N LEU L 680 -54.72 9.54 60.07
CA LEU L 680 -55.19 10.46 59.05
C LEU L 680 -54.13 11.50 58.69
N ILE L 681 -53.38 12.00 59.69
CA ILE L 681 -52.38 13.03 59.42
C ILE L 681 -51.21 12.45 58.63
N TRP L 682 -50.75 11.25 59.00
CA TRP L 682 -49.62 10.65 58.32
C TRP L 682 -49.95 10.28 56.87
N GLU L 683 -51.19 9.87 56.62
CA GLU L 683 -51.60 9.58 55.24
C GLU L 683 -51.68 10.86 54.41
N SER L 684 -52.22 11.93 55.00
CA SER L 684 -52.34 13.19 54.26
C SER L 684 -50.98 13.85 54.06
N VAL L 685 -50.09 13.75 55.04
CA VAL L 685 -48.74 14.31 54.87
C VAL L 685 -47.90 13.44 53.94
N SER L 686 -48.32 12.20 53.68
CA SER L 686 -47.58 11.36 52.74
C SER L 686 -47.73 11.85 51.30
N VAL L 687 -48.81 12.57 51.01
CA VAL L 687 -49.02 13.13 49.68
C VAL L 687 -48.56 14.58 49.56
N THR L 688 -48.49 15.31 50.67
CA THR L 688 -48.02 16.69 50.61
C THR L 688 -46.55 16.76 50.23
N VAL L 689 -45.71 15.97 50.89
CA VAL L 689 -44.30 15.91 50.54
C VAL L 689 -43.84 14.45 50.52
N VAL L 690 -43.70 13.89 49.31
CA VAL L 690 -43.21 12.52 49.19
C VAL L 690 -41.71 12.43 49.41
N ALA L 691 -40.98 13.52 49.19
CA ALA L 691 -39.53 13.49 49.34
C ALA L 691 -39.11 13.25 50.78
N ALA L 692 -39.84 13.83 51.74
CA ALA L 692 -39.49 13.70 53.15
C ALA L 692 -39.57 12.25 53.60
N VAL L 693 -40.77 11.65 53.51
CA VAL L 693 -40.99 10.31 54.04
C VAL L 693 -40.13 9.28 53.34
N GLU L 694 -39.89 9.46 52.03
CA GLU L 694 -39.07 8.50 51.30
C GLU L 694 -37.59 8.63 51.64
N ALA L 695 -37.10 9.86 51.89
CA ALA L 695 -35.67 10.04 52.14
C ALA L 695 -35.27 9.58 53.54
N MET L 696 -36.09 9.85 54.56
CA MET L 696 -35.78 9.32 55.89
C MET L 696 -35.83 7.80 55.89
N ASN L 697 -36.87 7.22 55.28
CA ASN L 697 -36.97 5.76 55.23
C ASN L 697 -35.81 5.16 54.44
N TRP L 698 -35.27 5.89 53.47
CA TRP L 698 -34.04 5.45 52.82
C TRP L 698 -32.83 5.63 53.73
N LEU L 699 -32.74 6.77 54.42
CA LEU L 699 -31.59 7.02 55.27
C LEU L 699 -31.62 6.15 56.52
N LYS L 700 -32.80 5.99 57.15
CA LYS L 700 -32.90 5.15 58.33
C LYS L 700 -32.62 3.69 58.01
N SER L 701 -32.92 3.25 56.78
CA SER L 701 -32.58 1.89 56.39
C SER L 701 -31.07 1.72 56.24
N ALA L 702 -30.39 2.77 55.75
CA ALA L 702 -28.95 2.69 55.55
C ALA L 702 -28.19 2.58 56.86
N ALA L 703 -28.60 3.34 57.88
CA ALA L 703 -27.96 3.21 59.19
C ALA L 703 -28.32 1.89 59.84
N LYS L 704 -29.52 1.36 59.56
CA LYS L 704 -29.93 0.08 60.15
C LYS L 704 -29.03 -1.05 59.69
N LEU L 705 -28.71 -1.10 58.39
CA LEU L 705 -27.80 -2.12 57.89
C LEU L 705 -26.37 -1.88 58.35
N LEU L 706 -25.95 -0.62 58.45
CA LEU L 706 -24.58 -0.32 58.86
C LEU L 706 -24.37 -0.63 60.34
N ALA L 707 -25.36 -0.35 61.18
CA ALA L 707 -25.25 -0.65 62.60
C ALA L 707 -25.61 -2.10 62.93
N ALA L 708 -26.01 -2.88 61.94
CA ALA L 708 -26.28 -4.29 62.17
C ALA L 708 -24.99 -5.07 62.37
N GLU L 709 -25.01 -5.99 63.32
CA GLU L 709 -23.89 -6.89 63.57
C GLU L 709 -24.24 -8.21 62.89
N VAL L 710 -23.95 -8.31 61.60
CA VAL L 710 -24.29 -9.50 60.83
C VAL L 710 -23.33 -10.62 61.22
N LYS L 711 -23.89 -11.80 61.49
CA LYS L 711 -23.17 -12.92 62.04
C LYS L 711 -23.86 -14.19 61.59
N ASP L 712 -23.09 -15.23 61.26
CA ASP L 712 -23.66 -16.50 60.86
C ASP L 712 -23.77 -17.39 62.09
N LYS L 713 -24.95 -17.96 62.29
CA LYS L 713 -25.24 -18.69 63.53
C LYS L 713 -24.38 -19.95 63.66
N LYS L 714 -24.21 -20.69 62.56
CA LYS L 714 -23.40 -21.90 62.61
C LYS L 714 -21.94 -21.59 62.89
N THR L 715 -21.39 -20.58 62.20
CA THR L 715 -19.99 -20.23 62.41
C THR L 715 -19.76 -19.62 63.80
N GLY L 716 -20.74 -18.84 64.29
CA GLY L 716 -20.56 -18.13 65.54
C GLY L 716 -19.46 -17.10 65.49
N GLU L 717 -19.26 -16.47 64.34
CA GLU L 717 -18.22 -15.46 64.14
C GLU L 717 -18.82 -14.26 63.42
N ILE L 718 -18.35 -13.07 63.80
CA ILE L 718 -18.81 -11.86 63.14
C ILE L 718 -18.41 -11.88 61.68
N LEU L 719 -19.35 -11.55 60.81
CA LEU L 719 -19.07 -11.34 59.40
C LEU L 719 -18.85 -9.86 59.07
N ARG L 720 -19.55 -8.99 59.79
CA ARG L 720 -19.38 -7.54 59.67
C ARG L 720 -19.67 -6.93 61.04
N LYS L 721 -18.70 -6.22 61.60
CA LYS L 721 -18.91 -5.59 62.89
C LYS L 721 -19.87 -4.41 62.76
N ARG L 722 -20.33 -3.91 63.91
CA ARG L 722 -21.22 -2.75 63.93
C ARG L 722 -20.45 -1.54 63.42
N CYS L 723 -20.87 -1.01 62.26
CA CYS L 723 -20.17 0.07 61.60
C CYS L 723 -20.91 1.39 61.81
N ALA L 724 -20.14 2.47 61.92
CA ALA L 724 -20.73 3.80 62.02
C ALA L 724 -21.12 4.31 60.63
N VAL L 725 -21.76 5.48 60.61
CA VAL L 725 -22.23 6.09 59.38
C VAL L 725 -21.47 7.39 59.15
N HIS L 726 -21.00 7.59 57.92
CA HIS L 726 -20.18 8.72 57.55
C HIS L 726 -20.72 9.37 56.29
N TRP L 727 -20.62 10.69 56.21
CA TRP L 727 -20.85 11.38 54.95
C TRP L 727 -20.10 12.71 54.98
N VAL L 728 -19.95 13.30 53.81
CA VAL L 728 -19.33 14.60 53.65
C VAL L 728 -20.40 15.55 53.12
N THR L 729 -20.65 16.62 53.86
CA THR L 729 -21.60 17.61 53.43
C THR L 729 -20.99 18.45 52.29
N PRO L 730 -21.84 19.00 51.38
CA PRO L 730 -21.34 19.54 50.10
C PRO L 730 -20.15 20.48 50.10
N ASP L 731 -19.90 21.18 51.20
CA ASP L 731 -18.77 22.11 51.23
C ASP L 731 -17.53 21.50 51.87
N GLY L 732 -17.52 20.19 52.10
CA GLY L 732 -16.34 19.51 52.56
C GLY L 732 -16.25 19.25 54.04
N PHE L 733 -17.30 19.55 54.81
CA PHE L 733 -17.28 19.21 56.23
C PHE L 733 -17.73 17.76 56.38
N PRO L 734 -16.88 16.87 56.88
CA PRO L 734 -17.31 15.51 57.14
C PRO L 734 -17.86 15.34 58.55
N VAL L 735 -18.80 14.40 58.69
CA VAL L 735 -19.37 14.09 59.98
C VAL L 735 -19.31 12.59 60.21
N TRP L 736 -19.44 12.21 61.47
CA TRP L 736 -19.35 10.82 61.89
C TRP L 736 -20.44 10.57 62.94
N GLN L 737 -21.32 9.62 62.67
CA GLN L 737 -22.38 9.26 63.61
C GLN L 737 -21.99 7.96 64.29
N GLU L 738 -21.58 8.06 65.56
CA GLU L 738 -21.23 6.89 66.38
C GLU L 738 -21.98 7.00 67.71
N TYR L 739 -23.22 6.52 67.72
CA TYR L 739 -23.96 6.40 68.97
C TYR L 739 -23.53 5.12 69.68
N LYS L 740 -23.11 5.24 70.93
CA LYS L 740 -22.59 4.11 71.68
C LYS L 740 -23.31 3.97 73.01
N LYS L 741 -23.44 2.72 73.47
CA LYS L 741 -24.02 2.43 74.77
C LYS L 741 -23.07 1.59 75.60
N PRO L 742 -22.79 1.97 76.84
CA PRO L 742 -22.04 1.07 77.74
C PRO L 742 -22.77 -0.24 77.96
N ILE L 743 -22.00 -1.23 78.43
CA ILE L 743 -22.51 -2.59 78.58
C ILE L 743 -23.18 -2.80 79.94
N GLN L 744 -22.50 -2.47 81.02
CA GLN L 744 -22.97 -2.73 82.38
C GLN L 744 -23.67 -1.50 82.94
N THR L 745 -24.89 -1.69 83.43
CA THR L 745 -25.66 -0.62 84.07
C THR L 745 -26.24 -1.16 85.37
N ARG L 746 -26.01 -0.42 86.47
CA ARG L 746 -26.48 -0.84 87.78
C ARG L 746 -27.45 0.18 88.36
N ASP L 766 -16.50 -0.04 78.32
CA ASP L 766 -16.58 -0.72 77.04
C ASP L 766 -17.63 -0.06 76.15
N SER L 767 -17.22 0.32 74.95
CA SER L 767 -18.07 1.04 74.01
C SER L 767 -18.55 0.09 72.91
N GLU L 768 -19.86 -0.05 72.79
CA GLU L 768 -20.50 -0.78 71.70
C GLU L 768 -21.51 0.13 71.04
N ILE L 769 -21.61 0.02 69.71
CA ILE L 769 -22.40 0.98 68.94
C ILE L 769 -23.88 0.78 69.20
N ASP L 770 -24.56 1.86 69.59
CA ASP L 770 -26.00 1.86 69.87
C ASP L 770 -26.75 1.71 68.55
N ALA L 771 -27.25 0.50 68.30
CA ALA L 771 -27.88 0.19 67.01
C ALA L 771 -29.14 1.01 66.79
N HIS L 772 -29.99 1.10 67.81
CA HIS L 772 -31.30 1.74 67.63
C HIS L 772 -31.19 3.25 67.48
N LYS L 773 -30.32 3.88 68.27
CA LYS L 773 -30.11 5.31 68.12
C LYS L 773 -29.31 5.65 66.87
N GLN L 774 -28.55 4.69 66.32
CA GLN L 774 -27.95 4.89 65.01
C GLN L 774 -29.01 5.06 63.94
N GLU L 775 -30.07 4.24 63.99
CA GLU L 775 -31.18 4.42 63.08
C GLU L 775 -31.90 5.74 63.33
N SER L 776 -32.27 5.98 64.59
CA SER L 776 -33.22 7.04 64.93
C SER L 776 -32.71 8.46 64.67
N GLY L 777 -31.42 8.63 64.44
CA GLY L 777 -30.88 9.97 64.28
C GLY L 777 -30.20 10.28 62.97
N ILE L 778 -30.17 9.32 62.04
CA ILE L 778 -29.42 9.54 60.79
C ILE L 778 -30.11 10.58 59.93
N ALA L 779 -31.45 10.54 59.84
CA ALA L 779 -32.15 11.49 58.98
C ALA L 779 -32.16 12.90 59.55
N PRO L 780 -32.51 13.13 60.83
CA PRO L 780 -32.41 14.51 61.36
C PRO L 780 -30.99 15.06 61.32
N ASN L 781 -29.98 14.24 61.61
CA ASN L 781 -28.62 14.74 61.58
C ASN L 781 -28.15 15.03 60.16
N PHE L 782 -28.73 14.37 59.16
CA PHE L 782 -28.32 14.59 57.78
C PHE L 782 -28.68 16.00 57.31
N VAL L 783 -29.92 16.42 57.50
CA VAL L 783 -30.34 17.74 57.04
C VAL L 783 -29.70 18.85 57.87
N HIS L 784 -29.45 18.61 59.16
CA HIS L 784 -28.78 19.62 59.97
C HIS L 784 -27.33 19.79 59.52
N SER L 785 -26.70 18.72 59.04
CA SER L 785 -25.42 18.88 58.35
C SER L 785 -25.62 19.61 57.03
N GLN L 786 -26.74 19.34 56.33
CA GLN L 786 -26.99 20.00 55.06
C GLN L 786 -27.25 21.50 55.23
N ASP L 787 -28.03 21.89 56.24
CA ASP L 787 -28.29 23.32 56.40
C ASP L 787 -27.07 24.04 56.97
N GLY L 788 -26.25 23.35 57.77
CA GLY L 788 -25.00 23.94 58.20
C GLY L 788 -24.05 24.21 57.05
N SER L 789 -24.02 23.31 56.07
CA SER L 789 -23.31 23.58 54.83
C SER L 789 -23.92 24.77 54.10
N HIS L 790 -25.26 24.81 54.02
CA HIS L 790 -25.94 25.96 53.43
C HIS L 790 -25.68 27.22 54.23
N LEU L 791 -25.69 27.12 55.57
CA LEU L 791 -25.39 28.28 56.40
C LEU L 791 -23.96 28.75 56.20
N ARG L 792 -23.00 27.82 56.13
CA ARG L 792 -21.61 28.21 55.96
C ARG L 792 -21.36 28.82 54.59
N LYS L 793 -21.99 28.27 53.55
CA LYS L 793 -21.71 28.74 52.19
C LYS L 793 -22.50 29.98 51.81
N THR L 794 -23.59 30.26 52.51
CA THR L 794 -24.20 31.59 52.40
C THR L 794 -23.27 32.67 52.92
N VAL L 795 -22.47 32.37 53.94
CA VAL L 795 -21.60 33.36 54.55
C VAL L 795 -20.46 33.72 53.61
N VAL L 796 -19.74 32.71 53.10
CA VAL L 796 -18.56 32.99 52.30
C VAL L 796 -18.95 33.60 50.96
N TRP L 797 -20.06 33.15 50.38
CA TRP L 797 -20.48 33.66 49.08
C TRP L 797 -20.89 35.12 49.18
N ALA L 798 -21.68 35.47 50.19
CA ALA L 798 -22.09 36.85 50.38
C ALA L 798 -20.93 37.74 50.86
N HIS L 799 -19.89 37.14 51.44
CA HIS L 799 -18.75 37.93 51.89
C HIS L 799 -17.77 38.25 50.76
N GLU L 800 -17.74 37.43 49.71
CA GLU L 800 -16.82 37.69 48.61
C GLU L 800 -17.49 38.13 47.32
N LYS L 801 -18.73 37.69 47.05
CA LYS L 801 -19.45 38.25 45.91
C LYS L 801 -19.93 39.66 46.19
N TYR L 802 -20.33 39.92 47.44
CA TYR L 802 -20.73 41.24 47.89
C TYR L 802 -19.83 41.67 49.03
N GLY L 803 -19.85 42.96 49.34
CA GLY L 803 -18.90 43.52 50.28
C GLY L 803 -19.39 43.54 51.71
N ILE L 804 -20.29 42.63 52.06
CA ILE L 804 -20.94 42.65 53.36
C ILE L 804 -20.12 41.81 54.35
N GLU L 805 -19.99 42.32 55.58
CA GLU L 805 -19.05 41.78 56.55
C GLU L 805 -19.68 41.30 57.84
N SER L 806 -20.82 41.83 58.23
CA SER L 806 -21.47 41.47 59.49
C SER L 806 -22.61 40.50 59.21
N PHE L 807 -22.74 39.49 60.08
CA PHE L 807 -23.72 38.43 59.90
C PHE L 807 -24.37 38.09 61.24
N ALA L 808 -25.69 38.06 61.27
CA ALA L 808 -26.44 37.56 62.42
C ALA L 808 -26.91 36.15 62.04
N LEU L 809 -26.25 35.14 62.61
CA LEU L 809 -26.40 33.76 62.17
C LEU L 809 -26.94 32.89 63.29
N ILE L 810 -28.20 32.48 63.14
CA ILE L 810 -28.73 31.34 63.84
C ILE L 810 -29.00 30.30 62.76
N HIS L 811 -29.12 29.04 63.16
CA HIS L 811 -29.43 28.00 62.18
C HIS L 811 -30.77 28.31 61.52
N ASP L 812 -30.79 28.29 60.18
CA ASP L 812 -31.93 28.57 59.31
C ASP L 812 -32.23 30.08 59.29
N SER L 813 -31.66 30.86 60.23
CA SER L 813 -31.92 32.30 60.32
C SER L 813 -30.69 33.09 59.90
N PHE L 814 -30.83 33.89 58.85
CA PHE L 814 -29.73 34.66 58.29
C PHE L 814 -30.07 36.14 58.31
N GLY L 815 -29.11 36.97 58.74
CA GLY L 815 -29.35 38.39 58.85
C GLY L 815 -28.10 39.22 58.74
N THR L 816 -28.30 40.50 58.45
CA THR L 816 -27.21 41.48 58.33
C THR L 816 -27.79 42.88 58.52
N ILE L 817 -26.97 43.90 58.24
CA ILE L 817 -27.37 45.30 58.36
C ILE L 817 -28.38 45.60 57.26
N PRO L 818 -29.27 46.61 57.41
CA PRO L 818 -30.44 46.66 56.52
C PRO L 818 -30.12 47.03 55.09
N ALA L 819 -29.14 47.90 54.84
CA ALA L 819 -28.80 48.23 53.46
C ALA L 819 -28.10 47.07 52.76
N ASP L 820 -27.57 46.10 53.51
CA ASP L 820 -26.99 44.88 52.96
C ASP L 820 -27.97 43.72 52.92
N ALA L 821 -29.21 43.93 53.34
CA ALA L 821 -30.16 42.82 53.41
C ALA L 821 -30.59 42.35 52.02
N ALA L 822 -30.62 43.26 51.04
CA ALA L 822 -31.01 42.87 49.70
C ALA L 822 -29.99 41.95 49.05
N ASN L 823 -28.71 42.12 49.38
CA ASN L 823 -27.68 41.23 48.83
C ASN L 823 -27.76 39.84 49.44
N LEU L 824 -27.96 39.75 50.76
CA LEU L 824 -28.20 38.46 51.41
C LEU L 824 -29.53 37.87 50.99
N PHE L 825 -30.49 38.69 50.54
CA PHE L 825 -31.81 38.21 50.17
C PHE L 825 -31.73 37.20 49.04
N LYS L 826 -30.91 37.48 48.02
CA LYS L 826 -30.72 36.55 46.92
C LYS L 826 -29.62 35.54 47.17
N ALA L 827 -28.57 35.93 47.91
CA ALA L 827 -27.42 35.06 48.13
C ALA L 827 -27.75 33.86 49.00
N VAL L 828 -28.86 33.88 49.74
CA VAL L 828 -29.20 32.73 50.57
C VAL L 828 -29.67 31.56 49.73
N ARG L 829 -30.09 31.80 48.49
CA ARG L 829 -30.47 30.72 47.59
C ARG L 829 -29.50 30.53 46.43
N GLU L 830 -28.70 31.55 46.10
CA GLU L 830 -27.70 31.38 45.05
C GLU L 830 -26.65 30.36 45.43
N THR L 831 -26.44 30.13 46.72
CA THR L 831 -25.65 28.98 47.17
C THR L 831 -26.51 27.72 47.20
N MET L 832 -27.79 27.85 47.57
CA MET L 832 -28.70 26.70 47.56
C MET L 832 -29.01 26.26 46.14
N VAL L 833 -29.14 27.21 45.21
CA VAL L 833 -29.34 26.85 43.81
C VAL L 833 -28.08 26.25 43.20
N ASP L 834 -26.91 26.54 43.78
CA ASP L 834 -25.64 26.00 43.28
C ASP L 834 -25.27 24.68 43.94
N THR L 835 -25.74 24.46 45.17
CA THR L 835 -25.35 23.26 45.91
C THR L 835 -26.04 22.01 45.35
N TYR L 836 -27.37 22.00 45.36
CA TYR L 836 -28.10 20.80 44.99
C TYR L 836 -28.18 20.57 43.49
N GLU L 837 -27.84 21.57 42.67
CA GLU L 837 -27.77 21.31 41.23
C GLU L 837 -26.51 20.53 40.87
N SER L 838 -25.46 20.66 41.68
CA SER L 838 -24.18 20.00 41.44
C SER L 838 -24.10 18.64 42.13
N CYS L 839 -24.33 18.62 43.44
CA CYS L 839 -24.19 17.42 44.24
C CYS L 839 -25.56 16.78 44.48
N ASP L 840 -25.67 15.49 44.17
CA ASP L 840 -26.82 14.68 44.57
C ASP L 840 -26.41 14.01 45.89
N VAL L 841 -26.61 14.72 47.00
CA VAL L 841 -26.01 14.35 48.27
C VAL L 841 -26.51 13.00 48.79
N LEU L 842 -27.64 12.51 48.27
CA LEU L 842 -28.04 11.13 48.57
C LEU L 842 -27.19 10.14 47.80
N ALA L 843 -26.83 10.47 46.55
CA ALA L 843 -25.98 9.59 45.77
C ALA L 843 -24.56 9.56 46.31
N ASP L 844 -24.02 10.71 46.71
CA ASP L 844 -22.71 10.72 47.34
C ASP L 844 -22.74 10.05 48.70
N PHE L 845 -23.90 10.09 49.38
CA PHE L 845 -24.05 9.34 50.61
C PHE L 845 -23.89 7.85 50.37
N TYR L 846 -24.50 7.34 49.30
CA TYR L 846 -24.42 5.92 48.99
C TYR L 846 -22.97 5.51 48.72
N ASP L 847 -22.21 6.36 48.03
CA ASP L 847 -20.82 6.03 47.74
C ASP L 847 -19.96 5.92 49.00
N GLN L 848 -20.38 6.54 50.10
CA GLN L 848 -19.59 6.48 51.33
C GLN L 848 -19.74 5.14 52.04
N PHE L 849 -20.92 4.53 51.99
CA PHE L 849 -21.17 3.31 52.76
C PHE L 849 -21.44 2.09 51.88
N ALA L 850 -21.32 2.22 50.55
CA ALA L 850 -21.66 1.10 49.67
C ALA L 850 -20.77 -0.10 49.92
N ASP L 851 -19.49 0.13 50.19
CA ASP L 851 -18.55 -0.96 50.40
C ASP L 851 -18.53 -1.47 51.84
N GLN L 852 -19.30 -0.87 52.74
CA GLN L 852 -19.40 -1.37 54.10
C GLN L 852 -20.53 -2.39 54.29
N LEU L 853 -21.40 -2.55 53.29
CA LEU L 853 -22.48 -3.52 53.40
C LEU L 853 -21.98 -4.94 53.15
N HIS L 854 -22.62 -5.89 53.80
CA HIS L 854 -22.37 -7.31 53.54
C HIS L 854 -23.07 -7.73 52.26
N GLU L 855 -22.63 -8.87 51.71
CA GLU L 855 -23.24 -9.39 50.49
C GLU L 855 -24.68 -9.83 50.70
N SER L 856 -25.08 -10.14 51.93
CA SER L 856 -26.46 -10.46 52.23
C SER L 856 -27.35 -9.23 52.26
N GLN L 857 -26.77 -8.04 52.46
CA GLN L 857 -27.52 -6.79 52.52
C GLN L 857 -27.68 -6.14 51.16
N LEU L 858 -27.20 -6.78 50.09
CA LEU L 858 -27.39 -6.25 48.75
C LEU L 858 -28.86 -6.22 48.37
N ASP L 859 -29.61 -7.26 48.75
CA ASP L 859 -31.03 -7.33 48.41
C ASP L 859 -31.85 -6.36 49.25
N LYS L 860 -31.55 -6.27 50.55
CA LYS L 860 -32.44 -5.63 51.50
C LYS L 860 -32.35 -4.11 51.49
N MET L 861 -31.36 -3.52 50.84
CA MET L 861 -31.27 -2.07 50.74
C MET L 861 -32.21 -1.58 49.64
N PRO L 862 -33.20 -0.74 49.96
CA PRO L 862 -34.10 -0.24 48.92
C PRO L 862 -33.39 0.71 47.96
N ALA L 863 -33.99 0.84 46.78
CA ALA L 863 -33.44 1.69 45.74
C ALA L 863 -33.52 3.16 46.14
N LEU L 864 -32.68 3.97 45.49
CA LEU L 864 -32.64 5.40 45.74
C LEU L 864 -33.96 6.04 45.28
N PRO L 865 -34.51 6.99 46.05
CA PRO L 865 -35.82 7.57 45.69
C PRO L 865 -35.78 8.28 44.34
N ALA L 866 -36.89 8.17 43.61
CA ALA L 866 -37.00 8.73 42.27
C ALA L 866 -37.24 10.22 42.34
N LYS L 867 -36.48 10.98 41.54
CA LYS L 867 -36.61 12.42 41.54
C LYS L 867 -37.87 12.86 40.80
N GLY L 868 -38.34 14.06 41.12
CA GLY L 868 -39.56 14.58 40.57
C GLY L 868 -39.39 15.72 39.59
N ASN L 869 -40.39 16.61 39.52
CA ASN L 869 -40.45 17.63 38.47
C ASN L 869 -40.23 19.04 39.00
N LEU L 870 -39.66 19.18 40.19
CA LEU L 870 -39.40 20.50 40.75
C LEU L 870 -38.25 21.16 40.01
N ASN L 871 -38.54 22.23 39.30
CA ASN L 871 -37.49 23.03 38.69
C ASN L 871 -36.77 23.80 39.80
N LEU L 872 -35.47 23.53 39.95
CA LEU L 872 -34.71 24.05 41.07
C LEU L 872 -34.23 25.49 40.86
N ARG L 873 -34.46 26.08 39.69
CA ARG L 873 -34.03 27.44 39.40
C ARG L 873 -35.08 28.48 39.80
N ASP L 874 -36.21 28.07 40.36
CA ASP L 874 -37.26 28.97 40.78
C ASP L 874 -37.14 29.39 42.24
N ILE L 875 -36.07 28.98 42.92
CA ILE L 875 -35.88 29.41 44.30
C ILE L 875 -35.64 30.91 44.36
N LEU L 876 -34.77 31.42 43.49
CA LEU L 876 -34.38 32.82 43.47
C LEU L 876 -35.48 33.76 42.95
N GLU L 877 -36.69 33.26 42.72
CA GLU L 877 -37.84 34.10 42.43
C GLU L 877 -38.94 33.97 43.48
N SER L 878 -38.73 33.19 44.53
CA SER L 878 -39.71 32.98 45.59
C SER L 878 -39.31 33.78 46.82
N ASP L 879 -40.07 34.84 47.12
CA ASP L 879 -39.77 35.68 48.27
C ASP L 879 -40.14 34.98 49.58
N PHE L 880 -41.16 34.12 49.56
CA PHE L 880 -41.72 33.58 50.79
C PHE L 880 -40.89 32.46 51.41
N ALA L 881 -39.86 31.97 50.71
CA ALA L 881 -38.86 31.09 51.31
C ALA L 881 -37.63 31.94 51.59
N PHE L 882 -37.48 32.36 52.84
CA PHE L 882 -36.39 33.26 53.20
C PHE L 882 -35.06 32.52 53.19
#